data_2KW7
#
_entry.id   2KW7
#
_entity_poly.entity_id   1
_entity_poly.type   'polypeptide(L)'
_entity_poly.pdbx_seq_one_letter_code
;MRVYKPEDVPNVQLADSTRLVTDEAGLLSNAQEEVMNGRLRAIRSSHAVEFAVVTLPSIGDAPLEDFTLKLARQWGVGNE
KNNNGLLLVLVLDQRRVRFETGYGLEGYLPDGLLSRIIHDRMIPHFRSGNYAEGLSEGVLAVQQVLDGSLEHHHHHH
;
_entity_poly.pdbx_strand_id   A
#
# COMPACT_ATOMS: atom_id res chain seq x y z
N MET A 1 2.85 -20.58 -8.41
CA MET A 1 3.53 -19.37 -8.96
C MET A 1 2.83 -18.87 -10.25
N ARG A 2 1.96 -17.88 -10.10
CA ARG A 2 1.32 -17.23 -11.26
C ARG A 2 1.84 -15.80 -11.44
N VAL A 3 2.39 -15.50 -12.61
CA VAL A 3 2.93 -14.17 -12.90
C VAL A 3 1.82 -13.12 -13.10
N TYR A 4 1.93 -12.01 -12.37
CA TYR A 4 0.98 -10.90 -12.45
C TYR A 4 1.64 -9.64 -13.03
N LYS A 5 0.87 -8.89 -13.80
CA LYS A 5 1.30 -7.58 -14.30
C LYS A 5 0.28 -6.50 -13.85
N PRO A 6 0.57 -5.19 -14.05
CA PRO A 6 -0.33 -4.10 -13.63
C PRO A 6 -1.82 -4.33 -14.00
N GLU A 7 -2.09 -4.69 -15.26
CA GLU A 7 -3.47 -4.92 -15.72
C GLU A 7 -3.96 -6.36 -15.43
N ASP A 8 -3.19 -7.11 -14.63
CA ASP A 8 -3.66 -8.39 -14.09
C ASP A 8 -4.24 -8.19 -12.68
N VAL A 9 -3.96 -7.04 -12.08
CA VAL A 9 -4.50 -6.70 -10.76
C VAL A 9 -5.86 -5.98 -10.91
N PRO A 10 -6.90 -6.43 -10.20
CA PRO A 10 -8.23 -5.81 -10.25
C PRO A 10 -8.20 -4.32 -9.82
N ASN A 11 -8.56 -3.42 -10.73
CA ASN A 11 -8.56 -1.97 -10.45
C ASN A 11 -9.57 -1.61 -9.36
N VAL A 12 -9.21 -1.86 -8.11
CA VAL A 12 -10.10 -1.57 -6.98
C VAL A 12 -10.39 -0.07 -6.85
N GLN A 13 -9.39 0.78 -7.07
CA GLN A 13 -9.58 2.23 -6.97
C GLN A 13 -10.40 2.81 -8.14
N LEU A 14 -10.92 1.91 -8.99
CA LEU A 14 -11.84 2.28 -10.07
C LEU A 14 -13.29 2.11 -9.60
N ALA A 15 -13.47 1.28 -8.56
CA ALA A 15 -14.80 1.01 -8.00
C ALA A 15 -14.76 0.93 -6.46
N ASP A 16 -13.90 0.07 -5.91
CA ASP A 16 -13.73 -0.08 -4.47
C ASP A 16 -12.86 1.04 -3.87
N SER A 17 -13.44 2.23 -3.69
CA SER A 17 -12.72 3.38 -3.13
C SER A 17 -12.83 3.43 -1.59
N THR A 18 -13.73 2.60 -1.03
CA THR A 18 -13.91 2.54 0.43
C THR A 18 -13.22 1.30 1.03
N ARG A 19 -12.74 0.40 0.17
CA ARG A 19 -12.03 -0.80 0.63
C ARG A 19 -10.51 -0.61 0.53
N LEU A 20 -10.02 -0.33 -0.69
CA LEU A 20 -8.60 -0.02 -0.97
C LEU A 20 -7.68 -1.26 -0.81
N VAL A 21 -8.15 -2.31 -0.16
CA VAL A 21 -7.38 -3.55 -0.02
C VAL A 21 -7.58 -4.49 -1.23
N THR A 22 -6.53 -5.20 -1.61
CA THR A 22 -6.56 -6.12 -2.75
C THR A 22 -5.67 -7.35 -2.49
N ASP A 23 -6.28 -8.49 -2.16
CA ASP A 23 -5.52 -9.73 -1.94
C ASP A 23 -5.67 -10.69 -3.13
N GLU A 24 -4.58 -10.86 -3.88
CA GLU A 24 -4.51 -11.83 -4.97
C GLU A 24 -3.55 -12.98 -4.62
N ALA A 25 -2.54 -12.67 -3.82
CA ALA A 25 -1.59 -13.67 -3.33
C ALA A 25 -2.27 -14.80 -2.53
N GLY A 26 -3.37 -14.47 -1.85
CA GLY A 26 -4.04 -15.45 -1.00
C GLY A 26 -3.38 -15.57 0.37
N LEU A 27 -2.72 -14.50 0.79
CA LEU A 27 -1.98 -14.48 2.05
C LEU A 27 -2.83 -13.86 3.18
N LEU A 28 -3.64 -12.89 2.82
CA LEU A 28 -4.54 -12.24 3.79
C LEU A 28 -5.83 -13.08 4.00
N SER A 29 -6.74 -12.55 4.80
CA SER A 29 -8.03 -13.21 5.08
C SER A 29 -9.08 -12.17 5.42
N ASN A 30 -10.37 -12.53 5.27
CA ASN A 30 -11.48 -11.56 5.43
C ASN A 30 -11.30 -10.68 6.68
N ALA A 31 -11.01 -11.29 7.83
CA ALA A 31 -10.79 -10.55 9.08
C ALA A 31 -9.66 -9.53 8.93
N GLN A 32 -8.47 -10.00 8.53
CA GLN A 32 -7.30 -9.14 8.34
C GLN A 32 -7.59 -8.02 7.31
N GLU A 33 -8.26 -8.39 6.23
CA GLU A 33 -8.62 -7.43 5.18
C GLU A 33 -9.60 -6.36 5.69
N GLU A 34 -10.64 -6.79 6.41
CA GLU A 34 -11.66 -5.87 6.93
C GLU A 34 -11.08 -4.91 7.97
N VAL A 35 -10.22 -5.41 8.84
CA VAL A 35 -9.51 -4.57 9.81
C VAL A 35 -8.60 -3.56 9.07
N MET A 36 -7.96 -4.02 8.01
CA MET A 36 -7.14 -3.14 7.17
C MET A 36 -8.01 -2.13 6.40
N ASN A 37 -9.20 -2.57 5.96
CA ASN A 37 -10.17 -1.69 5.31
C ASN A 37 -10.51 -0.49 6.20
N GLY A 38 -10.79 -0.77 7.47
CA GLY A 38 -11.06 0.29 8.43
C GLY A 38 -9.90 1.27 8.57
N ARG A 39 -8.67 0.75 8.53
CA ARG A 39 -7.46 1.58 8.61
C ARG A 39 -7.33 2.49 7.37
N LEU A 40 -7.36 1.88 6.19
CA LEU A 40 -7.23 2.63 4.92
C LEU A 40 -8.40 3.62 4.74
N ARG A 41 -9.61 3.17 5.04
CA ARG A 41 -10.81 4.01 4.98
C ARG A 41 -10.70 5.20 5.97
N ALA A 42 -10.17 4.94 7.16
CA ALA A 42 -9.93 6.00 8.15
C ALA A 42 -8.98 7.07 7.59
N ILE A 43 -7.91 6.62 6.94
CA ILE A 43 -6.96 7.54 6.28
C ILE A 43 -7.62 8.24 5.08
N ARG A 44 -8.44 7.47 4.33
CA ARG A 44 -9.17 7.98 3.17
C ARG A 44 -10.11 9.13 3.57
N SER A 45 -10.59 9.10 4.81
CA SER A 45 -11.43 10.18 5.34
C SER A 45 -10.59 11.23 6.09
N SER A 46 -10.00 10.82 7.22
CA SER A 46 -9.25 11.73 8.10
C SER A 46 -8.20 12.56 7.32
N HIS A 47 -7.26 11.87 6.69
CA HIS A 47 -6.17 12.53 5.97
C HIS A 47 -6.49 12.68 4.47
N ALA A 48 -7.65 12.13 4.06
CA ALA A 48 -8.11 12.20 2.67
C ALA A 48 -7.17 11.46 1.70
N VAL A 49 -6.27 10.65 2.24
CA VAL A 49 -5.24 9.97 1.44
C VAL A 49 -5.75 8.66 0.82
N GLU A 50 -5.57 8.53 -0.48
CA GLU A 50 -5.89 7.28 -1.18
C GLU A 50 -4.75 6.26 -0.99
N PHE A 51 -4.90 5.38 0.00
CA PHE A 51 -3.85 4.40 0.33
C PHE A 51 -4.33 2.97 0.02
N ALA A 52 -3.84 2.42 -1.09
CA ALA A 52 -4.28 1.09 -1.55
C ALA A 52 -3.22 0.01 -1.29
N VAL A 53 -3.66 -1.13 -0.75
CA VAL A 53 -2.76 -2.25 -0.47
C VAL A 53 -3.06 -3.46 -1.38
N VAL A 54 -2.03 -3.98 -2.04
CA VAL A 54 -2.19 -5.09 -2.99
C VAL A 54 -1.21 -6.23 -2.67
N THR A 55 -1.69 -7.48 -2.78
CA THR A 55 -0.83 -8.66 -2.60
C THR A 55 -0.89 -9.56 -3.84
N LEU A 56 0.26 -9.96 -4.36
CA LEU A 56 0.33 -10.79 -5.56
C LEU A 56 1.15 -12.07 -5.33
N PRO A 57 0.72 -13.21 -5.92
CA PRO A 57 1.47 -14.48 -5.81
C PRO A 57 2.87 -14.39 -6.42
N SER A 58 2.95 -13.86 -7.64
CA SER A 58 4.24 -13.72 -8.33
C SER A 58 4.19 -12.60 -9.38
N ILE A 59 5.31 -11.90 -9.56
CA ILE A 59 5.45 -10.94 -10.67
C ILE A 59 6.48 -11.44 -11.69
N GLY A 60 7.15 -12.55 -11.36
CA GLY A 60 8.12 -13.15 -12.26
C GLY A 60 9.42 -12.37 -12.33
N ASP A 61 9.67 -11.74 -13.48
CA ASP A 61 10.90 -10.96 -13.69
C ASP A 61 10.64 -9.44 -13.72
N ALA A 62 9.38 -9.05 -13.50
CA ALA A 62 8.99 -7.64 -13.56
C ALA A 62 9.68 -6.80 -12.47
N PRO A 63 10.11 -5.57 -12.79
CA PRO A 63 10.73 -4.66 -11.81
C PRO A 63 9.73 -4.17 -10.75
N LEU A 64 10.03 -4.45 -9.48
CA LEU A 64 9.10 -4.15 -8.38
C LEU A 64 8.74 -2.65 -8.29
N GLU A 65 9.75 -1.77 -8.27
CA GLU A 65 9.51 -0.32 -8.16
C GLU A 65 8.71 0.20 -9.36
N ASP A 66 9.13 -0.15 -10.57
CA ASP A 66 8.42 0.25 -11.79
C ASP A 66 6.99 -0.32 -11.82
N PHE A 67 6.83 -1.56 -11.33
CA PHE A 67 5.53 -2.21 -11.27
C PHE A 67 4.51 -1.37 -10.49
N THR A 68 4.87 -0.99 -9.26
CA THR A 68 3.99 -0.16 -8.41
C THR A 68 3.56 1.13 -9.10
N LEU A 69 4.52 1.82 -9.72
CA LEU A 69 4.23 3.06 -10.45
C LEU A 69 3.20 2.81 -11.58
N LYS A 70 3.44 1.78 -12.39
CA LYS A 70 2.54 1.45 -13.50
C LYS A 70 1.10 1.18 -13.00
N LEU A 71 0.99 0.43 -11.90
CA LEU A 71 -0.31 0.11 -11.32
C LEU A 71 -0.99 1.37 -10.73
N ALA A 72 -0.22 2.18 -10.03
CA ALA A 72 -0.73 3.41 -9.41
C ALA A 72 -1.20 4.43 -10.46
N ARG A 73 -0.45 4.56 -11.55
CA ARG A 73 -0.78 5.54 -12.60
C ARG A 73 -2.13 5.22 -13.29
N GLN A 74 -2.35 3.96 -13.66
CA GLN A 74 -3.61 3.58 -14.32
C GLN A 74 -4.81 3.69 -13.36
N TRP A 75 -4.57 3.46 -12.07
CA TRP A 75 -5.62 3.61 -11.04
C TRP A 75 -5.88 5.09 -10.71
N GLY A 76 -4.96 5.97 -11.12
CA GLY A 76 -5.10 7.40 -10.83
C GLY A 76 -4.35 7.82 -9.57
N VAL A 77 -4.34 6.96 -8.56
CA VAL A 77 -3.68 7.25 -7.26
C VAL A 77 -2.21 7.66 -7.43
N GLY A 78 -1.59 7.27 -8.54
CA GLY A 78 -0.21 7.67 -8.83
C GLY A 78 -0.05 8.21 -10.25
N ASN A 79 -1.14 8.68 -10.85
CA ASN A 79 -1.11 9.18 -12.23
C ASN A 79 -0.29 10.47 -12.33
N GLU A 80 0.97 10.33 -12.76
CA GLU A 80 1.96 11.43 -12.76
C GLU A 80 1.92 12.22 -11.44
N LYS A 81 2.26 11.54 -10.35
CA LYS A 81 2.37 12.17 -9.04
C LYS A 81 1.03 12.78 -8.57
N ASN A 82 0.13 11.91 -8.12
CA ASN A 82 -1.15 12.34 -7.55
C ASN A 82 -0.93 12.95 -6.15
N ASN A 83 -1.77 13.92 -5.76
CA ASN A 83 -1.61 14.59 -4.46
C ASN A 83 -1.61 13.59 -3.26
N ASN A 84 -2.73 13.43 -2.57
CA ASN A 84 -2.77 12.50 -1.42
C ASN A 84 -3.08 11.08 -1.89
N GLY A 85 -2.03 10.38 -2.35
CA GLY A 85 -2.18 9.01 -2.82
C GLY A 85 -0.93 8.16 -2.56
N LEU A 86 -1.14 6.89 -2.22
CA LEU A 86 -0.04 5.97 -1.91
C LEU A 86 -0.44 4.52 -2.24
N LEU A 87 0.41 3.83 -2.98
CA LEU A 87 0.19 2.42 -3.32
C LEU A 87 1.17 1.50 -2.60
N LEU A 88 0.70 0.32 -2.20
CA LEU A 88 1.56 -0.69 -1.58
C LEU A 88 1.35 -2.06 -2.27
N VAL A 89 2.43 -2.67 -2.74
CA VAL A 89 2.35 -3.98 -3.40
C VAL A 89 3.30 -5.01 -2.78
N LEU A 90 2.74 -6.15 -2.36
CA LEU A 90 3.51 -7.28 -1.86
C LEU A 90 3.66 -8.36 -2.94
N VAL A 91 4.87 -8.87 -3.11
CA VAL A 91 5.12 -9.94 -4.08
C VAL A 91 5.65 -11.21 -3.38
N LEU A 92 4.82 -12.25 -3.34
CA LEU A 92 5.13 -13.47 -2.60
C LEU A 92 6.42 -14.16 -3.10
N ASP A 93 6.61 -14.27 -4.42
CA ASP A 93 7.78 -14.97 -4.97
C ASP A 93 9.08 -14.18 -4.70
N GLN A 94 8.94 -12.90 -4.38
CA GLN A 94 10.09 -12.05 -4.04
C GLN A 94 10.18 -11.80 -2.53
N ARG A 95 9.08 -12.03 -1.81
CA ARG A 95 8.98 -11.76 -0.36
C ARG A 95 9.28 -10.28 -0.05
N ARG A 96 9.03 -9.41 -1.02
CA ARG A 96 9.28 -7.97 -0.86
C ARG A 96 8.00 -7.15 -1.05
N VAL A 97 8.01 -5.94 -0.50
CA VAL A 97 6.92 -4.99 -0.71
C VAL A 97 7.49 -3.64 -1.19
N ARG A 98 6.65 -2.83 -1.83
CA ARG A 98 7.10 -1.53 -2.35
C ARG A 98 5.97 -0.49 -2.32
N PHE A 99 6.27 0.69 -1.78
CA PHE A 99 5.30 1.79 -1.69
C PHE A 99 5.47 2.79 -2.85
N GLU A 100 4.41 3.49 -3.22
CA GLU A 100 4.48 4.48 -4.32
C GLU A 100 3.70 5.75 -3.93
N THR A 101 4.41 6.87 -3.72
CA THR A 101 3.77 8.16 -3.41
C THR A 101 3.70 9.08 -4.63
N GLY A 102 2.60 9.81 -4.75
CA GLY A 102 2.47 10.80 -5.81
C GLY A 102 3.28 12.06 -5.54
N TYR A 103 2.63 13.05 -4.95
CA TYR A 103 3.24 14.36 -4.69
C TYR A 103 2.70 15.01 -3.41
N GLY A 104 1.45 14.70 -3.08
CA GLY A 104 0.80 15.32 -1.93
C GLY A 104 1.27 14.76 -0.60
N LEU A 105 1.97 13.63 -0.64
CA LEU A 105 2.49 12.98 0.56
C LEU A 105 4.00 13.22 0.75
N GLU A 106 4.62 13.97 -0.16
CA GLU A 106 6.07 14.26 -0.08
C GLU A 106 6.40 15.07 1.18
N GLY A 107 5.39 15.78 1.70
CA GLY A 107 5.56 16.52 2.96
C GLY A 107 5.21 15.69 4.19
N TYR A 108 4.98 14.39 4.00
CA TYR A 108 4.65 13.48 5.10
C TYR A 108 5.47 12.18 5.01
N LEU A 109 5.25 11.44 3.92
CA LEU A 109 5.86 10.11 3.72
C LEU A 109 6.87 10.13 2.55
N PRO A 110 8.17 10.38 2.83
CA PRO A 110 9.22 10.28 1.79
C PRO A 110 9.55 8.81 1.45
N ASP A 111 9.93 8.56 0.20
CA ASP A 111 10.23 7.20 -0.28
C ASP A 111 11.19 6.46 0.67
N GLY A 112 12.22 7.16 1.16
CA GLY A 112 13.16 6.57 2.11
C GLY A 112 12.48 6.08 3.39
N LEU A 113 11.59 6.89 3.95
CA LEU A 113 10.81 6.50 5.13
C LEU A 113 10.01 5.23 4.85
N LEU A 114 9.28 5.23 3.74
CA LEU A 114 8.49 4.07 3.31
C LEU A 114 9.38 2.83 3.14
N SER A 115 10.59 3.04 2.61
CA SER A 115 11.57 1.96 2.45
C SER A 115 12.04 1.43 3.81
N ARG A 116 12.22 2.34 4.78
CA ARG A 116 12.60 1.95 6.14
C ARG A 116 11.49 1.13 6.81
N ILE A 117 10.25 1.58 6.68
CA ILE A 117 9.08 0.88 7.25
C ILE A 117 9.07 -0.60 6.86
N ILE A 118 9.53 -0.89 5.63
CA ILE A 118 9.70 -2.26 5.18
C ILE A 118 10.64 -3.04 6.11
N HIS A 119 11.79 -2.44 6.42
CA HIS A 119 12.80 -3.07 7.29
C HIS A 119 12.35 -3.10 8.76
N ASP A 120 11.62 -2.08 9.18
CA ASP A 120 11.19 -1.93 10.57
C ASP A 120 10.09 -2.93 10.98
N ARG A 121 9.08 -3.13 10.12
CA ARG A 121 7.95 -4.01 10.46
C ARG A 121 7.83 -5.21 9.51
N MET A 122 7.86 -4.95 8.20
CA MET A 122 7.65 -6.01 7.19
C MET A 122 8.68 -7.15 7.29
N ILE A 123 9.97 -6.81 7.22
CA ILE A 123 11.05 -7.80 7.19
C ILE A 123 11.01 -8.78 8.40
N PRO A 124 11.02 -8.28 9.66
CA PRO A 124 11.01 -9.15 10.86
C PRO A 124 9.87 -10.19 10.84
N HIS A 125 8.73 -9.82 10.25
CA HIS A 125 7.62 -10.75 10.12
C HIS A 125 7.81 -11.72 8.95
N PHE A 126 8.21 -11.20 7.79
CA PHE A 126 8.47 -12.04 6.61
C PHE A 126 9.52 -13.12 6.92
N ARG A 127 10.48 -12.78 7.78
CA ARG A 127 11.49 -13.75 8.23
C ARG A 127 10.84 -14.90 9.03
N SER A 128 9.83 -14.56 9.85
CA SER A 128 9.10 -15.56 10.63
C SER A 128 8.00 -16.24 9.79
N GLY A 129 7.72 -15.70 8.61
CA GLY A 129 6.66 -16.23 7.75
C GLY A 129 5.33 -15.51 7.93
N ASN A 130 5.34 -14.43 8.73
CA ASN A 130 4.14 -13.65 9.01
C ASN A 130 3.89 -12.58 7.93
N TYR A 131 3.37 -12.98 6.77
CA TYR A 131 3.08 -12.02 5.69
C TYR A 131 1.95 -11.06 6.09
N ALA A 132 0.91 -11.58 6.74
CA ALA A 132 -0.23 -10.78 7.19
C ALA A 132 0.19 -9.75 8.26
N GLU A 133 0.99 -10.20 9.22
CA GLU A 133 1.50 -9.32 10.28
C GLU A 133 2.41 -8.22 9.70
N GLY A 134 3.29 -8.61 8.78
CA GLY A 134 4.15 -7.64 8.10
C GLY A 134 3.36 -6.55 7.39
N LEU A 135 2.41 -6.96 6.54
CA LEU A 135 1.54 -6.02 5.82
C LEU A 135 0.75 -5.12 6.78
N SER A 136 0.07 -5.73 7.75
CA SER A 136 -0.79 -4.98 8.69
C SER A 136 0.00 -3.89 9.43
N GLU A 137 1.14 -4.25 10.01
CA GLU A 137 1.97 -3.28 10.73
C GLU A 137 2.68 -2.30 9.79
N GLY A 138 3.03 -2.74 8.58
CA GLY A 138 3.54 -1.81 7.57
C GLY A 138 2.54 -0.70 7.26
N VAL A 139 1.28 -1.09 7.05
CA VAL A 139 0.19 -0.14 6.83
C VAL A 139 -0.03 0.74 8.06
N LEU A 140 -0.09 0.12 9.24
CA LEU A 140 -0.29 0.84 10.50
C LEU A 140 0.84 1.87 10.74
N ALA A 141 2.06 1.50 10.37
CA ALA A 141 3.21 2.39 10.51
C ALA A 141 3.01 3.66 9.67
N VAL A 142 2.70 3.48 8.39
CA VAL A 142 2.38 4.59 7.49
C VAL A 142 1.21 5.42 8.04
N GLN A 143 0.16 4.72 8.47
CA GLN A 143 -1.01 5.36 9.08
C GLN A 143 -0.63 6.27 10.24
N GLN A 144 0.16 5.74 11.18
CA GLN A 144 0.55 6.49 12.38
C GLN A 144 1.43 7.70 12.06
N VAL A 145 2.23 7.62 10.99
CA VAL A 145 3.02 8.78 10.55
C VAL A 145 2.10 9.97 10.21
N LEU A 146 1.05 9.69 9.43
CA LEU A 146 0.05 10.70 9.10
C LEU A 146 -0.78 11.08 10.34
N ASP A 147 -1.28 10.06 11.03
CA ASP A 147 -2.15 10.22 12.20
C ASP A 147 -1.49 11.10 13.30
N GLY A 148 -0.17 11.02 13.41
CA GLY A 148 0.55 11.83 14.38
C GLY A 148 0.86 13.25 13.88
N SER A 149 0.87 13.44 12.57
CA SER A 149 1.20 14.75 11.98
C SER A 149 -0.06 15.61 11.73
N LEU A 150 -1.07 15.02 11.06
CA LEU A 150 -2.31 15.72 10.76
C LEU A 150 -3.36 15.49 11.87
N GLU A 151 -3.27 16.30 12.90
CA GLU A 151 -4.16 16.21 14.07
C GLU A 151 -5.64 16.46 13.69
N HIS A 152 -5.86 17.13 12.56
CA HIS A 152 -7.22 17.45 12.10
C HIS A 152 -7.46 16.99 10.64
N HIS A 153 -8.71 16.63 10.33
CA HIS A 153 -9.11 16.27 8.96
C HIS A 153 -8.55 17.29 7.95
N HIS A 154 -7.53 16.87 7.19
CA HIS A 154 -6.78 17.79 6.33
C HIS A 154 -6.99 17.51 4.84
N HIS A 155 -7.53 18.48 4.12
CA HIS A 155 -7.78 18.38 2.67
C HIS A 155 -6.80 19.30 1.90
N HIS A 156 -6.16 18.76 0.86
CA HIS A 156 -5.16 19.52 0.09
C HIS A 156 -5.81 20.57 -0.83
N HIS A 157 -6.27 20.14 -2.01
CA HIS A 157 -6.85 21.05 -3.02
C HIS A 157 -8.39 21.19 -2.84
N MET A 1 2.88 -20.34 -6.60
CA MET A 1 3.45 -19.21 -7.39
C MET A 1 2.66 -18.99 -8.68
N ARG A 2 2.51 -17.72 -9.08
CA ARG A 2 1.81 -17.37 -10.32
C ARG A 2 2.13 -15.93 -10.74
N VAL A 3 2.60 -15.77 -11.98
CA VAL A 3 3.01 -14.45 -12.49
C VAL A 3 1.81 -13.53 -12.80
N TYR A 4 1.81 -12.35 -12.17
CA TYR A 4 0.84 -11.29 -12.46
C TYR A 4 1.55 -10.06 -13.03
N LYS A 5 0.81 -9.21 -13.72
CA LYS A 5 1.35 -7.96 -14.26
C LYS A 5 0.50 -6.75 -13.83
N PRO A 6 1.06 -5.51 -13.89
CA PRO A 6 0.32 -4.29 -13.54
C PRO A 6 -0.75 -3.94 -14.59
N GLU A 7 -1.73 -4.83 -14.70
CA GLU A 7 -2.78 -4.74 -15.74
C GLU A 7 -3.85 -5.82 -15.51
N ASP A 8 -3.41 -7.00 -15.05
CA ASP A 8 -4.32 -8.08 -14.66
C ASP A 8 -5.06 -7.73 -13.35
N VAL A 9 -4.30 -7.14 -12.42
CA VAL A 9 -4.83 -6.74 -11.11
C VAL A 9 -6.09 -5.86 -11.24
N PRO A 10 -7.20 -6.24 -10.58
CA PRO A 10 -8.46 -5.48 -10.63
C PRO A 10 -8.35 -4.08 -10.00
N ASN A 11 -8.66 -3.05 -10.80
CA ASN A 11 -8.60 -1.66 -10.33
C ASN A 11 -9.67 -1.40 -9.25
N VAL A 12 -9.31 -1.65 -7.98
CA VAL A 12 -10.25 -1.48 -6.87
C VAL A 12 -10.57 0.00 -6.60
N GLN A 13 -9.71 0.91 -7.04
CA GLN A 13 -9.98 2.35 -6.86
C GLN A 13 -11.13 2.80 -7.78
N LEU A 14 -11.19 2.22 -8.96
CA LEU A 14 -12.31 2.43 -9.89
C LEU A 14 -13.55 1.67 -9.38
N ALA A 15 -13.32 0.53 -8.75
CA ALA A 15 -14.40 -0.31 -8.22
C ALA A 15 -14.69 -0.01 -6.72
N ASP A 16 -13.96 -0.68 -5.83
CA ASP A 16 -14.20 -0.57 -4.38
C ASP A 16 -13.21 0.40 -3.68
N SER A 17 -13.43 1.70 -3.83
CA SER A 17 -12.57 2.72 -3.19
C SER A 17 -12.82 2.79 -1.67
N THR A 18 -13.75 1.96 -1.18
CA THR A 18 -14.04 1.89 0.26
C THR A 18 -13.02 1.01 1.01
N ARG A 19 -12.49 -0.02 0.33
CA ARG A 19 -11.53 -0.94 0.96
C ARG A 19 -10.07 -0.62 0.56
N LEU A 20 -9.87 -0.35 -0.74
CA LEU A 20 -8.52 -0.05 -1.28
C LEU A 20 -7.57 -1.25 -1.17
N VAL A 21 -8.13 -2.45 -0.97
CA VAL A 21 -7.33 -3.67 -0.78
C VAL A 21 -7.60 -4.71 -1.88
N THR A 22 -6.51 -5.25 -2.47
CA THR A 22 -6.61 -6.31 -3.49
C THR A 22 -5.79 -7.53 -3.10
N ASP A 23 -6.45 -8.60 -2.64
CA ASP A 23 -5.75 -9.84 -2.27
C ASP A 23 -5.93 -10.90 -3.37
N GLU A 24 -4.84 -11.20 -4.09
CA GLU A 24 -4.86 -12.26 -5.11
C GLU A 24 -3.84 -13.36 -4.78
N ALA A 25 -2.84 -13.02 -3.97
CA ALA A 25 -1.91 -14.01 -3.41
C ALA A 25 -2.62 -15.01 -2.47
N GLY A 26 -3.74 -14.57 -1.89
CA GLY A 26 -4.49 -15.42 -0.96
C GLY A 26 -3.85 -15.48 0.42
N LEU A 27 -3.41 -14.33 0.94
CA LEU A 27 -2.69 -14.26 2.20
C LEU A 27 -3.46 -13.48 3.28
N LEU A 28 -4.25 -12.49 2.87
CA LEU A 28 -5.04 -11.68 3.82
C LEU A 28 -6.26 -12.45 4.34
N SER A 29 -6.19 -12.88 5.60
CA SER A 29 -7.33 -13.55 6.25
C SER A 29 -8.43 -12.52 6.60
N ASN A 30 -9.67 -13.00 6.75
CA ASN A 30 -10.84 -12.11 6.88
C ASN A 30 -10.66 -11.04 7.97
N ALA A 31 -10.37 -11.46 9.19
CA ALA A 31 -10.15 -10.53 10.31
C ALA A 31 -9.02 -9.54 10.01
N GLN A 32 -7.96 -10.01 9.35
CA GLN A 32 -6.82 -9.16 8.97
C GLN A 32 -7.22 -8.20 7.84
N GLU A 33 -8.15 -8.62 6.98
CA GLU A 33 -8.69 -7.74 5.96
C GLU A 33 -9.31 -6.49 6.61
N GLU A 34 -10.20 -6.70 7.58
CA GLU A 34 -10.84 -5.59 8.30
C GLU A 34 -9.79 -4.66 8.96
N VAL A 35 -8.67 -5.24 9.40
CA VAL A 35 -7.56 -4.45 9.93
C VAL A 35 -7.03 -3.47 8.87
N MET A 36 -6.67 -3.99 7.70
CA MET A 36 -6.13 -3.18 6.61
C MET A 36 -7.22 -2.27 6.01
N ASN A 37 -8.37 -2.85 5.68
CA ASN A 37 -9.53 -2.09 5.18
C ASN A 37 -9.85 -0.90 6.10
N GLY A 38 -10.00 -1.18 7.39
CA GLY A 38 -10.27 -0.14 8.37
C GLY A 38 -9.22 0.96 8.39
N ARG A 39 -7.95 0.57 8.35
CA ARG A 39 -6.84 1.53 8.31
C ARG A 39 -6.95 2.46 7.09
N LEU A 40 -7.02 1.88 5.89
CA LEU A 40 -7.08 2.65 4.65
C LEU A 40 -8.35 3.52 4.57
N ARG A 41 -9.48 2.89 4.89
CA ARG A 41 -10.77 3.57 4.92
C ARG A 41 -10.76 4.75 5.90
N ALA A 42 -10.24 4.53 7.10
CA ALA A 42 -10.13 5.59 8.12
C ALA A 42 -9.24 6.75 7.64
N ILE A 43 -8.14 6.41 6.97
CA ILE A 43 -7.24 7.42 6.40
C ILE A 43 -7.98 8.31 5.37
N ARG A 44 -8.70 7.67 4.45
CA ARG A 44 -9.50 8.42 3.46
C ARG A 44 -10.62 9.22 4.13
N SER A 45 -11.17 8.69 5.22
CA SER A 45 -12.26 9.36 5.96
C SER A 45 -11.72 10.42 6.93
N SER A 46 -10.39 10.53 6.98
CA SER A 46 -9.74 11.50 7.88
C SER A 46 -8.70 12.34 7.13
N HIS A 47 -7.58 11.73 6.77
CA HIS A 47 -6.46 12.42 6.13
C HIS A 47 -6.71 12.64 4.62
N ALA A 48 -7.72 11.96 4.08
CA ALA A 48 -8.09 12.06 2.66
C ALA A 48 -7.00 11.51 1.74
N VAL A 49 -6.10 10.69 2.29
CA VAL A 49 -5.02 10.08 1.51
C VAL A 49 -5.48 8.78 0.84
N GLU A 50 -5.17 8.63 -0.44
CA GLU A 50 -5.52 7.41 -1.17
C GLU A 50 -4.42 6.36 -1.01
N PHE A 51 -4.64 5.45 -0.06
CA PHE A 51 -3.65 4.42 0.30
C PHE A 51 -4.20 3.02 -0.06
N ALA A 52 -3.61 2.40 -1.08
CA ALA A 52 -4.09 1.10 -1.57
C ALA A 52 -3.02 0.00 -1.42
N VAL A 53 -3.45 -1.22 -1.08
CA VAL A 53 -2.53 -2.35 -0.89
C VAL A 53 -2.93 -3.54 -1.79
N VAL A 54 -1.93 -4.12 -2.47
CA VAL A 54 -2.15 -5.26 -3.37
C VAL A 54 -1.23 -6.45 -3.01
N THR A 55 -1.78 -7.67 -3.04
CA THR A 55 -0.98 -8.88 -2.76
C THR A 55 -1.00 -9.83 -3.97
N LEU A 56 0.18 -10.16 -4.48
CA LEU A 56 0.29 -11.08 -5.62
C LEU A 56 1.26 -12.25 -5.32
N PRO A 57 1.00 -13.44 -5.88
CA PRO A 57 1.90 -14.60 -5.73
C PRO A 57 3.29 -14.35 -6.32
N SER A 58 3.34 -14.02 -7.61
CA SER A 58 4.61 -13.79 -8.30
C SER A 58 4.46 -12.69 -9.36
N ILE A 59 5.53 -11.95 -9.61
CA ILE A 59 5.56 -10.98 -10.73
C ILE A 59 6.54 -11.46 -11.82
N GLY A 60 7.19 -12.58 -11.56
CA GLY A 60 8.07 -13.21 -12.54
C GLY A 60 9.21 -12.33 -13.03
N ASP A 61 9.16 -11.96 -14.30
CA ASP A 61 10.24 -11.21 -14.96
C ASP A 61 10.09 -9.69 -14.78
N ALA A 62 9.06 -9.26 -14.07
CA ALA A 62 8.81 -7.83 -13.84
C ALA A 62 9.52 -7.32 -12.57
N PRO A 63 10.07 -6.08 -12.61
CA PRO A 63 10.66 -5.44 -11.43
C PRO A 63 9.59 -4.85 -10.49
N LEU A 64 9.83 -4.93 -9.18
CA LEU A 64 8.88 -4.41 -8.18
C LEU A 64 8.63 -2.90 -8.35
N GLU A 65 9.71 -2.12 -8.42
CA GLU A 65 9.60 -0.66 -8.57
C GLU A 65 8.94 -0.25 -9.89
N ASP A 66 9.19 -1.02 -10.95
CA ASP A 66 8.55 -0.79 -12.24
C ASP A 66 7.05 -1.09 -12.15
N PHE A 67 6.71 -2.19 -11.47
CA PHE A 67 5.32 -2.60 -11.27
C PHE A 67 4.50 -1.54 -10.51
N THR A 68 5.01 -1.12 -9.35
CA THR A 68 4.29 -0.20 -8.45
C THR A 68 3.77 1.06 -9.16
N LEU A 69 4.63 1.71 -9.94
CA LEU A 69 4.26 2.96 -10.62
C LEU A 69 3.18 2.71 -11.70
N LYS A 70 3.38 1.69 -12.52
CA LYS A 70 2.48 1.40 -13.64
C LYS A 70 1.07 0.99 -13.15
N LEU A 71 1.01 0.24 -12.06
CA LEU A 71 -0.28 -0.11 -11.45
C LEU A 71 -0.93 1.14 -10.82
N ALA A 72 -0.10 1.97 -10.17
CA ALA A 72 -0.59 3.19 -9.52
C ALA A 72 -1.21 4.18 -10.53
N ARG A 73 -0.60 4.32 -11.70
CA ARG A 73 -1.08 5.26 -12.73
C ARG A 73 -2.52 4.93 -13.19
N GLN A 74 -2.77 3.67 -13.54
CA GLN A 74 -4.11 3.26 -13.99
C GLN A 74 -5.14 3.36 -12.85
N TRP A 75 -4.66 3.36 -11.60
CA TRP A 75 -5.52 3.55 -10.43
C TRP A 75 -5.64 5.04 -10.06
N GLY A 76 -5.11 5.92 -10.91
CA GLY A 76 -5.22 7.35 -10.69
C GLY A 76 -4.11 7.91 -9.79
N VAL A 77 -3.91 7.29 -8.63
CA VAL A 77 -2.93 7.75 -7.63
C VAL A 77 -1.51 7.93 -8.20
N GLY A 78 -1.19 7.19 -9.25
CA GLY A 78 0.16 7.25 -9.82
C GLY A 78 0.31 8.23 -10.98
N ASN A 79 -0.80 8.79 -11.47
CA ASN A 79 -0.77 9.74 -12.59
C ASN A 79 0.18 10.91 -12.29
N GLU A 80 1.39 10.85 -12.89
CA GLU A 80 2.49 11.79 -12.60
C GLU A 80 2.56 12.19 -11.12
N LYS A 81 2.35 11.19 -10.26
CA LYS A 81 2.36 11.35 -8.80
C LYS A 81 1.20 12.25 -8.32
N ASN A 82 0.02 11.64 -8.16
CA ASN A 82 -1.16 12.35 -7.63
C ASN A 82 -0.95 12.71 -6.15
N ASN A 83 -1.36 13.92 -5.74
CA ASN A 83 -1.02 14.47 -4.41
C ASN A 83 -1.07 13.42 -3.28
N ASN A 84 -2.24 12.90 -2.95
CA ASN A 84 -2.37 11.97 -1.81
C ASN A 84 -2.36 10.51 -2.27
N GLY A 85 -1.73 10.25 -3.40
CA GLY A 85 -1.62 8.90 -3.91
C GLY A 85 -0.55 8.06 -3.23
N LEU A 86 -0.92 6.89 -2.74
CA LEU A 86 0.03 5.97 -2.10
C LEU A 86 -0.34 4.51 -2.40
N LEU A 87 0.56 3.78 -3.05
CA LEU A 87 0.33 2.37 -3.38
C LEU A 87 1.35 1.45 -2.69
N LEU A 88 0.89 0.29 -2.24
CA LEU A 88 1.75 -0.73 -1.62
C LEU A 88 1.53 -2.10 -2.29
N VAL A 89 2.58 -2.66 -2.89
CA VAL A 89 2.49 -3.97 -3.56
C VAL A 89 3.34 -5.04 -2.85
N LEU A 90 2.71 -6.18 -2.57
CA LEU A 90 3.39 -7.34 -1.96
C LEU A 90 3.69 -8.41 -3.03
N VAL A 91 4.95 -8.80 -3.15
CA VAL A 91 5.34 -9.88 -4.05
C VAL A 91 5.84 -11.11 -3.27
N LEU A 92 4.95 -12.08 -3.08
CA LEU A 92 5.26 -13.32 -2.35
C LEU A 92 6.50 -14.02 -2.92
N ASP A 93 6.60 -14.04 -4.25
CA ASP A 93 7.73 -14.65 -4.96
C ASP A 93 9.09 -14.15 -4.45
N GLN A 94 9.17 -12.87 -4.10
CA GLN A 94 10.42 -12.25 -3.65
C GLN A 94 10.37 -11.84 -2.16
N ARG A 95 9.19 -11.96 -1.55
CA ARG A 95 8.97 -11.48 -0.18
C ARG A 95 9.27 -9.97 -0.03
N ARG A 96 9.19 -9.26 -1.15
CA ARG A 96 9.46 -7.81 -1.17
C ARG A 96 8.18 -6.99 -1.32
N VAL A 97 8.18 -5.82 -0.70
CA VAL A 97 7.07 -4.86 -0.84
C VAL A 97 7.60 -3.45 -1.11
N ARG A 98 6.78 -2.59 -1.70
CA ARG A 98 7.21 -1.22 -2.00
C ARG A 98 6.05 -0.22 -1.93
N PHE A 99 6.32 0.95 -1.34
CA PHE A 99 5.36 2.06 -1.32
C PHE A 99 5.66 3.05 -2.46
N GLU A 100 4.63 3.75 -2.93
CA GLU A 100 4.80 4.80 -3.95
C GLU A 100 3.93 6.02 -3.62
N THR A 101 4.58 7.16 -3.31
CA THR A 101 3.87 8.38 -2.92
C THR A 101 3.68 9.37 -4.07
N GLY A 102 2.68 10.23 -3.93
CA GLY A 102 2.55 11.39 -4.80
C GLY A 102 3.10 12.65 -4.16
N TYR A 103 3.16 13.72 -4.95
CA TYR A 103 3.69 15.01 -4.49
C TYR A 103 3.05 15.49 -3.18
N GLY A 104 1.84 15.05 -2.91
CA GLY A 104 1.10 15.55 -1.75
C GLY A 104 1.52 14.90 -0.44
N LEU A 105 2.21 13.77 -0.54
CA LEU A 105 2.67 13.02 0.64
C LEU A 105 4.18 13.12 0.85
N GLU A 106 4.91 13.66 -0.14
CA GLU A 106 6.38 13.79 -0.06
C GLU A 106 6.84 14.45 1.26
N GLY A 107 6.03 15.34 1.80
CA GLY A 107 6.39 16.04 3.04
C GLY A 107 6.13 15.22 4.30
N TYR A 108 5.24 14.24 4.22
CA TYR A 108 4.88 13.41 5.38
C TYR A 108 5.56 12.03 5.31
N LEU A 109 5.63 11.48 4.11
CA LEU A 109 6.15 10.13 3.87
C LEU A 109 7.25 10.13 2.80
N PRO A 110 8.48 10.55 3.15
CA PRO A 110 9.61 10.55 2.20
C PRO A 110 10.16 9.15 1.91
N ASP A 111 10.93 9.01 0.82
CA ASP A 111 11.44 7.71 0.36
C ASP A 111 12.17 6.94 1.48
N GLY A 112 13.02 7.64 2.24
CA GLY A 112 13.74 7.02 3.34
C GLY A 112 12.81 6.48 4.43
N LEU A 113 11.76 7.22 4.76
CA LEU A 113 10.77 6.76 5.75
C LEU A 113 10.03 5.52 5.25
N LEU A 114 9.52 5.59 4.01
CA LEU A 114 8.84 4.45 3.39
C LEU A 114 9.75 3.20 3.39
N SER A 115 11.01 3.42 3.03
CA SER A 115 12.01 2.33 3.02
C SER A 115 12.18 1.74 4.42
N ARG A 116 12.26 2.59 5.43
CA ARG A 116 12.35 2.13 6.82
C ARG A 116 11.16 1.23 7.19
N ILE A 117 9.94 1.73 6.97
CA ILE A 117 8.73 0.98 7.30
C ILE A 117 8.77 -0.44 6.72
N ILE A 118 9.27 -0.56 5.50
CA ILE A 118 9.47 -1.87 4.86
C ILE A 118 10.43 -2.75 5.68
N HIS A 119 11.53 -2.17 6.16
CA HIS A 119 12.52 -2.95 6.91
C HIS A 119 12.14 -3.08 8.41
N ASP A 120 11.31 -2.16 8.89
CA ASP A 120 10.99 -2.07 10.32
C ASP A 120 9.83 -3.02 10.71
N ARG A 121 8.69 -2.89 10.03
CA ARG A 121 7.48 -3.63 10.41
C ARG A 121 6.97 -4.58 9.30
N MET A 122 7.75 -4.72 8.22
CA MET A 122 7.41 -5.69 7.15
C MET A 122 8.39 -6.89 7.15
N ILE A 123 9.68 -6.59 6.91
CA ILE A 123 10.73 -7.62 6.80
C ILE A 123 10.71 -8.67 7.95
N PRO A 124 10.72 -8.24 9.24
CA PRO A 124 10.73 -9.18 10.38
C PRO A 124 9.59 -10.21 10.32
N HIS A 125 8.44 -9.77 9.82
CA HIS A 125 7.27 -10.65 9.69
C HIS A 125 7.41 -11.58 8.47
N PHE A 126 7.86 -11.04 7.35
CA PHE A 126 8.05 -11.84 6.12
C PHE A 126 9.06 -12.98 6.35
N ARG A 127 10.15 -12.68 7.07
CA ARG A 127 11.15 -13.70 7.43
C ARG A 127 10.51 -14.82 8.28
N SER A 128 9.56 -14.45 9.12
CA SER A 128 8.86 -15.41 9.98
C SER A 128 7.70 -16.11 9.25
N GLY A 129 7.28 -15.56 8.12
CA GLY A 129 6.15 -16.11 7.37
C GLY A 129 4.86 -15.32 7.59
N ASN A 130 4.92 -14.31 8.45
CA ASN A 130 3.75 -13.47 8.76
C ASN A 130 3.54 -12.38 7.69
N TYR A 131 3.28 -12.80 6.46
CA TYR A 131 3.13 -11.87 5.33
C TYR A 131 2.01 -10.84 5.57
N ALA A 132 0.77 -11.32 5.75
CA ALA A 132 -0.38 -10.44 5.97
C ALA A 132 -0.24 -9.63 7.28
N GLU A 133 0.34 -10.27 8.30
CA GLU A 133 0.62 -9.61 9.58
C GLU A 133 1.53 -8.38 9.39
N GLY A 134 2.64 -8.59 8.66
CA GLY A 134 3.57 -7.50 8.37
C GLY A 134 2.93 -6.38 7.57
N LEU A 135 2.20 -6.73 6.51
CA LEU A 135 1.46 -5.75 5.71
C LEU A 135 0.59 -4.84 6.58
N SER A 136 -0.18 -5.46 7.47
CA SER A 136 -1.05 -4.71 8.39
C SER A 136 -0.24 -3.80 9.32
N GLU A 137 0.93 -4.29 9.77
CA GLU A 137 1.84 -3.49 10.61
C GLU A 137 2.38 -2.26 9.85
N GLY A 138 2.81 -2.47 8.62
CA GLY A 138 3.30 -1.37 7.79
C GLY A 138 2.22 -0.33 7.49
N VAL A 139 1.05 -0.80 7.10
CA VAL A 139 -0.09 0.09 6.86
C VAL A 139 -0.44 0.92 8.11
N LEU A 140 -0.54 0.23 9.25
CA LEU A 140 -0.80 0.90 10.54
C LEU A 140 0.28 1.95 10.84
N ALA A 141 1.54 1.59 10.56
CA ALA A 141 2.68 2.51 10.76
C ALA A 141 2.51 3.78 9.93
N VAL A 142 2.26 3.62 8.63
CA VAL A 142 2.02 4.76 7.73
C VAL A 142 0.86 5.63 8.24
N GLN A 143 -0.26 4.99 8.58
CA GLN A 143 -1.41 5.70 9.14
C GLN A 143 -1.02 6.54 10.36
N GLN A 144 -0.20 5.98 11.26
CA GLN A 144 0.23 6.69 12.46
C GLN A 144 1.11 7.91 12.16
N VAL A 145 1.94 7.82 11.12
CA VAL A 145 2.74 8.97 10.66
C VAL A 145 1.83 10.14 10.26
N LEU A 146 0.80 9.82 9.48
CA LEU A 146 -0.19 10.81 9.06
C LEU A 146 -1.09 11.23 10.24
N ASP A 147 -1.39 10.27 11.13
CA ASP A 147 -2.28 10.50 12.27
C ASP A 147 -1.72 11.59 13.19
N GLY A 148 -0.46 11.42 13.61
CA GLY A 148 0.20 12.44 14.43
C GLY A 148 0.68 13.64 13.60
N SER A 149 -0.16 14.08 12.67
CA SER A 149 0.18 15.20 11.78
C SER A 149 -1.09 15.90 11.25
N LEU A 150 -1.94 15.13 10.57
CA LEU A 150 -3.16 15.67 9.94
C LEU A 150 -4.43 15.27 10.69
N GLU A 151 -4.28 14.92 11.98
CA GLU A 151 -5.39 14.45 12.81
C GLU A 151 -6.63 15.38 12.74
N HIS A 152 -6.39 16.69 12.69
CA HIS A 152 -7.47 17.68 12.75
C HIS A 152 -8.39 17.62 11.51
N HIS A 153 -8.00 16.85 10.50
CA HIS A 153 -8.78 16.72 9.26
C HIS A 153 -9.78 15.56 9.32
N HIS A 154 -9.88 14.91 10.48
CA HIS A 154 -10.75 13.73 10.66
C HIS A 154 -12.25 14.02 10.41
N HIS A 155 -12.93 13.10 9.74
CA HIS A 155 -14.40 13.16 9.59
C HIS A 155 -15.09 11.97 10.29
N HIS A 156 -14.40 10.82 10.34
CA HIS A 156 -14.91 9.62 11.03
C HIS A 156 -16.17 9.04 10.34
N HIS A 157 -16.36 9.38 9.08
CA HIS A 157 -17.52 8.92 8.30
C HIS A 157 -17.24 7.54 7.66
N MET A 1 2.54 -20.58 -7.18
CA MET A 1 3.19 -19.64 -8.14
C MET A 1 2.16 -19.05 -9.11
N ARG A 2 2.25 -17.74 -9.37
CA ARG A 2 1.35 -17.08 -10.32
C ARG A 2 1.82 -15.66 -10.65
N VAL A 3 1.89 -15.34 -11.95
CA VAL A 3 2.33 -14.02 -12.40
C VAL A 3 1.16 -13.06 -12.62
N TYR A 4 1.28 -11.83 -12.12
CA TYR A 4 0.27 -10.79 -12.30
C TYR A 4 0.86 -9.53 -12.94
N LYS A 5 0.09 -8.93 -13.84
CA LYS A 5 0.41 -7.62 -14.39
C LYS A 5 -0.56 -6.58 -13.80
N PRO A 6 -0.28 -5.26 -13.97
CA PRO A 6 -1.20 -4.21 -13.47
C PRO A 6 -2.60 -4.33 -14.10
N GLU A 7 -2.70 -5.08 -15.19
CA GLU A 7 -3.97 -5.29 -15.89
C GLU A 7 -4.71 -6.55 -15.36
N ASP A 8 -4.00 -7.42 -14.64
CA ASP A 8 -4.63 -8.59 -14.01
C ASP A 8 -5.19 -8.25 -12.62
N VAL A 9 -4.55 -7.28 -11.96
CA VAL A 9 -4.96 -6.86 -10.61
C VAL A 9 -6.34 -6.17 -10.63
N PRO A 10 -7.31 -6.69 -9.83
CA PRO A 10 -8.65 -6.09 -9.71
C PRO A 10 -8.60 -4.59 -9.35
N ASN A 11 -9.13 -3.76 -10.25
CA ASN A 11 -9.12 -2.30 -10.08
C ASN A 11 -10.07 -1.85 -8.94
N VAL A 12 -9.61 -1.98 -7.70
CA VAL A 12 -10.39 -1.55 -6.54
C VAL A 12 -10.60 -0.02 -6.53
N GLN A 13 -9.51 0.74 -6.61
CA GLN A 13 -9.58 2.22 -6.59
C GLN A 13 -10.19 2.80 -7.88
N LEU A 14 -10.59 1.94 -8.81
CA LEU A 14 -11.24 2.36 -10.05
C LEU A 14 -12.73 1.99 -10.04
N ALA A 15 -13.05 0.80 -9.56
CA ALA A 15 -14.44 0.31 -9.53
C ALA A 15 -15.04 0.32 -8.11
N ASP A 16 -14.46 -0.48 -7.22
CA ASP A 16 -14.94 -0.59 -5.84
C ASP A 16 -14.75 0.73 -5.06
N SER A 17 -13.49 1.03 -4.74
CA SER A 17 -13.10 2.30 -4.10
C SER A 17 -13.48 2.39 -2.61
N THR A 18 -14.47 1.61 -2.16
CA THR A 18 -14.84 1.61 -0.74
C THR A 18 -13.92 0.69 0.07
N ARG A 19 -13.16 -0.13 -0.65
CA ARG A 19 -12.09 -0.93 -0.06
C ARG A 19 -10.78 -0.67 -0.82
N LEU A 20 -9.66 -0.68 -0.11
CA LEU A 20 -8.36 -0.38 -0.72
C LEU A 20 -7.39 -1.56 -0.62
N VAL A 21 -7.92 -2.74 -0.30
CA VAL A 21 -7.11 -3.96 -0.17
C VAL A 21 -7.43 -4.99 -1.27
N THR A 22 -6.41 -5.39 -2.03
CA THR A 22 -6.56 -6.42 -3.07
C THR A 22 -5.63 -7.60 -2.79
N ASP A 23 -6.19 -8.70 -2.27
CA ASP A 23 -5.41 -9.90 -1.97
C ASP A 23 -5.51 -10.94 -3.10
N GLU A 24 -4.45 -11.03 -3.91
CA GLU A 24 -4.40 -12.02 -5.01
C GLU A 24 -3.37 -13.12 -4.73
N ALA A 25 -2.33 -12.78 -3.96
CA ALA A 25 -1.36 -13.78 -3.49
C ALA A 25 -2.01 -14.82 -2.55
N GLY A 26 -3.09 -14.43 -1.90
CA GLY A 26 -3.77 -15.33 -0.96
C GLY A 26 -3.06 -15.37 0.40
N LEU A 27 -2.69 -14.21 0.90
CA LEU A 27 -1.94 -14.09 2.16
C LEU A 27 -2.76 -13.34 3.23
N LEU A 28 -3.74 -12.55 2.80
CA LEU A 28 -4.58 -11.78 3.71
C LEU A 28 -5.90 -12.50 4.02
N SER A 29 -6.06 -12.96 5.26
CA SER A 29 -7.30 -13.59 5.70
C SER A 29 -8.46 -12.56 5.75
N ASN A 30 -9.68 -13.04 5.53
CA ASN A 30 -10.87 -12.16 5.47
C ASN A 30 -10.95 -11.22 6.69
N ALA A 31 -10.69 -11.75 7.88
CA ALA A 31 -10.70 -10.95 9.12
C ALA A 31 -9.61 -9.87 9.09
N GLN A 32 -8.43 -10.23 8.58
CA GLN A 32 -7.31 -9.28 8.47
C GLN A 32 -7.61 -8.18 7.45
N GLU A 33 -8.25 -8.56 6.34
CA GLU A 33 -8.64 -7.61 5.30
C GLU A 33 -9.68 -6.61 5.83
N GLU A 34 -10.66 -7.09 6.59
CA GLU A 34 -11.69 -6.23 7.18
C GLU A 34 -11.06 -5.08 8.00
N VAL A 35 -10.19 -5.44 8.95
CA VAL A 35 -9.48 -4.47 9.77
C VAL A 35 -8.60 -3.53 8.92
N MET A 36 -7.84 -4.12 7.99
CA MET A 36 -6.94 -3.35 7.13
C MET A 36 -7.70 -2.32 6.28
N ASN A 37 -8.79 -2.76 5.64
CA ASN A 37 -9.65 -1.84 4.87
C ASN A 37 -10.24 -0.76 5.77
N GLY A 38 -10.59 -1.13 7.00
CA GLY A 38 -11.10 -0.16 7.96
C GLY A 38 -10.11 0.96 8.27
N ARG A 39 -8.82 0.61 8.37
CA ARG A 39 -7.76 1.60 8.54
C ARG A 39 -7.66 2.51 7.31
N LEU A 40 -7.49 1.89 6.13
CA LEU A 40 -7.30 2.62 4.87
C LEU A 40 -8.49 3.54 4.54
N ARG A 41 -9.69 2.99 4.60
CA ARG A 41 -10.91 3.74 4.32
C ARG A 41 -11.04 4.95 5.25
N ALA A 42 -10.69 4.76 6.53
CA ALA A 42 -10.70 5.84 7.51
C ALA A 42 -9.64 6.91 7.19
N ILE A 43 -8.45 6.46 6.79
CA ILE A 43 -7.36 7.39 6.43
C ILE A 43 -7.78 8.32 5.27
N ARG A 44 -8.33 7.75 4.20
CA ARG A 44 -8.75 8.55 3.04
C ARG A 44 -9.98 9.43 3.38
N SER A 45 -10.78 8.99 4.34
CA SER A 45 -11.96 9.77 4.77
C SER A 45 -11.56 10.85 5.77
N SER A 46 -10.42 10.65 6.43
CA SER A 46 -9.92 11.60 7.44
C SER A 46 -8.78 12.46 6.89
N HIS A 47 -7.65 11.82 6.58
CA HIS A 47 -6.47 12.52 6.07
C HIS A 47 -6.53 12.74 4.55
N ALA A 48 -7.52 12.11 3.90
CA ALA A 48 -7.70 12.19 2.44
C ALA A 48 -6.58 11.45 1.68
N VAL A 49 -5.82 10.63 2.38
CA VAL A 49 -4.71 9.89 1.76
C VAL A 49 -5.18 8.56 1.13
N GLU A 50 -4.98 8.44 -0.18
CA GLU A 50 -5.32 7.22 -0.92
C GLU A 50 -4.25 6.15 -0.69
N PHE A 51 -4.49 5.26 0.27
CA PHE A 51 -3.51 4.24 0.65
C PHE A 51 -4.05 2.83 0.33
N ALA A 52 -3.51 2.21 -0.71
CA ALA A 52 -3.97 0.89 -1.15
C ALA A 52 -2.92 -0.21 -0.88
N VAL A 53 -3.39 -1.42 -0.58
CA VAL A 53 -2.52 -2.56 -0.31
C VAL A 53 -2.87 -3.77 -1.22
N VAL A 54 -1.94 -4.14 -2.09
CA VAL A 54 -2.15 -5.25 -3.02
C VAL A 54 -1.12 -6.38 -2.81
N THR A 55 -1.59 -7.62 -2.75
CA THR A 55 -0.69 -8.78 -2.60
C THR A 55 -0.66 -9.62 -3.88
N LEU A 56 0.53 -9.85 -4.41
CA LEU A 56 0.71 -10.66 -5.61
C LEU A 56 1.82 -11.71 -5.41
N PRO A 57 1.64 -12.94 -5.96
CA PRO A 57 2.67 -13.98 -5.88
C PRO A 57 3.95 -13.59 -6.64
N SER A 58 3.85 -13.51 -7.98
CA SER A 58 4.99 -13.10 -8.81
C SER A 58 4.58 -12.05 -9.85
N ILE A 59 5.55 -11.29 -10.32
CA ILE A 59 5.33 -10.27 -11.36
C ILE A 59 6.17 -10.55 -12.62
N GLY A 60 6.77 -11.73 -12.66
CA GLY A 60 7.60 -12.11 -13.80
C GLY A 60 9.00 -11.48 -13.77
N ASP A 61 9.31 -10.68 -14.78
CA ASP A 61 10.60 -9.98 -14.86
C ASP A 61 10.42 -8.46 -14.73
N ALA A 62 9.18 -8.02 -14.50
CA ALA A 62 8.88 -6.59 -14.35
C ALA A 62 9.54 -5.99 -13.10
N PRO A 63 10.08 -4.76 -13.20
CA PRO A 63 10.69 -4.07 -12.04
C PRO A 63 9.62 -3.62 -11.03
N LEU A 64 9.78 -4.02 -9.77
CA LEU A 64 8.76 -3.78 -8.73
C LEU A 64 8.42 -2.28 -8.58
N GLU A 65 9.44 -1.42 -8.62
CA GLU A 65 9.25 0.03 -8.44
C GLU A 65 8.45 0.65 -9.60
N ASP A 66 8.66 0.15 -10.81
CA ASP A 66 7.98 0.66 -12.00
C ASP A 66 6.61 -0.04 -12.19
N PHE A 67 6.51 -1.27 -11.72
CA PHE A 67 5.27 -2.06 -11.78
C PHE A 67 4.13 -1.31 -11.08
N THR A 68 4.39 -0.87 -9.85
CA THR A 68 3.42 -0.10 -9.06
C THR A 68 2.98 1.18 -9.77
N LEU A 69 3.92 1.83 -10.46
CA LEU A 69 3.62 3.05 -11.22
C LEU A 69 2.59 2.79 -12.34
N LYS A 70 2.70 1.64 -12.99
CA LYS A 70 1.74 1.25 -14.04
C LYS A 70 0.34 0.98 -13.45
N LEU A 71 0.31 0.36 -12.27
CA LEU A 71 -0.96 0.07 -11.59
C LEU A 71 -1.61 1.35 -11.04
N ALA A 72 -0.80 2.21 -10.45
CA ALA A 72 -1.28 3.47 -9.85
C ALA A 72 -1.95 4.38 -10.89
N ARG A 73 -1.32 4.53 -12.06
CA ARG A 73 -1.86 5.40 -13.12
C ARG A 73 -3.15 4.83 -13.72
N GLN A 74 -3.34 3.52 -13.62
CA GLN A 74 -4.56 2.88 -14.11
C GLN A 74 -5.75 3.23 -13.21
N TRP A 75 -5.53 3.20 -11.89
CA TRP A 75 -6.58 3.49 -10.91
C TRP A 75 -6.78 5.01 -10.68
N GLY A 76 -5.81 5.81 -11.13
CA GLY A 76 -5.88 7.25 -10.88
C GLY A 76 -5.18 7.67 -9.59
N VAL A 77 -4.48 6.72 -8.97
CA VAL A 77 -3.75 6.96 -7.73
C VAL A 77 -2.34 7.51 -8.03
N GLY A 78 -1.93 7.43 -9.30
CA GLY A 78 -0.62 7.94 -9.69
C GLY A 78 -0.40 7.95 -11.19
N ASN A 79 -1.14 8.79 -11.91
CA ASN A 79 -0.98 8.94 -13.36
C ASN A 79 0.45 9.39 -13.69
N GLU A 80 0.91 10.39 -12.96
CA GLU A 80 2.32 10.80 -12.97
C GLU A 80 2.79 11.03 -11.53
N LYS A 81 2.54 12.21 -10.98
CA LYS A 81 2.73 12.48 -9.55
C LYS A 81 1.42 12.97 -8.90
N ASN A 82 0.57 12.01 -8.48
CA ASN A 82 -0.72 12.31 -7.85
C ASN A 82 -0.52 12.86 -6.43
N ASN A 83 -1.47 13.65 -5.94
CA ASN A 83 -1.33 14.27 -4.61
C ASN A 83 -1.26 13.21 -3.47
N ASN A 84 -2.39 12.81 -2.89
CA ASN A 84 -2.38 11.94 -1.70
C ASN A 84 -2.37 10.45 -2.09
N GLY A 85 -1.72 10.12 -3.21
CA GLY A 85 -1.69 8.75 -3.70
C GLY A 85 -0.54 7.91 -3.14
N LEU A 86 -0.86 6.75 -2.58
CA LEU A 86 0.14 5.81 -2.06
C LEU A 86 -0.28 4.36 -2.34
N LEU A 87 0.56 3.63 -3.08
CA LEU A 87 0.29 2.24 -3.44
C LEU A 87 1.32 1.28 -2.80
N LEU A 88 0.83 0.33 -2.02
CA LEU A 88 1.70 -0.68 -1.38
C LEU A 88 1.44 -2.08 -1.98
N VAL A 89 2.45 -2.62 -2.66
CA VAL A 89 2.32 -3.96 -3.26
C VAL A 89 3.36 -4.94 -2.68
N LEU A 90 2.89 -6.13 -2.29
CA LEU A 90 3.77 -7.19 -1.76
C LEU A 90 3.96 -8.32 -2.78
N VAL A 91 5.21 -8.71 -3.01
CA VAL A 91 5.53 -9.84 -3.90
C VAL A 91 5.96 -11.07 -3.10
N LEU A 92 5.11 -12.10 -3.08
CA LEU A 92 5.37 -13.32 -2.31
C LEU A 92 6.65 -14.05 -2.78
N ASP A 93 6.86 -14.09 -4.09
CA ASP A 93 8.06 -14.73 -4.68
C ASP A 93 9.35 -14.08 -4.18
N GLN A 94 9.39 -12.75 -4.19
CA GLN A 94 10.56 -11.98 -3.78
C GLN A 94 10.58 -11.70 -2.27
N ARG A 95 9.43 -11.88 -1.61
CA ARG A 95 9.28 -11.61 -0.16
C ARG A 95 9.61 -10.15 0.18
N ARG A 96 9.24 -9.23 -0.70
CA ARG A 96 9.48 -7.80 -0.47
C ARG A 96 8.35 -6.93 -1.04
N VAL A 97 8.22 -5.71 -0.52
CA VAL A 97 7.12 -4.82 -0.88
C VAL A 97 7.61 -3.52 -1.54
N ARG A 98 6.68 -2.74 -2.06
CA ARG A 98 6.99 -1.43 -2.67
C ARG A 98 5.98 -0.35 -2.24
N PHE A 99 6.49 0.78 -1.76
CA PHE A 99 5.67 1.94 -1.43
C PHE A 99 5.78 3.01 -2.53
N GLU A 100 4.72 3.19 -3.32
CA GLU A 100 4.72 4.18 -4.39
C GLU A 100 3.93 5.43 -4.00
N THR A 101 4.64 6.55 -3.82
CA THR A 101 3.99 7.83 -3.47
C THR A 101 3.91 8.76 -4.68
N GLY A 102 2.88 9.61 -4.69
CA GLY A 102 2.82 10.69 -5.66
C GLY A 102 3.57 11.93 -5.19
N TYR A 103 3.06 13.10 -5.52
CA TYR A 103 3.68 14.37 -5.13
C TYR A 103 3.16 14.85 -3.76
N GLY A 104 1.95 14.45 -3.40
CA GLY A 104 1.28 15.02 -2.23
C GLY A 104 1.84 14.53 -0.90
N LEU A 105 2.38 13.31 -0.89
CA LEU A 105 2.85 12.67 0.34
C LEU A 105 4.37 12.79 0.53
N GLU A 106 5.06 13.42 -0.42
CA GLU A 106 6.53 13.54 -0.35
C GLU A 106 6.99 14.34 0.90
N GLY A 107 6.12 15.22 1.39
CA GLY A 107 6.42 16.00 2.59
C GLY A 107 6.05 15.29 3.90
N TYR A 108 5.58 14.05 3.79
CA TYR A 108 5.20 13.24 4.97
C TYR A 108 5.92 11.88 4.97
N LEU A 109 6.03 11.28 3.79
CA LEU A 109 6.50 9.91 3.64
C LEU A 109 7.64 9.80 2.59
N PRO A 110 8.87 10.18 2.96
CA PRO A 110 10.04 10.05 2.07
C PRO A 110 10.49 8.58 1.91
N ASP A 111 11.08 8.25 0.76
CA ASP A 111 11.49 6.87 0.45
C ASP A 111 12.33 6.24 1.58
N GLY A 112 13.15 7.06 2.25
CA GLY A 112 13.92 6.58 3.40
C GLY A 112 13.03 6.10 4.55
N LEU A 113 12.04 6.92 4.92
CA LEU A 113 11.08 6.55 5.96
C LEU A 113 10.30 5.29 5.58
N LEU A 114 9.85 5.24 4.32
CA LEU A 114 9.13 4.07 3.80
C LEU A 114 10.00 2.80 3.90
N SER A 115 11.29 2.93 3.63
CA SER A 115 12.24 1.82 3.76
C SER A 115 12.37 1.37 5.22
N ARG A 116 12.38 2.34 6.14
CA ARG A 116 12.40 2.07 7.58
C ARG A 116 11.20 1.20 7.99
N ILE A 117 10.01 1.60 7.55
CA ILE A 117 8.79 0.85 7.81
C ILE A 117 8.93 -0.63 7.38
N ILE A 118 9.44 -0.83 6.17
CA ILE A 118 9.65 -2.18 5.63
C ILE A 118 10.62 -2.99 6.50
N HIS A 119 11.82 -2.44 6.72
CA HIS A 119 12.89 -3.19 7.41
C HIS A 119 12.61 -3.40 8.91
N ASP A 120 11.97 -2.43 9.55
CA ASP A 120 11.73 -2.49 11.00
C ASP A 120 10.48 -3.29 11.37
N ARG A 121 9.40 -3.16 10.59
CA ARG A 121 8.13 -3.79 10.96
C ARG A 121 7.72 -4.95 10.03
N MET A 122 8.07 -4.87 8.75
CA MET A 122 7.68 -5.91 7.78
C MET A 122 8.64 -7.11 7.77
N ILE A 123 9.94 -6.85 7.58
CA ILE A 123 10.96 -7.91 7.46
C ILE A 123 10.85 -8.97 8.58
N PRO A 124 10.79 -8.59 9.88
CA PRO A 124 10.65 -9.55 10.98
C PRO A 124 9.47 -10.53 10.79
N HIS A 125 8.31 -9.98 10.39
CA HIS A 125 7.13 -10.81 10.14
C HIS A 125 7.29 -11.68 8.88
N PHE A 126 7.85 -11.10 7.82
CA PHE A 126 8.11 -11.86 6.58
C PHE A 126 9.00 -13.07 6.85
N ARG A 127 10.02 -12.88 7.67
CA ARG A 127 10.90 -13.99 8.08
C ARG A 127 10.17 -14.97 9.01
N SER A 128 9.36 -14.42 9.91
CA SER A 128 8.56 -15.23 10.84
C SER A 128 7.45 -16.01 10.11
N GLY A 129 7.06 -15.52 8.93
CA GLY A 129 6.04 -16.19 8.12
C GLY A 129 4.75 -15.36 7.98
N ASN A 130 4.65 -14.28 8.76
CA ASN A 130 3.46 -13.43 8.74
C ASN A 130 3.52 -12.37 7.64
N TYR A 131 3.25 -12.78 6.40
CA TYR A 131 3.20 -11.82 5.28
C TYR A 131 2.07 -10.79 5.49
N ALA A 132 0.92 -11.28 5.96
CA ALA A 132 -0.23 -10.42 6.23
C ALA A 132 0.05 -9.43 7.38
N GLU A 133 0.62 -9.93 8.46
CA GLU A 133 0.93 -9.09 9.63
C GLU A 133 2.05 -8.07 9.32
N GLY A 134 2.98 -8.45 8.44
CA GLY A 134 3.98 -7.49 7.97
C GLY A 134 3.32 -6.30 7.27
N LEU A 135 2.35 -6.59 6.41
CA LEU A 135 1.59 -5.55 5.73
C LEU A 135 0.73 -4.73 6.69
N SER A 136 0.05 -5.40 7.63
CA SER A 136 -0.81 -4.70 8.59
C SER A 136 0.00 -3.76 9.49
N GLU A 137 1.20 -4.19 9.87
CA GLU A 137 2.14 -3.34 10.61
C GLU A 137 2.63 -2.17 9.74
N GLY A 138 2.92 -2.45 8.47
CA GLY A 138 3.30 -1.39 7.55
C GLY A 138 2.22 -0.33 7.38
N VAL A 139 0.99 -0.78 7.15
CA VAL A 139 -0.18 0.12 7.07
C VAL A 139 -0.32 0.95 8.35
N LEU A 140 -0.21 0.28 9.49
CA LEU A 140 -0.29 0.95 10.80
C LEU A 140 0.82 2.01 10.94
N ALA A 141 2.01 1.68 10.46
CA ALA A 141 3.15 2.61 10.51
C ALA A 141 2.87 3.89 9.72
N VAL A 142 2.47 3.73 8.45
CA VAL A 142 2.12 4.88 7.61
C VAL A 142 0.97 5.69 8.24
N GLN A 143 -0.06 4.98 8.71
CA GLN A 143 -1.17 5.62 9.41
C GLN A 143 -0.67 6.47 10.59
N GLN A 144 0.21 5.90 11.40
CA GLN A 144 0.79 6.60 12.55
C GLN A 144 1.47 7.91 12.14
N VAL A 145 2.27 7.86 11.08
CA VAL A 145 2.95 9.05 10.54
C VAL A 145 1.94 10.16 10.20
N LEU A 146 0.85 9.77 9.54
CA LEU A 146 -0.22 10.71 9.17
C LEU A 146 -0.95 11.24 10.41
N ASP A 147 -1.30 10.35 11.34
CA ASP A 147 -1.95 10.74 12.60
C ASP A 147 -1.06 11.66 13.43
N GLY A 148 0.26 11.60 13.20
CA GLY A 148 1.19 12.49 13.89
C GLY A 148 1.35 13.84 13.17
N SER A 149 0.57 14.05 12.10
CA SER A 149 0.70 15.26 11.27
C SER A 149 -0.64 15.95 11.03
N LEU A 150 -1.64 15.19 10.58
CA LEU A 150 -2.96 15.74 10.20
C LEU A 150 -4.10 15.19 11.10
N GLU A 151 -3.76 14.89 12.35
CA GLU A 151 -4.69 14.23 13.29
C GLU A 151 -6.08 14.89 13.36
N HIS A 152 -6.13 16.22 13.30
CA HIS A 152 -7.38 16.96 13.48
C HIS A 152 -8.32 16.86 12.25
N HIS A 153 -7.91 16.09 11.24
CA HIS A 153 -8.72 15.92 10.03
C HIS A 153 -9.56 14.63 10.09
N HIS A 154 -10.88 14.78 9.97
CA HIS A 154 -11.80 13.64 9.84
C HIS A 154 -13.06 14.03 9.07
N HIS A 155 -13.87 14.93 9.65
CA HIS A 155 -15.07 15.43 8.97
C HIS A 155 -14.70 16.56 7.98
N HIS A 156 -13.48 17.07 8.13
CA HIS A 156 -12.86 18.01 7.19
C HIS A 156 -11.37 17.69 7.02
N HIS A 157 -10.98 17.30 5.80
CA HIS A 157 -9.57 16.98 5.50
C HIS A 157 -8.79 18.21 4.96
N MET A 1 0.57 -20.87 -8.00
CA MET A 1 1.13 -19.53 -8.30
C MET A 1 0.59 -18.98 -9.64
N ARG A 2 0.90 -17.72 -9.92
CA ARG A 2 0.57 -17.09 -11.20
C ARG A 2 1.36 -15.79 -11.37
N VAL A 3 1.88 -15.56 -12.58
CA VAL A 3 2.62 -14.33 -12.87
C VAL A 3 1.67 -13.15 -13.15
N TYR A 4 1.52 -12.28 -12.16
CA TYR A 4 0.64 -11.10 -12.29
C TYR A 4 1.40 -9.88 -12.80
N LYS A 5 0.90 -9.30 -13.88
CA LYS A 5 1.43 -8.04 -14.40
C LYS A 5 0.60 -6.85 -13.85
N PRO A 6 1.16 -5.61 -13.86
CA PRO A 6 0.48 -4.45 -13.25
C PRO A 6 -0.79 -4.03 -13.99
N GLU A 7 -1.08 -4.73 -15.09
CA GLU A 7 -2.30 -4.50 -15.87
C GLU A 7 -3.31 -5.64 -15.67
N ASP A 8 -2.87 -6.71 -14.99
CA ASP A 8 -3.75 -7.85 -14.65
C ASP A 8 -4.41 -7.62 -13.28
N VAL A 9 -3.74 -6.85 -12.43
CA VAL A 9 -4.22 -6.56 -11.07
C VAL A 9 -5.62 -5.92 -11.09
N PRO A 10 -6.58 -6.48 -10.33
CA PRO A 10 -7.96 -5.94 -10.24
C PRO A 10 -7.99 -4.46 -9.83
N ASN A 11 -8.33 -3.58 -10.77
CA ASN A 11 -8.39 -2.14 -10.50
C ASN A 11 -9.57 -1.81 -9.56
N VAL A 12 -9.38 -2.07 -8.27
CA VAL A 12 -10.44 -1.86 -7.27
C VAL A 12 -10.77 -0.37 -7.07
N GLN A 13 -9.75 0.45 -6.84
CA GLN A 13 -9.96 1.90 -6.60
C GLN A 13 -10.69 2.58 -7.78
N LEU A 14 -10.65 1.94 -8.95
CA LEU A 14 -11.39 2.42 -10.11
C LEU A 14 -12.90 2.27 -9.88
N ALA A 15 -13.33 1.06 -9.50
CA ALA A 15 -14.74 0.79 -9.23
C ALA A 15 -15.10 1.08 -7.77
N ASP A 16 -14.53 0.30 -6.85
CA ASP A 16 -14.78 0.47 -5.41
C ASP A 16 -13.67 1.27 -4.73
N SER A 17 -13.92 2.54 -4.48
CA SER A 17 -13.00 3.38 -3.69
C SER A 17 -13.23 3.16 -2.19
N THR A 18 -14.23 2.35 -1.86
CA THR A 18 -14.54 1.99 -0.47
C THR A 18 -13.59 0.90 0.07
N ARG A 19 -13.23 -0.05 -0.80
CA ARG A 19 -12.22 -1.06 -0.44
C ARG A 19 -10.87 -0.71 -1.08
N LEU A 20 -9.83 -0.64 -0.26
CA LEU A 20 -8.48 -0.32 -0.75
C LEU A 20 -7.57 -1.57 -0.68
N VAL A 21 -8.18 -2.72 -0.37
CA VAL A 21 -7.46 -3.98 -0.25
C VAL A 21 -7.64 -4.86 -1.50
N THR A 22 -6.58 -5.56 -1.89
CA THR A 22 -6.64 -6.52 -3.01
C THR A 22 -5.73 -7.72 -2.75
N ASP A 23 -6.33 -8.86 -2.38
CA ASP A 23 -5.56 -10.06 -2.04
C ASP A 23 -5.64 -11.11 -3.16
N GLU A 24 -4.64 -11.14 -4.03
CA GLU A 24 -4.56 -12.13 -5.11
C GLU A 24 -3.65 -13.29 -4.69
N ALA A 25 -2.56 -12.97 -4.00
CA ALA A 25 -1.64 -13.98 -3.46
C ALA A 25 -2.35 -14.99 -2.53
N GLY A 26 -3.21 -14.48 -1.65
CA GLY A 26 -3.87 -15.33 -0.67
C GLY A 26 -3.10 -15.40 0.65
N LEU A 27 -2.50 -14.27 1.02
CA LEU A 27 -1.66 -14.19 2.23
C LEU A 27 -2.39 -13.51 3.39
N LEU A 28 -3.49 -12.81 3.06
CA LEU A 28 -4.29 -12.11 4.06
C LEU A 28 -5.42 -13.01 4.61
N SER A 29 -6.38 -12.38 5.30
CA SER A 29 -7.54 -13.09 5.87
C SER A 29 -8.66 -12.09 6.18
N ASN A 30 -9.91 -12.55 6.17
CA ASN A 30 -11.08 -11.66 6.38
C ASN A 30 -10.89 -10.73 7.59
N ALA A 31 -10.38 -11.27 8.70
CA ALA A 31 -10.09 -10.46 9.89
C ALA A 31 -9.17 -9.28 9.57
N GLN A 32 -8.07 -9.56 8.88
CA GLN A 32 -7.09 -8.54 8.52
C GLN A 32 -7.63 -7.59 7.44
N GLU A 33 -8.36 -8.14 6.47
CA GLU A 33 -8.99 -7.31 5.42
C GLU A 33 -10.03 -6.36 6.02
N GLU A 34 -10.74 -6.83 7.04
CA GLU A 34 -11.73 -6.01 7.74
C GLU A 34 -11.06 -4.82 8.46
N VAL A 35 -10.08 -5.13 9.30
CA VAL A 35 -9.32 -4.09 10.02
C VAL A 35 -8.61 -3.15 9.03
N MET A 36 -7.99 -3.72 8.00
CA MET A 36 -7.26 -2.94 7.00
C MET A 36 -8.21 -2.01 6.22
N ASN A 37 -9.32 -2.55 5.72
CA ASN A 37 -10.33 -1.74 5.03
C ASN A 37 -10.87 -0.61 5.92
N GLY A 38 -11.22 -0.95 7.16
CA GLY A 38 -11.71 0.04 8.10
C GLY A 38 -10.72 1.18 8.34
N ARG A 39 -9.46 0.83 8.56
CA ARG A 39 -8.40 1.82 8.80
C ARG A 39 -8.06 2.63 7.54
N LEU A 40 -7.82 1.95 6.42
CA LEU A 40 -7.53 2.63 5.14
C LEU A 40 -8.64 3.61 4.78
N ARG A 41 -9.88 3.15 4.90
CA ARG A 41 -11.06 4.00 4.63
C ARG A 41 -11.10 5.17 5.62
N ALA A 42 -10.81 4.89 6.90
CA ALA A 42 -10.73 5.93 7.92
C ALA A 42 -9.62 6.94 7.60
N ILE A 43 -8.51 6.47 7.02
CA ILE A 43 -7.41 7.34 6.59
C ILE A 43 -7.85 8.22 5.41
N ARG A 44 -8.58 7.62 4.47
CA ARG A 44 -9.11 8.36 3.32
C ARG A 44 -10.18 9.37 3.75
N SER A 45 -10.87 9.08 4.84
CA SER A 45 -11.87 9.99 5.40
C SER A 45 -11.24 11.03 6.33
N SER A 46 -10.17 10.63 7.02
CA SER A 46 -9.47 11.51 7.96
C SER A 46 -8.47 12.43 7.25
N HIS A 47 -7.48 11.83 6.60
CA HIS A 47 -6.39 12.57 5.96
C HIS A 47 -6.58 12.67 4.44
N ALA A 48 -7.68 12.08 3.94
CA ALA A 48 -7.97 12.02 2.50
C ALA A 48 -6.90 11.21 1.74
N VAL A 49 -6.04 10.50 2.49
CA VAL A 49 -4.97 9.70 1.91
C VAL A 49 -5.51 8.38 1.35
N GLU A 50 -5.49 8.25 0.03
CA GLU A 50 -5.96 7.02 -0.62
C GLU A 50 -4.84 5.96 -0.60
N PHE A 51 -4.91 5.09 0.40
CA PHE A 51 -3.85 4.12 0.70
C PHE A 51 -4.28 2.69 0.32
N ALA A 52 -3.76 2.19 -0.81
CA ALA A 52 -4.16 0.88 -1.34
C ALA A 52 -3.10 -0.20 -1.09
N VAL A 53 -3.56 -1.41 -0.73
CA VAL A 53 -2.67 -2.54 -0.46
C VAL A 53 -3.01 -3.76 -1.34
N VAL A 54 -2.05 -4.19 -2.15
CA VAL A 54 -2.24 -5.32 -3.07
C VAL A 54 -1.25 -6.46 -2.78
N THR A 55 -1.72 -7.71 -2.83
CA THR A 55 -0.84 -8.89 -2.65
C THR A 55 -0.83 -9.76 -3.90
N LEU A 56 0.37 -10.06 -4.41
CA LEU A 56 0.52 -10.88 -5.61
C LEU A 56 1.44 -12.09 -5.37
N PRO A 57 1.11 -13.26 -5.95
CA PRO A 57 1.93 -14.48 -5.80
C PRO A 57 3.34 -14.34 -6.41
N SER A 58 3.41 -14.08 -7.72
CA SER A 58 4.69 -14.00 -8.42
C SER A 58 4.64 -13.01 -9.59
N ILE A 59 5.75 -12.33 -9.85
CA ILE A 59 5.86 -11.39 -10.97
C ILE A 59 7.10 -11.67 -11.84
N GLY A 60 7.81 -12.76 -11.52
CA GLY A 60 9.02 -13.11 -12.26
C GLY A 60 10.16 -12.14 -12.04
N ASP A 61 10.86 -11.77 -13.13
CA ASP A 61 12.01 -10.85 -13.04
C ASP A 61 11.57 -9.38 -13.14
N ALA A 62 10.27 -9.13 -12.97
CA ALA A 62 9.72 -7.77 -13.05
C ALA A 62 10.13 -6.92 -11.83
N PRO A 63 10.76 -5.75 -12.06
CA PRO A 63 11.14 -4.84 -10.97
C PRO A 63 9.92 -4.19 -10.29
N LEU A 64 9.64 -4.61 -9.05
CA LEU A 64 8.45 -4.13 -8.32
C LEU A 64 8.45 -2.60 -8.16
N GLU A 65 9.64 -2.01 -8.11
CA GLU A 65 9.78 -0.56 -7.99
C GLU A 65 9.21 0.16 -9.23
N ASP A 66 9.31 -0.49 -10.38
CA ASP A 66 8.77 0.03 -11.64
C ASP A 66 7.32 -0.45 -11.83
N PHE A 67 7.04 -1.66 -11.34
CA PHE A 67 5.72 -2.30 -11.40
C PHE A 67 4.61 -1.38 -10.84
N THR A 68 4.82 -0.87 -9.63
CA THR A 68 3.81 -0.03 -8.95
C THR A 68 3.48 1.23 -9.74
N LEU A 69 4.46 1.76 -10.48
CA LEU A 69 4.23 2.95 -11.31
C LEU A 69 3.07 2.73 -12.30
N LYS A 70 3.15 1.65 -13.08
CA LYS A 70 2.10 1.31 -14.05
C LYS A 70 0.74 1.08 -13.38
N LEU A 71 0.76 0.53 -12.16
CA LEU A 71 -0.48 0.25 -11.42
C LEU A 71 -1.10 1.55 -10.86
N ALA A 72 -0.31 2.31 -10.10
CA ALA A 72 -0.79 3.56 -9.47
C ALA A 72 -1.34 4.55 -10.50
N ARG A 73 -0.70 4.62 -11.68
CA ARG A 73 -1.14 5.55 -12.73
C ARG A 73 -2.55 5.21 -13.26
N GLN A 74 -2.79 3.93 -13.59
CA GLN A 74 -4.10 3.52 -14.11
C GLN A 74 -5.17 3.55 -13.01
N TRP A 75 -4.74 3.41 -11.75
CA TRP A 75 -5.66 3.55 -10.60
C TRP A 75 -5.94 5.02 -10.26
N GLY A 76 -5.26 5.94 -10.95
CA GLY A 76 -5.45 7.37 -10.73
C GLY A 76 -4.69 7.90 -9.50
N VAL A 77 -4.72 7.15 -8.40
CA VAL A 77 -4.06 7.52 -7.15
C VAL A 77 -2.56 7.86 -7.32
N GLY A 78 -1.96 7.40 -8.42
CA GLY A 78 -0.55 7.67 -8.65
C GLY A 78 -0.21 7.97 -10.11
N ASN A 79 -1.08 8.72 -10.80
CA ASN A 79 -0.80 9.13 -12.19
C ASN A 79 0.38 10.10 -12.25
N GLU A 80 1.59 9.55 -12.24
CA GLU A 80 2.82 10.34 -12.15
C GLU A 80 2.82 11.14 -10.82
N LYS A 81 2.54 10.43 -9.72
CA LYS A 81 2.45 11.05 -8.39
C LYS A 81 1.25 12.00 -8.31
N ASN A 82 0.06 11.43 -8.08
CA ASN A 82 -1.21 12.17 -8.07
C ASN A 82 -1.24 13.22 -6.96
N ASN A 83 -1.46 12.77 -5.73
CA ASN A 83 -1.60 13.66 -4.57
C ASN A 83 -1.27 12.88 -3.28
N ASN A 84 -2.06 13.06 -2.22
CA ASN A 84 -1.84 12.32 -0.96
C ASN A 84 -2.23 10.83 -1.08
N GLY A 85 -2.18 10.27 -2.29
CA GLY A 85 -2.38 8.84 -2.50
C GLY A 85 -1.12 8.03 -2.26
N LEU A 86 -1.28 6.78 -1.82
CA LEU A 86 -0.14 5.90 -1.53
C LEU A 86 -0.45 4.44 -1.94
N LEU A 87 0.44 3.86 -2.74
CA LEU A 87 0.26 2.47 -3.19
C LEU A 87 1.25 1.51 -2.51
N LEU A 88 0.75 0.38 -2.03
CA LEU A 88 1.58 -0.66 -1.41
C LEU A 88 1.32 -2.03 -2.07
N VAL A 89 2.35 -2.60 -2.69
CA VAL A 89 2.22 -3.92 -3.33
C VAL A 89 3.23 -4.94 -2.76
N LEU A 90 2.72 -6.11 -2.38
CA LEU A 90 3.56 -7.21 -1.86
C LEU A 90 3.67 -8.35 -2.89
N VAL A 91 4.90 -8.85 -3.10
CA VAL A 91 5.14 -9.96 -4.01
C VAL A 91 5.72 -11.18 -3.27
N LEU A 92 4.88 -12.20 -3.06
CA LEU A 92 5.27 -13.43 -2.34
C LEU A 92 6.53 -14.07 -2.95
N ASP A 93 6.63 -14.06 -4.27
CA ASP A 93 7.78 -14.62 -5.00
C ASP A 93 9.13 -14.11 -4.46
N GLN A 94 9.16 -12.87 -3.97
CA GLN A 94 10.41 -12.26 -3.48
C GLN A 94 10.28 -11.77 -2.03
N ARG A 95 9.08 -11.89 -1.45
CA ARG A 95 8.80 -11.43 -0.08
C ARG A 95 9.00 -9.91 0.08
N ARG A 96 9.17 -9.20 -1.04
CA ARG A 96 9.41 -7.76 -1.01
C ARG A 96 8.11 -6.97 -1.24
N VAL A 97 8.12 -5.71 -0.82
CA VAL A 97 6.99 -4.81 -1.06
C VAL A 97 7.47 -3.47 -1.65
N ARG A 98 6.54 -2.61 -2.06
CA ARG A 98 6.89 -1.31 -2.62
C ARG A 98 5.84 -0.24 -2.25
N PHE A 99 6.32 0.88 -1.71
CA PHE A 99 5.47 2.05 -1.43
C PHE A 99 5.72 3.14 -2.49
N GLU A 100 4.66 3.61 -3.15
CA GLU A 100 4.78 4.74 -4.07
C GLU A 100 3.89 5.91 -3.64
N THR A 101 4.52 7.04 -3.32
CA THR A 101 3.80 8.24 -2.89
C THR A 101 3.32 9.10 -4.06
N GLY A 102 2.28 9.89 -3.81
CA GLY A 102 1.90 10.93 -4.73
C GLY A 102 2.50 12.28 -4.34
N TYR A 103 2.19 13.30 -5.11
CA TYR A 103 2.68 14.67 -4.88
C TYR A 103 2.16 15.24 -3.54
N GLY A 104 1.20 14.56 -2.92
CA GLY A 104 0.61 15.03 -1.66
C GLY A 104 1.36 14.57 -0.42
N LEU A 105 1.95 13.37 -0.50
CA LEU A 105 2.57 12.73 0.68
C LEU A 105 4.09 12.94 0.75
N GLU A 106 4.68 13.56 -0.25
CA GLU A 106 6.14 13.78 -0.29
C GLU A 106 6.67 14.49 0.98
N GLY A 107 5.84 15.31 1.60
CA GLY A 107 6.25 16.02 2.82
C GLY A 107 6.19 15.16 4.09
N TYR A 108 5.44 14.07 4.03
CA TYR A 108 5.26 13.18 5.19
C TYR A 108 6.06 11.87 5.03
N LEU A 109 6.06 11.32 3.81
CA LEU A 109 6.59 9.98 3.55
C LEU A 109 7.58 9.98 2.37
N PRO A 110 8.88 10.22 2.61
CA PRO A 110 9.91 10.07 1.57
C PRO A 110 10.30 8.59 1.37
N ASP A 111 10.89 8.28 0.21
CA ASP A 111 11.28 6.90 -0.13
C ASP A 111 12.10 6.23 0.99
N GLY A 112 12.96 7.01 1.65
CA GLY A 112 13.74 6.49 2.77
C GLY A 112 12.86 6.02 3.93
N LEU A 113 11.93 6.86 4.37
CA LEU A 113 10.99 6.50 5.44
C LEU A 113 10.14 5.29 5.04
N LEU A 114 9.66 5.29 3.79
CA LEU A 114 8.88 4.16 3.26
C LEU A 114 9.70 2.86 3.32
N SER A 115 10.98 2.94 2.93
CA SER A 115 11.89 1.79 2.99
C SER A 115 12.14 1.36 4.44
N ARG A 116 12.17 2.33 5.35
CA ARG A 116 12.34 2.04 6.78
C ARG A 116 11.18 1.19 7.32
N ILE A 117 9.95 1.61 7.01
CA ILE A 117 8.76 0.83 7.36
C ILE A 117 8.88 -0.62 6.88
N ILE A 118 9.31 -0.78 5.63
CA ILE A 118 9.52 -2.10 5.03
C ILE A 118 10.56 -2.93 5.79
N HIS A 119 11.76 -2.37 5.95
CA HIS A 119 12.88 -3.14 6.48
C HIS A 119 12.80 -3.35 7.99
N ASP A 120 12.16 -2.43 8.71
CA ASP A 120 12.08 -2.50 10.16
C ASP A 120 11.06 -3.56 10.64
N ARG A 121 9.85 -3.54 10.09
CA ARG A 121 8.78 -4.47 10.54
C ARG A 121 8.41 -5.52 9.49
N MET A 122 8.25 -5.09 8.23
CA MET A 122 7.83 -6.01 7.17
C MET A 122 8.84 -7.15 6.93
N ILE A 123 10.12 -6.80 6.75
CA ILE A 123 11.16 -7.82 6.50
C ILE A 123 11.18 -8.93 7.58
N PRO A 124 11.31 -8.58 8.89
CA PRO A 124 11.26 -9.58 9.98
C PRO A 124 10.04 -10.52 9.88
N HIS A 125 8.85 -9.95 9.64
CA HIS A 125 7.62 -10.73 9.51
C HIS A 125 7.67 -11.65 8.27
N PHE A 126 8.01 -11.08 7.12
CA PHE A 126 8.08 -11.86 5.87
C PHE A 126 9.10 -13.00 5.97
N ARG A 127 10.19 -12.77 6.71
CA ARG A 127 11.16 -13.82 6.99
C ARG A 127 10.56 -14.89 7.93
N SER A 128 9.80 -14.44 8.93
CA SER A 128 9.14 -15.35 9.88
C SER A 128 7.92 -16.04 9.24
N GLY A 129 7.39 -15.45 8.18
CA GLY A 129 6.24 -16.01 7.49
C GLY A 129 4.96 -15.17 7.64
N ASN A 130 5.02 -14.12 8.43
CA ASN A 130 3.86 -13.25 8.68
C ASN A 130 3.68 -12.19 7.57
N TYR A 131 3.14 -12.60 6.43
CA TYR A 131 2.87 -11.66 5.34
C TYR A 131 1.68 -10.74 5.67
N ALA A 132 0.65 -11.31 6.31
CA ALA A 132 -0.50 -10.53 6.76
C ALA A 132 -0.11 -9.52 7.85
N GLU A 133 0.61 -10.00 8.85
CA GLU A 133 1.06 -9.15 9.97
C GLU A 133 2.00 -8.03 9.48
N GLY A 134 2.92 -8.38 8.58
CA GLY A 134 3.83 -7.39 8.01
C GLY A 134 3.10 -6.24 7.32
N LEU A 135 2.18 -6.57 6.43
CA LEU A 135 1.36 -5.55 5.75
C LEU A 135 0.48 -4.78 6.74
N SER A 136 -0.10 -5.49 7.72
CA SER A 136 -0.97 -4.89 8.73
C SER A 136 -0.25 -3.78 9.50
N GLU A 137 0.91 -4.09 10.08
CA GLU A 137 1.70 -3.10 10.81
C GLU A 137 2.31 -2.05 9.86
N GLY A 138 2.51 -2.43 8.61
CA GLY A 138 2.93 -1.47 7.60
C GLY A 138 1.89 -0.37 7.36
N VAL A 139 0.63 -0.79 7.25
CA VAL A 139 -0.48 0.15 7.13
C VAL A 139 -0.57 1.06 8.38
N LEU A 140 -0.53 0.43 9.56
CA LEU A 140 -0.55 1.18 10.83
C LEU A 140 0.62 2.16 10.92
N ALA A 141 1.80 1.75 10.46
CA ALA A 141 2.99 2.60 10.48
C ALA A 141 2.75 3.93 9.73
N VAL A 142 2.26 3.83 8.51
CA VAL A 142 1.90 5.01 7.73
C VAL A 142 0.79 5.81 8.43
N GLN A 143 -0.24 5.11 8.89
CA GLN A 143 -1.33 5.72 9.67
C GLN A 143 -0.79 6.54 10.86
N GLN A 144 0.22 6.03 11.54
CA GLN A 144 0.86 6.73 12.66
C GLN A 144 1.48 8.06 12.20
N VAL A 145 2.25 8.00 11.12
CA VAL A 145 2.91 9.19 10.57
C VAL A 145 1.90 10.29 10.20
N LEU A 146 0.85 9.90 9.48
CA LEU A 146 -0.19 10.84 9.03
C LEU A 146 -0.95 11.43 10.22
N ASP A 147 -1.54 10.55 11.03
CA ASP A 147 -2.34 10.96 12.20
C ASP A 147 -1.50 11.73 13.22
N GLY A 148 -0.20 11.44 13.27
CA GLY A 148 0.70 12.16 14.17
C GLY A 148 1.06 13.56 13.65
N SER A 149 1.27 13.68 12.34
CA SER A 149 1.63 14.96 11.72
C SER A 149 0.51 16.01 11.83
N LEU A 150 -0.73 15.57 11.65
CA LEU A 150 -1.88 16.49 11.69
C LEU A 150 -2.28 16.85 13.13
N GLU A 151 -1.53 17.79 13.71
CA GLU A 151 -1.90 18.39 15.00
C GLU A 151 -2.80 19.62 14.78
N HIS A 152 -2.70 20.19 13.59
CA HIS A 152 -3.47 21.36 13.18
C HIS A 152 -4.99 21.11 13.30
N HIS A 153 -5.41 19.91 12.95
CA HIS A 153 -6.83 19.52 13.06
C HIS A 153 -6.96 17.99 13.00
N HIS A 154 -8.04 17.45 13.57
CA HIS A 154 -8.23 15.99 13.61
C HIS A 154 -9.07 15.49 12.42
N HIS A 155 -9.33 14.17 12.43
CA HIS A 155 -10.05 13.48 11.34
C HIS A 155 -11.34 14.18 10.89
N HIS A 156 -11.65 14.06 9.60
CA HIS A 156 -12.90 14.55 9.02
C HIS A 156 -14.03 13.52 9.16
N HIS A 157 -15.19 13.79 8.56
CA HIS A 157 -16.34 12.87 8.60
C HIS A 157 -16.70 12.34 7.20
N MET A 1 6.19 -19.95 -11.16
CA MET A 1 5.63 -18.57 -11.30
C MET A 1 4.28 -18.60 -12.04
N ARG A 2 3.29 -17.86 -11.53
CA ARG A 2 1.98 -17.77 -12.19
C ARG A 2 1.76 -16.37 -12.80
N VAL A 3 2.73 -15.49 -12.60
CA VAL A 3 2.80 -14.17 -13.25
C VAL A 3 1.53 -13.31 -13.11
N TYR A 4 1.63 -12.26 -12.29
CA TYR A 4 0.59 -11.21 -12.22
C TYR A 4 1.13 -9.89 -12.76
N LYS A 5 0.42 -9.31 -13.72
CA LYS A 5 0.82 -8.05 -14.33
C LYS A 5 -0.14 -6.91 -13.96
N PRO A 6 0.29 -5.63 -14.07
CA PRO A 6 -0.51 -4.46 -13.64
C PRO A 6 -1.96 -4.48 -14.17
N GLU A 7 -2.13 -4.87 -15.42
CA GLU A 7 -3.46 -4.90 -16.05
C GLU A 7 -4.24 -6.18 -15.71
N ASP A 8 -3.59 -7.14 -15.03
CA ASP A 8 -4.27 -8.36 -14.58
C ASP A 8 -4.89 -8.14 -13.18
N VAL A 9 -4.24 -7.29 -12.39
CA VAL A 9 -4.74 -6.92 -11.06
C VAL A 9 -6.05 -6.11 -11.17
N PRO A 10 -7.10 -6.49 -10.42
CA PRO A 10 -8.38 -5.76 -10.44
C PRO A 10 -8.26 -4.32 -9.94
N ASN A 11 -8.56 -3.35 -10.82
CA ASN A 11 -8.50 -1.93 -10.48
C ASN A 11 -9.45 -1.55 -9.33
N VAL A 12 -9.02 -1.82 -8.09
CA VAL A 12 -9.85 -1.55 -6.91
C VAL A 12 -10.20 -0.06 -6.77
N GLN A 13 -9.23 0.82 -6.97
CA GLN A 13 -9.45 2.27 -6.81
C GLN A 13 -10.52 2.81 -7.78
N LEU A 14 -10.82 2.02 -8.81
CA LEU A 14 -11.88 2.37 -9.76
C LEU A 14 -13.26 1.89 -9.25
N ALA A 15 -13.26 0.76 -8.53
CA ALA A 15 -14.51 0.17 -8.02
C ALA A 15 -14.46 -0.04 -6.50
N ASP A 16 -13.64 -1.00 -6.04
CA ASP A 16 -13.52 -1.33 -4.61
C ASP A 16 -12.65 -0.30 -3.84
N SER A 17 -12.75 0.98 -4.22
CA SER A 17 -12.02 2.06 -3.54
C SER A 17 -12.57 2.31 -2.13
N THR A 18 -13.57 1.53 -1.73
CA THR A 18 -14.13 1.58 -0.37
C THR A 18 -13.14 1.02 0.66
N ARG A 19 -12.66 -0.21 0.40
CA ARG A 19 -11.67 -0.86 1.27
C ARG A 19 -10.23 -0.52 0.85
N LEU A 20 -10.04 -0.18 -0.43
CA LEU A 20 -8.72 0.19 -0.99
C LEU A 20 -7.72 -0.99 -1.01
N VAL A 21 -8.17 -2.17 -0.58
CA VAL A 21 -7.31 -3.37 -0.53
C VAL A 21 -7.53 -4.29 -1.75
N THR A 22 -6.50 -5.03 -2.14
CA THR A 22 -6.58 -5.97 -3.28
C THR A 22 -5.98 -7.34 -2.90
N ASP A 23 -6.76 -8.41 -2.99
CA ASP A 23 -6.34 -9.73 -2.51
C ASP A 23 -6.29 -10.80 -3.63
N GLU A 24 -5.09 -11.00 -4.20
CA GLU A 24 -4.84 -12.09 -5.14
C GLU A 24 -4.11 -13.26 -4.46
N ALA A 25 -2.99 -12.93 -3.81
CA ALA A 25 -2.21 -13.93 -3.05
C ALA A 25 -3.06 -14.59 -1.95
N GLY A 26 -4.04 -13.85 -1.44
CA GLY A 26 -4.91 -14.37 -0.38
C GLY A 26 -4.19 -14.61 0.94
N LEU A 27 -3.17 -13.80 1.22
CA LEU A 27 -2.42 -13.91 2.47
C LEU A 27 -3.19 -13.25 3.64
N LEU A 28 -4.07 -12.31 3.29
CA LEU A 28 -4.85 -11.57 4.30
C LEU A 28 -6.07 -12.39 4.78
N SER A 29 -6.08 -12.73 6.06
CA SER A 29 -7.24 -13.39 6.67
C SER A 29 -8.40 -12.38 6.80
N ASN A 30 -9.64 -12.88 6.84
CA ASN A 30 -10.83 -12.00 6.84
C ASN A 30 -10.81 -11.04 8.05
N ALA A 31 -10.26 -11.49 9.17
CA ALA A 31 -10.04 -10.62 10.34
C ALA A 31 -9.04 -9.51 10.01
N GLN A 32 -7.93 -9.89 9.38
CA GLN A 32 -6.90 -8.94 8.97
C GLN A 32 -7.44 -7.91 7.98
N GLU A 33 -8.31 -8.34 7.07
CA GLU A 33 -9.00 -7.38 6.19
C GLU A 33 -9.92 -6.45 7.00
N GLU A 34 -10.73 -7.03 7.88
CA GLU A 34 -11.68 -6.24 8.68
C GLU A 34 -10.96 -5.08 9.40
N VAL A 35 -9.72 -5.34 9.81
CA VAL A 35 -8.87 -4.30 10.43
C VAL A 35 -8.19 -3.42 9.38
N MET A 36 -7.50 -4.03 8.40
CA MET A 36 -6.73 -3.27 7.39
C MET A 36 -7.64 -2.45 6.48
N ASN A 37 -8.66 -3.10 5.91
CA ASN A 37 -9.68 -2.42 5.11
C ASN A 37 -10.30 -1.26 5.92
N GLY A 38 -10.57 -1.52 7.19
CA GLY A 38 -11.08 -0.49 8.09
C GLY A 38 -10.10 0.68 8.24
N ARG A 39 -8.82 0.36 8.42
CA ARG A 39 -7.77 1.38 8.52
C ARG A 39 -7.76 2.30 7.28
N LEU A 40 -7.63 1.70 6.10
CA LEU A 40 -7.59 2.46 4.84
C LEU A 40 -8.88 3.25 4.61
N ARG A 41 -10.02 2.60 4.84
CA ARG A 41 -11.32 3.25 4.72
C ARG A 41 -11.45 4.43 5.70
N ALA A 42 -10.94 4.24 6.92
CA ALA A 42 -10.92 5.31 7.93
C ALA A 42 -10.02 6.47 7.50
N ILE A 43 -8.83 6.15 6.99
CA ILE A 43 -7.91 7.17 6.48
C ILE A 43 -8.58 7.99 5.35
N ARG A 44 -9.19 7.29 4.40
CA ARG A 44 -9.92 7.93 3.29
C ARG A 44 -11.10 8.78 3.82
N SER A 45 -11.71 8.34 4.92
CA SER A 45 -12.84 9.07 5.51
C SER A 45 -12.36 10.26 6.38
N SER A 46 -11.16 10.14 6.94
CA SER A 46 -10.62 11.19 7.83
C SER A 46 -9.62 12.10 7.10
N HIS A 47 -8.46 11.55 6.73
CA HIS A 47 -7.39 12.32 6.08
C HIS A 47 -7.59 12.39 4.56
N ALA A 48 -8.53 11.59 4.05
CA ALA A 48 -8.86 11.56 2.61
C ALA A 48 -7.71 11.04 1.75
N VAL A 49 -6.71 10.42 2.38
CA VAL A 49 -5.53 9.90 1.65
C VAL A 49 -5.87 8.64 0.84
N GLU A 50 -5.42 8.61 -0.41
CA GLU A 50 -5.66 7.47 -1.31
C GLU A 50 -4.56 6.40 -1.11
N PHE A 51 -4.86 5.40 -0.28
CA PHE A 51 -3.89 4.36 0.11
C PHE A 51 -4.29 3.00 -0.48
N ALA A 52 -3.58 2.56 -1.52
CA ALA A 52 -3.91 1.31 -2.21
C ALA A 52 -2.96 0.16 -1.82
N VAL A 53 -3.51 -0.91 -1.26
CA VAL A 53 -2.72 -2.10 -0.90
C VAL A 53 -3.05 -3.30 -1.80
N VAL A 54 -2.02 -3.92 -2.37
CA VAL A 54 -2.19 -5.07 -3.28
C VAL A 54 -1.32 -6.26 -2.84
N THR A 55 -1.86 -7.47 -2.96
CA THR A 55 -1.08 -8.69 -2.65
C THR A 55 -1.08 -9.67 -3.84
N LEU A 56 0.11 -10.00 -4.35
CA LEU A 56 0.24 -10.89 -5.52
C LEU A 56 1.16 -12.08 -5.22
N PRO A 57 0.77 -13.30 -5.63
CA PRO A 57 1.59 -14.50 -5.41
C PRO A 57 2.79 -14.61 -6.38
N SER A 58 2.68 -13.98 -7.56
CA SER A 58 3.75 -14.00 -8.55
C SER A 58 3.66 -12.78 -9.48
N ILE A 59 4.80 -12.35 -10.02
CA ILE A 59 4.83 -11.30 -11.05
C ILE A 59 5.59 -11.77 -12.30
N GLY A 60 6.60 -12.62 -12.09
CA GLY A 60 7.35 -13.19 -13.21
C GLY A 60 8.17 -12.16 -13.98
N ASP A 61 7.84 -11.97 -15.25
CA ASP A 61 8.56 -11.02 -16.11
C ASP A 61 8.03 -9.59 -15.94
N ALA A 62 8.25 -9.03 -14.76
CA ALA A 62 7.87 -7.65 -14.44
C ALA A 62 8.67 -7.12 -13.25
N PRO A 63 9.65 -6.21 -13.49
CA PRO A 63 10.48 -5.62 -12.43
C PRO A 63 9.65 -4.92 -11.33
N LEU A 64 10.05 -5.11 -10.07
CA LEU A 64 9.28 -4.64 -8.89
C LEU A 64 8.97 -3.12 -8.95
N GLU A 65 10.00 -2.30 -9.06
CA GLU A 65 9.83 -0.84 -8.99
C GLU A 65 9.23 -0.26 -10.29
N ASP A 66 9.14 -1.08 -11.32
CA ASP A 66 8.41 -0.70 -12.54
C ASP A 66 6.95 -1.14 -12.45
N PHE A 67 6.72 -2.28 -11.79
CA PHE A 67 5.36 -2.78 -11.57
C PHE A 67 4.53 -1.76 -10.77
N THR A 68 5.08 -1.30 -9.65
CA THR A 68 4.43 -0.29 -8.80
C THR A 68 4.07 0.96 -9.60
N LEU A 69 5.00 1.41 -10.45
CA LEU A 69 4.77 2.59 -11.29
C LEU A 69 3.60 2.38 -12.27
N LYS A 70 3.66 1.31 -13.06
CA LYS A 70 2.63 1.02 -14.06
C LYS A 70 1.25 0.79 -13.41
N LEU A 71 1.21 0.08 -12.30
CA LEU A 71 -0.04 -0.17 -11.57
C LEU A 71 -0.62 1.14 -11.01
N ALA A 72 0.24 1.97 -10.43
CA ALA A 72 -0.17 3.27 -9.91
C ALA A 72 -0.59 4.23 -11.04
N ARG A 73 0.05 4.08 -12.21
CA ARG A 73 -0.27 4.89 -13.39
C ARG A 73 -1.74 4.72 -13.82
N GLN A 74 -2.17 3.47 -14.03
CA GLN A 74 -3.55 3.20 -14.43
C GLN A 74 -4.56 3.59 -13.33
N TRP A 75 -4.13 3.50 -12.07
CA TRP A 75 -4.99 3.86 -10.93
C TRP A 75 -4.91 5.36 -10.61
N GLY A 76 -4.25 6.14 -11.47
CA GLY A 76 -4.22 7.59 -11.32
C GLY A 76 -3.19 8.11 -10.31
N VAL A 77 -3.18 7.53 -9.10
CA VAL A 77 -2.29 7.97 -8.03
C VAL A 77 -0.81 8.08 -8.47
N GLY A 78 -0.38 7.19 -9.37
CA GLY A 78 1.00 7.24 -9.86
C GLY A 78 1.10 7.59 -11.34
N ASN A 79 0.00 8.09 -11.90
CA ASN A 79 -0.04 8.50 -13.32
C ASN A 79 1.02 9.58 -13.62
N GLU A 80 1.04 10.60 -12.76
CA GLU A 80 2.06 11.66 -12.83
C GLU A 80 2.28 12.25 -11.43
N LYS A 81 2.42 11.36 -10.43
CA LYS A 81 2.58 11.74 -9.02
C LYS A 81 1.36 12.50 -8.48
N ASN A 82 0.28 11.75 -8.20
CA ASN A 82 -0.92 12.32 -7.57
C ASN A 82 -0.60 12.75 -6.13
N ASN A 83 -0.77 14.05 -5.85
CA ASN A 83 -0.48 14.61 -4.52
C ASN A 83 -0.95 13.71 -3.35
N ASN A 84 -2.16 13.18 -3.44
CA ASN A 84 -2.76 12.45 -2.33
C ASN A 84 -2.76 10.92 -2.57
N GLY A 85 -1.91 10.47 -3.49
CA GLY A 85 -1.88 9.05 -3.85
C GLY A 85 -0.75 8.26 -3.18
N LEU A 86 -1.07 7.03 -2.77
CA LEU A 86 -0.08 6.12 -2.16
C LEU A 86 -0.35 4.67 -2.59
N LEU A 87 0.71 3.94 -2.96
CA LEU A 87 0.58 2.54 -3.37
C LEU A 87 1.51 1.62 -2.57
N LEU A 88 1.01 0.44 -2.21
CA LEU A 88 1.79 -0.58 -1.49
C LEU A 88 1.52 -1.98 -2.07
N VAL A 89 2.48 -2.52 -2.78
CA VAL A 89 2.33 -3.84 -3.43
C VAL A 89 3.23 -4.90 -2.79
N LEU A 90 2.63 -6.00 -2.33
CA LEU A 90 3.38 -7.15 -1.81
C LEU A 90 3.58 -8.22 -2.90
N VAL A 91 4.83 -8.44 -3.28
CA VAL A 91 5.16 -9.48 -4.26
C VAL A 91 5.67 -10.75 -3.57
N LEU A 92 4.76 -11.70 -3.32
CA LEU A 92 5.12 -12.98 -2.69
C LEU A 92 6.15 -13.75 -3.54
N ASP A 93 6.11 -13.51 -4.86
CA ASP A 93 7.09 -14.09 -5.80
C ASP A 93 8.54 -13.81 -5.33
N GLN A 94 8.71 -12.63 -4.73
CA GLN A 94 10.01 -12.20 -4.19
C GLN A 94 9.91 -11.92 -2.68
N ARG A 95 8.75 -12.29 -2.09
CA ARG A 95 8.42 -12.02 -0.67
C ARG A 95 8.94 -10.67 -0.15
N ARG A 96 8.63 -9.60 -0.89
CA ARG A 96 9.00 -8.24 -0.50
C ARG A 96 8.02 -7.21 -1.08
N VAL A 97 8.02 -6.00 -0.52
CA VAL A 97 7.07 -4.95 -0.93
C VAL A 97 7.78 -3.67 -1.38
N ARG A 98 7.00 -2.73 -1.90
CA ARG A 98 7.49 -1.39 -2.23
C ARG A 98 6.40 -0.33 -2.04
N PHE A 99 6.77 0.81 -1.45
CA PHE A 99 5.85 1.96 -1.34
C PHE A 99 5.99 2.90 -2.55
N GLU A 100 4.91 3.60 -2.88
CA GLU A 100 4.91 4.58 -3.97
C GLU A 100 4.15 5.85 -3.56
N THR A 101 4.87 6.96 -3.41
CA THR A 101 4.27 8.23 -2.98
C THR A 101 3.99 9.18 -4.14
N GLY A 102 2.83 9.79 -4.12
CA GLY A 102 2.56 10.89 -5.03
C GLY A 102 3.22 12.18 -4.60
N TYR A 103 3.00 13.23 -5.35
CA TYR A 103 3.68 14.50 -5.14
C TYR A 103 3.37 15.15 -3.78
N GLY A 104 2.30 14.72 -3.13
CA GLY A 104 1.85 15.37 -1.89
C GLY A 104 2.50 14.77 -0.66
N LEU A 105 2.62 13.44 -0.66
CA LEU A 105 3.17 12.72 0.48
C LEU A 105 4.68 12.97 0.67
N GLU A 106 5.29 13.67 -0.27
CA GLU A 106 6.68 14.11 -0.15
C GLU A 106 6.88 14.99 1.10
N GLY A 107 5.78 15.61 1.56
CA GLY A 107 5.81 16.42 2.78
C GLY A 107 5.25 15.69 3.99
N TYR A 108 5.23 14.35 3.94
CA TYR A 108 4.75 13.52 5.07
C TYR A 108 5.61 12.28 5.24
N LEU A 109 5.70 11.48 4.17
CA LEU A 109 6.39 10.18 4.18
C LEU A 109 7.64 10.19 3.30
N PRO A 110 8.82 10.52 3.86
CA PRO A 110 10.10 10.46 3.12
C PRO A 110 10.50 9.02 2.74
N ASP A 111 11.25 8.88 1.64
CA ASP A 111 11.68 7.55 1.17
C ASP A 111 12.43 6.78 2.27
N GLY A 112 13.29 7.48 3.01
CA GLY A 112 13.99 6.86 4.14
C GLY A 112 13.04 6.30 5.20
N LEU A 113 12.04 7.09 5.59
CA LEU A 113 11.01 6.65 6.53
C LEU A 113 10.31 5.38 6.02
N LEU A 114 9.85 5.42 4.77
CA LEU A 114 9.20 4.26 4.14
C LEU A 114 10.15 3.03 4.11
N SER A 115 11.44 3.29 3.90
CA SER A 115 12.44 2.22 3.91
C SER A 115 12.56 1.59 5.31
N ARG A 116 12.53 2.43 6.34
CA ARG A 116 12.55 1.93 7.73
C ARG A 116 11.29 1.11 8.04
N ILE A 117 10.13 1.62 7.63
CA ILE A 117 8.87 0.88 7.81
C ILE A 117 8.98 -0.54 7.23
N ILE A 118 9.49 -0.64 6.01
CA ILE A 118 9.73 -1.94 5.38
C ILE A 118 10.74 -2.78 6.17
N HIS A 119 11.75 -2.14 6.75
CA HIS A 119 12.84 -2.87 7.40
C HIS A 119 12.50 -3.27 8.85
N ASP A 120 11.66 -2.50 9.52
CA ASP A 120 11.28 -2.77 10.92
C ASP A 120 9.89 -3.41 11.03
N ARG A 121 8.91 -2.84 10.35
CA ARG A 121 7.52 -3.30 10.44
C ARG A 121 7.22 -4.46 9.50
N MET A 122 8.10 -4.71 8.52
CA MET A 122 7.85 -5.77 7.52
C MET A 122 8.95 -6.86 7.50
N ILE A 123 10.22 -6.46 7.32
CA ILE A 123 11.33 -7.43 7.18
C ILE A 123 11.30 -8.56 8.23
N PRO A 124 11.25 -8.26 9.55
CA PRO A 124 11.20 -9.30 10.59
C PRO A 124 10.02 -10.27 10.39
N HIS A 125 8.91 -9.75 9.87
CA HIS A 125 7.71 -10.55 9.62
C HIS A 125 7.86 -11.42 8.36
N PHE A 126 8.27 -10.81 7.24
CA PHE A 126 8.46 -11.54 5.98
C PHE A 126 9.44 -12.71 6.14
N ARG A 127 10.54 -12.46 6.84
CA ARG A 127 11.53 -13.51 7.14
C ARG A 127 10.91 -14.63 7.97
N SER A 128 9.94 -14.27 8.80
CA SER A 128 9.20 -15.25 9.63
C SER A 128 7.98 -15.83 8.89
N GLY A 129 7.78 -15.39 7.64
CA GLY A 129 6.63 -15.86 6.86
C GLY A 129 5.37 -15.02 7.10
N ASN A 130 5.43 -14.11 8.08
CA ASN A 130 4.30 -13.25 8.42
C ASN A 130 4.11 -12.13 7.39
N TYR A 131 3.71 -12.47 6.17
CA TYR A 131 3.57 -11.49 5.10
C TYR A 131 2.41 -10.52 5.37
N ALA A 132 1.22 -11.06 5.62
CA ALA A 132 0.05 -10.24 5.95
C ALA A 132 0.27 -9.45 7.25
N GLU A 133 0.84 -10.10 8.25
CA GLU A 133 1.18 -9.44 9.52
C GLU A 133 2.14 -8.26 9.29
N GLY A 134 3.13 -8.46 8.43
CA GLY A 134 4.05 -7.38 8.07
C GLY A 134 3.33 -6.22 7.40
N LEU A 135 2.42 -6.53 6.49
CA LEU A 135 1.59 -5.50 5.83
C LEU A 135 0.77 -4.72 6.87
N SER A 136 0.20 -5.42 7.84
CA SER A 136 -0.59 -4.78 8.91
C SER A 136 0.24 -3.74 9.67
N GLU A 137 1.45 -4.13 10.08
CA GLU A 137 2.36 -3.21 10.78
C GLU A 137 2.74 -2.02 9.89
N GLY A 138 3.05 -2.31 8.62
CA GLY A 138 3.41 -1.26 7.67
C GLY A 138 2.31 -0.22 7.47
N VAL A 139 1.11 -0.68 7.12
CA VAL A 139 -0.06 0.21 6.95
C VAL A 139 -0.33 1.03 8.22
N LEU A 140 -0.33 0.35 9.37
CA LEU A 140 -0.57 1.01 10.66
C LEU A 140 0.52 2.06 10.94
N ALA A 141 1.76 1.75 10.58
CA ALA A 141 2.89 2.67 10.76
C ALA A 141 2.67 3.97 9.95
N VAL A 142 2.36 3.81 8.66
CA VAL A 142 2.04 4.96 7.80
C VAL A 142 0.87 5.76 8.37
N GLN A 143 -0.18 5.05 8.79
CA GLN A 143 -1.35 5.67 9.43
C GLN A 143 -0.93 6.52 10.65
N GLN A 144 -0.02 5.99 11.47
CA GLN A 144 0.49 6.71 12.64
C GLN A 144 1.23 8.01 12.24
N VAL A 145 2.04 7.93 11.17
CA VAL A 145 2.76 9.12 10.67
C VAL A 145 1.77 10.23 10.28
N LEU A 146 0.76 9.89 9.48
CA LEU A 146 -0.29 10.84 9.12
C LEU A 146 -1.00 11.36 10.38
N ASP A 147 -1.31 10.44 11.29
CA ASP A 147 -1.92 10.76 12.58
C ASP A 147 -0.97 11.60 13.47
N GLY A 148 0.31 11.64 13.11
CA GLY A 148 1.28 12.47 13.81
C GLY A 148 1.35 13.90 13.29
N SER A 149 0.52 14.21 12.28
CA SER A 149 0.43 15.57 11.74
C SER A 149 -0.98 16.14 11.93
N LEU A 150 -1.98 15.37 11.48
CA LEU A 150 -3.40 15.72 11.64
C LEU A 150 -3.79 16.98 10.85
N GLU A 151 -2.86 17.50 10.04
CA GLU A 151 -3.10 18.72 9.24
C GLU A 151 -3.39 18.39 7.78
N HIS A 152 -3.81 17.16 7.51
CA HIS A 152 -4.17 16.73 6.16
C HIS A 152 -5.55 16.04 6.13
N HIS A 153 -6.60 16.83 5.94
CA HIS A 153 -7.96 16.28 5.86
C HIS A 153 -8.71 16.83 4.64
N HIS A 154 -8.01 17.55 3.77
CA HIS A 154 -8.61 18.18 2.59
C HIS A 154 -8.17 17.51 1.28
N HIS A 155 -9.14 17.16 0.45
CA HIS A 155 -8.87 16.61 -0.89
C HIS A 155 -9.74 17.35 -1.94
N HIS A 156 -9.13 17.81 -3.02
CA HIS A 156 -9.85 18.62 -4.02
C HIS A 156 -10.19 17.82 -5.29
N HIS A 157 -11.03 18.41 -6.13
CA HIS A 157 -11.37 17.87 -7.45
C HIS A 157 -11.54 19.00 -8.49
N MET A 1 1.59 -22.56 -13.35
CA MET A 1 1.80 -21.09 -13.47
C MET A 1 0.68 -20.31 -12.78
N ARG A 2 0.94 -19.03 -12.48
CA ARG A 2 -0.10 -18.12 -11.98
C ARG A 2 0.40 -16.66 -11.98
N VAL A 3 1.54 -16.42 -12.61
CA VAL A 3 2.14 -15.08 -12.67
C VAL A 3 1.13 -13.99 -13.13
N TYR A 4 0.95 -12.97 -12.31
CA TYR A 4 0.02 -11.87 -12.61
C TYR A 4 0.69 -10.73 -13.38
N LYS A 5 -0.14 -9.77 -13.78
CA LYS A 5 0.33 -8.50 -14.36
C LYS A 5 -0.40 -7.33 -13.70
N PRO A 6 0.21 -6.13 -13.65
CA PRO A 6 -0.46 -4.95 -13.07
C PRO A 6 -1.81 -4.65 -13.75
N GLU A 7 -1.94 -5.00 -15.03
CA GLU A 7 -3.22 -4.86 -15.75
C GLU A 7 -4.16 -6.06 -15.50
N ASP A 8 -3.64 -7.15 -14.92
CA ASP A 8 -4.47 -8.29 -14.50
C ASP A 8 -5.11 -8.03 -13.12
N VAL A 9 -4.46 -7.21 -12.31
CA VAL A 9 -4.96 -6.88 -10.96
C VAL A 9 -6.33 -6.18 -11.02
N PRO A 10 -7.33 -6.67 -10.24
CA PRO A 10 -8.67 -6.07 -10.18
C PRO A 10 -8.66 -4.55 -9.90
N ASN A 11 -9.33 -3.78 -10.75
CA ASN A 11 -9.37 -2.32 -10.61
C ASN A 11 -10.26 -1.91 -9.41
N VAL A 12 -9.76 -2.11 -8.21
CA VAL A 12 -10.52 -1.78 -6.99
C VAL A 12 -10.72 -0.26 -6.82
N GLN A 13 -9.70 0.53 -7.15
CA GLN A 13 -9.81 1.99 -7.07
C GLN A 13 -10.69 2.53 -8.20
N LEU A 14 -12.00 2.33 -8.03
CA LEU A 14 -13.01 2.68 -9.02
C LEU A 14 -14.39 2.23 -8.49
N ALA A 15 -14.48 0.94 -8.18
CA ALA A 15 -15.67 0.36 -7.54
C ALA A 15 -15.48 0.25 -6.03
N ASP A 16 -14.33 -0.29 -5.62
CA ASP A 16 -13.99 -0.48 -4.21
C ASP A 16 -13.12 0.68 -3.66
N SER A 17 -13.55 1.91 -3.92
CA SER A 17 -12.84 3.10 -3.42
C SER A 17 -12.91 3.21 -1.89
N THR A 18 -13.81 2.43 -1.28
CA THR A 18 -13.91 2.36 0.19
C THR A 18 -13.16 1.15 0.76
N ARG A 19 -12.60 0.32 -0.13
CA ARG A 19 -11.83 -0.86 0.28
C ARG A 19 -10.32 -0.63 0.08
N LEU A 20 -9.94 -0.29 -1.15
CA LEU A 20 -8.54 0.05 -1.52
C LEU A 20 -7.58 -1.16 -1.47
N VAL A 21 -8.02 -2.26 -0.87
CA VAL A 21 -7.21 -3.48 -0.77
C VAL A 21 -7.48 -4.46 -1.92
N THR A 22 -6.45 -5.22 -2.31
CA THR A 22 -6.58 -6.27 -3.31
C THR A 22 -5.68 -7.47 -2.96
N ASP A 23 -6.28 -8.53 -2.42
CA ASP A 23 -5.52 -9.71 -2.01
C ASP A 23 -5.73 -10.87 -2.99
N GLU A 24 -4.84 -10.97 -3.97
CA GLU A 24 -4.90 -12.05 -4.97
C GLU A 24 -4.01 -13.23 -4.55
N ALA A 25 -2.87 -12.92 -3.94
CA ALA A 25 -1.95 -13.94 -3.42
C ALA A 25 -2.63 -14.85 -2.39
N GLY A 26 -3.56 -14.30 -1.61
CA GLY A 26 -4.19 -15.07 -0.55
C GLY A 26 -3.32 -15.14 0.71
N LEU A 27 -2.79 -13.99 1.12
CA LEU A 27 -1.89 -13.91 2.28
C LEU A 27 -2.53 -13.11 3.43
N LEU A 28 -3.34 -12.11 3.07
CA LEU A 28 -4.04 -11.29 4.08
C LEU A 28 -5.21 -12.08 4.68
N SER A 29 -5.04 -12.52 5.93
CA SER A 29 -6.12 -13.23 6.66
C SER A 29 -7.43 -12.44 6.63
N ASN A 30 -8.56 -13.14 6.57
CA ASN A 30 -9.89 -12.50 6.45
C ASN A 30 -10.09 -11.39 7.49
N ALA A 31 -9.46 -11.53 8.65
CA ALA A 31 -9.49 -10.48 9.68
C ALA A 31 -8.60 -9.29 9.28
N GLN A 32 -7.34 -9.56 8.92
CA GLN A 32 -6.39 -8.51 8.53
C GLN A 32 -6.87 -7.72 7.30
N GLU A 33 -7.42 -8.44 6.32
CA GLU A 33 -7.97 -7.85 5.09
C GLU A 33 -9.10 -6.87 5.47
N GLU A 34 -10.08 -7.39 6.22
CA GLU A 34 -11.20 -6.59 6.71
C GLU A 34 -10.74 -5.33 7.47
N VAL A 35 -9.85 -5.52 8.44
CA VAL A 35 -9.30 -4.42 9.24
C VAL A 35 -8.56 -3.39 8.37
N MET A 36 -7.78 -3.88 7.40
CA MET A 36 -7.02 -3.01 6.50
C MET A 36 -7.95 -2.10 5.69
N ASN A 37 -9.05 -2.68 5.19
CA ASN A 37 -10.09 -1.91 4.48
C ASN A 37 -10.58 -0.72 5.32
N GLY A 38 -10.96 -1.00 6.57
CA GLY A 38 -11.43 0.05 7.47
C GLY A 38 -10.37 1.13 7.72
N ARG A 39 -9.11 0.72 7.83
CA ARG A 39 -8.01 1.67 8.03
C ARG A 39 -7.84 2.61 6.82
N LEU A 40 -7.67 2.01 5.64
CA LEU A 40 -7.46 2.79 4.40
C LEU A 40 -8.63 3.75 4.13
N ARG A 41 -9.85 3.24 4.30
CA ARG A 41 -11.06 4.05 4.14
C ARG A 41 -11.04 5.27 5.08
N ALA A 42 -10.68 5.02 6.35
CA ALA A 42 -10.59 6.09 7.35
C ALA A 42 -9.53 7.13 6.97
N ILE A 43 -8.35 6.66 6.57
CA ILE A 43 -7.25 7.55 6.16
C ILE A 43 -7.68 8.48 5.02
N ARG A 44 -8.32 7.90 4.00
CA ARG A 44 -8.81 8.68 2.85
C ARG A 44 -9.88 9.69 3.29
N SER A 45 -10.67 9.32 4.29
CA SER A 45 -11.78 10.14 4.76
C SER A 45 -11.35 11.11 5.87
N SER A 46 -10.08 11.04 6.28
CA SER A 46 -9.55 11.92 7.35
C SER A 46 -8.35 12.74 6.84
N HIS A 47 -7.28 12.06 6.45
CA HIS A 47 -6.08 12.72 5.94
C HIS A 47 -6.12 12.88 4.40
N ALA A 48 -7.18 12.36 3.79
CA ALA A 48 -7.39 12.47 2.33
C ALA A 48 -6.34 11.69 1.52
N VAL A 49 -5.57 10.85 2.20
CA VAL A 49 -4.53 10.06 1.55
C VAL A 49 -5.09 8.80 0.86
N GLU A 50 -4.95 8.74 -0.46
CA GLU A 50 -5.38 7.56 -1.21
C GLU A 50 -4.35 6.43 -1.08
N PHE A 51 -4.63 5.51 -0.15
CA PHE A 51 -3.68 4.46 0.24
C PHE A 51 -4.21 3.08 -0.18
N ALA A 52 -3.60 2.49 -1.22
CA ALA A 52 -4.06 1.19 -1.74
C ALA A 52 -3.03 0.07 -1.49
N VAL A 53 -3.52 -1.14 -1.23
CA VAL A 53 -2.64 -2.29 -0.94
C VAL A 53 -2.97 -3.49 -1.85
N VAL A 54 -1.95 -4.04 -2.51
CA VAL A 54 -2.13 -5.18 -3.43
C VAL A 54 -1.14 -6.33 -3.13
N THR A 55 -1.62 -7.56 -3.10
CA THR A 55 -0.76 -8.74 -2.86
C THR A 55 -0.82 -9.73 -4.04
N LEU A 56 0.34 -10.08 -4.59
CA LEU A 56 0.43 -11.06 -5.67
C LEU A 56 1.44 -12.17 -5.34
N PRO A 57 1.18 -13.42 -5.78
CA PRO A 57 2.10 -14.55 -5.53
C PRO A 57 3.39 -14.47 -6.37
N SER A 58 3.25 -14.17 -7.67
CA SER A 58 4.39 -14.14 -8.59
C SER A 58 4.18 -13.10 -9.72
N ILE A 59 5.23 -12.36 -10.04
CA ILE A 59 5.17 -11.35 -11.11
C ILE A 59 6.18 -11.66 -12.23
N GLY A 60 6.78 -12.85 -12.16
CA GLY A 60 7.77 -13.26 -13.15
C GLY A 60 9.05 -12.43 -13.09
N ASP A 61 9.56 -12.03 -14.25
CA ASP A 61 10.78 -11.22 -14.33
C ASP A 61 10.45 -9.72 -14.34
N ALA A 62 9.18 -9.38 -14.12
CA ALA A 62 8.72 -7.99 -14.13
C ALA A 62 9.29 -7.18 -12.95
N PRO A 63 9.76 -5.95 -13.21
CA PRO A 63 10.26 -5.05 -12.15
C PRO A 63 9.14 -4.55 -11.22
N LEU A 64 9.37 -4.62 -9.92
CA LEU A 64 8.37 -4.19 -8.92
C LEU A 64 8.05 -2.69 -9.04
N GLU A 65 9.06 -1.89 -9.40
CA GLU A 65 8.88 -0.44 -9.57
C GLU A 65 8.10 -0.11 -10.86
N ASP A 66 8.46 -0.79 -11.95
CA ASP A 66 7.70 -0.67 -13.21
C ASP A 66 6.25 -1.14 -13.00
N PHE A 67 6.09 -2.18 -12.19
CA PHE A 67 4.78 -2.70 -11.82
C PHE A 67 3.92 -1.63 -11.13
N THR A 68 4.42 -1.12 -10.00
CA THR A 68 3.72 -0.08 -9.23
C THR A 68 3.38 1.14 -10.08
N LEU A 69 4.33 1.55 -10.92
CA LEU A 69 4.10 2.69 -11.82
C LEU A 69 2.86 2.49 -12.72
N LYS A 70 2.79 1.35 -13.41
CA LYS A 70 1.64 1.05 -14.27
C LYS A 70 0.34 0.91 -13.46
N LEU A 71 0.40 0.16 -12.38
CA LEU A 71 -0.77 -0.07 -11.53
C LEU A 71 -1.32 1.25 -10.96
N ALA A 72 -0.41 2.11 -10.51
CA ALA A 72 -0.78 3.41 -9.92
C ALA A 72 -1.43 4.33 -10.96
N ARG A 73 -0.84 4.43 -12.15
CA ARG A 73 -1.37 5.31 -13.21
C ARG A 73 -2.65 4.71 -13.84
N GLN A 74 -2.78 3.38 -13.76
CA GLN A 74 -3.98 2.69 -14.23
C GLN A 74 -5.20 3.06 -13.36
N TRP A 75 -4.99 3.15 -12.05
CA TRP A 75 -6.05 3.53 -11.11
C TRP A 75 -6.06 5.06 -10.84
N GLY A 76 -4.97 5.73 -11.19
CA GLY A 76 -4.86 7.17 -10.98
C GLY A 76 -4.69 7.57 -9.51
N VAL A 77 -3.82 6.87 -8.80
CA VAL A 77 -3.60 7.11 -7.37
C VAL A 77 -2.25 7.80 -7.11
N GLY A 78 -1.16 7.04 -7.17
CA GLY A 78 0.17 7.58 -6.96
C GLY A 78 1.09 7.35 -8.15
N ASN A 79 0.84 8.07 -9.24
CA ASN A 79 1.60 7.92 -10.49
C ASN A 79 3.02 8.53 -10.39
N GLU A 80 3.74 8.24 -9.30
CA GLU A 80 5.13 8.71 -9.13
C GLU A 80 5.24 10.23 -8.88
N LYS A 81 4.28 11.03 -9.37
CA LYS A 81 4.29 12.49 -9.17
C LYS A 81 2.88 13.08 -9.00
N ASN A 82 1.96 12.31 -8.41
CA ASN A 82 0.58 12.77 -8.17
C ASN A 82 0.46 13.71 -6.94
N ASN A 83 -0.01 13.16 -5.83
CA ASN A 83 -0.32 13.93 -4.62
C ASN A 83 -0.23 13.04 -3.37
N ASN A 84 -0.99 13.34 -2.33
CA ASN A 84 -1.02 12.49 -1.13
C ASN A 84 -1.69 11.12 -1.43
N GLY A 85 -0.92 10.25 -2.06
CA GLY A 85 -1.38 8.90 -2.37
C GLY A 85 -0.26 7.88 -2.23
N LEU A 86 -0.59 6.68 -1.74
CA LEU A 86 0.43 5.68 -1.43
C LEU A 86 0.00 4.28 -1.90
N LEU A 87 0.83 3.65 -2.73
CA LEU A 87 0.56 2.29 -3.22
C LEU A 87 1.52 1.26 -2.58
N LEU A 88 0.97 0.26 -1.91
CA LEU A 88 1.77 -0.81 -1.30
C LEU A 88 1.51 -2.17 -1.97
N VAL A 89 2.52 -2.68 -2.66
CA VAL A 89 2.40 -3.99 -3.34
C VAL A 89 3.37 -5.03 -2.74
N LEU A 90 2.83 -6.19 -2.37
CA LEU A 90 3.63 -7.31 -1.86
C LEU A 90 3.78 -8.42 -2.92
N VAL A 91 5.02 -8.74 -3.28
CA VAL A 91 5.29 -9.85 -4.20
C VAL A 91 5.81 -11.08 -3.44
N LEU A 92 4.95 -12.07 -3.27
CA LEU A 92 5.28 -13.29 -2.50
C LEU A 92 6.51 -14.03 -3.06
N ASP A 93 6.66 -14.05 -4.38
CA ASP A 93 7.79 -14.74 -5.04
C ASP A 93 9.15 -14.32 -4.42
N GLN A 94 9.44 -13.02 -4.43
CA GLN A 94 10.64 -12.49 -3.76
C GLN A 94 10.31 -11.92 -2.36
N ARG A 95 9.07 -12.17 -1.92
CA ARG A 95 8.54 -11.70 -0.62
C ARG A 95 9.05 -10.30 -0.21
N ARG A 96 9.01 -9.36 -1.15
CA ARG A 96 9.36 -7.96 -0.85
C ARG A 96 8.23 -7.01 -1.28
N VAL A 97 8.17 -5.85 -0.63
CA VAL A 97 7.11 -4.87 -0.88
C VAL A 97 7.67 -3.51 -1.32
N ARG A 98 6.78 -2.61 -1.74
CA ARG A 98 7.17 -1.25 -2.09
C ARG A 98 6.04 -0.23 -1.80
N PHE A 99 6.37 0.84 -1.08
CA PHE A 99 5.46 1.97 -0.90
C PHE A 99 5.73 3.03 -1.98
N GLU A 100 4.73 3.33 -2.79
CA GLU A 100 4.89 4.30 -3.89
C GLU A 100 4.21 5.65 -3.54
N THR A 101 5.01 6.69 -3.36
CA THR A 101 4.49 8.04 -3.09
C THR A 101 4.40 8.88 -4.37
N GLY A 102 3.27 9.54 -4.57
CA GLY A 102 3.12 10.48 -5.68
C GLY A 102 3.88 11.78 -5.45
N TYR A 103 3.48 12.53 -4.42
CA TYR A 103 4.10 13.82 -4.12
C TYR A 103 3.67 14.36 -2.75
N GLY A 104 2.36 14.44 -2.53
CA GLY A 104 1.81 15.05 -1.30
C GLY A 104 2.35 14.45 -0.01
N LEU A 105 2.69 13.17 -0.01
CA LEU A 105 3.13 12.48 1.19
C LEU A 105 4.60 12.78 1.53
N GLU A 106 5.35 13.40 0.61
CA GLU A 106 6.75 13.76 0.86
C GLU A 106 6.88 14.65 2.11
N GLY A 107 5.86 15.48 2.36
CA GLY A 107 5.83 16.28 3.57
C GLY A 107 5.56 15.47 4.84
N TYR A 108 4.90 14.32 4.69
CA TYR A 108 4.58 13.45 5.83
C TYR A 108 5.56 12.25 5.90
N LEU A 109 5.44 11.35 4.91
CA LEU A 109 6.32 10.18 4.84
C LEU A 109 7.13 10.16 3.53
N PRO A 110 8.36 10.70 3.53
CA PRO A 110 9.26 10.61 2.37
C PRO A 110 9.70 9.16 2.11
N ASP A 111 10.11 8.85 0.89
CA ASP A 111 10.52 7.49 0.51
C ASP A 111 11.50 6.87 1.52
N GLY A 112 12.37 7.69 2.11
CA GLY A 112 13.27 7.22 3.15
C GLY A 112 12.55 6.67 4.38
N LEU A 113 11.54 7.40 4.85
CA LEU A 113 10.72 6.97 5.99
C LEU A 113 9.94 5.69 5.65
N LEU A 114 9.51 5.58 4.40
CA LEU A 114 8.84 4.36 3.92
C LEU A 114 9.76 3.14 4.06
N SER A 115 11.02 3.30 3.64
CA SER A 115 12.03 2.24 3.79
C SER A 115 12.29 1.93 5.28
N ARG A 116 12.26 2.96 6.11
CA ARG A 116 12.35 2.83 7.57
C ARG A 116 11.26 1.86 8.10
N ILE A 117 10.03 2.05 7.63
CA ILE A 117 8.91 1.19 8.01
C ILE A 117 9.12 -0.26 7.50
N ILE A 118 9.38 -0.39 6.20
CA ILE A 118 9.56 -1.70 5.57
C ILE A 118 10.67 -2.53 6.25
N HIS A 119 11.86 -1.96 6.33
CA HIS A 119 13.04 -2.73 6.74
C HIS A 119 13.02 -3.10 8.24
N ASP A 120 12.41 -2.26 9.06
CA ASP A 120 12.42 -2.47 10.51
C ASP A 120 11.27 -3.36 10.98
N ARG A 121 10.06 -3.11 10.48
CA ARG A 121 8.86 -3.85 10.93
C ARG A 121 8.48 -4.99 9.97
N MET A 122 8.49 -4.74 8.66
CA MET A 122 8.06 -5.75 7.69
C MET A 122 9.06 -6.91 7.51
N ILE A 123 10.34 -6.58 7.33
CA ILE A 123 11.38 -7.59 7.10
C ILE A 123 11.35 -8.74 8.13
N PRO A 124 11.43 -8.46 9.45
CA PRO A 124 11.41 -9.52 10.48
C PRO A 124 10.15 -10.41 10.39
N HIS A 125 9.00 -9.80 10.07
CA HIS A 125 7.75 -10.55 9.91
C HIS A 125 7.81 -11.48 8.69
N PHE A 126 8.22 -10.93 7.53
CA PHE A 126 8.34 -11.74 6.31
C PHE A 126 9.34 -12.90 6.50
N ARG A 127 10.40 -12.66 7.27
CA ARG A 127 11.35 -13.72 7.62
C ARG A 127 10.73 -14.79 8.54
N SER A 128 9.86 -14.35 9.43
CA SER A 128 9.13 -15.26 10.34
C SER A 128 7.98 -15.97 9.62
N GLY A 129 7.50 -15.38 8.53
CA GLY A 129 6.36 -15.93 7.79
C GLY A 129 5.09 -15.10 7.96
N ASN A 130 5.18 -14.02 8.73
CA ASN A 130 4.03 -13.13 8.97
C ASN A 130 3.82 -12.13 7.82
N TYR A 131 3.31 -12.61 6.69
CA TYR A 131 3.03 -11.73 5.55
C TYR A 131 1.83 -10.81 5.83
N ALA A 132 0.77 -11.38 6.40
CA ALA A 132 -0.41 -10.61 6.79
C ALA A 132 -0.07 -9.58 7.89
N GLU A 133 0.66 -10.03 8.91
CA GLU A 133 1.05 -9.17 10.04
C GLU A 133 1.95 -8.01 9.57
N GLY A 134 2.98 -8.34 8.78
CA GLY A 134 3.90 -7.32 8.27
C GLY A 134 3.19 -6.21 7.51
N LEU A 135 2.34 -6.58 6.54
CA LEU A 135 1.55 -5.60 5.80
C LEU A 135 0.59 -4.83 6.72
N SER A 136 -0.07 -5.56 7.63
CA SER A 136 -1.07 -4.97 8.53
C SER A 136 -0.48 -3.83 9.37
N GLU A 137 0.56 -4.12 10.14
CA GLU A 137 1.18 -3.09 10.98
C GLU A 137 2.07 -2.14 10.17
N GLY A 138 2.48 -2.56 8.97
CA GLY A 138 3.15 -1.64 8.06
C GLY A 138 2.24 -0.49 7.62
N VAL A 139 1.04 -0.85 7.17
CA VAL A 139 -0.01 0.13 6.86
C VAL A 139 -0.36 0.96 8.10
N LEU A 140 -0.52 0.28 9.23
CA LEU A 140 -0.80 0.94 10.51
C LEU A 140 0.32 1.92 10.88
N ALA A 141 1.56 1.55 10.59
CA ALA A 141 2.72 2.41 10.87
C ALA A 141 2.61 3.74 10.11
N VAL A 142 2.24 3.66 8.83
CA VAL A 142 1.99 4.86 8.02
C VAL A 142 0.87 5.71 8.63
N GLN A 143 -0.26 5.07 8.90
CA GLN A 143 -1.42 5.74 9.55
C GLN A 143 -1.01 6.44 10.86
N GLN A 144 -0.19 5.76 11.68
CA GLN A 144 0.28 6.32 12.95
C GLN A 144 1.08 7.62 12.74
N VAL A 145 1.87 7.67 11.67
CA VAL A 145 2.65 8.88 11.34
C VAL A 145 1.73 10.06 11.01
N LEU A 146 0.60 9.77 10.37
CA LEU A 146 -0.36 10.81 9.98
C LEU A 146 -1.03 11.45 11.20
N ASP A 147 -1.69 10.64 12.03
CA ASP A 147 -2.33 11.14 13.26
C ASP A 147 -1.28 11.64 14.28
N GLY A 148 -0.12 10.98 14.29
CA GLY A 148 0.95 11.36 15.21
C GLY A 148 1.55 12.74 14.90
N SER A 149 1.83 13.02 13.63
CA SER A 149 2.40 14.32 13.23
C SER A 149 1.36 15.44 13.32
N LEU A 150 0.10 15.10 13.08
CA LEU A 150 -0.99 16.08 13.12
C LEU A 150 -1.66 16.12 14.50
N GLU A 151 -0.86 16.04 15.56
CA GLU A 151 -1.38 16.11 16.94
C GLU A 151 -1.61 17.57 17.39
N HIS A 152 -1.69 18.48 16.42
CA HIS A 152 -1.93 19.90 16.72
C HIS A 152 -3.21 20.08 17.56
N HIS A 153 -3.07 20.76 18.70
CA HIS A 153 -4.14 20.92 19.72
C HIS A 153 -4.86 19.59 20.06
N HIS A 154 -4.09 18.50 20.20
CA HIS A 154 -4.65 17.22 20.64
C HIS A 154 -5.03 17.27 22.14
N HIS A 155 -6.12 17.96 22.44
CA HIS A 155 -6.52 18.22 23.82
C HIS A 155 -7.48 17.14 24.34
N HIS A 156 -6.94 16.11 25.00
CA HIS A 156 -7.74 15.04 25.58
C HIS A 156 -7.91 15.24 27.09
N HIS A 157 -7.17 16.19 27.66
CA HIS A 157 -7.30 16.55 29.08
C HIS A 157 -7.37 18.09 29.26
N MET A 1 4.21 -21.20 -10.51
CA MET A 1 4.58 -19.80 -10.89
C MET A 1 3.52 -19.18 -11.82
N ARG A 2 2.86 -18.13 -11.34
CA ARG A 2 1.91 -17.36 -12.17
C ARG A 2 2.28 -15.86 -12.15
N VAL A 3 2.52 -15.29 -13.32
CA VAL A 3 2.99 -13.90 -13.43
C VAL A 3 1.83 -12.89 -13.49
N TYR A 4 1.86 -11.90 -12.59
CA TYR A 4 0.89 -10.81 -12.58
C TYR A 4 1.52 -9.47 -12.97
N LYS A 5 0.93 -8.81 -13.96
CA LYS A 5 1.30 -7.44 -14.32
C LYS A 5 0.22 -6.44 -13.84
N PRO A 6 0.51 -5.12 -13.77
CA PRO A 6 -0.44 -4.13 -13.25
C PRO A 6 -1.85 -4.19 -13.88
N GLU A 7 -1.93 -4.64 -15.14
CA GLU A 7 -3.23 -4.75 -15.82
C GLU A 7 -3.96 -6.07 -15.48
N ASP A 8 -3.24 -7.06 -14.95
CA ASP A 8 -3.86 -8.28 -14.45
C ASP A 8 -4.58 -8.02 -13.12
N VAL A 9 -4.00 -7.13 -12.31
CA VAL A 9 -4.56 -6.75 -11.00
C VAL A 9 -5.93 -6.05 -11.17
N PRO A 10 -6.98 -6.52 -10.48
CA PRO A 10 -8.32 -5.91 -10.55
C PRO A 10 -8.37 -4.49 -9.97
N ASN A 11 -8.99 -3.56 -10.69
CA ASN A 11 -9.10 -2.17 -10.25
C ASN A 11 -10.15 -2.03 -9.14
N VAL A 12 -9.76 -2.42 -7.93
CA VAL A 12 -10.71 -2.47 -6.79
C VAL A 12 -11.32 -1.10 -6.46
N GLN A 13 -10.58 -0.02 -6.70
CA GLN A 13 -11.05 1.34 -6.39
C GLN A 13 -12.30 1.72 -7.21
N LEU A 14 -12.66 0.89 -8.18
CA LEU A 14 -13.88 1.09 -8.97
C LEU A 14 -15.11 0.69 -8.16
N ALA A 15 -15.01 -0.43 -7.45
CA ALA A 15 -16.13 -0.99 -6.70
C ALA A 15 -16.06 -0.69 -5.20
N ASP A 16 -14.91 -0.99 -4.58
CA ASP A 16 -14.76 -0.87 -3.13
C ASP A 16 -13.75 0.21 -2.71
N SER A 17 -14.21 1.45 -2.59
CA SER A 17 -13.39 2.55 -2.05
C SER A 17 -13.34 2.48 -0.52
N THR A 18 -14.14 1.57 0.04
CA THR A 18 -14.14 1.30 1.49
C THR A 18 -13.18 0.17 1.85
N ARG A 19 -12.53 -0.40 0.83
CA ARG A 19 -11.67 -1.58 1.00
C ARG A 19 -10.19 -1.23 0.74
N LEU A 20 -9.88 -0.82 -0.50
CA LEU A 20 -8.51 -0.46 -0.91
C LEU A 20 -7.54 -1.66 -0.87
N VAL A 21 -8.05 -2.83 -0.48
CA VAL A 21 -7.23 -4.05 -0.39
C VAL A 21 -7.49 -5.00 -1.57
N THR A 22 -6.41 -5.45 -2.20
CA THR A 22 -6.48 -6.37 -3.34
C THR A 22 -5.61 -7.61 -3.07
N ASP A 23 -6.24 -8.77 -2.91
CA ASP A 23 -5.51 -9.98 -2.50
C ASP A 23 -5.58 -11.09 -3.57
N GLU A 24 -4.51 -11.23 -4.35
CA GLU A 24 -4.38 -12.34 -5.30
C GLU A 24 -3.51 -13.47 -4.73
N ALA A 25 -2.47 -13.09 -4.00
CA ALA A 25 -1.56 -14.06 -3.37
C ALA A 25 -2.29 -15.04 -2.44
N GLY A 26 -3.37 -14.59 -1.80
CA GLY A 26 -4.09 -15.43 -0.86
C GLY A 26 -3.50 -15.37 0.55
N LEU A 27 -3.09 -14.16 0.95
CA LEU A 27 -2.44 -13.95 2.25
C LEU A 27 -3.39 -13.23 3.23
N LEU A 28 -4.16 -12.28 2.71
CA LEU A 28 -5.09 -11.51 3.53
C LEU A 28 -6.48 -12.17 3.59
N SER A 29 -6.73 -12.91 4.67
CA SER A 29 -8.05 -13.56 4.87
C SER A 29 -9.13 -12.54 5.22
N ASN A 30 -10.40 -12.98 5.29
CA ASN A 30 -11.54 -12.10 5.54
C ASN A 30 -11.32 -11.18 6.76
N ALA A 31 -10.86 -11.76 7.86
CA ALA A 31 -10.59 -10.98 9.08
C ALA A 31 -9.44 -9.99 8.88
N GLN A 32 -8.34 -10.47 8.29
CA GLN A 32 -7.19 -9.63 7.98
C GLN A 32 -7.58 -8.43 7.12
N GLU A 33 -8.42 -8.68 6.10
CA GLU A 33 -8.93 -7.60 5.24
C GLU A 33 -9.73 -6.59 6.05
N GLU A 34 -10.74 -7.04 6.78
CA GLU A 34 -11.64 -6.13 7.53
C GLU A 34 -10.84 -5.16 8.43
N VAL A 35 -9.78 -5.66 9.05
CA VAL A 35 -8.91 -4.84 9.90
C VAL A 35 -8.13 -3.80 9.08
N MET A 36 -7.60 -4.22 7.93
CA MET A 36 -6.84 -3.31 7.06
C MET A 36 -7.78 -2.32 6.34
N ASN A 37 -8.88 -2.83 5.79
CA ASN A 37 -9.92 -2.00 5.17
C ASN A 37 -10.36 -0.87 6.11
N GLY A 38 -10.52 -1.20 7.39
CA GLY A 38 -10.93 -0.21 8.39
C GLY A 38 -9.93 0.95 8.53
N ARG A 39 -8.64 0.63 8.64
CA ARG A 39 -7.61 1.66 8.82
C ARG A 39 -7.33 2.44 7.53
N LEU A 40 -7.42 1.77 6.37
CA LEU A 40 -7.29 2.45 5.08
C LEU A 40 -8.50 3.36 4.84
N ARG A 41 -9.68 2.85 5.19
CA ARG A 41 -10.93 3.63 5.17
C ARG A 41 -10.82 4.86 6.08
N ALA A 42 -10.17 4.66 7.23
CA ALA A 42 -9.91 5.76 8.18
C ALA A 42 -9.05 6.85 7.55
N ILE A 43 -7.97 6.45 6.88
CA ILE A 43 -7.07 7.37 6.19
C ILE A 43 -7.82 8.20 5.12
N ARG A 44 -8.55 7.51 4.24
CA ARG A 44 -9.31 8.21 3.18
C ARG A 44 -10.44 9.07 3.78
N SER A 45 -11.03 8.62 4.88
CA SER A 45 -12.11 9.36 5.55
C SER A 45 -11.56 10.55 6.35
N SER A 46 -10.29 10.47 6.74
CA SER A 46 -9.66 11.55 7.52
C SER A 46 -8.80 12.46 6.62
N HIS A 47 -7.67 11.93 6.14
CA HIS A 47 -6.72 12.72 5.34
C HIS A 47 -7.06 12.72 3.84
N ALA A 48 -8.07 11.94 3.45
CA ALA A 48 -8.53 11.86 2.05
C ALA A 48 -7.47 11.22 1.13
N VAL A 49 -6.54 10.48 1.70
CA VAL A 49 -5.48 9.80 0.94
C VAL A 49 -5.90 8.38 0.53
N GLU A 50 -5.67 8.02 -0.73
CA GLU A 50 -5.95 6.66 -1.21
C GLU A 50 -4.73 5.76 -0.98
N PHE A 51 -4.76 5.01 0.11
CA PHE A 51 -3.68 4.08 0.46
C PHE A 51 -4.12 2.64 0.15
N ALA A 52 -3.71 2.11 -1.00
CA ALA A 52 -4.15 0.79 -1.45
C ALA A 52 -3.06 -0.27 -1.25
N VAL A 53 -3.48 -1.49 -0.86
CA VAL A 53 -2.55 -2.61 -0.63
C VAL A 53 -2.87 -3.78 -1.57
N VAL A 54 -1.89 -4.23 -2.35
CA VAL A 54 -2.07 -5.34 -3.30
C VAL A 54 -1.08 -6.49 -3.00
N THR A 55 -1.57 -7.73 -3.03
CA THR A 55 -0.71 -8.91 -2.79
C THR A 55 -0.73 -9.87 -4.00
N LEU A 56 0.44 -10.17 -4.53
CA LEU A 56 0.56 -11.06 -5.71
C LEU A 56 1.49 -12.25 -5.44
N PRO A 57 1.18 -13.43 -6.02
CA PRO A 57 2.03 -14.62 -5.92
C PRO A 57 3.42 -14.40 -6.57
N SER A 58 3.41 -14.04 -7.85
CA SER A 58 4.66 -13.82 -8.60
C SER A 58 4.48 -12.77 -9.71
N ILE A 59 5.55 -12.02 -10.02
CA ILE A 59 5.50 -11.01 -11.09
C ILE A 59 6.51 -11.33 -12.21
N GLY A 60 7.33 -12.35 -11.99
CA GLY A 60 8.26 -12.81 -13.03
C GLY A 60 9.34 -11.80 -13.39
N ASP A 61 9.32 -11.33 -14.64
CA ASP A 61 10.29 -10.35 -15.13
C ASP A 61 9.87 -8.91 -14.79
N ALA A 62 8.63 -8.74 -14.37
CA ALA A 62 8.11 -7.42 -14.01
C ALA A 62 8.83 -6.86 -12.76
N PRO A 63 9.40 -5.65 -12.87
CA PRO A 63 10.04 -4.98 -11.72
C PRO A 63 9.02 -4.30 -10.79
N LEU A 64 9.16 -4.54 -9.49
CA LEU A 64 8.20 -4.03 -8.49
C LEU A 64 8.12 -2.49 -8.50
N GLU A 65 9.27 -1.82 -8.61
CA GLU A 65 9.33 -0.36 -8.59
C GLU A 65 8.51 0.26 -9.74
N ASP A 66 8.65 -0.31 -10.94
CA ASP A 66 7.87 0.14 -12.08
C ASP A 66 6.42 -0.35 -11.98
N PHE A 67 6.23 -1.53 -11.40
CA PHE A 67 4.90 -2.11 -11.19
C PHE A 67 3.99 -1.14 -10.40
N THR A 68 4.46 -0.74 -9.20
CA THR A 68 3.69 0.16 -8.33
C THR A 68 3.29 1.44 -9.06
N LEU A 69 4.23 2.05 -9.77
CA LEU A 69 3.97 3.26 -10.55
C LEU A 69 2.87 3.02 -11.60
N LYS A 70 3.06 2.01 -12.44
CA LYS A 70 2.11 1.70 -13.53
C LYS A 70 0.69 1.40 -12.98
N LEU A 71 0.61 0.60 -11.92
CA LEU A 71 -0.68 0.26 -11.29
C LEU A 71 -1.37 1.53 -10.75
N ALA A 72 -0.61 2.37 -10.06
CA ALA A 72 -1.14 3.63 -9.53
C ALA A 72 -1.61 4.57 -10.66
N ARG A 73 -0.89 4.56 -11.78
CA ARG A 73 -1.24 5.39 -12.94
C ARG A 73 -2.64 5.03 -13.50
N GLN A 74 -2.84 3.75 -13.81
CA GLN A 74 -4.13 3.29 -14.35
C GLN A 74 -5.28 3.46 -13.34
N TRP A 75 -4.99 3.30 -12.06
CA TRP A 75 -5.99 3.49 -11.00
C TRP A 75 -6.30 4.98 -10.76
N GLY A 76 -5.58 5.85 -11.45
CA GLY A 76 -5.80 7.30 -11.33
C GLY A 76 -5.19 7.90 -10.06
N VAL A 77 -4.56 7.06 -9.24
CA VAL A 77 -3.98 7.49 -7.97
C VAL A 77 -2.44 7.62 -8.08
N GLY A 78 -1.93 7.66 -9.31
CA GLY A 78 -0.50 7.82 -9.51
C GLY A 78 -0.10 8.29 -10.90
N ASN A 79 -0.97 9.04 -11.58
CA ASN A 79 -0.60 9.61 -12.89
C ASN A 79 0.50 10.66 -12.72
N GLU A 80 1.75 10.21 -12.77
CA GLU A 80 2.91 11.06 -12.53
C GLU A 80 2.83 11.70 -11.12
N LYS A 81 2.91 10.85 -10.09
CA LYS A 81 2.86 11.28 -8.69
C LYS A 81 1.53 12.01 -8.35
N ASN A 82 0.54 11.26 -7.88
CA ASN A 82 -0.74 11.84 -7.44
C ASN A 82 -0.64 12.31 -5.99
N ASN A 83 -0.84 13.62 -5.77
CA ASN A 83 -0.71 14.26 -4.46
C ASN A 83 -1.19 13.36 -3.28
N ASN A 84 -2.48 13.02 -3.22
CA ASN A 84 -3.01 12.23 -2.10
C ASN A 84 -3.03 10.73 -2.41
N GLY A 85 -2.02 10.25 -3.15
CA GLY A 85 -1.98 8.84 -3.55
C GLY A 85 -0.84 8.06 -2.88
N LEU A 86 -1.15 6.82 -2.47
CA LEU A 86 -0.15 5.93 -1.86
C LEU A 86 -0.48 4.45 -2.17
N LEU A 87 0.46 3.75 -2.78
CA LEU A 87 0.25 2.34 -3.17
C LEU A 87 1.29 1.40 -2.55
N LEU A 88 0.82 0.31 -1.96
CA LEU A 88 1.70 -0.70 -1.36
C LEU A 88 1.47 -2.07 -2.01
N VAL A 89 2.51 -2.61 -2.65
CA VAL A 89 2.40 -3.93 -3.30
C VAL A 89 3.38 -4.95 -2.69
N LEU A 90 2.84 -6.08 -2.24
CA LEU A 90 3.65 -7.19 -1.71
C LEU A 90 3.75 -8.33 -2.74
N VAL A 91 4.98 -8.63 -3.16
CA VAL A 91 5.22 -9.74 -4.08
C VAL A 91 5.72 -10.98 -3.32
N LEU A 92 4.81 -11.93 -3.08
CA LEU A 92 5.11 -13.16 -2.32
C LEU A 92 6.41 -13.84 -2.82
N ASP A 93 6.52 -13.98 -4.14
CA ASP A 93 7.69 -14.57 -4.79
C ASP A 93 9.03 -14.05 -4.22
N GLN A 94 9.16 -12.74 -4.09
CA GLN A 94 10.41 -12.12 -3.60
C GLN A 94 10.23 -11.49 -2.21
N ARG A 95 9.05 -11.67 -1.61
CA ARG A 95 8.68 -11.13 -0.28
C ARG A 95 9.13 -9.67 -0.07
N ARG A 96 9.26 -8.91 -1.17
CA ARG A 96 9.61 -7.49 -1.10
C ARG A 96 8.39 -6.61 -1.39
N VAL A 97 8.40 -5.40 -0.83
CA VAL A 97 7.27 -4.47 -0.98
C VAL A 97 7.78 -3.05 -1.25
N ARG A 98 6.89 -2.16 -1.69
CA ARG A 98 7.24 -0.74 -1.88
C ARG A 98 6.02 0.16 -1.65
N PHE A 99 6.23 1.25 -0.92
CA PHE A 99 5.21 2.30 -0.77
C PHE A 99 5.43 3.40 -1.80
N GLU A 100 4.62 3.40 -2.86
CA GLU A 100 4.72 4.42 -3.90
C GLU A 100 3.98 5.70 -3.47
N THR A 101 4.73 6.77 -3.21
CA THR A 101 4.14 8.04 -2.77
C THR A 101 3.85 8.99 -3.93
N GLY A 102 2.73 9.68 -3.83
CA GLY A 102 2.48 10.80 -4.71
C GLY A 102 3.10 12.07 -4.19
N TYR A 103 3.15 13.08 -5.03
CA TYR A 103 3.79 14.35 -4.71
C TYR A 103 3.25 14.99 -3.41
N GLY A 104 2.06 14.58 -2.98
CA GLY A 104 1.41 15.23 -1.85
C GLY A 104 1.85 14.69 -0.51
N LEU A 105 2.40 13.47 -0.54
CA LEU A 105 2.85 12.80 0.67
C LEU A 105 4.37 12.91 0.86
N GLU A 106 5.04 13.51 -0.11
CA GLU A 106 6.51 13.70 -0.06
C GLU A 106 6.96 14.36 1.24
N GLY A 107 6.20 15.34 1.72
CA GLY A 107 6.55 16.05 2.94
C GLY A 107 6.50 15.19 4.21
N TYR A 108 5.90 14.01 4.10
CA TYR A 108 5.73 13.11 5.26
C TYR A 108 6.47 11.78 5.08
N LEU A 109 6.27 11.16 3.91
CA LEU A 109 6.77 9.80 3.64
C LEU A 109 7.77 9.77 2.48
N PRO A 110 9.07 10.00 2.75
CA PRO A 110 10.13 9.82 1.75
C PRO A 110 10.58 8.35 1.62
N ASP A 111 11.20 8.00 0.48
CA ASP A 111 11.72 6.63 0.27
C ASP A 111 12.55 6.15 1.47
N GLY A 112 13.27 7.06 2.10
CA GLY A 112 14.07 6.72 3.28
C GLY A 112 13.23 6.21 4.45
N LEU A 113 12.19 6.96 4.82
CA LEU A 113 11.28 6.55 5.90
C LEU A 113 10.56 5.25 5.54
N LEU A 114 10.05 5.19 4.31
CA LEU A 114 9.38 3.99 3.79
C LEU A 114 10.32 2.78 3.82
N SER A 115 11.60 3.02 3.50
CA SER A 115 12.62 1.96 3.55
C SER A 115 12.79 1.43 4.98
N ARG A 116 12.75 2.33 5.96
CA ARG A 116 12.78 1.91 7.37
C ARG A 116 11.56 1.07 7.73
N ILE A 117 10.36 1.54 7.36
CA ILE A 117 9.12 0.79 7.65
C ILE A 117 9.23 -0.66 7.16
N ILE A 118 9.74 -0.84 5.95
CA ILE A 118 9.93 -2.17 5.37
C ILE A 118 10.99 -3.00 6.15
N HIS A 119 12.20 -2.46 6.28
CA HIS A 119 13.32 -3.23 6.86
C HIS A 119 13.25 -3.35 8.40
N ASP A 120 12.75 -2.32 9.05
CA ASP A 120 12.80 -2.23 10.52
C ASP A 120 11.67 -3.04 11.17
N ARG A 121 10.53 -3.12 10.50
CA ARG A 121 9.35 -3.80 11.06
C ARG A 121 8.83 -4.93 10.15
N MET A 122 8.52 -4.58 8.90
CA MET A 122 7.85 -5.51 7.97
C MET A 122 8.71 -6.75 7.62
N ILE A 123 10.01 -6.56 7.36
CA ILE A 123 10.90 -7.68 6.97
C ILE A 123 10.92 -8.79 8.04
N PRO A 124 11.15 -8.46 9.34
CA PRO A 124 11.04 -9.44 10.43
C PRO A 124 9.77 -10.32 10.33
N HIS A 125 8.63 -9.69 10.03
CA HIS A 125 7.38 -10.43 9.84
C HIS A 125 7.45 -11.36 8.62
N PHE A 126 7.85 -10.81 7.46
CA PHE A 126 7.96 -11.61 6.23
C PHE A 126 8.88 -12.82 6.40
N ARG A 127 9.99 -12.62 7.11
CA ARG A 127 10.93 -13.71 7.42
C ARG A 127 10.30 -14.74 8.36
N SER A 128 9.47 -14.26 9.29
CA SER A 128 8.73 -15.13 10.21
C SER A 128 7.56 -15.83 9.49
N GLY A 129 7.19 -15.29 8.32
CA GLY A 129 6.06 -15.84 7.56
C GLY A 129 4.79 -15.02 7.71
N ASN A 130 4.86 -14.00 8.56
CA ASN A 130 3.71 -13.14 8.82
C ASN A 130 3.55 -12.05 7.73
N TYR A 131 3.12 -12.47 6.55
CA TYR A 131 2.88 -11.53 5.45
C TYR A 131 1.69 -10.61 5.77
N ALA A 132 0.60 -11.20 6.26
CA ALA A 132 -0.60 -10.44 6.62
C ALA A 132 -0.35 -9.55 7.85
N GLU A 133 0.25 -10.14 8.89
CA GLU A 133 0.59 -9.41 10.12
C GLU A 133 1.53 -8.23 9.81
N GLY A 134 2.51 -8.48 8.93
CA GLY A 134 3.46 -7.45 8.51
C GLY A 134 2.79 -6.30 7.77
N LEU A 135 2.03 -6.61 6.71
CA LEU A 135 1.30 -5.60 5.96
C LEU A 135 0.39 -4.77 6.88
N SER A 136 -0.32 -5.44 7.78
CA SER A 136 -1.24 -4.79 8.72
C SER A 136 -0.53 -3.71 9.57
N GLU A 137 0.58 -4.07 10.20
CA GLU A 137 1.29 -3.14 11.08
C GLU A 137 2.07 -2.09 10.28
N GLY A 138 2.60 -2.47 9.11
CA GLY A 138 3.24 -1.50 8.22
C GLY A 138 2.29 -0.39 7.78
N VAL A 139 1.09 -0.79 7.32
CA VAL A 139 0.03 0.17 7.00
C VAL A 139 -0.30 1.06 8.20
N LEU A 140 -0.39 0.43 9.39
CA LEU A 140 -0.63 1.17 10.63
C LEU A 140 0.49 2.19 10.89
N ALA A 141 1.73 1.77 10.61
CA ALA A 141 2.90 2.64 10.77
C ALA A 141 2.78 3.90 9.90
N VAL A 142 2.37 3.71 8.65
CA VAL A 142 2.15 4.83 7.73
C VAL A 142 1.03 5.75 8.22
N GLN A 143 -0.13 5.19 8.54
CA GLN A 143 -1.25 5.99 9.08
C GLN A 143 -0.82 6.81 10.31
N GLN A 144 -0.01 6.20 11.18
CA GLN A 144 0.50 6.90 12.37
C GLN A 144 1.26 8.19 12.00
N VAL A 145 2.11 8.11 10.98
CA VAL A 145 2.86 9.27 10.50
C VAL A 145 1.91 10.40 10.05
N LEU A 146 0.95 10.06 9.19
CA LEU A 146 -0.05 11.03 8.72
C LEU A 146 -0.86 11.60 9.90
N ASP A 147 -1.30 10.71 10.78
CA ASP A 147 -2.05 11.10 11.99
C ASP A 147 -1.20 12.02 12.89
N GLY A 148 0.11 11.83 12.87
CA GLY A 148 1.02 12.72 13.60
C GLY A 148 1.08 14.13 13.03
N SER A 149 0.72 14.25 11.75
CA SER A 149 0.68 15.56 11.07
C SER A 149 -0.63 16.29 11.36
N LEU A 150 -1.73 15.73 10.87
CA LEU A 150 -3.06 16.30 11.11
C LEU A 150 -3.98 15.28 11.80
N GLU A 151 -3.90 15.25 13.13
CA GLU A 151 -4.75 14.35 13.94
C GLU A 151 -6.19 14.88 14.06
N HIS A 152 -6.73 15.41 12.97
CA HIS A 152 -8.07 15.99 12.96
C HIS A 152 -8.87 15.50 11.74
N HIS A 153 -9.86 14.64 11.98
CA HIS A 153 -10.71 14.11 10.90
C HIS A 153 -11.42 15.25 10.14
N HIS A 154 -11.47 15.14 8.82
CA HIS A 154 -12.13 16.13 7.97
C HIS A 154 -13.50 15.64 7.49
N HIS A 155 -14.57 16.35 7.86
CA HIS A 155 -15.94 16.00 7.44
C HIS A 155 -16.31 16.69 6.11
N HIS A 156 -15.46 17.63 5.68
CA HIS A 156 -15.69 18.36 4.43
C HIS A 156 -15.40 17.48 3.20
N HIS A 157 -16.44 17.15 2.43
CA HIS A 157 -16.30 16.32 1.24
C HIS A 157 -16.47 17.15 -0.06
N MET A 1 1.98 -20.76 -8.54
CA MET A 1 2.65 -19.66 -9.28
C MET A 1 1.73 -19.05 -10.35
N ARG A 2 1.71 -17.73 -10.42
CA ARG A 2 0.92 -17.02 -11.44
C ARG A 2 1.51 -15.62 -11.69
N VAL A 3 2.15 -15.45 -12.85
CA VAL A 3 2.83 -14.18 -13.16
C VAL A 3 1.83 -13.04 -13.41
N TYR A 4 1.69 -12.15 -12.43
CA TYR A 4 0.78 -10.99 -12.53
C TYR A 4 1.51 -9.74 -13.04
N LYS A 5 0.88 -9.04 -13.98
CA LYS A 5 1.33 -7.71 -14.42
C LYS A 5 0.36 -6.63 -13.90
N PRO A 6 0.77 -5.33 -13.88
CA PRO A 6 -0.07 -4.24 -13.38
C PRO A 6 -1.45 -4.20 -14.07
N GLU A 7 -1.51 -4.69 -15.31
CA GLU A 7 -2.75 -4.74 -16.07
C GLU A 7 -3.68 -5.87 -15.58
N ASP A 8 -3.10 -6.95 -15.05
CA ASP A 8 -3.87 -8.09 -14.55
C ASP A 8 -4.51 -7.79 -13.18
N VAL A 9 -3.85 -6.94 -12.41
CA VAL A 9 -4.33 -6.58 -11.07
C VAL A 9 -5.70 -5.85 -11.14
N PRO A 10 -6.70 -6.32 -10.37
CA PRO A 10 -8.04 -5.71 -10.35
C PRO A 10 -8.02 -4.24 -9.85
N ASN A 11 -8.67 -3.35 -10.61
CA ASN A 11 -8.70 -1.92 -10.28
C ASN A 11 -9.55 -1.64 -9.02
N VAL A 12 -9.00 -1.94 -7.85
CA VAL A 12 -9.73 -1.77 -6.59
C VAL A 12 -10.20 -0.32 -6.37
N GLN A 13 -9.31 0.66 -6.54
CA GLN A 13 -9.66 2.08 -6.31
C GLN A 13 -10.77 2.54 -7.26
N LEU A 14 -11.00 1.80 -8.34
CA LEU A 14 -12.08 2.08 -9.28
C LEU A 14 -13.38 1.41 -8.80
N ALA A 15 -13.31 0.10 -8.53
CA ALA A 15 -14.47 -0.67 -8.07
C ALA A 15 -14.52 -0.75 -6.53
N ASP A 16 -13.67 -1.59 -5.95
CA ASP A 16 -13.60 -1.77 -4.49
C ASP A 16 -12.86 -0.62 -3.79
N SER A 17 -13.24 0.62 -4.12
CA SER A 17 -12.64 1.81 -3.48
C SER A 17 -12.96 1.86 -1.98
N THR A 18 -13.84 0.97 -1.54
CA THR A 18 -14.16 0.82 -0.12
C THR A 18 -13.24 -0.22 0.55
N ARG A 19 -12.72 -1.15 -0.24
CA ARG A 19 -11.82 -2.19 0.26
C ARG A 19 -10.37 -1.68 0.29
N LEU A 20 -9.96 -1.02 -0.80
CA LEU A 20 -8.59 -0.50 -0.97
C LEU A 20 -7.51 -1.61 -0.89
N VAL A 21 -7.94 -2.87 -1.00
CA VAL A 21 -7.03 -4.00 -0.87
C VAL A 21 -7.18 -4.99 -2.04
N THR A 22 -6.07 -5.30 -2.71
CA THR A 22 -6.05 -6.33 -3.75
C THR A 22 -5.48 -7.63 -3.19
N ASP A 23 -6.36 -8.58 -2.90
CA ASP A 23 -5.95 -9.86 -2.33
C ASP A 23 -5.89 -10.98 -3.40
N GLU A 24 -4.69 -11.25 -3.90
CA GLU A 24 -4.49 -12.35 -4.86
C GLU A 24 -3.38 -13.30 -4.39
N ALA A 25 -2.39 -12.76 -3.67
CA ALA A 25 -1.38 -13.60 -3.01
C ALA A 25 -2.02 -14.58 -2.01
N GLY A 26 -3.25 -14.29 -1.58
CA GLY A 26 -3.97 -15.17 -0.66
C GLY A 26 -3.28 -15.35 0.69
N LEU A 27 -2.73 -14.27 1.22
CA LEU A 27 -1.98 -14.32 2.48
C LEU A 27 -2.78 -13.72 3.66
N LEU A 28 -3.98 -13.20 3.37
CA LEU A 28 -4.80 -12.52 4.38
C LEU A 28 -5.93 -13.43 4.90
N SER A 29 -6.80 -12.89 5.75
CA SER A 29 -7.95 -13.62 6.31
C SER A 29 -9.02 -12.64 6.79
N ASN A 30 -10.21 -13.16 7.13
CA ASN A 30 -11.36 -12.31 7.53
C ASN A 30 -10.98 -11.18 8.49
N ALA A 31 -10.19 -11.49 9.51
CA ALA A 31 -9.75 -10.48 10.48
C ALA A 31 -8.76 -9.49 9.85
N GLN A 32 -7.66 -10.01 9.30
CA GLN A 32 -6.61 -9.15 8.69
C GLN A 32 -7.18 -8.23 7.62
N GLU A 33 -8.01 -8.78 6.73
CA GLU A 33 -8.65 -7.99 5.67
C GLU A 33 -9.55 -6.90 6.26
N GLU A 34 -10.49 -7.30 7.11
CA GLU A 34 -11.44 -6.35 7.73
C GLU A 34 -10.73 -5.23 8.51
N VAL A 35 -9.68 -5.59 9.25
CA VAL A 35 -8.87 -4.61 9.97
C VAL A 35 -8.17 -3.64 9.00
N MET A 36 -7.50 -4.20 8.00
CA MET A 36 -6.77 -3.40 7.00
C MET A 36 -7.73 -2.48 6.23
N ASN A 37 -8.89 -3.00 5.83
CA ASN A 37 -9.91 -2.19 5.15
C ASN A 37 -10.35 -1.01 6.01
N GLY A 38 -10.59 -1.28 7.30
CA GLY A 38 -10.96 -0.23 8.23
C GLY A 38 -9.86 0.82 8.39
N ARG A 39 -8.61 0.36 8.53
CA ARG A 39 -7.45 1.26 8.62
C ARG A 39 -7.39 2.20 7.40
N LEU A 40 -7.39 1.62 6.21
CA LEU A 40 -7.28 2.38 4.97
C LEU A 40 -8.44 3.36 4.79
N ARG A 41 -9.66 2.91 5.07
CA ARG A 41 -10.83 3.79 4.99
C ARG A 41 -10.73 4.94 6.01
N ALA A 42 -10.23 4.63 7.21
CA ALA A 42 -10.03 5.65 8.23
C ALA A 42 -9.03 6.73 7.76
N ILE A 43 -7.96 6.28 7.11
CA ILE A 43 -6.94 7.19 6.56
C ILE A 43 -7.56 8.17 5.56
N ARG A 44 -8.38 7.68 4.65
CA ARG A 44 -9.05 8.56 3.67
C ARG A 44 -10.24 9.30 4.30
N SER A 45 -10.83 8.74 5.34
CA SER A 45 -11.91 9.41 6.08
C SER A 45 -11.38 10.62 6.87
N SER A 46 -10.15 10.48 7.39
CA SER A 46 -9.52 11.54 8.19
C SER A 46 -8.59 12.43 7.34
N HIS A 47 -7.62 11.80 6.68
CA HIS A 47 -6.58 12.53 5.91
C HIS A 47 -6.91 12.58 4.40
N ALA A 48 -7.88 11.78 3.97
CA ALA A 48 -8.28 11.68 2.55
C ALA A 48 -7.17 11.11 1.67
N VAL A 49 -6.22 10.40 2.28
CA VAL A 49 -5.15 9.74 1.52
C VAL A 49 -5.63 8.39 0.94
N GLU A 50 -5.47 8.23 -0.36
CA GLU A 50 -5.88 7.00 -1.05
C GLU A 50 -4.78 5.94 -0.96
N PHE A 51 -4.93 5.04 0.02
CA PHE A 51 -3.91 4.03 0.34
C PHE A 51 -4.35 2.64 -0.13
N ALA A 52 -3.75 2.16 -1.22
CA ALA A 52 -4.12 0.86 -1.82
C ALA A 52 -3.09 -0.24 -1.49
N VAL A 53 -3.52 -1.27 -0.77
CA VAL A 53 -2.66 -2.41 -0.43
C VAL A 53 -2.89 -3.60 -1.38
N VAL A 54 -1.88 -3.90 -2.19
CA VAL A 54 -1.96 -4.99 -3.19
C VAL A 54 -1.10 -6.20 -2.76
N THR A 55 -1.59 -7.41 -3.05
CA THR A 55 -0.83 -8.64 -2.76
C THR A 55 -0.85 -9.60 -3.95
N LEU A 56 0.32 -9.96 -4.46
CA LEU A 56 0.43 -10.85 -5.61
C LEU A 56 1.37 -12.04 -5.31
N PRO A 57 1.03 -13.25 -5.81
CA PRO A 57 1.87 -14.45 -5.60
C PRO A 57 3.23 -14.38 -6.31
N SER A 58 3.22 -14.01 -7.59
CA SER A 58 4.46 -13.97 -8.38
C SER A 58 4.37 -13.00 -9.56
N ILE A 59 5.50 -12.35 -9.88
CA ILE A 59 5.56 -11.44 -11.04
C ILE A 59 6.67 -11.84 -12.01
N GLY A 60 7.43 -12.87 -11.65
CA GLY A 60 8.49 -13.38 -12.53
C GLY A 60 9.77 -12.55 -12.47
N ASP A 61 10.21 -12.25 -11.25
CA ASP A 61 11.45 -11.46 -11.02
C ASP A 61 11.39 -10.09 -11.73
N ALA A 62 10.18 -9.62 -12.05
CA ALA A 62 9.97 -8.34 -12.71
C ALA A 62 10.31 -7.16 -11.79
N PRO A 63 10.74 -6.00 -12.36
CA PRO A 63 11.11 -4.81 -11.57
C PRO A 63 9.95 -4.26 -10.71
N LEU A 64 10.13 -4.27 -9.40
CA LEU A 64 9.08 -3.87 -8.45
C LEU A 64 8.67 -2.39 -8.60
N GLU A 65 9.65 -1.49 -8.58
CA GLU A 65 9.37 -0.04 -8.68
C GLU A 65 8.78 0.33 -10.05
N ASP A 66 9.18 -0.41 -11.08
CA ASP A 66 8.61 -0.27 -12.42
C ASP A 66 7.16 -0.78 -12.45
N PHE A 67 6.90 -1.82 -11.67
CA PHE A 67 5.55 -2.39 -11.53
C PHE A 67 4.60 -1.39 -10.85
N THR A 68 4.99 -0.93 -9.66
CA THR A 68 4.16 0.01 -8.87
C THR A 68 3.84 1.29 -9.66
N LEU A 69 4.85 1.81 -10.34
CA LEU A 69 4.69 3.04 -11.14
C LEU A 69 3.51 2.94 -12.13
N LYS A 70 3.50 1.88 -12.95
CA LYS A 70 2.43 1.70 -13.94
C LYS A 70 1.10 1.31 -13.30
N LEU A 71 1.13 0.51 -12.23
CA LEU A 71 -0.10 0.12 -11.52
C LEU A 71 -0.76 1.33 -10.85
N ALA A 72 0.06 2.23 -10.31
CA ALA A 72 -0.45 3.44 -9.66
C ALA A 72 -1.11 4.39 -10.68
N ARG A 73 -0.50 4.55 -11.85
CA ARG A 73 -1.02 5.45 -12.89
C ARG A 73 -2.45 5.06 -13.34
N GLN A 74 -2.65 3.79 -13.65
CA GLN A 74 -3.94 3.30 -14.12
C GLN A 74 -5.06 3.44 -13.06
N TRP A 75 -4.65 3.65 -11.80
CA TRP A 75 -5.61 3.87 -10.71
C TRP A 75 -5.69 5.36 -10.31
N GLY A 76 -5.18 6.23 -11.17
CA GLY A 76 -5.26 7.67 -10.90
C GLY A 76 -4.17 8.18 -9.95
N VAL A 77 -4.07 7.55 -8.78
CA VAL A 77 -3.14 7.96 -7.72
C VAL A 77 -1.68 8.11 -8.22
N GLY A 78 -1.31 7.36 -9.26
CA GLY A 78 0.04 7.43 -9.79
C GLY A 78 0.19 8.34 -11.00
N ASN A 79 -0.94 8.76 -11.59
CA ASN A 79 -0.90 9.66 -12.75
C ASN A 79 -0.16 10.95 -12.39
N GLU A 80 1.04 11.12 -12.95
CA GLU A 80 1.97 12.22 -12.60
C GLU A 80 2.04 12.45 -11.07
N LYS A 81 1.89 11.34 -10.33
CA LYS A 81 1.97 11.34 -8.86
C LYS A 81 0.86 12.20 -8.21
N ASN A 82 -0.34 11.63 -8.11
CA ASN A 82 -1.49 12.32 -7.49
C ASN A 82 -1.20 12.67 -6.02
N ASN A 83 -1.44 13.93 -5.65
CA ASN A 83 -1.05 14.47 -4.33
C ASN A 83 -1.29 13.49 -3.15
N ASN A 84 -2.53 13.09 -2.93
CA ASN A 84 -2.88 12.25 -1.76
C ASN A 84 -2.91 10.75 -2.11
N GLY A 85 -2.17 10.37 -3.14
CA GLY A 85 -2.15 8.98 -3.58
C GLY A 85 -1.00 8.15 -3.00
N LEU A 86 -1.30 6.93 -2.57
CA LEU A 86 -0.29 6.01 -2.03
C LEU A 86 -0.58 4.56 -2.42
N LEU A 87 0.35 3.94 -3.14
CA LEU A 87 0.20 2.53 -3.55
C LEU A 87 1.17 1.61 -2.78
N LEU A 88 0.70 0.43 -2.43
CA LEU A 88 1.53 -0.59 -1.79
C LEU A 88 1.38 -1.93 -2.53
N VAL A 89 2.49 -2.54 -2.92
CA VAL A 89 2.44 -3.83 -3.63
C VAL A 89 3.35 -4.88 -2.97
N LEU A 90 2.74 -5.95 -2.46
CA LEU A 90 3.48 -7.10 -1.92
C LEU A 90 3.66 -8.20 -2.98
N VAL A 91 4.90 -8.54 -3.27
CA VAL A 91 5.20 -9.61 -4.23
C VAL A 91 5.80 -10.83 -3.50
N LEU A 92 4.96 -11.85 -3.25
CA LEU A 92 5.39 -13.08 -2.55
C LEU A 92 6.61 -13.72 -3.24
N ASP A 93 6.59 -13.69 -4.57
CA ASP A 93 7.72 -14.13 -5.42
C ASP A 93 9.09 -13.72 -4.83
N GLN A 94 9.24 -12.44 -4.53
CA GLN A 94 10.50 -11.90 -4.01
C GLN A 94 10.40 -11.52 -2.53
N ARG A 95 9.21 -11.63 -1.95
CA ARG A 95 8.95 -11.26 -0.55
C ARG A 95 9.26 -9.78 -0.26
N ARG A 96 9.15 -8.94 -1.29
CA ARG A 96 9.43 -7.50 -1.15
C ARG A 96 8.21 -6.65 -1.49
N VAL A 97 8.17 -5.44 -0.95
CA VAL A 97 7.06 -4.52 -1.17
C VAL A 97 7.57 -3.10 -1.48
N ARG A 98 6.68 -2.21 -1.92
CA ARG A 98 7.04 -0.81 -2.14
C ARG A 98 5.84 0.13 -1.92
N PHE A 99 6.11 1.30 -1.33
CA PHE A 99 5.12 2.37 -1.20
C PHE A 99 5.36 3.45 -2.26
N GLU A 100 4.43 3.60 -3.20
CA GLU A 100 4.54 4.62 -4.24
C GLU A 100 3.70 5.87 -3.87
N THR A 101 4.37 6.98 -3.58
CA THR A 101 3.69 8.22 -3.15
C THR A 101 3.47 9.22 -4.28
N GLY A 102 2.43 10.03 -4.14
CA GLY A 102 2.25 11.19 -4.99
C GLY A 102 2.95 12.43 -4.43
N TYR A 103 3.10 13.48 -5.25
CA TYR A 103 3.85 14.67 -4.83
C TYR A 103 3.19 15.42 -3.65
N GLY A 104 2.08 14.91 -3.16
CA GLY A 104 1.41 15.51 -2.01
C GLY A 104 1.96 14.95 -0.70
N LEU A 105 2.15 13.63 -0.69
CA LEU A 105 2.67 12.93 0.50
C LEU A 105 4.18 13.16 0.67
N GLU A 106 4.84 13.71 -0.36
CA GLU A 106 6.28 14.01 -0.30
C GLU A 106 6.63 14.97 0.86
N GLY A 107 5.61 15.63 1.41
CA GLY A 107 5.83 16.52 2.57
C GLY A 107 5.83 15.79 3.91
N TYR A 108 5.49 14.50 3.90
CA TYR A 108 5.44 13.70 5.14
C TYR A 108 6.20 12.36 4.99
N LEU A 109 5.89 11.64 3.91
CA LEU A 109 6.41 10.27 3.69
C LEU A 109 7.39 10.21 2.50
N PRO A 110 8.70 10.40 2.75
CA PRO A 110 9.74 10.23 1.72
C PRO A 110 10.11 8.75 1.49
N ASP A 111 10.65 8.45 0.30
CA ASP A 111 11.03 7.08 -0.08
C ASP A 111 11.92 6.40 0.98
N GLY A 112 12.78 7.19 1.64
CA GLY A 112 13.60 6.66 2.72
C GLY A 112 12.78 6.17 3.92
N LEU A 113 11.87 7.01 4.39
CA LEU A 113 10.96 6.64 5.49
C LEU A 113 10.14 5.39 5.12
N LEU A 114 9.60 5.39 3.91
CA LEU A 114 8.85 4.25 3.38
C LEU A 114 9.74 2.99 3.35
N SER A 115 11.01 3.16 2.99
CA SER A 115 11.99 2.07 2.97
C SER A 115 12.12 1.42 4.35
N ARG A 116 12.19 2.24 5.40
CA ARG A 116 12.21 1.72 6.78
C ARG A 116 10.99 0.85 7.06
N ILE A 117 9.80 1.39 6.78
CA ILE A 117 8.54 0.67 7.01
C ILE A 117 8.58 -0.73 6.39
N ILE A 118 9.16 -0.83 5.20
CA ILE A 118 9.29 -2.11 4.50
C ILE A 118 10.17 -3.10 5.28
N HIS A 119 11.41 -2.70 5.59
CA HIS A 119 12.38 -3.63 6.17
C HIS A 119 12.24 -3.77 7.70
N ASP A 120 11.67 -2.77 8.35
CA ASP A 120 11.53 -2.77 9.81
C ASP A 120 10.21 -3.38 10.27
N ARG A 121 9.11 -2.94 9.67
CA ARG A 121 7.77 -3.45 10.05
C ARG A 121 7.49 -4.82 9.39
N MET A 122 7.63 -4.87 8.06
CA MET A 122 7.16 -6.03 7.28
C MET A 122 8.15 -7.21 7.26
N ILE A 123 9.38 -6.96 6.77
CA ILE A 123 10.38 -8.04 6.55
C ILE A 123 10.46 -9.05 7.73
N PRO A 124 10.63 -8.60 8.99
CA PRO A 124 10.69 -9.52 10.15
C PRO A 124 9.50 -10.49 10.21
N HIS A 125 8.30 -9.99 9.92
CA HIS A 125 7.10 -10.83 9.92
C HIS A 125 7.05 -11.77 8.70
N PHE A 126 7.46 -11.26 7.54
CA PHE A 126 7.51 -12.07 6.30
C PHE A 126 8.40 -13.31 6.51
N ARG A 127 9.52 -13.12 7.20
CA ARG A 127 10.44 -14.22 7.49
C ARG A 127 9.90 -15.11 8.63
N SER A 128 9.25 -14.50 9.62
CA SER A 128 8.63 -15.25 10.72
C SER A 128 7.46 -16.12 10.24
N GLY A 129 6.78 -15.67 9.19
CA GLY A 129 5.65 -16.43 8.64
C GLY A 129 4.35 -15.63 8.58
N ASN A 130 4.37 -14.40 9.08
CA ASN A 130 3.18 -13.54 9.07
C ASN A 130 3.27 -12.44 7.99
N TYR A 131 2.83 -12.76 6.78
CA TYR A 131 2.78 -11.76 5.71
C TYR A 131 1.66 -10.75 5.97
N ALA A 132 0.49 -11.24 6.36
CA ALA A 132 -0.66 -10.40 6.69
C ALA A 132 -0.36 -9.47 7.87
N GLU A 133 0.19 -10.03 8.94
CA GLU A 133 0.58 -9.26 10.13
C GLU A 133 1.66 -8.21 9.78
N GLY A 134 2.60 -8.60 8.92
CA GLY A 134 3.61 -7.66 8.43
C GLY A 134 3.00 -6.48 7.69
N LEU A 135 2.13 -6.76 6.72
CA LEU A 135 1.40 -5.71 5.99
C LEU A 135 0.58 -4.85 6.97
N SER A 136 -0.09 -5.50 7.92
CA SER A 136 -0.86 -4.81 8.96
C SER A 136 -0.03 -3.72 9.68
N GLU A 137 1.11 -4.11 10.25
CA GLU A 137 1.99 -3.15 10.94
C GLU A 137 2.56 -2.11 9.96
N GLY A 138 2.77 -2.50 8.70
CA GLY A 138 3.20 -1.56 7.68
C GLY A 138 2.19 -0.43 7.46
N VAL A 139 0.93 -0.82 7.23
CA VAL A 139 -0.17 0.15 7.08
C VAL A 139 -0.32 1.01 8.34
N LEU A 140 -0.35 0.35 9.49
CA LEU A 140 -0.41 1.04 10.79
C LEU A 140 0.69 2.09 10.92
N ALA A 141 1.91 1.70 10.57
CA ALA A 141 3.09 2.59 10.66
C ALA A 141 2.89 3.87 9.83
N VAL A 142 2.41 3.70 8.59
CA VAL A 142 2.15 4.84 7.69
C VAL A 142 1.12 5.80 8.30
N GLN A 143 -0.07 5.28 8.62
CA GLN A 143 -1.13 6.11 9.20
C GLN A 143 -0.70 6.78 10.52
N GLN A 144 0.10 6.09 11.33
CA GLN A 144 0.61 6.67 12.59
C GLN A 144 1.42 7.94 12.33
N VAL A 145 2.15 7.99 11.21
CA VAL A 145 2.88 9.19 10.81
C VAL A 145 1.91 10.33 10.47
N LEU A 146 0.84 10.00 9.75
CA LEU A 146 -0.19 10.97 9.36
C LEU A 146 -0.97 11.48 10.59
N ASP A 147 -1.58 10.55 11.34
CA ASP A 147 -2.30 10.89 12.56
C ASP A 147 -1.40 11.65 13.54
N GLY A 148 -0.12 11.29 13.58
CA GLY A 148 0.85 11.98 14.43
C GLY A 148 0.79 13.50 14.31
N SER A 149 0.43 13.98 13.12
CA SER A 149 0.24 15.42 12.89
C SER A 149 -1.07 15.92 13.52
N LEU A 150 -2.16 15.19 13.28
CA LEU A 150 -3.49 15.59 13.79
C LEU A 150 -3.61 15.44 15.32
N GLU A 151 -2.71 14.66 15.91
CA GLU A 151 -2.66 14.53 17.38
C GLU A 151 -2.46 15.89 18.07
N HIS A 152 -1.94 16.86 17.31
CA HIS A 152 -1.76 18.24 17.79
C HIS A 152 -3.10 18.85 18.24
N HIS A 153 -3.34 18.86 19.55
CA HIS A 153 -4.59 19.39 20.11
C HIS A 153 -4.59 20.93 20.13
N HIS A 154 -5.43 21.54 19.29
CA HIS A 154 -5.54 23.00 19.26
C HIS A 154 -6.73 23.50 20.09
N HIS A 155 -6.44 24.33 21.09
CA HIS A 155 -7.47 24.92 21.94
C HIS A 155 -7.95 26.27 21.37
N HIS A 156 -7.18 26.84 20.46
CA HIS A 156 -7.50 28.14 19.86
C HIS A 156 -8.90 28.16 19.22
N HIS A 157 -9.77 29.02 19.73
CA HIS A 157 -11.16 29.13 19.27
C HIS A 157 -11.27 30.04 18.02
N MET A 1 2.79 -22.09 -12.07
CA MET A 1 3.23 -20.67 -12.01
C MET A 1 2.18 -19.73 -12.60
N ARG A 2 2.36 -18.43 -12.38
CA ARG A 2 1.47 -17.40 -12.93
C ARG A 2 2.05 -16.00 -12.70
N VAL A 3 2.11 -15.20 -13.76
CA VAL A 3 2.64 -13.83 -13.68
C VAL A 3 1.50 -12.79 -13.70
N TYR A 4 1.48 -11.94 -12.67
CA TYR A 4 0.49 -10.85 -12.60
C TYR A 4 1.09 -9.52 -13.04
N LYS A 5 0.60 -9.00 -14.16
CA LYS A 5 0.96 -7.65 -14.59
C LYS A 5 -0.12 -6.65 -14.11
N PRO A 6 0.13 -5.32 -14.21
CA PRO A 6 -0.87 -4.31 -13.80
C PRO A 6 -2.26 -4.54 -14.42
N GLU A 7 -2.30 -5.23 -15.56
CA GLU A 7 -3.56 -5.55 -16.23
C GLU A 7 -4.23 -6.80 -15.63
N ASP A 8 -3.45 -7.64 -14.95
CA ASP A 8 -4.00 -8.80 -14.24
C ASP A 8 -4.54 -8.40 -12.86
N VAL A 9 -3.97 -7.34 -12.29
CA VAL A 9 -4.39 -6.84 -10.98
C VAL A 9 -5.71 -6.06 -11.09
N PRO A 10 -6.77 -6.48 -10.37
CA PRO A 10 -8.07 -5.79 -10.38
C PRO A 10 -7.97 -4.35 -9.83
N ASN A 11 -8.46 -3.38 -10.60
CA ASN A 11 -8.40 -1.97 -10.20
C ASN A 11 -9.39 -1.66 -9.06
N VAL A 12 -9.05 -2.09 -7.85
CA VAL A 12 -9.93 -1.92 -6.69
C VAL A 12 -10.30 -0.45 -6.43
N GLN A 13 -9.32 0.45 -6.55
CA GLN A 13 -9.56 1.89 -6.33
C GLN A 13 -10.31 2.54 -7.50
N LEU A 14 -10.53 1.78 -8.56
CA LEU A 14 -11.31 2.25 -9.71
C LEU A 14 -12.73 1.64 -9.66
N ALA A 15 -12.83 0.42 -9.15
CA ALA A 15 -14.11 -0.30 -9.06
C ALA A 15 -14.76 -0.19 -7.67
N ASP A 16 -14.07 -0.71 -6.64
CA ASP A 16 -14.60 -0.76 -5.28
C ASP A 16 -14.50 0.59 -4.54
N SER A 17 -13.28 1.15 -4.53
CA SER A 17 -12.97 2.40 -3.80
C SER A 17 -13.00 2.21 -2.28
N THR A 18 -14.16 1.84 -1.74
CA THR A 18 -14.29 1.58 -0.29
C THR A 18 -13.35 0.45 0.15
N ARG A 19 -13.13 -0.51 -0.74
CA ARG A 19 -12.08 -1.52 -0.53
C ARG A 19 -10.78 -1.05 -1.18
N LEU A 20 -9.80 -0.70 -0.36
CA LEU A 20 -8.48 -0.31 -0.88
C LEU A 20 -7.51 -1.49 -0.81
N VAL A 21 -8.07 -2.69 -0.63
CA VAL A 21 -7.30 -3.93 -0.55
C VAL A 21 -7.44 -4.78 -1.83
N THR A 22 -6.33 -5.33 -2.31
CA THR A 22 -6.33 -6.24 -3.46
C THR A 22 -5.79 -7.62 -3.08
N ASP A 23 -6.69 -8.59 -2.92
CA ASP A 23 -6.30 -9.94 -2.49
C ASP A 23 -6.24 -10.93 -3.67
N GLU A 24 -5.02 -11.17 -4.16
CA GLU A 24 -4.79 -12.18 -5.21
C GLU A 24 -3.85 -13.29 -4.72
N ALA A 25 -2.79 -12.92 -4.02
CA ALA A 25 -1.83 -13.88 -3.44
C ALA A 25 -2.47 -14.81 -2.39
N GLY A 26 -3.56 -14.38 -1.77
CA GLY A 26 -4.19 -15.18 -0.72
C GLY A 26 -3.47 -15.11 0.63
N LEU A 27 -2.49 -14.20 0.73
CA LEU A 27 -1.70 -14.04 1.96
C LEU A 27 -2.48 -13.32 3.05
N LEU A 28 -3.60 -12.69 2.67
CA LEU A 28 -4.47 -12.00 3.62
C LEU A 28 -5.73 -12.85 3.92
N SER A 29 -6.14 -12.87 5.18
CA SER A 29 -7.38 -13.57 5.58
C SER A 29 -8.49 -12.56 5.89
N ASN A 30 -9.74 -13.02 5.87
CA ASN A 30 -10.93 -12.16 5.97
C ASN A 30 -10.82 -11.11 7.10
N ALA A 31 -10.44 -11.53 8.30
CA ALA A 31 -10.31 -10.61 9.44
C ALA A 31 -9.23 -9.55 9.19
N GLN A 32 -8.04 -9.99 8.76
CA GLN A 32 -6.94 -9.08 8.46
C GLN A 32 -7.31 -8.10 7.34
N GLU A 33 -8.00 -8.60 6.33
CA GLU A 33 -8.48 -7.77 5.22
C GLU A 33 -9.48 -6.72 5.73
N GLU A 34 -10.42 -7.16 6.57
CA GLU A 34 -11.44 -6.27 7.14
C GLU A 34 -10.80 -5.16 8.01
N VAL A 35 -9.92 -5.54 8.93
CA VAL A 35 -9.21 -4.57 9.77
C VAL A 35 -8.36 -3.61 8.92
N MET A 36 -7.72 -4.15 7.88
CA MET A 36 -6.95 -3.33 6.95
C MET A 36 -7.85 -2.34 6.20
N ASN A 37 -8.96 -2.82 5.63
CA ASN A 37 -9.93 -1.95 4.95
C ASN A 37 -10.48 -0.88 5.90
N GLY A 38 -10.76 -1.27 7.14
CA GLY A 38 -11.25 -0.34 8.15
C GLY A 38 -10.28 0.82 8.39
N ARG A 39 -9.00 0.50 8.55
CA ARG A 39 -7.96 1.51 8.76
C ARG A 39 -7.71 2.35 7.50
N LEU A 40 -7.65 1.70 6.33
CA LEU A 40 -7.49 2.41 5.05
C LEU A 40 -8.66 3.37 4.79
N ARG A 41 -9.87 2.88 4.98
CA ARG A 41 -11.09 3.68 4.84
C ARG A 41 -11.12 4.82 5.88
N ALA A 42 -10.63 4.53 7.08
CA ALA A 42 -10.48 5.56 8.11
C ALA A 42 -9.47 6.63 7.67
N ILE A 43 -8.36 6.21 7.08
CA ILE A 43 -7.36 7.13 6.53
C ILE A 43 -7.98 8.01 5.44
N ARG A 44 -8.74 7.38 4.53
CA ARG A 44 -9.45 8.11 3.48
C ARG A 44 -10.42 9.14 4.09
N SER A 45 -10.97 8.84 5.26
CA SER A 45 -11.92 9.73 5.95
C SER A 45 -11.22 10.66 6.96
N SER A 46 -9.97 10.37 7.30
CA SER A 46 -9.20 11.19 8.25
C SER A 46 -8.13 12.03 7.55
N HIS A 47 -7.18 11.35 6.92
CA HIS A 47 -6.06 11.99 6.25
C HIS A 47 -6.38 12.28 4.78
N ALA A 48 -7.51 11.75 4.31
CA ALA A 48 -7.98 11.91 2.92
C ALA A 48 -7.06 11.18 1.92
N VAL A 49 -6.09 10.44 2.43
CA VAL A 49 -5.08 9.75 1.62
C VAL A 49 -5.62 8.46 1.00
N GLU A 50 -5.41 8.30 -0.30
CA GLU A 50 -5.76 7.06 -0.99
C GLU A 50 -4.68 5.99 -0.75
N PHE A 51 -4.91 5.12 0.23
CA PHE A 51 -3.94 4.09 0.63
C PHE A 51 -4.38 2.71 0.11
N ALA A 52 -3.80 2.28 -1.01
CA ALA A 52 -4.20 1.01 -1.65
C ALA A 52 -3.17 -0.10 -1.44
N VAL A 53 -3.59 -1.20 -0.81
CA VAL A 53 -2.72 -2.36 -0.59
C VAL A 53 -3.01 -3.48 -1.61
N VAL A 54 -1.95 -4.10 -2.13
CA VAL A 54 -2.07 -5.15 -3.15
C VAL A 54 -1.24 -6.38 -2.77
N THR A 55 -1.77 -7.57 -3.03
CA THR A 55 -1.03 -8.82 -2.80
C THR A 55 -1.06 -9.71 -4.04
N LEU A 56 0.11 -10.07 -4.56
CA LEU A 56 0.21 -10.89 -5.77
C LEU A 56 1.14 -12.10 -5.56
N PRO A 57 0.77 -13.28 -6.11
CA PRO A 57 1.62 -14.49 -6.05
C PRO A 57 3.00 -14.25 -6.67
N SER A 58 3.02 -13.83 -7.94
CA SER A 58 4.28 -13.58 -8.65
C SER A 58 4.10 -12.57 -9.80
N ILE A 59 5.14 -11.80 -10.08
CA ILE A 59 5.18 -10.89 -11.22
C ILE A 59 6.31 -11.29 -12.18
N GLY A 60 6.76 -12.54 -12.08
CA GLY A 60 7.84 -13.03 -12.93
C GLY A 60 9.18 -12.36 -12.63
N ASP A 61 9.46 -12.14 -11.34
CA ASP A 61 10.71 -11.52 -10.87
C ASP A 61 10.94 -10.11 -11.48
N ALA A 62 9.88 -9.53 -12.03
CA ALA A 62 9.95 -8.18 -12.62
C ALA A 62 10.33 -7.12 -11.57
N PRO A 63 11.00 -6.02 -11.99
CA PRO A 63 11.37 -4.92 -11.08
C PRO A 63 10.17 -4.32 -10.33
N LEU A 64 10.10 -4.57 -9.02
CA LEU A 64 8.96 -4.13 -8.18
C LEU A 64 8.66 -2.63 -8.33
N GLU A 65 9.69 -1.79 -8.28
CA GLU A 65 9.51 -0.33 -8.35
C GLU A 65 8.98 0.13 -9.72
N ASP A 66 9.23 -0.66 -10.75
CA ASP A 66 8.67 -0.41 -12.07
C ASP A 66 7.18 -0.81 -12.10
N PHE A 67 6.90 -2.00 -11.54
CA PHE A 67 5.53 -2.52 -11.46
C PHE A 67 4.59 -1.56 -10.71
N THR A 68 5.05 -1.07 -9.55
CA THR A 68 4.24 -0.17 -8.72
C THR A 68 3.79 1.07 -9.49
N LEU A 69 4.75 1.72 -10.15
CA LEU A 69 4.46 2.90 -10.99
C LEU A 69 3.39 2.59 -12.05
N LYS A 70 3.60 1.51 -12.80
CA LYS A 70 2.67 1.12 -13.88
C LYS A 70 1.25 0.83 -13.35
N LEU A 71 1.15 0.06 -12.27
CA LEU A 71 -0.16 -0.29 -11.70
C LEU A 71 -0.88 0.94 -11.12
N ALA A 72 -0.16 1.74 -10.35
CA ALA A 72 -0.75 2.91 -9.70
C ALA A 72 -1.29 3.93 -10.72
N ARG A 73 -0.63 4.03 -11.89
CA ARG A 73 -1.04 4.99 -12.93
C ARG A 73 -2.47 4.73 -13.41
N GLN A 74 -2.79 3.48 -13.72
CA GLN A 74 -4.13 3.13 -14.19
C GLN A 74 -5.17 3.22 -13.06
N TRP A 75 -4.69 3.32 -11.81
CA TRP A 75 -5.57 3.57 -10.66
C TRP A 75 -5.60 5.06 -10.31
N GLY A 76 -4.61 5.82 -10.82
CA GLY A 76 -4.51 7.24 -10.52
C GLY A 76 -4.31 7.54 -9.03
N VAL A 77 -3.40 6.82 -8.38
CA VAL A 77 -3.17 6.96 -6.93
C VAL A 77 -1.74 7.41 -6.60
N GLY A 78 -0.81 6.46 -6.47
CA GLY A 78 0.56 6.79 -6.08
C GLY A 78 1.53 6.80 -7.25
N ASN A 79 1.71 7.97 -7.87
CA ASN A 79 2.62 8.10 -9.03
C ASN A 79 3.26 9.49 -9.09
N GLU A 80 3.33 10.19 -7.96
CA GLU A 80 3.71 11.61 -7.92
C GLU A 80 2.61 12.50 -8.53
N LYS A 81 2.18 12.18 -9.76
CA LYS A 81 1.15 12.98 -10.45
C LYS A 81 -0.25 12.70 -9.87
N ASN A 82 -0.44 13.17 -8.65
CA ASN A 82 -1.69 13.04 -7.88
C ASN A 82 -1.46 13.70 -6.52
N ASN A 83 -2.50 13.95 -5.76
CA ASN A 83 -2.33 14.52 -4.43
C ASN A 83 -1.81 13.47 -3.43
N ASN A 84 -2.54 13.23 -2.35
CA ASN A 84 -2.12 12.30 -1.28
C ASN A 84 -2.47 10.85 -1.62
N GLY A 85 -1.77 10.29 -2.61
CA GLY A 85 -1.97 8.89 -2.98
C GLY A 85 -0.82 7.99 -2.54
N LEU A 86 -1.14 6.75 -2.17
CA LEU A 86 -0.13 5.80 -1.70
C LEU A 86 -0.48 4.36 -2.13
N LEU A 87 0.45 3.70 -2.83
CA LEU A 87 0.25 2.31 -3.24
C LEU A 87 1.23 1.37 -2.49
N LEU A 88 0.73 0.22 -2.06
CA LEU A 88 1.55 -0.77 -1.35
C LEU A 88 1.41 -2.15 -2.01
N VAL A 89 2.41 -2.56 -2.80
CA VAL A 89 2.34 -3.84 -3.52
C VAL A 89 3.25 -4.90 -2.89
N LEU A 90 2.64 -6.01 -2.44
CA LEU A 90 3.39 -7.16 -1.91
C LEU A 90 3.56 -8.25 -2.97
N VAL A 91 4.80 -8.52 -3.36
CA VAL A 91 5.11 -9.58 -4.31
C VAL A 91 5.63 -10.83 -3.58
N LEU A 92 4.79 -11.86 -3.47
CA LEU A 92 5.15 -13.11 -2.77
C LEU A 92 6.43 -13.73 -3.36
N ASP A 93 6.53 -13.74 -4.69
CA ASP A 93 7.71 -14.25 -5.40
C ASP A 93 9.02 -13.62 -4.86
N GLN A 94 8.94 -12.34 -4.49
CA GLN A 94 10.11 -11.59 -4.02
C GLN A 94 10.06 -11.36 -2.50
N ARG A 95 8.92 -11.67 -1.88
CA ARG A 95 8.70 -11.49 -0.43
C ARG A 95 9.02 -10.06 0.04
N ARG A 96 8.73 -9.07 -0.80
CA ARG A 96 9.01 -7.66 -0.48
C ARG A 96 7.90 -6.73 -1.01
N VAL A 97 7.87 -5.50 -0.48
CA VAL A 97 6.85 -4.52 -0.85
C VAL A 97 7.47 -3.14 -1.14
N ARG A 98 6.65 -2.21 -1.64
CA ARG A 98 7.05 -0.81 -1.80
C ARG A 98 5.86 0.14 -1.63
N PHE A 99 6.09 1.25 -0.92
CA PHE A 99 5.10 2.33 -0.81
C PHE A 99 5.34 3.41 -1.88
N GLU A 100 4.45 3.47 -2.87
CA GLU A 100 4.57 4.47 -3.95
C GLU A 100 3.72 5.71 -3.63
N THR A 101 4.35 6.88 -3.59
CA THR A 101 3.69 8.12 -3.14
C THR A 101 3.23 9.03 -4.28
N GLY A 102 2.29 9.92 -3.96
CA GLY A 102 1.95 11.03 -4.84
C GLY A 102 2.55 12.35 -4.35
N TYR A 103 2.05 13.45 -4.87
CA TYR A 103 2.58 14.78 -4.54
C TYR A 103 2.11 15.26 -3.15
N GLY A 104 1.08 14.61 -2.62
CA GLY A 104 0.51 15.01 -1.34
C GLY A 104 1.27 14.44 -0.15
N LEU A 105 2.00 13.35 -0.37
CA LEU A 105 2.77 12.69 0.69
C LEU A 105 4.26 13.00 0.56
N GLU A 106 4.61 13.72 -0.50
CA GLU A 106 6.00 14.10 -0.79
C GLU A 106 6.64 14.82 0.42
N GLY A 107 5.84 15.61 1.14
CA GLY A 107 6.35 16.34 2.31
C GLY A 107 6.11 15.63 3.64
N TYR A 108 5.84 14.32 3.59
CA TYR A 108 5.60 13.52 4.81
C TYR A 108 6.30 12.16 4.74
N LEU A 109 6.01 11.42 3.68
CA LEU A 109 6.50 10.05 3.50
C LEU A 109 7.47 9.92 2.32
N PRO A 110 8.77 10.19 2.53
CA PRO A 110 9.79 9.98 1.48
C PRO A 110 10.24 8.50 1.38
N ASP A 111 10.70 8.11 0.20
CA ASP A 111 11.15 6.72 -0.06
C ASP A 111 12.02 6.15 1.09
N GLY A 112 12.95 6.95 1.60
CA GLY A 112 13.81 6.52 2.71
C GLY A 112 13.02 6.09 3.95
N LEU A 113 12.09 6.95 4.39
CA LEU A 113 11.21 6.64 5.53
C LEU A 113 10.36 5.39 5.24
N LEU A 114 9.74 5.36 4.07
CA LEU A 114 8.92 4.22 3.65
C LEU A 114 9.73 2.92 3.64
N SER A 115 10.98 3.01 3.20
CA SER A 115 11.90 1.86 3.18
C SER A 115 12.16 1.34 4.59
N ARG A 116 12.27 2.25 5.57
CA ARG A 116 12.51 1.84 6.96
C ARG A 116 11.27 1.17 7.57
N ILE A 117 10.08 1.66 7.22
CA ILE A 117 8.84 0.99 7.64
C ILE A 117 8.86 -0.48 7.18
N ILE A 118 9.28 -0.69 5.95
CA ILE A 118 9.43 -2.03 5.38
C ILE A 118 10.50 -2.84 6.12
N HIS A 119 11.70 -2.27 6.25
CA HIS A 119 12.85 -3.01 6.79
C HIS A 119 12.71 -3.30 8.30
N ASP A 120 12.19 -2.33 9.05
CA ASP A 120 12.10 -2.45 10.52
C ASP A 120 10.88 -3.25 10.98
N ARG A 121 9.74 -3.06 10.31
CA ARG A 121 8.48 -3.70 10.73
C ARG A 121 8.11 -4.90 9.86
N MET A 122 8.20 -4.74 8.54
CA MET A 122 7.74 -5.77 7.60
C MET A 122 8.73 -6.93 7.44
N ILE A 123 10.02 -6.61 7.22
CA ILE A 123 11.05 -7.64 6.99
C ILE A 123 11.03 -8.78 8.03
N PRO A 124 11.07 -8.47 9.36
CA PRO A 124 11.02 -9.50 10.40
C PRO A 124 9.78 -10.40 10.27
N HIS A 125 8.64 -9.82 9.90
CA HIS A 125 7.41 -10.59 9.70
C HIS A 125 7.46 -11.45 8.43
N PHE A 126 7.81 -10.85 7.30
CA PHE A 126 7.90 -11.59 6.03
C PHE A 126 8.84 -12.80 6.14
N ARG A 127 10.01 -12.58 6.76
CA ARG A 127 10.96 -13.67 7.00
C ARG A 127 10.35 -14.75 7.91
N SER A 128 9.57 -14.31 8.91
CA SER A 128 8.89 -15.24 9.83
C SER A 128 7.66 -15.89 9.18
N GLY A 129 7.31 -15.46 7.98
CA GLY A 129 6.15 -16.01 7.29
C GLY A 129 4.86 -15.21 7.54
N ASN A 130 4.98 -14.13 8.30
CA ASN A 130 3.83 -13.27 8.59
C ASN A 130 3.64 -12.16 7.55
N TYR A 131 3.11 -12.52 6.39
CA TYR A 131 2.86 -11.55 5.32
C TYR A 131 1.71 -10.60 5.69
N ALA A 132 0.62 -11.17 6.18
CA ALA A 132 -0.54 -10.39 6.63
C ALA A 132 -0.18 -9.48 7.81
N GLU A 133 0.56 -10.01 8.77
CA GLU A 133 0.95 -9.26 9.97
C GLU A 133 1.90 -8.09 9.60
N GLY A 134 2.85 -8.37 8.71
CA GLY A 134 3.77 -7.33 8.24
C GLY A 134 3.05 -6.17 7.56
N LEU A 135 2.19 -6.48 6.60
CA LEU A 135 1.38 -5.46 5.93
C LEU A 135 0.48 -4.72 6.93
N SER A 136 -0.07 -5.47 7.89
CA SER A 136 -0.99 -4.92 8.89
C SER A 136 -0.38 -3.75 9.69
N GLU A 137 0.75 -4.00 10.35
CA GLU A 137 1.40 -2.95 11.15
C GLU A 137 2.15 -1.95 10.24
N GLY A 138 2.45 -2.36 9.01
CA GLY A 138 2.99 -1.42 8.02
C GLY A 138 2.01 -0.28 7.72
N VAL A 139 0.76 -0.65 7.47
CA VAL A 139 -0.32 0.33 7.32
C VAL A 139 -0.50 1.16 8.59
N LEU A 140 -0.52 0.47 9.73
CA LEU A 140 -0.63 1.13 11.04
C LEU A 140 0.49 2.18 11.24
N ALA A 141 1.69 1.86 10.75
CA ALA A 141 2.84 2.77 10.84
C ALA A 141 2.57 4.08 10.07
N VAL A 142 2.25 3.95 8.79
CA VAL A 142 1.94 5.10 7.94
C VAL A 142 0.79 5.93 8.52
N GLN A 143 -0.26 5.23 8.98
CA GLN A 143 -1.39 5.88 9.66
C GLN A 143 -0.93 6.79 10.81
N GLN A 144 -0.01 6.28 11.62
CA GLN A 144 0.53 7.04 12.76
C GLN A 144 1.41 8.22 12.31
N VAL A 145 2.16 8.03 11.21
CA VAL A 145 2.99 9.11 10.67
C VAL A 145 2.12 10.31 10.22
N LEU A 146 1.11 10.03 9.41
CA LEU A 146 0.17 11.06 8.96
C LEU A 146 -0.57 11.70 10.16
N ASP A 147 -1.04 10.85 11.07
CA ASP A 147 -1.68 11.32 12.30
C ASP A 147 -0.73 12.22 13.12
N GLY A 148 0.57 11.96 12.99
CA GLY A 148 1.58 12.75 13.69
C GLY A 148 1.77 14.15 13.11
N SER A 149 1.47 14.32 11.81
CA SER A 149 1.59 15.64 11.17
C SER A 149 0.60 15.83 10.01
N LEU A 150 -0.66 16.10 10.36
CA LEU A 150 -1.66 16.49 9.36
C LEU A 150 -1.51 17.97 9.01
N GLU A 151 -0.55 18.24 8.12
CA GLU A 151 -0.20 19.61 7.74
C GLU A 151 0.25 20.41 8.98
N HIS A 152 0.88 19.71 9.91
CA HIS A 152 1.34 20.32 11.17
C HIS A 152 2.52 21.27 10.93
N HIS A 153 2.22 22.44 10.34
CA HIS A 153 3.25 23.45 10.07
C HIS A 153 2.95 24.74 10.85
N HIS A 154 3.76 25.03 11.86
CA HIS A 154 3.58 26.25 12.65
C HIS A 154 4.20 27.47 11.93
N HIS A 155 5.28 27.23 11.20
CA HIS A 155 5.91 28.27 10.38
C HIS A 155 5.43 28.16 8.92
N HIS A 156 4.50 29.04 8.54
CA HIS A 156 3.99 29.07 7.16
C HIS A 156 5.08 29.59 6.20
N HIS A 157 5.81 28.68 5.56
CA HIS A 157 6.84 29.06 4.58
C HIS A 157 6.25 29.89 3.42
N MET A 1 6.38 -19.83 -12.42
CA MET A 1 5.32 -18.95 -11.83
C MET A 1 4.27 -18.55 -12.87
N ARG A 2 3.17 -17.95 -12.41
CA ARG A 2 2.10 -17.48 -13.32
C ARG A 2 2.31 -16.03 -13.77
N VAL A 3 3.02 -15.27 -12.95
CA VAL A 3 3.42 -13.88 -13.28
C VAL A 3 2.22 -12.92 -13.45
N TYR A 4 2.12 -11.94 -12.56
CA TYR A 4 1.12 -10.87 -12.66
C TYR A 4 1.76 -9.55 -13.06
N LYS A 5 1.20 -8.89 -14.07
CA LYS A 5 1.68 -7.60 -14.53
C LYS A 5 0.74 -6.47 -14.07
N PRO A 6 1.14 -5.18 -14.21
CA PRO A 6 0.28 -4.03 -13.84
C PRO A 6 -0.90 -3.85 -14.81
N GLU A 7 -1.72 -4.89 -14.91
CA GLU A 7 -2.85 -4.95 -15.84
C GLU A 7 -3.63 -6.27 -15.64
N ASP A 8 -2.94 -7.30 -15.16
CA ASP A 8 -3.57 -8.54 -14.70
C ASP A 8 -4.29 -8.30 -13.36
N VAL A 9 -3.70 -7.44 -12.53
CA VAL A 9 -4.27 -7.09 -11.22
C VAL A 9 -5.61 -6.36 -11.37
N PRO A 10 -6.71 -6.93 -10.84
CA PRO A 10 -8.04 -6.30 -10.90
C PRO A 10 -8.05 -4.89 -10.28
N ASN A 11 -8.44 -3.90 -11.08
CA ASN A 11 -8.48 -2.50 -10.66
C ASN A 11 -9.63 -2.23 -9.68
N VAL A 12 -9.50 -2.76 -8.46
CA VAL A 12 -10.58 -2.68 -7.45
C VAL A 12 -10.98 -1.23 -7.13
N GLN A 13 -10.01 -0.34 -6.97
CA GLN A 13 -10.29 1.05 -6.58
C GLN A 13 -10.94 1.85 -7.73
N LEU A 14 -10.90 1.32 -8.94
CA LEU A 14 -11.51 1.99 -10.10
C LEU A 14 -12.99 1.59 -10.25
N ALA A 15 -13.32 0.37 -9.81
CA ALA A 15 -14.70 -0.14 -9.86
C ALA A 15 -15.45 0.15 -8.55
N ASP A 16 -14.74 0.08 -7.43
CA ASP A 16 -15.32 0.30 -6.10
C ASP A 16 -14.44 1.22 -5.25
N SER A 17 -15.07 2.10 -4.47
CA SER A 17 -14.34 3.05 -3.63
C SER A 17 -14.41 2.68 -2.14
N THR A 18 -15.21 1.67 -1.78
CA THR A 18 -15.39 1.30 -0.36
C THR A 18 -14.17 0.54 0.18
N ARG A 19 -13.50 -0.21 -0.70
CA ARG A 19 -12.29 -0.95 -0.33
C ARG A 19 -11.08 -0.49 -1.15
N LEU A 20 -9.87 -0.75 -0.66
CA LEU A 20 -8.65 -0.36 -1.36
C LEU A 20 -7.62 -1.52 -1.42
N VAL A 21 -8.09 -2.74 -1.13
CA VAL A 21 -7.21 -3.93 -1.14
C VAL A 21 -7.57 -4.90 -2.29
N THR A 22 -6.57 -5.30 -3.07
CA THR A 22 -6.73 -6.33 -4.11
C THR A 22 -6.21 -7.69 -3.63
N ASP A 23 -7.12 -8.63 -3.39
CA ASP A 23 -6.76 -9.95 -2.88
C ASP A 23 -6.54 -10.97 -4.03
N GLU A 24 -5.29 -11.10 -4.47
CA GLU A 24 -4.92 -12.13 -5.46
C GLU A 24 -4.13 -13.27 -4.79
N ALA A 25 -2.99 -12.93 -4.19
CA ALA A 25 -2.21 -13.89 -3.42
C ALA A 25 -2.99 -14.44 -2.21
N GLY A 26 -3.84 -13.59 -1.62
CA GLY A 26 -4.61 -14.00 -0.46
C GLY A 26 -3.74 -14.42 0.73
N LEU A 27 -2.77 -13.58 1.08
CA LEU A 27 -1.81 -13.89 2.15
C LEU A 27 -2.29 -13.39 3.52
N LEU A 28 -3.56 -13.00 3.61
CA LEU A 28 -4.12 -12.51 4.87
C LEU A 28 -5.38 -13.31 5.28
N SER A 29 -5.76 -13.18 6.54
CA SER A 29 -6.99 -13.79 7.06
C SER A 29 -8.20 -12.90 6.76
N ASN A 30 -9.39 -13.50 6.71
CA ASN A 30 -10.63 -12.77 6.40
C ASN A 30 -10.82 -11.54 7.31
N ALA A 31 -10.51 -11.71 8.60
CA ALA A 31 -10.58 -10.60 9.56
C ALA A 31 -9.55 -9.51 9.21
N GLN A 32 -8.32 -9.93 8.93
CA GLN A 32 -7.23 -8.98 8.57
C GLN A 32 -7.59 -8.17 7.32
N GLU A 33 -8.18 -8.83 6.32
CA GLU A 33 -8.70 -8.15 5.13
C GLU A 33 -9.70 -7.05 5.51
N GLU A 34 -10.72 -7.43 6.29
CA GLU A 34 -11.74 -6.50 6.77
C GLU A 34 -11.11 -5.30 7.51
N VAL A 35 -10.20 -5.60 8.44
CA VAL A 35 -9.53 -4.55 9.24
C VAL A 35 -8.67 -3.63 8.37
N MET A 36 -7.92 -4.20 7.43
CA MET A 36 -7.05 -3.40 6.56
C MET A 36 -7.86 -2.41 5.73
N ASN A 37 -8.89 -2.91 5.04
CA ASN A 37 -9.75 -2.03 4.23
C ASN A 37 -10.44 -0.98 5.11
N GLY A 38 -10.86 -1.38 6.32
CA GLY A 38 -11.46 -0.44 7.26
C GLY A 38 -10.52 0.70 7.64
N ARG A 39 -9.28 0.37 8.01
CA ARG A 39 -8.26 1.37 8.34
C ARG A 39 -7.91 2.26 7.13
N LEU A 40 -7.69 1.64 5.97
CA LEU A 40 -7.39 2.39 4.74
C LEU A 40 -8.51 3.41 4.43
N ARG A 41 -9.75 2.97 4.63
CA ARG A 41 -10.92 3.84 4.45
C ARG A 41 -10.96 4.95 5.50
N ALA A 42 -10.60 4.61 6.75
CA ALA A 42 -10.50 5.61 7.82
C ALA A 42 -9.46 6.68 7.47
N ILE A 43 -8.29 6.23 7.00
CA ILE A 43 -7.24 7.14 6.53
C ILE A 43 -7.75 7.99 5.34
N ARG A 44 -8.48 7.33 4.44
CA ARG A 44 -9.06 8.00 3.25
C ARG A 44 -9.85 9.26 3.64
N SER A 45 -10.46 9.24 4.82
CA SER A 45 -11.26 10.37 5.31
C SER A 45 -10.45 11.22 6.31
N SER A 46 -10.05 10.61 7.42
CA SER A 46 -9.35 11.32 8.51
C SER A 46 -8.05 11.98 8.05
N HIS A 47 -7.24 11.26 7.28
CA HIS A 47 -5.95 11.78 6.80
C HIS A 47 -6.02 12.15 5.31
N ALA A 48 -7.13 11.79 4.66
CA ALA A 48 -7.40 12.11 3.24
C ALA A 48 -6.51 11.31 2.27
N VAL A 49 -5.56 10.55 2.81
CA VAL A 49 -4.61 9.80 1.98
C VAL A 49 -5.27 8.55 1.34
N GLU A 50 -5.21 8.48 0.01
CA GLU A 50 -5.69 7.30 -0.71
C GLU A 50 -4.69 6.15 -0.56
N PHE A 51 -4.94 5.26 0.40
CA PHE A 51 -3.99 4.18 0.75
C PHE A 51 -4.50 2.82 0.21
N ALA A 52 -3.84 2.30 -0.82
CA ALA A 52 -4.24 1.03 -1.45
C ALA A 52 -3.19 -0.07 -1.23
N VAL A 53 -3.65 -1.32 -1.11
CA VAL A 53 -2.75 -2.46 -0.91
C VAL A 53 -3.05 -3.59 -1.94
N VAL A 54 -1.99 -4.15 -2.51
CA VAL A 54 -2.12 -5.24 -3.50
C VAL A 54 -1.25 -6.44 -3.13
N THR A 55 -1.82 -7.64 -3.22
CA THR A 55 -1.06 -8.88 -2.93
C THR A 55 -0.99 -9.80 -4.16
N LEU A 56 0.23 -10.13 -4.59
CA LEU A 56 0.43 -11.02 -5.74
C LEU A 56 1.33 -12.21 -5.40
N PRO A 57 1.00 -13.42 -5.91
CA PRO A 57 1.84 -14.60 -5.71
C PRO A 57 3.19 -14.51 -6.46
N SER A 58 3.16 -13.90 -7.65
CA SER A 58 4.38 -13.79 -8.48
C SER A 58 4.26 -12.69 -9.54
N ILE A 59 5.38 -12.02 -9.83
CA ILE A 59 5.45 -11.02 -10.92
C ILE A 59 6.55 -11.35 -11.94
N GLY A 60 7.41 -12.31 -11.58
CA GLY A 60 8.45 -12.78 -12.49
C GLY A 60 9.47 -11.70 -12.90
N ASP A 61 9.46 -11.34 -14.18
CA ASP A 61 10.44 -10.41 -14.75
C ASP A 61 9.97 -8.95 -14.66
N ALA A 62 8.91 -8.69 -13.90
CA ALA A 62 8.37 -7.33 -13.73
C ALA A 62 9.10 -6.56 -12.61
N PRO A 63 9.77 -5.43 -12.94
CA PRO A 63 10.44 -4.58 -11.93
C PRO A 63 9.45 -3.98 -10.92
N LEU A 64 9.72 -4.18 -9.63
CA LEU A 64 8.79 -3.82 -8.55
C LEU A 64 8.38 -2.33 -8.58
N GLU A 65 9.35 -1.44 -8.75
CA GLU A 65 9.08 0.01 -8.75
C GLU A 65 8.30 0.46 -10.00
N ASP A 66 8.58 -0.14 -11.15
CA ASP A 66 7.81 0.14 -12.36
C ASP A 66 6.40 -0.45 -12.28
N PHE A 67 6.27 -1.62 -11.66
CA PHE A 67 4.97 -2.25 -11.44
C PHE A 67 4.05 -1.35 -10.61
N THR A 68 4.52 -0.95 -9.42
CA THR A 68 3.74 -0.10 -8.51
C THR A 68 3.26 1.18 -9.21
N LEU A 69 4.15 1.80 -9.97
CA LEU A 69 3.82 3.02 -10.72
C LEU A 69 2.71 2.76 -11.76
N LYS A 70 2.93 1.81 -12.66
CA LYS A 70 1.99 1.55 -13.76
C LYS A 70 0.61 1.11 -13.24
N LEU A 71 0.59 0.37 -12.14
CA LEU A 71 -0.67 -0.07 -11.52
C LEU A 71 -1.42 1.11 -10.89
N ALA A 72 -0.71 1.91 -10.11
CA ALA A 72 -1.31 3.07 -9.44
C ALA A 72 -1.78 4.14 -10.44
N ARG A 73 -1.09 4.26 -11.58
CA ARG A 73 -1.45 5.23 -12.61
C ARG A 73 -2.85 4.97 -13.19
N GLN A 74 -3.10 3.72 -13.60
CA GLN A 74 -4.41 3.35 -14.15
C GLN A 74 -5.50 3.41 -13.06
N TRP A 75 -5.13 3.10 -11.82
CA TRP A 75 -6.05 3.22 -10.68
C TRP A 75 -6.34 4.68 -10.32
N GLY A 76 -5.50 5.60 -10.83
CA GLY A 76 -5.66 7.02 -10.52
C GLY A 76 -4.95 7.42 -9.22
N VAL A 77 -5.01 6.54 -8.21
CA VAL A 77 -4.39 6.79 -6.90
C VAL A 77 -2.89 7.17 -7.03
N GLY A 78 -2.27 6.76 -8.14
CA GLY A 78 -0.88 7.13 -8.40
C GLY A 78 -0.65 7.55 -9.84
N ASN A 79 -1.59 8.31 -10.42
CA ASN A 79 -1.48 8.80 -11.79
C ASN A 79 -0.24 9.69 -11.95
N GLU A 80 0.91 9.05 -12.20
CA GLU A 80 2.22 9.72 -12.23
C GLU A 80 2.35 10.70 -11.05
N LYS A 81 2.46 10.12 -9.85
CA LYS A 81 2.53 10.88 -8.60
C LYS A 81 1.25 11.70 -8.34
N ASN A 82 0.25 11.02 -7.79
CA ASN A 82 -1.05 11.62 -7.43
C ASN A 82 -0.97 12.36 -6.09
N ASN A 83 -1.91 13.25 -5.82
CA ASN A 83 -1.94 13.97 -4.54
C ASN A 83 -2.39 13.04 -3.39
N ASN A 84 -1.55 12.94 -2.37
CA ASN A 84 -1.81 12.12 -1.17
C ASN A 84 -2.33 10.71 -1.50
N GLY A 85 -1.72 10.10 -2.53
CA GLY A 85 -2.01 8.71 -2.86
C GLY A 85 -0.83 7.79 -2.55
N LEU A 86 -1.11 6.56 -2.12
CA LEU A 86 -0.05 5.62 -1.72
C LEU A 86 -0.42 4.18 -2.10
N LEU A 87 0.49 3.46 -2.75
CA LEU A 87 0.26 2.06 -3.13
C LEU A 87 1.28 1.11 -2.47
N LEU A 88 0.78 0.12 -1.73
CA LEU A 88 1.62 -0.89 -1.10
C LEU A 88 1.42 -2.26 -1.75
N VAL A 89 2.43 -2.74 -2.49
CA VAL A 89 2.35 -4.03 -3.18
C VAL A 89 3.26 -5.08 -2.54
N LEU A 90 2.71 -6.26 -2.24
CA LEU A 90 3.48 -7.39 -1.71
C LEU A 90 3.66 -8.49 -2.76
N VAL A 91 4.90 -8.78 -3.12
CA VAL A 91 5.22 -9.84 -4.08
C VAL A 91 5.73 -11.11 -3.37
N LEU A 92 4.85 -12.10 -3.22
CA LEU A 92 5.19 -13.35 -2.53
C LEU A 92 6.37 -14.09 -3.19
N ASP A 93 6.40 -14.08 -4.52
CA ASP A 93 7.50 -14.66 -5.31
C ASP A 93 8.88 -14.23 -4.79
N GLN A 94 9.04 -12.94 -4.54
CA GLN A 94 10.30 -12.38 -4.04
C GLN A 94 10.16 -11.95 -2.56
N ARG A 95 9.01 -12.30 -1.97
CA ARG A 95 8.65 -11.95 -0.58
C ARG A 95 9.19 -10.58 -0.12
N ARG A 96 8.81 -9.54 -0.86
CA ARG A 96 9.16 -8.16 -0.52
C ARG A 96 8.08 -7.17 -1.00
N VAL A 97 8.08 -5.97 -0.43
CA VAL A 97 7.04 -4.98 -0.72
C VAL A 97 7.63 -3.63 -1.16
N ARG A 98 6.77 -2.72 -1.61
CA ARG A 98 7.18 -1.34 -1.92
C ARG A 98 6.03 -0.34 -1.70
N PHE A 99 6.35 0.78 -1.05
CA PHE A 99 5.41 1.90 -0.92
C PHE A 99 5.64 2.92 -2.04
N GLU A 100 4.67 3.10 -2.92
CA GLU A 100 4.77 4.09 -3.99
C GLU A 100 3.98 5.36 -3.65
N THR A 101 4.69 6.46 -3.43
CA THR A 101 4.08 7.74 -3.06
C THR A 101 3.69 8.58 -4.27
N GLY A 102 2.62 9.36 -4.11
CA GLY A 102 2.28 10.38 -5.07
C GLY A 102 2.92 11.72 -4.74
N TYR A 103 2.51 12.76 -5.45
CA TYR A 103 3.05 14.11 -5.25
C TYR A 103 2.65 14.68 -3.89
N GLY A 104 1.55 14.19 -3.33
CA GLY A 104 1.00 14.75 -2.10
C GLY A 104 1.78 14.36 -0.85
N LEU A 105 2.39 13.18 -0.88
CA LEU A 105 3.03 12.61 0.31
C LEU A 105 4.50 13.00 0.47
N GLU A 106 5.02 13.78 -0.49
CA GLU A 106 6.41 14.27 -0.41
C GLU A 106 6.69 14.99 0.93
N GLY A 107 5.67 15.64 1.48
CA GLY A 107 5.82 16.36 2.75
C GLY A 107 5.42 15.55 3.98
N TYR A 108 5.07 14.28 3.78
CA TYR A 108 4.65 13.39 4.88
C TYR A 108 5.49 12.11 4.93
N LEU A 109 5.46 11.34 3.84
CA LEU A 109 6.11 10.04 3.77
C LEU A 109 7.20 10.02 2.68
N PRO A 110 8.43 10.44 3.01
CA PRO A 110 9.54 10.49 2.06
C PRO A 110 10.22 9.12 1.84
N ASP A 111 11.07 9.04 0.79
CA ASP A 111 11.78 7.81 0.43
C ASP A 111 12.45 7.13 1.64
N GLY A 112 13.20 7.92 2.43
CA GLY A 112 13.91 7.38 3.59
C GLY A 112 12.99 6.68 4.59
N LEU A 113 11.88 7.33 4.92
CA LEU A 113 10.90 6.77 5.86
C LEU A 113 10.30 5.45 5.35
N LEU A 114 9.84 5.47 4.10
CA LEU A 114 9.26 4.28 3.47
C LEU A 114 10.25 3.11 3.44
N SER A 115 11.50 3.40 3.10
CA SER A 115 12.56 2.39 3.06
C SER A 115 12.82 1.81 4.45
N ARG A 116 12.74 2.66 5.48
CA ARG A 116 12.91 2.21 6.86
C ARG A 116 11.84 1.17 7.23
N ILE A 117 10.57 1.52 7.07
CA ILE A 117 9.45 0.65 7.51
C ILE A 117 9.64 -0.79 7.02
N ILE A 118 9.98 -0.95 5.75
CA ILE A 118 10.23 -2.28 5.18
C ILE A 118 11.37 -3.01 5.90
N HIS A 119 12.53 -2.35 5.97
CA HIS A 119 13.75 -2.99 6.51
C HIS A 119 13.84 -2.92 8.06
N ASP A 120 12.94 -2.16 8.69
CA ASP A 120 13.00 -1.93 10.14
C ASP A 120 12.01 -2.80 10.93
N ARG A 121 10.80 -2.96 10.39
CA ARG A 121 9.73 -3.68 11.11
C ARG A 121 9.05 -4.78 10.26
N MET A 122 8.97 -4.60 8.94
CA MET A 122 8.35 -5.61 8.07
C MET A 122 9.19 -6.89 7.95
N ILE A 123 10.51 -6.76 7.86
CA ILE A 123 11.41 -7.92 7.68
C ILE A 123 11.11 -9.08 8.68
N PRO A 124 11.13 -8.84 10.01
CA PRO A 124 10.85 -9.89 11.02
C PRO A 124 9.50 -10.58 10.77
N HIS A 125 8.48 -9.82 10.35
CA HIS A 125 7.17 -10.42 10.03
C HIS A 125 7.27 -11.39 8.85
N PHE A 126 7.84 -10.92 7.74
CA PHE A 126 8.00 -11.77 6.55
C PHE A 126 8.85 -13.01 6.85
N ARG A 127 9.82 -12.88 7.76
CA ARG A 127 10.63 -14.01 8.21
C ARG A 127 9.79 -15.02 8.99
N SER A 128 8.93 -14.51 9.87
CA SER A 128 8.06 -15.34 10.72
C SER A 128 6.88 -15.92 9.92
N GLY A 129 6.79 -15.59 8.63
CA GLY A 129 5.66 -16.03 7.81
C GLY A 129 4.45 -15.11 7.95
N ASN A 130 4.62 -14.04 8.72
CA ASN A 130 3.56 -13.08 8.99
C ASN A 130 3.45 -12.02 7.87
N TYR A 131 3.29 -12.48 6.64
CA TYR A 131 3.14 -11.55 5.49
C TYR A 131 1.97 -10.60 5.71
N ALA A 132 0.87 -11.14 6.24
CA ALA A 132 -0.30 -10.34 6.61
C ALA A 132 0.04 -9.27 7.66
N GLU A 133 0.70 -9.69 8.74
CA GLU A 133 1.09 -8.77 9.81
C GLU A 133 2.05 -7.68 9.31
N GLY A 134 2.98 -8.04 8.43
CA GLY A 134 3.89 -7.07 7.83
C GLY A 134 3.16 -5.93 7.14
N LEU A 135 2.25 -6.28 6.24
CA LEU A 135 1.40 -5.29 5.57
C LEU A 135 0.53 -4.53 6.58
N SER A 136 -0.04 -5.27 7.53
CA SER A 136 -0.96 -4.70 8.54
C SER A 136 -0.28 -3.62 9.40
N GLU A 137 0.86 -3.96 9.98
CA GLU A 137 1.57 -3.03 10.88
C GLU A 137 2.28 -1.93 10.06
N GLY A 138 2.65 -2.24 8.82
CA GLY A 138 3.16 -1.23 7.90
C GLY A 138 2.13 -0.13 7.62
N VAL A 139 0.89 -0.54 7.33
CA VAL A 139 -0.24 0.39 7.20
C VAL A 139 -0.41 1.22 8.48
N LEU A 140 -0.41 0.53 9.62
CA LEU A 140 -0.52 1.18 10.92
C LEU A 140 0.61 2.18 11.15
N ALA A 141 1.83 1.82 10.72
CA ALA A 141 3.00 2.71 10.85
C ALA A 141 2.77 4.03 10.10
N VAL A 142 2.38 3.93 8.84
CA VAL A 142 2.06 5.12 8.03
C VAL A 142 0.93 5.94 8.69
N GLN A 143 -0.14 5.25 9.08
CA GLN A 143 -1.28 5.88 9.76
C GLN A 143 -0.82 6.70 10.99
N GLN A 144 0.09 6.13 11.79
CA GLN A 144 0.61 6.80 12.98
C GLN A 144 1.47 8.03 12.62
N VAL A 145 2.20 7.95 11.50
CA VAL A 145 2.97 9.09 11.01
C VAL A 145 2.06 10.27 10.64
N LEU A 146 1.09 10.00 9.76
CA LEU A 146 0.13 11.01 9.32
C LEU A 146 -0.56 11.69 10.50
N ASP A 147 -0.99 10.89 11.47
CA ASP A 147 -1.70 11.38 12.66
C ASP A 147 -0.90 12.46 13.40
N GLY A 148 0.42 12.29 13.45
CA GLY A 148 1.28 13.28 14.10
C GLY A 148 1.76 14.38 13.15
N SER A 149 1.72 14.09 11.85
CA SER A 149 2.22 15.03 10.82
C SER A 149 1.16 16.10 10.46
N LEU A 150 -0.11 15.79 10.67
CA LEU A 150 -1.21 16.73 10.36
C LEU A 150 -1.18 17.94 11.31
N GLU A 151 -0.27 18.88 11.04
CA GLU A 151 -0.15 20.16 11.79
C GLU A 151 0.43 19.98 13.20
N HIS A 152 0.19 18.83 13.82
CA HIS A 152 0.51 18.59 15.24
C HIS A 152 1.98 18.94 15.59
N HIS A 153 2.88 18.87 14.62
CA HIS A 153 4.30 19.22 14.86
C HIS A 153 4.47 20.73 15.11
N HIS A 154 3.63 21.54 14.47
CA HIS A 154 3.65 23.00 14.66
C HIS A 154 2.62 23.41 15.73
N HIS A 155 3.06 23.42 16.98
CA HIS A 155 2.16 23.63 18.13
C HIS A 155 1.67 25.09 18.23
N HIS A 156 0.35 25.27 18.18
CA HIS A 156 -0.26 26.61 18.32
C HIS A 156 -0.41 27.02 19.80
N HIS A 157 0.61 27.73 20.32
CA HIS A 157 0.64 28.25 21.71
C HIS A 157 -0.06 27.32 22.75
N MET A 1 0.53 -22.17 -9.12
CA MET A 1 1.30 -20.90 -9.22
C MET A 1 0.74 -19.99 -10.32
N ARG A 2 0.35 -18.76 -9.95
CA ARG A 2 -0.22 -17.80 -10.90
C ARG A 2 0.57 -16.47 -10.91
N VAL A 3 1.10 -16.09 -12.07
CA VAL A 3 1.82 -14.82 -12.21
C VAL A 3 0.84 -13.69 -12.59
N TYR A 4 1.03 -12.51 -12.00
CA TYR A 4 0.11 -11.37 -12.22
C TYR A 4 0.77 -10.22 -12.98
N LYS A 5 -0.09 -9.38 -13.57
CA LYS A 5 0.33 -8.19 -14.32
C LYS A 5 -0.38 -6.94 -13.77
N PRO A 6 0.16 -5.72 -14.00
CA PRO A 6 -0.44 -4.48 -13.46
C PRO A 6 -1.94 -4.34 -13.78
N GLU A 7 -2.31 -4.47 -15.05
CA GLU A 7 -3.72 -4.37 -15.45
C GLU A 7 -4.48 -5.69 -15.23
N ASP A 8 -3.79 -6.69 -14.70
CA ASP A 8 -4.42 -7.97 -14.34
C ASP A 8 -4.86 -7.96 -12.86
N VAL A 9 -4.36 -6.97 -12.12
CA VAL A 9 -4.74 -6.78 -10.71
C VAL A 9 -6.08 -6.01 -10.60
N PRO A 10 -7.02 -6.48 -9.75
CA PRO A 10 -8.30 -5.78 -9.53
C PRO A 10 -8.12 -4.30 -9.16
N ASN A 11 -8.50 -3.40 -10.08
CA ASN A 11 -8.32 -1.96 -9.86
C ASN A 11 -9.22 -1.41 -8.74
N VAL A 12 -8.80 -1.64 -7.50
CA VAL A 12 -9.59 -1.22 -6.33
C VAL A 12 -9.47 0.28 -6.02
N GLN A 13 -8.87 1.04 -6.93
CA GLN A 13 -8.87 2.51 -6.83
C GLN A 13 -9.52 3.13 -8.08
N LEU A 14 -10.29 2.32 -8.79
CA LEU A 14 -11.03 2.75 -9.97
C LEU A 14 -12.47 2.20 -9.90
N ALA A 15 -12.57 0.91 -9.56
CA ALA A 15 -13.87 0.27 -9.35
C ALA A 15 -14.20 0.16 -7.85
N ASP A 16 -13.55 -0.78 -7.16
CA ASP A 16 -13.77 -1.00 -5.72
C ASP A 16 -12.96 -0.01 -4.85
N SER A 17 -13.15 1.28 -5.09
CA SER A 17 -12.42 2.33 -4.35
C SER A 17 -12.82 2.39 -2.87
N THR A 18 -13.89 1.65 -2.49
CA THR A 18 -14.31 1.56 -1.08
C THR A 18 -13.56 0.42 -0.35
N ARG A 19 -12.83 -0.39 -1.13
CA ARG A 19 -12.06 -1.52 -0.59
C ARG A 19 -10.60 -1.12 -0.31
N LEU A 20 -9.89 -0.73 -1.38
CA LEU A 20 -8.48 -0.28 -1.32
C LEU A 20 -7.52 -1.45 -1.11
N VAL A 21 -8.05 -2.60 -0.71
CA VAL A 21 -7.24 -3.80 -0.43
C VAL A 21 -7.50 -4.90 -1.48
N THR A 22 -6.48 -5.69 -1.79
CA THR A 22 -6.62 -6.78 -2.77
C THR A 22 -5.66 -7.95 -2.48
N ASP A 23 -6.18 -9.03 -1.90
CA ASP A 23 -5.39 -10.24 -1.66
C ASP A 23 -5.52 -11.25 -2.81
N GLU A 24 -4.45 -11.40 -3.60
CA GLU A 24 -4.42 -12.38 -4.69
C GLU A 24 -3.38 -13.48 -4.41
N ALA A 25 -2.32 -13.13 -3.67
CA ALA A 25 -1.30 -14.10 -3.24
C ALA A 25 -1.88 -15.18 -2.31
N GLY A 26 -3.00 -14.87 -1.65
CA GLY A 26 -3.62 -15.82 -0.72
C GLY A 26 -2.97 -15.80 0.67
N LEU A 27 -2.74 -14.60 1.18
CA LEU A 27 -2.04 -14.42 2.46
C LEU A 27 -2.91 -13.71 3.51
N LEU A 28 -3.79 -12.82 3.05
CA LEU A 28 -4.67 -12.06 3.95
C LEU A 28 -6.02 -12.76 4.14
N SER A 29 -6.44 -12.87 5.40
CA SER A 29 -7.75 -13.47 5.74
C SER A 29 -8.88 -12.42 5.68
N ASN A 30 -10.12 -12.87 5.80
CA ASN A 30 -11.29 -11.98 5.71
C ASN A 30 -11.21 -10.84 6.74
N ALA A 31 -10.78 -11.16 7.95
CA ALA A 31 -10.56 -10.13 8.99
C ALA A 31 -9.45 -9.16 8.58
N GLN A 32 -8.33 -9.70 8.12
CA GLN A 32 -7.19 -8.87 7.68
C GLN A 32 -7.62 -7.87 6.59
N GLU A 33 -8.45 -8.33 5.65
CA GLU A 33 -9.03 -7.47 4.62
C GLU A 33 -9.86 -6.34 5.24
N GLU A 34 -10.86 -6.72 6.05
CA GLU A 34 -11.84 -5.76 6.56
C GLU A 34 -11.23 -4.77 7.57
N VAL A 35 -10.40 -5.26 8.49
CA VAL A 35 -9.71 -4.39 9.44
C VAL A 35 -8.83 -3.36 8.71
N MET A 36 -8.17 -3.79 7.64
CA MET A 36 -7.35 -2.89 6.83
C MET A 36 -8.25 -1.87 6.08
N ASN A 37 -9.35 -2.36 5.51
CA ASN A 37 -10.33 -1.50 4.82
C ASN A 37 -10.74 -0.29 5.68
N GLY A 38 -11.24 -0.58 6.89
CA GLY A 38 -11.69 0.48 7.79
C GLY A 38 -10.61 1.51 8.10
N ARG A 39 -9.36 1.06 8.24
CA ARG A 39 -8.23 1.98 8.43
C ARG A 39 -8.05 2.88 7.21
N LEU A 40 -7.95 2.27 6.04
CA LEU A 40 -7.74 3.01 4.79
C LEU A 40 -8.92 3.96 4.50
N ARG A 41 -10.12 3.56 4.94
CA ARG A 41 -11.31 4.41 4.81
C ARG A 41 -11.29 5.57 5.81
N ALA A 42 -10.84 5.30 7.05
CA ALA A 42 -10.74 6.34 8.08
C ALA A 42 -9.70 7.41 7.71
N ILE A 43 -8.55 6.98 7.21
CA ILE A 43 -7.48 7.89 6.78
C ILE A 43 -7.99 8.88 5.70
N ARG A 44 -8.77 8.39 4.74
CA ARG A 44 -9.30 9.23 3.68
C ARG A 44 -10.46 10.13 4.19
N SER A 45 -11.14 9.71 5.26
CA SER A 45 -12.22 10.52 5.83
C SER A 45 -11.65 11.81 6.42
N SER A 46 -10.38 11.72 6.86
CA SER A 46 -9.66 12.86 7.43
C SER A 46 -8.63 13.43 6.43
N HIS A 47 -7.56 12.68 6.19
CA HIS A 47 -6.44 13.13 5.36
C HIS A 47 -6.76 13.09 3.85
N ALA A 48 -7.88 12.47 3.49
CA ALA A 48 -8.30 12.32 2.09
C ALA A 48 -7.32 11.42 1.28
N VAL A 49 -6.45 10.72 1.99
CA VAL A 49 -5.44 9.87 1.36
C VAL A 49 -6.00 8.52 0.87
N GLU A 50 -5.72 8.18 -0.39
CA GLU A 50 -6.10 6.87 -0.93
C GLU A 50 -4.92 5.89 -0.82
N PHE A 51 -4.95 5.08 0.24
CA PHE A 51 -3.89 4.13 0.56
C PHE A 51 -4.31 2.69 0.18
N ALA A 52 -3.75 2.17 -0.92
CA ALA A 52 -4.13 0.86 -1.44
C ALA A 52 -3.09 -0.22 -1.12
N VAL A 53 -3.57 -1.43 -0.78
CA VAL A 53 -2.70 -2.57 -0.44
C VAL A 53 -3.03 -3.80 -1.31
N VAL A 54 -2.05 -4.32 -2.04
CA VAL A 54 -2.25 -5.47 -2.92
C VAL A 54 -1.22 -6.59 -2.66
N THR A 55 -1.66 -7.84 -2.67
CA THR A 55 -0.76 -8.99 -2.52
C THR A 55 -0.79 -9.88 -3.78
N LEU A 56 0.38 -10.14 -4.34
CA LEU A 56 0.50 -10.99 -5.52
C LEU A 56 1.61 -12.04 -5.32
N PRO A 57 1.45 -13.26 -5.89
CA PRO A 57 2.52 -14.28 -5.84
C PRO A 57 3.82 -13.78 -6.48
N SER A 58 3.80 -13.59 -7.80
CA SER A 58 4.96 -13.02 -8.50
C SER A 58 4.50 -12.08 -9.62
N ILE A 59 5.37 -11.18 -10.03
CA ILE A 59 5.08 -10.20 -11.08
C ILE A 59 5.89 -10.51 -12.36
N GLY A 60 6.30 -11.77 -12.51
CA GLY A 60 7.17 -12.16 -13.61
C GLY A 60 8.62 -11.74 -13.39
N ASP A 61 9.31 -11.35 -14.45
CA ASP A 61 10.68 -10.84 -14.35
C ASP A 61 10.70 -9.30 -14.32
N ALA A 62 9.52 -8.70 -14.18
CA ALA A 62 9.40 -7.23 -14.12
C ALA A 62 9.93 -6.67 -12.79
N PRO A 63 10.60 -5.50 -12.83
CA PRO A 63 11.11 -4.82 -11.62
C PRO A 63 9.98 -4.29 -10.72
N LEU A 64 10.19 -4.33 -9.41
CA LEU A 64 9.17 -3.96 -8.42
C LEU A 64 8.73 -2.49 -8.55
N GLU A 65 9.70 -1.58 -8.67
CA GLU A 65 9.40 -0.14 -8.78
C GLU A 65 8.51 0.17 -10.00
N ASP A 66 8.92 -0.28 -11.18
CA ASP A 66 8.15 -0.06 -12.40
C ASP A 66 6.75 -0.68 -12.31
N PHE A 67 6.64 -1.81 -11.61
CA PHE A 67 5.34 -2.46 -11.42
C PHE A 67 4.38 -1.58 -10.61
N THR A 68 4.82 -1.16 -9.41
CA THR A 68 3.99 -0.31 -8.54
C THR A 68 3.64 1.00 -9.23
N LEU A 69 4.60 1.56 -9.97
CA LEU A 69 4.36 2.78 -10.74
C LEU A 69 3.23 2.58 -11.77
N LYS A 70 3.39 1.56 -12.63
CA LYS A 70 2.40 1.27 -13.68
C LYS A 70 1.01 0.94 -13.09
N LEU A 71 1.00 0.34 -11.91
CA LEU A 71 -0.26 0.00 -11.23
C LEU A 71 -0.94 1.25 -10.67
N ALA A 72 -0.17 2.09 -9.95
CA ALA A 72 -0.70 3.33 -9.38
C ALA A 72 -1.17 4.31 -10.48
N ARG A 73 -0.43 4.35 -11.59
CA ARG A 73 -0.77 5.24 -12.71
C ARG A 73 -2.15 4.93 -13.30
N GLN A 74 -2.38 3.68 -13.69
CA GLN A 74 -3.65 3.27 -14.29
C GLN A 74 -4.82 3.42 -13.30
N TRP A 75 -4.51 3.32 -11.99
CA TRP A 75 -5.52 3.50 -10.95
C TRP A 75 -5.79 4.99 -10.66
N GLY A 76 -5.07 5.88 -11.34
CA GLY A 76 -5.27 7.32 -11.17
C GLY A 76 -4.57 7.90 -9.94
N VAL A 77 -4.71 7.21 -8.80
CA VAL A 77 -4.09 7.64 -7.54
C VAL A 77 -2.59 7.98 -7.70
N GLY A 78 -1.93 7.32 -8.65
CA GLY A 78 -0.52 7.60 -8.92
C GLY A 78 -0.24 7.86 -10.39
N ASN A 79 -1.15 8.59 -11.06
CA ASN A 79 -1.01 8.92 -12.49
C ASN A 79 0.44 9.31 -12.84
N GLU A 80 1.00 10.20 -12.03
CA GLU A 80 2.44 10.49 -12.03
C GLU A 80 2.76 11.45 -10.87
N LYS A 81 3.08 10.87 -9.72
CA LYS A 81 3.28 11.64 -8.48
C LYS A 81 2.03 12.48 -8.14
N ASN A 82 0.88 11.81 -8.10
CA ASN A 82 -0.41 12.46 -7.83
C ASN A 82 -0.57 12.85 -6.36
N ASN A 83 -1.59 13.63 -6.04
CA ASN A 83 -1.86 14.00 -4.66
C ASN A 83 -2.39 12.81 -3.82
N ASN A 84 -1.89 12.71 -2.58
CA ASN A 84 -2.33 11.73 -1.56
C ASN A 84 -2.60 10.31 -2.08
N GLY A 85 -1.94 9.93 -3.16
CA GLY A 85 -2.00 8.55 -3.64
C GLY A 85 -0.87 7.70 -3.10
N LEU A 86 -1.19 6.60 -2.42
CA LEU A 86 -0.18 5.72 -1.84
C LEU A 86 -0.49 4.24 -2.14
N LEU A 87 0.44 3.56 -2.80
CA LEU A 87 0.25 2.14 -3.16
C LEU A 87 1.23 1.22 -2.40
N LEU A 88 0.72 0.09 -1.93
CA LEU A 88 1.55 -0.91 -1.22
C LEU A 88 1.38 -2.30 -1.85
N VAL A 89 2.39 -2.74 -2.60
CA VAL A 89 2.33 -4.06 -3.27
C VAL A 89 3.32 -5.07 -2.65
N LEU A 90 2.81 -6.26 -2.33
CA LEU A 90 3.64 -7.35 -1.81
C LEU A 90 3.81 -8.46 -2.86
N VAL A 91 5.05 -8.86 -3.10
CA VAL A 91 5.34 -9.98 -3.99
C VAL A 91 5.78 -11.22 -3.17
N LEU A 92 4.91 -12.24 -3.10
CA LEU A 92 5.16 -13.44 -2.28
C LEU A 92 6.48 -14.13 -2.61
N ASP A 93 6.67 -14.50 -3.88
CA ASP A 93 7.88 -15.18 -4.33
C ASP A 93 9.17 -14.38 -4.05
N GLN A 94 9.03 -13.06 -3.94
CA GLN A 94 10.17 -12.18 -3.62
C GLN A 94 10.11 -11.72 -2.15
N ARG A 95 9.01 -12.05 -1.46
CA ARG A 95 8.73 -11.61 -0.07
C ARG A 95 9.29 -10.21 0.25
N ARG A 96 8.97 -9.26 -0.63
CA ARG A 96 9.33 -7.86 -0.43
C ARG A 96 8.19 -6.94 -0.92
N VAL A 97 8.11 -5.74 -0.39
CA VAL A 97 7.03 -4.81 -0.71
C VAL A 97 7.57 -3.43 -1.12
N ARG A 98 6.68 -2.57 -1.60
CA ARG A 98 7.06 -1.19 -1.96
C ARG A 98 5.89 -0.21 -1.75
N PHE A 99 6.17 0.92 -1.10
CA PHE A 99 5.21 2.02 -0.98
C PHE A 99 5.44 3.07 -2.09
N GLU A 100 4.49 3.18 -3.01
CA GLU A 100 4.58 4.19 -4.08
C GLU A 100 3.83 5.46 -3.68
N THR A 101 4.58 6.56 -3.46
CA THR A 101 3.98 7.83 -3.03
C THR A 101 3.77 8.81 -4.18
N GLY A 102 2.69 9.58 -4.09
CA GLY A 102 2.51 10.73 -4.94
C GLY A 102 2.96 12.03 -4.28
N TYR A 103 2.70 13.14 -4.95
CA TYR A 103 3.16 14.45 -4.48
C TYR A 103 2.52 14.84 -3.15
N GLY A 104 1.31 14.32 -2.89
CA GLY A 104 0.54 14.75 -1.73
C GLY A 104 1.08 14.22 -0.41
N LEU A 105 2.03 13.30 -0.47
CA LEU A 105 2.56 12.64 0.73
C LEU A 105 4.09 12.69 0.79
N GLU A 106 4.73 13.37 -0.15
CA GLU A 106 6.20 13.48 -0.16
C GLU A 106 6.71 14.19 1.11
N GLY A 107 6.01 15.25 1.51
CA GLY A 107 6.37 15.96 2.74
C GLY A 107 6.19 15.11 4.00
N TYR A 108 5.34 14.10 3.92
CA TYR A 108 5.09 13.19 5.06
C TYR A 108 6.01 11.96 5.02
N LEU A 109 5.83 11.10 4.01
CA LEU A 109 6.59 9.85 3.91
C LEU A 109 7.46 9.82 2.63
N PRO A 110 8.75 10.22 2.73
CA PRO A 110 9.69 10.12 1.61
C PRO A 110 10.24 8.70 1.42
N ASP A 111 11.03 8.50 0.36
CA ASP A 111 11.61 7.19 0.03
C ASP A 111 12.33 6.56 1.24
N GLY A 112 13.12 7.36 1.94
CA GLY A 112 13.85 6.85 3.11
C GLY A 112 12.95 6.29 4.20
N LEU A 113 11.92 7.07 4.59
CA LEU A 113 10.97 6.63 5.61
C LEU A 113 10.23 5.35 5.19
N LEU A 114 9.70 5.36 3.96
CA LEU A 114 9.00 4.20 3.41
C LEU A 114 9.90 2.96 3.42
N SER A 115 11.14 3.11 2.94
CA SER A 115 12.11 2.01 2.91
C SER A 115 12.43 1.52 4.32
N ARG A 116 12.48 2.45 5.28
CA ARG A 116 12.75 2.09 6.68
C ARG A 116 11.61 1.24 7.26
N ILE A 117 10.37 1.69 7.10
CA ILE A 117 9.20 0.91 7.54
C ILE A 117 9.27 -0.52 6.98
N ILE A 118 9.54 -0.62 5.67
CA ILE A 118 9.63 -1.92 5.01
C ILE A 118 10.70 -2.84 5.62
N HIS A 119 11.95 -2.38 5.67
CA HIS A 119 13.06 -3.25 6.05
C HIS A 119 13.25 -3.37 7.58
N ASP A 120 12.76 -2.39 8.34
CA ASP A 120 12.94 -2.38 9.79
C ASP A 120 11.84 -3.18 10.52
N ARG A 121 10.63 -3.09 10.01
CA ARG A 121 9.47 -3.73 10.64
C ARG A 121 8.89 -4.86 9.77
N MET A 122 8.47 -4.51 8.56
CA MET A 122 7.75 -5.46 7.68
C MET A 122 8.60 -6.69 7.28
N ILE A 123 9.84 -6.47 6.84
CA ILE A 123 10.73 -7.55 6.39
C ILE A 123 10.96 -8.62 7.49
N PRO A 124 11.35 -8.22 8.73
CA PRO A 124 11.47 -9.15 9.86
C PRO A 124 10.24 -10.08 10.01
N HIS A 125 9.05 -9.57 9.69
CA HIS A 125 7.83 -10.37 9.69
C HIS A 125 7.80 -11.33 8.47
N PHE A 126 8.06 -10.80 7.27
CA PHE A 126 8.03 -11.60 6.04
C PHE A 126 9.00 -12.79 6.10
N ARG A 127 10.22 -12.56 6.58
CA ARG A 127 11.21 -13.63 6.74
C ARG A 127 10.73 -14.69 7.74
N SER A 128 9.83 -14.28 8.63
CA SER A 128 9.22 -15.19 9.62
C SER A 128 7.91 -15.79 9.10
N GLY A 129 7.58 -15.53 7.84
CA GLY A 129 6.34 -16.03 7.25
C GLY A 129 5.11 -15.19 7.61
N ASN A 130 5.32 -14.14 8.40
CA ASN A 130 4.23 -13.29 8.86
C ASN A 130 3.93 -12.17 7.83
N TYR A 131 3.35 -12.56 6.70
CA TYR A 131 2.97 -11.58 5.67
C TYR A 131 1.77 -10.75 6.14
N ALA A 132 0.80 -11.41 6.76
CA ALA A 132 -0.37 -10.73 7.31
C ALA A 132 0.04 -9.70 8.39
N GLU A 133 0.92 -10.13 9.30
CA GLU A 133 1.48 -9.22 10.31
C GLU A 133 2.23 -8.05 9.65
N GLY A 134 3.17 -8.37 8.76
CA GLY A 134 3.97 -7.35 8.08
C GLY A 134 3.13 -6.28 7.38
N LEU A 135 2.17 -6.72 6.57
CA LEU A 135 1.28 -5.80 5.85
C LEU A 135 0.39 -5.00 6.82
N SER A 136 -0.23 -5.69 7.78
CA SER A 136 -1.16 -5.04 8.72
C SER A 136 -0.46 -3.96 9.56
N GLU A 137 0.68 -4.33 10.16
CA GLU A 137 1.43 -3.39 11.00
C GLU A 137 2.19 -2.36 10.15
N GLY A 138 2.53 -2.74 8.91
CA GLY A 138 3.13 -1.79 7.97
C GLY A 138 2.17 -0.68 7.58
N VAL A 139 0.94 -1.06 7.23
CA VAL A 139 -0.14 -0.09 6.97
C VAL A 139 -0.37 0.80 8.20
N LEU A 140 -0.41 0.16 9.38
CA LEU A 140 -0.58 0.89 10.63
C LEU A 140 0.62 1.82 10.89
N ALA A 141 1.82 1.38 10.50
CA ALA A 141 3.03 2.20 10.63
C ALA A 141 2.92 3.50 9.83
N VAL A 142 2.40 3.40 8.60
CA VAL A 142 2.12 4.58 7.78
C VAL A 142 1.06 5.47 8.45
N GLN A 143 -0.03 4.83 8.90
CA GLN A 143 -1.07 5.53 9.64
C GLN A 143 -0.52 6.25 10.89
N GLN A 144 0.46 5.63 11.55
CA GLN A 144 1.13 6.24 12.71
C GLN A 144 1.76 7.59 12.36
N VAL A 145 2.17 7.75 11.10
CA VAL A 145 2.73 9.03 10.63
C VAL A 145 1.61 10.08 10.44
N LEU A 146 0.55 9.69 9.73
CA LEU A 146 -0.57 10.61 9.44
C LEU A 146 -1.41 10.91 10.71
N ASP A 147 -1.96 9.85 11.32
CA ASP A 147 -2.76 9.99 12.53
C ASP A 147 -1.91 10.35 13.75
N GLY A 148 -0.60 10.20 13.63
CA GLY A 148 0.33 10.65 14.67
C GLY A 148 0.49 12.16 14.69
N SER A 149 0.09 12.81 13.60
CA SER A 149 0.13 14.28 13.50
C SER A 149 -1.28 14.86 13.69
N LEU A 150 -2.15 14.63 12.72
CA LEU A 150 -3.53 15.14 12.78
C LEU A 150 -4.46 14.09 13.41
N GLU A 151 -4.46 14.04 14.74
CA GLU A 151 -5.32 13.12 15.49
C GLU A 151 -6.79 13.55 15.40
N HIS A 152 -7.01 14.86 15.32
CA HIS A 152 -8.34 15.43 15.17
C HIS A 152 -8.84 15.23 13.73
N HIS A 153 -9.49 14.09 13.47
CA HIS A 153 -9.88 13.69 12.12
C HIS A 153 -10.81 14.69 11.41
N HIS A 154 -11.54 15.50 12.16
CA HIS A 154 -12.40 16.52 11.53
C HIS A 154 -11.54 17.59 10.84
N HIS A 155 -11.19 17.32 9.58
CA HIS A 155 -10.22 18.14 8.83
C HIS A 155 -10.82 19.45 8.28
N HIS A 156 -9.94 20.43 8.08
CA HIS A 156 -10.31 21.74 7.52
C HIS A 156 -10.55 21.66 6.00
N HIS A 157 -11.57 22.37 5.52
CA HIS A 157 -11.81 22.47 4.06
C HIS A 157 -11.31 23.82 3.51
N MET A 1 4.04 -20.58 -8.03
CA MET A 1 4.44 -19.34 -8.75
C MET A 1 3.42 -18.99 -9.84
N ARG A 2 3.15 -17.70 -10.03
CA ARG A 2 2.23 -17.24 -11.08
C ARG A 2 2.44 -15.75 -11.38
N VAL A 3 2.73 -15.43 -12.63
CA VAL A 3 3.04 -14.06 -13.04
C VAL A 3 1.77 -13.20 -13.18
N TYR A 4 1.62 -12.23 -12.28
CA TYR A 4 0.54 -11.25 -12.35
C TYR A 4 1.05 -9.90 -12.86
N LYS A 5 0.41 -9.38 -13.90
CA LYS A 5 0.75 -8.06 -14.44
C LYS A 5 -0.06 -6.96 -13.74
N PRO A 6 0.48 -5.73 -13.64
CA PRO A 6 -0.22 -4.62 -12.97
C PRO A 6 -1.51 -4.23 -13.70
N GLU A 7 -1.58 -4.62 -14.97
CA GLU A 7 -2.74 -4.34 -15.82
C GLU A 7 -3.79 -5.45 -15.71
N ASP A 8 -3.44 -6.53 -15.01
CA ASP A 8 -4.34 -7.66 -14.78
C ASP A 8 -4.74 -7.78 -13.30
N VAL A 9 -4.27 -6.84 -12.47
CA VAL A 9 -4.66 -6.76 -11.06
C VAL A 9 -6.02 -6.05 -10.92
N PRO A 10 -6.98 -6.64 -10.16
CA PRO A 10 -8.32 -6.05 -9.96
C PRO A 10 -8.26 -4.54 -9.59
N ASN A 11 -8.83 -3.70 -10.45
CA ASN A 11 -8.82 -2.25 -10.25
C ASN A 11 -9.69 -1.83 -9.05
N VAL A 12 -9.24 -2.14 -7.83
CA VAL A 12 -10.03 -1.87 -6.62
C VAL A 12 -10.34 -0.37 -6.43
N GLN A 13 -9.50 0.50 -6.98
CA GLN A 13 -9.74 1.95 -6.91
C GLN A 13 -10.87 2.37 -7.86
N LEU A 14 -11.09 1.58 -8.90
CA LEU A 14 -12.16 1.84 -9.89
C LEU A 14 -13.44 1.07 -9.53
N ALA A 15 -13.28 -0.10 -8.92
CA ALA A 15 -14.42 -0.93 -8.50
C ALA A 15 -14.96 -0.52 -7.11
N ASP A 16 -14.05 -0.35 -6.15
CA ASP A 16 -14.44 -0.02 -4.77
C ASP A 16 -14.14 1.43 -4.41
N SER A 17 -12.85 1.78 -4.37
CA SER A 17 -12.35 3.09 -3.88
C SER A 17 -12.69 3.31 -2.39
N THR A 18 -13.35 2.32 -1.78
CA THR A 18 -13.75 2.40 -0.36
C THR A 18 -12.94 1.41 0.51
N ARG A 19 -12.65 0.23 -0.04
CA ARG A 19 -11.83 -0.77 0.66
C ARG A 19 -10.32 -0.54 0.42
N LEU A 20 -9.96 -0.39 -0.86
CA LEU A 20 -8.55 -0.20 -1.28
C LEU A 20 -7.68 -1.45 -1.00
N VAL A 21 -8.34 -2.58 -0.71
CA VAL A 21 -7.66 -3.84 -0.44
C VAL A 21 -7.73 -4.80 -1.65
N THR A 22 -6.56 -5.31 -2.06
CA THR A 22 -6.47 -6.22 -3.22
C THR A 22 -5.67 -7.48 -2.87
N ASP A 23 -6.34 -8.64 -2.83
CA ASP A 23 -5.69 -9.90 -2.45
C ASP A 23 -5.85 -10.98 -3.54
N GLU A 24 -4.78 -11.19 -4.32
CA GLU A 24 -4.73 -12.28 -5.31
C GLU A 24 -3.90 -13.46 -4.80
N ALA A 25 -2.80 -13.15 -4.12
CA ALA A 25 -1.90 -14.17 -3.56
C ALA A 25 -2.56 -15.03 -2.48
N GLY A 26 -3.64 -14.53 -1.87
CA GLY A 26 -4.31 -15.27 -0.80
C GLY A 26 -3.57 -15.17 0.53
N LEU A 27 -3.03 -13.99 0.82
CA LEU A 27 -2.25 -13.78 2.04
C LEU A 27 -3.08 -13.07 3.11
N LEU A 28 -4.05 -12.27 2.68
CA LEU A 28 -4.93 -11.55 3.61
C LEU A 28 -6.28 -12.28 3.79
N SER A 29 -6.49 -12.90 4.95
CA SER A 29 -7.76 -13.55 5.25
C SER A 29 -8.85 -12.51 5.58
N ASN A 30 -10.12 -12.92 5.48
CA ASN A 30 -11.26 -12.01 5.70
C ASN A 30 -11.09 -11.14 6.97
N ALA A 31 -10.51 -11.73 8.02
CA ALA A 31 -10.24 -10.99 9.26
C ALA A 31 -9.23 -9.84 9.02
N GLN A 32 -8.10 -10.17 8.41
CA GLN A 32 -7.08 -9.16 8.09
C GLN A 32 -7.65 -8.11 7.11
N GLU A 33 -8.42 -8.58 6.13
CA GLU A 33 -9.12 -7.68 5.20
C GLU A 33 -10.06 -6.73 5.95
N GLU A 34 -10.79 -7.27 6.92
CA GLU A 34 -11.74 -6.49 7.73
C GLU A 34 -11.02 -5.34 8.46
N VAL A 35 -9.94 -5.68 9.18
CA VAL A 35 -9.14 -4.69 9.90
C VAL A 35 -8.48 -3.69 8.94
N MET A 36 -7.88 -4.21 7.86
CA MET A 36 -7.17 -3.37 6.88
C MET A 36 -8.13 -2.39 6.20
N ASN A 37 -9.31 -2.87 5.80
CA ASN A 37 -10.37 -2.00 5.25
C ASN A 37 -10.68 -0.85 6.21
N GLY A 38 -10.85 -1.20 7.49
CA GLY A 38 -11.14 -0.20 8.51
C GLY A 38 -10.00 0.82 8.67
N ARG A 39 -8.76 0.36 8.54
CA ARG A 39 -7.60 1.26 8.59
C ARG A 39 -7.58 2.21 7.38
N LEU A 40 -7.59 1.64 6.18
CA LEU A 40 -7.48 2.42 4.94
C LEU A 40 -8.66 3.39 4.77
N ARG A 41 -9.86 2.88 4.97
CA ARG A 41 -11.08 3.70 4.87
C ARG A 41 -11.04 4.88 5.85
N ALA A 42 -10.65 4.60 7.10
CA ALA A 42 -10.50 5.64 8.11
C ALA A 42 -9.48 6.71 7.69
N ILE A 43 -8.39 6.27 7.05
CA ILE A 43 -7.36 7.19 6.55
C ILE A 43 -7.91 8.09 5.44
N ARG A 44 -8.57 7.50 4.45
CA ARG A 44 -9.14 8.27 3.33
C ARG A 44 -10.27 9.19 3.80
N SER A 45 -10.97 8.80 4.86
CA SER A 45 -12.04 9.63 5.43
C SER A 45 -11.47 10.81 6.24
N SER A 46 -10.54 10.50 7.15
CA SER A 46 -9.96 11.51 8.06
C SER A 46 -8.83 12.30 7.40
N HIS A 47 -7.84 11.59 6.88
CA HIS A 47 -6.63 12.21 6.32
C HIS A 47 -6.83 12.56 4.83
N ALA A 48 -7.78 11.87 4.18
CA ALA A 48 -8.04 12.01 2.73
C ALA A 48 -6.92 11.38 1.90
N VAL A 49 -6.13 10.51 2.54
CA VAL A 49 -5.03 9.81 1.87
C VAL A 49 -5.52 8.51 1.22
N GLU A 50 -5.38 8.40 -0.09
CA GLU A 50 -5.75 7.19 -0.82
C GLU A 50 -4.63 6.13 -0.70
N PHE A 51 -4.79 5.22 0.26
CA PHE A 51 -3.77 4.22 0.59
C PHE A 51 -4.23 2.81 0.17
N ALA A 52 -3.60 2.25 -0.86
CA ALA A 52 -4.03 0.96 -1.42
C ALA A 52 -3.01 -0.17 -1.14
N VAL A 53 -3.52 -1.37 -0.87
CA VAL A 53 -2.68 -2.54 -0.60
C VAL A 53 -2.98 -3.69 -1.60
N VAL A 54 -1.93 -4.27 -2.18
CA VAL A 54 -2.09 -5.36 -3.16
C VAL A 54 -1.18 -6.57 -2.83
N THR A 55 -1.70 -7.78 -2.99
CA THR A 55 -0.91 -9.00 -2.76
C THR A 55 -0.92 -9.92 -4.01
N LEU A 56 0.27 -10.23 -4.52
CA LEU A 56 0.40 -11.08 -5.72
C LEU A 56 1.45 -12.17 -5.50
N PRO A 57 1.25 -13.38 -6.07
CA PRO A 57 2.23 -14.48 -5.97
C PRO A 57 3.57 -14.14 -6.64
N SER A 58 3.59 -14.03 -7.97
CA SER A 58 4.84 -13.72 -8.71
C SER A 58 4.60 -12.58 -9.71
N ILE A 59 5.67 -11.87 -10.08
CA ILE A 59 5.57 -10.78 -11.07
C ILE A 59 6.51 -11.02 -12.27
N GLY A 60 7.21 -12.15 -12.27
CA GLY A 60 8.07 -12.52 -13.38
C GLY A 60 9.33 -11.65 -13.46
N ASP A 61 9.52 -10.99 -14.60
CA ASP A 61 10.71 -10.16 -14.82
C ASP A 61 10.39 -8.66 -14.69
N ALA A 62 9.17 -8.33 -14.31
CA ALA A 62 8.76 -6.94 -14.09
C ALA A 62 9.34 -6.42 -12.76
N PRO A 63 10.19 -5.37 -12.80
CA PRO A 63 10.79 -4.81 -11.58
C PRO A 63 9.73 -4.19 -10.64
N LEU A 64 9.80 -4.55 -9.36
CA LEU A 64 8.83 -4.11 -8.36
C LEU A 64 8.56 -2.59 -8.42
N GLU A 65 9.62 -1.81 -8.63
CA GLU A 65 9.51 -0.34 -8.72
C GLU A 65 8.65 0.10 -9.92
N ASP A 66 8.88 -0.49 -11.08
CA ASP A 66 8.11 -0.17 -12.29
C ASP A 66 6.69 -0.72 -12.18
N PHE A 67 6.56 -1.87 -11.53
CA PHE A 67 5.27 -2.52 -11.30
C PHE A 67 4.33 -1.60 -10.52
N THR A 68 4.80 -1.08 -9.38
CA THR A 68 4.02 -0.15 -8.55
C THR A 68 3.71 1.14 -9.33
N LEU A 69 4.69 1.63 -10.08
CA LEU A 69 4.50 2.83 -10.90
C LEU A 69 3.33 2.67 -11.89
N LYS A 70 3.36 1.58 -12.67
CA LYS A 70 2.28 1.29 -13.63
C LYS A 70 0.93 1.12 -12.93
N LEU A 71 0.90 0.31 -11.88
CA LEU A 71 -0.34 0.01 -11.15
C LEU A 71 -0.97 1.29 -10.57
N ALA A 72 -0.16 2.14 -9.95
CA ALA A 72 -0.65 3.38 -9.34
C ALA A 72 -1.21 4.37 -10.37
N ARG A 73 -0.46 4.61 -11.46
CA ARG A 73 -0.89 5.56 -12.49
C ARG A 73 -2.12 5.02 -13.25
N GLN A 74 -2.21 3.70 -13.38
CA GLN A 74 -3.36 3.06 -14.03
C GLN A 74 -4.63 3.16 -13.15
N TRP A 75 -4.46 3.01 -11.84
CA TRP A 75 -5.57 3.11 -10.89
C TRP A 75 -5.92 4.57 -10.55
N GLY A 76 -5.32 5.52 -11.28
CA GLY A 76 -5.63 6.93 -11.07
C GLY A 76 -4.88 7.56 -9.89
N VAL A 77 -4.80 6.82 -8.78
CA VAL A 77 -4.15 7.32 -7.55
C VAL A 77 -2.67 7.69 -7.76
N GLY A 78 -2.12 7.45 -8.94
CA GLY A 78 -0.74 7.82 -9.23
C GLY A 78 -0.56 8.58 -10.55
N ASN A 79 -1.60 9.29 -11.00
CA ASN A 79 -1.49 10.07 -12.25
C ASN A 79 -0.35 11.10 -12.18
N GLU A 80 0.79 10.77 -12.80
CA GLU A 80 2.04 11.56 -12.71
C GLU A 80 2.24 12.10 -11.29
N LYS A 81 2.11 11.21 -10.30
CA LYS A 81 2.14 11.57 -8.88
C LYS A 81 0.89 12.36 -8.46
N ASN A 82 -0.19 11.64 -8.20
CA ASN A 82 -1.43 12.24 -7.68
C ASN A 82 -1.17 12.80 -6.27
N ASN A 83 -2.03 13.67 -5.78
CA ASN A 83 -1.83 14.29 -4.45
C ASN A 83 -1.78 13.25 -3.30
N ASN A 84 -2.90 13.05 -2.59
CA ASN A 84 -2.95 12.07 -1.51
C ASN A 84 -3.06 10.64 -2.03
N GLY A 85 -1.94 10.09 -2.49
CA GLY A 85 -1.92 8.72 -3.01
C GLY A 85 -0.71 7.92 -2.51
N LEU A 86 -0.95 6.68 -2.10
CA LEU A 86 0.11 5.78 -1.65
C LEU A 86 -0.22 4.32 -2.01
N LEU A 87 0.63 3.68 -2.82
CA LEU A 87 0.40 2.29 -3.23
C LEU A 87 1.38 1.33 -2.53
N LEU A 88 0.85 0.23 -2.01
CA LEU A 88 1.66 -0.81 -1.37
C LEU A 88 1.46 -2.18 -2.05
N VAL A 89 2.48 -2.67 -2.73
CA VAL A 89 2.42 -3.97 -3.42
C VAL A 89 3.36 -5.00 -2.77
N LEU A 90 2.80 -6.17 -2.42
CA LEU A 90 3.58 -7.27 -1.84
C LEU A 90 3.69 -8.45 -2.83
N VAL A 91 4.92 -8.80 -3.19
CA VAL A 91 5.17 -9.96 -4.06
C VAL A 91 5.61 -11.18 -3.23
N LEU A 92 4.70 -12.13 -3.02
CA LEU A 92 4.96 -13.32 -2.20
C LEU A 92 6.24 -14.07 -2.63
N ASP A 93 6.40 -14.24 -3.93
CA ASP A 93 7.55 -14.95 -4.51
C ASP A 93 8.89 -14.30 -4.09
N GLN A 94 8.88 -12.99 -3.90
CA GLN A 94 10.09 -12.25 -3.54
C GLN A 94 10.03 -11.72 -2.10
N ARG A 95 8.88 -11.89 -1.44
CA ARG A 95 8.59 -11.28 -0.12
C ARG A 95 9.08 -9.81 -0.04
N ARG A 96 9.07 -9.14 -1.19
CA ARG A 96 9.48 -7.73 -1.29
C ARG A 96 8.27 -6.81 -1.49
N VAL A 97 8.31 -5.64 -0.87
CA VAL A 97 7.22 -4.65 -0.99
C VAL A 97 7.77 -3.26 -1.32
N ARG A 98 6.89 -2.38 -1.80
CA ARG A 98 7.26 -0.98 -2.08
C ARG A 98 6.07 -0.03 -1.85
N PHE A 99 6.36 1.11 -1.22
CA PHE A 99 5.37 2.18 -1.05
C PHE A 99 5.61 3.27 -2.10
N GLU A 100 4.66 3.45 -3.03
CA GLU A 100 4.78 4.48 -4.07
C GLU A 100 4.01 5.74 -3.64
N THR A 101 4.73 6.85 -3.42
CA THR A 101 4.12 8.11 -2.95
C THR A 101 3.65 9.02 -4.08
N GLY A 102 2.58 9.76 -3.80
CA GLY A 102 2.15 10.82 -4.69
C GLY A 102 2.63 12.19 -4.25
N TYR A 103 2.29 13.20 -5.03
CA TYR A 103 2.75 14.57 -4.81
C TYR A 103 2.24 15.15 -3.47
N GLY A 104 1.19 14.54 -2.91
CA GLY A 104 0.61 15.05 -1.67
C GLY A 104 1.26 14.49 -0.42
N LEU A 105 1.98 13.37 -0.57
CA LEU A 105 2.59 12.68 0.58
C LEU A 105 4.12 12.76 0.58
N GLU A 106 4.71 13.34 -0.45
CA GLU A 106 6.19 13.47 -0.51
C GLU A 106 6.75 14.26 0.70
N GLY A 107 5.96 15.20 1.23
CA GLY A 107 6.35 15.92 2.44
C GLY A 107 6.17 15.09 3.72
N TYR A 108 5.37 14.03 3.62
CA TYR A 108 5.10 13.14 4.75
C TYR A 108 6.05 11.94 4.77
N LEU A 109 6.05 11.18 3.67
CA LEU A 109 6.71 9.88 3.60
C LEU A 109 7.81 9.84 2.52
N PRO A 110 9.06 10.20 2.88
CA PRO A 110 10.21 10.05 1.97
C PRO A 110 10.51 8.56 1.71
N ASP A 111 11.02 8.24 0.52
CA ASP A 111 11.32 6.86 0.16
C ASP A 111 12.31 6.22 1.16
N GLY A 112 13.14 7.04 1.78
CA GLY A 112 14.02 6.57 2.85
C GLY A 112 13.25 6.12 4.09
N LEU A 113 12.32 6.98 4.57
CA LEU A 113 11.43 6.63 5.67
C LEU A 113 10.62 5.37 5.36
N LEU A 114 10.09 5.29 4.13
CA LEU A 114 9.36 4.11 3.67
C LEU A 114 10.24 2.85 3.74
N SER A 115 11.49 2.98 3.32
CA SER A 115 12.46 1.87 3.42
C SER A 115 12.72 1.47 4.87
N ARG A 116 12.74 2.46 5.76
CA ARG A 116 12.86 2.22 7.19
C ARG A 116 11.67 1.38 7.68
N ILE A 117 10.46 1.83 7.39
CA ILE A 117 9.23 1.09 7.73
C ILE A 117 9.30 -0.36 7.23
N ILE A 118 9.80 -0.54 6.01
CA ILE A 118 9.98 -1.89 5.45
C ILE A 118 10.91 -2.75 6.33
N HIS A 119 12.12 -2.26 6.59
CA HIS A 119 13.10 -3.04 7.37
C HIS A 119 12.79 -3.03 8.88
N ASP A 120 11.84 -2.19 9.29
CA ASP A 120 11.45 -2.09 10.70
C ASP A 120 10.23 -2.97 11.03
N ARG A 121 9.19 -2.93 10.18
CA ARG A 121 7.91 -3.60 10.49
C ARG A 121 7.43 -4.55 9.38
N MET A 122 8.14 -4.62 8.25
CA MET A 122 7.77 -5.53 7.16
C MET A 122 8.69 -6.77 7.11
N ILE A 123 9.98 -6.53 6.86
CA ILE A 123 10.97 -7.62 6.75
C ILE A 123 10.91 -8.62 7.92
N PRO A 124 10.92 -8.15 9.20
CA PRO A 124 10.86 -9.05 10.37
C PRO A 124 9.67 -10.04 10.31
N HIS A 125 8.53 -9.56 9.79
CA HIS A 125 7.35 -10.41 9.66
C HIS A 125 7.47 -11.36 8.45
N PHE A 126 7.84 -10.83 7.29
CA PHE A 126 8.00 -11.66 6.08
C PHE A 126 9.01 -12.80 6.32
N ARG A 127 10.10 -12.50 7.02
CA ARG A 127 11.07 -13.52 7.42
C ARG A 127 10.43 -14.61 8.29
N SER A 128 9.47 -14.20 9.13
CA SER A 128 8.74 -15.14 9.99
C SER A 128 7.56 -15.80 9.25
N GLY A 129 7.34 -15.40 8.00
CA GLY A 129 6.19 -15.89 7.24
C GLY A 129 4.89 -15.15 7.56
N ASN A 130 5.00 -14.09 8.36
CA ASN A 130 3.86 -13.28 8.78
C ASN A 130 3.50 -12.22 7.72
N TYR A 131 3.25 -12.64 6.49
CA TYR A 131 2.93 -11.72 5.39
C TYR A 131 1.72 -10.84 5.72
N ALA A 132 0.67 -11.45 6.27
CA ALA A 132 -0.57 -10.73 6.64
C ALA A 132 -0.32 -9.73 7.80
N GLU A 133 0.59 -10.09 8.70
CA GLU A 133 0.93 -9.23 9.85
C GLU A 133 1.82 -8.05 9.43
N GLY A 134 2.83 -8.33 8.59
CA GLY A 134 3.72 -7.27 8.10
C GLY A 134 2.98 -6.14 7.40
N LEU A 135 2.10 -6.49 6.47
CA LEU A 135 1.28 -5.49 5.77
C LEU A 135 0.45 -4.66 6.76
N SER A 136 -0.08 -5.31 7.80
CA SER A 136 -0.82 -4.61 8.87
C SER A 136 0.07 -3.58 9.58
N GLU A 137 1.29 -4.01 9.92
CA GLU A 137 2.27 -3.13 10.57
C GLU A 137 2.64 -1.93 9.68
N GLY A 138 2.89 -2.19 8.40
CA GLY A 138 3.20 -1.11 7.45
C GLY A 138 2.08 -0.09 7.32
N VAL A 139 0.84 -0.57 7.15
CA VAL A 139 -0.33 0.31 7.03
C VAL A 139 -0.51 1.17 8.30
N LEU A 140 -0.49 0.52 9.46
CA LEU A 140 -0.62 1.22 10.74
C LEU A 140 0.53 2.23 10.93
N ALA A 141 1.73 1.84 10.51
CA ALA A 141 2.91 2.73 10.61
C ALA A 141 2.68 4.04 9.86
N VAL A 142 2.31 3.93 8.58
CA VAL A 142 2.00 5.11 7.76
C VAL A 142 0.86 5.92 8.38
N GLN A 143 -0.22 5.23 8.78
CA GLN A 143 -1.36 5.88 9.43
C GLN A 143 -0.94 6.71 10.65
N GLN A 144 0.04 6.21 11.41
CA GLN A 144 0.56 6.94 12.58
C GLN A 144 1.41 8.14 12.17
N VAL A 145 2.21 7.99 11.11
CA VAL A 145 3.01 9.11 10.59
C VAL A 145 2.10 10.26 10.10
N LEU A 146 1.02 9.91 9.41
CA LEU A 146 0.04 10.88 8.93
C LEU A 146 -0.67 11.57 10.11
N ASP A 147 -1.17 10.76 11.04
CA ASP A 147 -1.95 11.24 12.18
C ASP A 147 -1.19 12.30 13.00
N GLY A 148 0.11 12.10 13.20
CA GLY A 148 0.90 13.04 13.97
C GLY A 148 1.56 14.14 13.13
N SER A 149 1.03 14.39 11.93
CA SER A 149 1.61 15.43 11.04
C SER A 149 0.59 15.95 10.02
N LEU A 150 -0.69 15.96 10.38
CA LEU A 150 -1.76 16.42 9.48
C LEU A 150 -1.74 17.95 9.30
N GLU A 151 -0.78 18.44 8.52
CA GLU A 151 -0.67 19.86 8.21
C GLU A 151 -0.65 20.13 6.69
N HIS A 152 -0.83 19.09 5.88
CA HIS A 152 -0.78 19.24 4.42
C HIS A 152 -1.76 18.29 3.70
N HIS A 153 -2.97 18.78 3.46
CA HIS A 153 -3.95 18.05 2.63
C HIS A 153 -3.81 18.47 1.15
N HIS A 154 -4.84 18.22 0.32
CA HIS A 154 -4.69 18.45 -1.13
C HIS A 154 -5.56 19.60 -1.68
N HIS A 155 -4.96 20.39 -2.55
CA HIS A 155 -5.68 21.40 -3.34
C HIS A 155 -5.64 21.02 -4.83
N HIS A 156 -4.50 20.48 -5.27
CA HIS A 156 -4.32 20.01 -6.65
C HIS A 156 -4.25 18.49 -6.72
N HIS A 157 -5.02 17.88 -7.62
CA HIS A 157 -4.93 16.43 -7.87
C HIS A 157 -3.92 16.11 -8.98
N MET A 1 3.65 -20.54 -11.01
CA MET A 1 3.77 -19.07 -11.17
C MET A 1 2.96 -18.56 -12.36
N ARG A 2 1.84 -17.88 -12.09
CA ARG A 2 1.00 -17.30 -13.15
C ARG A 2 1.64 -16.04 -13.76
N VAL A 3 2.44 -15.35 -12.95
CA VAL A 3 3.06 -14.08 -13.34
C VAL A 3 2.01 -12.99 -13.56
N TYR A 4 1.74 -12.20 -12.52
CA TYR A 4 0.75 -11.12 -12.57
C TYR A 4 1.37 -9.81 -13.07
N LYS A 5 0.64 -9.14 -13.96
CA LYS A 5 0.99 -7.77 -14.37
C LYS A 5 0.08 -6.78 -13.63
N PRO A 6 0.49 -5.50 -13.52
CA PRO A 6 -0.37 -4.49 -12.89
C PRO A 6 -1.74 -4.38 -13.57
N GLU A 7 -1.78 -4.62 -14.88
CA GLU A 7 -3.04 -4.66 -15.64
C GLU A 7 -3.81 -5.99 -15.44
N ASP A 8 -3.15 -7.00 -14.85
CA ASP A 8 -3.83 -8.25 -14.48
C ASP A 8 -4.50 -8.12 -13.10
N VAL A 9 -4.06 -7.13 -12.33
CA VAL A 9 -4.57 -6.91 -10.98
C VAL A 9 -5.93 -6.20 -11.00
N PRO A 10 -6.95 -6.74 -10.31
CA PRO A 10 -8.28 -6.09 -10.20
C PRO A 10 -8.16 -4.67 -9.63
N ASN A 11 -8.37 -3.67 -10.48
CA ASN A 11 -8.24 -2.26 -10.10
C ASN A 11 -9.31 -1.84 -9.07
N VAL A 12 -9.04 -2.16 -7.80
CA VAL A 12 -9.99 -1.88 -6.70
C VAL A 12 -10.13 -0.37 -6.41
N GLN A 13 -9.43 0.46 -7.16
CA GLN A 13 -9.58 1.92 -7.07
C GLN A 13 -10.47 2.47 -8.19
N LEU A 14 -11.12 1.57 -8.93
CA LEU A 14 -12.00 1.97 -10.04
C LEU A 14 -13.42 1.38 -9.85
N ALA A 15 -13.52 0.11 -9.51
CA ALA A 15 -14.82 -0.54 -9.30
C ALA A 15 -15.39 -0.23 -7.91
N ASP A 16 -14.76 -0.76 -6.86
CA ASP A 16 -15.18 -0.50 -5.48
C ASP A 16 -14.68 0.87 -4.97
N SER A 17 -13.36 1.03 -4.91
CA SER A 17 -12.72 2.24 -4.33
C SER A 17 -13.05 2.39 -2.83
N THR A 18 -13.70 1.38 -2.26
CA THR A 18 -14.11 1.41 -0.84
C THR A 18 -13.14 0.64 0.06
N ARG A 19 -12.72 -0.54 -0.40
CA ARG A 19 -11.83 -1.40 0.39
C ARG A 19 -10.35 -0.99 0.27
N LEU A 20 -9.95 -0.55 -0.93
CA LEU A 20 -8.55 -0.14 -1.21
C LEU A 20 -7.55 -1.31 -1.08
N VAL A 21 -8.06 -2.52 -0.81
CA VAL A 21 -7.22 -3.71 -0.66
C VAL A 21 -7.39 -4.67 -1.86
N THR A 22 -6.37 -5.49 -2.12
CA THR A 22 -6.42 -6.49 -3.20
C THR A 22 -5.70 -7.79 -2.77
N ASP A 23 -6.46 -8.85 -2.52
CA ASP A 23 -5.89 -10.11 -2.06
C ASP A 23 -5.90 -11.21 -3.15
N GLU A 24 -5.00 -11.07 -4.13
CA GLU A 24 -4.82 -12.10 -5.17
C GLU A 24 -3.96 -13.26 -4.64
N ALA A 25 -2.95 -12.90 -3.84
CA ALA A 25 -2.13 -13.90 -3.14
C ALA A 25 -2.92 -14.71 -2.10
N GLY A 26 -4.03 -14.15 -1.63
CA GLY A 26 -4.83 -14.80 -0.59
C GLY A 26 -4.14 -14.84 0.77
N LEU A 27 -3.14 -13.97 0.95
CA LEU A 27 -2.36 -13.93 2.20
C LEU A 27 -3.02 -13.05 3.27
N LEU A 28 -4.18 -12.47 2.95
CA LEU A 28 -4.93 -11.64 3.89
C LEU A 28 -6.22 -12.33 4.34
N SER A 29 -6.21 -12.87 5.56
CA SER A 29 -7.39 -13.56 6.11
C SER A 29 -8.51 -12.56 6.43
N ASN A 30 -9.72 -13.07 6.67
CA ASN A 30 -10.92 -12.24 6.84
C ASN A 30 -10.72 -11.05 7.80
N ALA A 31 -10.32 -11.31 9.03
CA ALA A 31 -10.18 -10.26 10.03
C ALA A 31 -9.04 -9.29 9.70
N GLN A 32 -7.89 -9.83 9.28
CA GLN A 32 -6.75 -8.99 8.91
C GLN A 32 -7.10 -8.09 7.70
N GLU A 33 -7.94 -8.61 6.82
CA GLU A 33 -8.38 -7.88 5.63
C GLU A 33 -9.39 -6.78 6.00
N GLU A 34 -10.46 -7.15 6.72
CA GLU A 34 -11.52 -6.20 7.11
C GLU A 34 -10.96 -5.04 7.96
N VAL A 35 -10.10 -5.35 8.92
CA VAL A 35 -9.47 -4.32 9.77
C VAL A 35 -8.55 -3.42 8.94
N MET A 36 -7.90 -3.99 7.92
CA MET A 36 -7.07 -3.20 7.00
C MET A 36 -7.93 -2.21 6.20
N ASN A 37 -9.11 -2.67 5.77
CA ASN A 37 -10.05 -1.80 5.02
C ASN A 37 -10.44 -0.56 5.84
N GLY A 38 -10.97 -0.78 7.04
CA GLY A 38 -11.42 0.32 7.89
C GLY A 38 -10.34 1.36 8.15
N ARG A 39 -9.12 0.89 8.44
CA ARG A 39 -7.99 1.78 8.69
C ARG A 39 -7.65 2.64 7.45
N LEU A 40 -7.61 2.01 6.27
CA LEU A 40 -7.33 2.72 5.02
C LEU A 40 -8.43 3.75 4.70
N ARG A 41 -9.69 3.32 4.75
CA ARG A 41 -10.83 4.20 4.46
C ARG A 41 -10.89 5.37 5.45
N ALA A 42 -10.56 5.11 6.72
CA ALA A 42 -10.51 6.15 7.75
C ALA A 42 -9.54 7.27 7.37
N ILE A 43 -8.36 6.89 6.89
CA ILE A 43 -7.35 7.87 6.45
C ILE A 43 -7.88 8.73 5.29
N ARG A 44 -8.62 8.12 4.37
CA ARG A 44 -9.21 8.88 3.25
C ARG A 44 -10.41 9.72 3.73
N SER A 45 -11.14 9.21 4.72
CA SER A 45 -12.28 9.93 5.29
C SER A 45 -11.83 11.20 6.02
N SER A 46 -10.69 11.09 6.72
CA SER A 46 -10.14 12.21 7.51
C SER A 46 -9.14 13.04 6.69
N HIS A 47 -8.04 12.42 6.26
CA HIS A 47 -6.94 13.12 5.58
C HIS A 47 -7.10 13.14 4.05
N ALA A 48 -8.11 12.45 3.54
CA ALA A 48 -8.38 12.38 2.09
C ALA A 48 -7.24 11.67 1.33
N VAL A 49 -6.52 10.79 2.02
CA VAL A 49 -5.39 10.05 1.41
C VAL A 49 -5.84 8.72 0.78
N GLU A 50 -5.46 8.51 -0.48
CA GLU A 50 -5.74 7.24 -1.16
C GLU A 50 -4.62 6.22 -0.89
N PHE A 51 -4.85 5.35 0.08
CA PHE A 51 -3.84 4.36 0.51
C PHE A 51 -4.30 2.92 0.15
N ALA A 52 -3.69 2.34 -0.89
CA ALA A 52 -4.09 1.02 -1.39
C ALA A 52 -3.03 -0.07 -1.09
N VAL A 53 -3.52 -1.27 -0.76
CA VAL A 53 -2.63 -2.42 -0.47
C VAL A 53 -2.94 -3.61 -1.38
N VAL A 54 -1.96 -4.03 -2.18
CA VAL A 54 -2.13 -5.13 -3.13
C VAL A 54 -1.23 -6.33 -2.78
N THR A 55 -1.75 -7.55 -2.97
CA THR A 55 -0.97 -8.78 -2.71
C THR A 55 -1.05 -9.75 -3.89
N LEU A 56 0.10 -10.13 -4.43
CA LEU A 56 0.15 -11.06 -5.57
C LEU A 56 0.94 -12.33 -5.25
N PRO A 57 0.47 -13.51 -5.70
CA PRO A 57 1.15 -14.80 -5.45
C PRO A 57 2.31 -15.08 -6.42
N SER A 58 2.40 -14.28 -7.48
CA SER A 58 3.46 -14.45 -8.50
C SER A 58 3.51 -13.28 -9.48
N ILE A 59 4.72 -12.85 -9.83
CA ILE A 59 4.92 -11.88 -10.92
C ILE A 59 6.12 -12.29 -11.80
N GLY A 60 6.74 -13.41 -11.45
CA GLY A 60 7.90 -13.90 -12.17
C GLY A 60 9.13 -13.01 -11.98
N ASP A 61 10.08 -13.10 -12.92
CA ASP A 61 11.27 -12.25 -12.89
C ASP A 61 10.92 -10.83 -13.35
N ALA A 62 10.18 -10.11 -12.51
CA ALA A 62 9.79 -8.73 -12.79
C ALA A 62 10.19 -7.79 -11.64
N PRO A 63 10.63 -6.56 -11.95
CA PRO A 63 11.02 -5.58 -10.93
C PRO A 63 9.82 -4.88 -10.26
N LEU A 64 9.67 -5.09 -8.96
CA LEU A 64 8.55 -4.51 -8.19
C LEU A 64 8.55 -2.97 -8.24
N GLU A 65 9.73 -2.36 -8.19
CA GLU A 65 9.85 -0.90 -8.20
C GLU A 65 9.45 -0.30 -9.56
N ASP A 66 9.26 -1.17 -10.56
CA ASP A 66 8.68 -0.76 -11.85
C ASP A 66 7.17 -1.05 -11.86
N PHE A 67 6.81 -2.19 -11.26
CA PHE A 67 5.41 -2.59 -11.10
C PHE A 67 4.59 -1.50 -10.37
N THR A 68 5.11 -1.04 -9.23
CA THR A 68 4.41 -0.05 -8.39
C THR A 68 3.99 1.18 -9.20
N LEU A 69 4.92 1.74 -9.96
CA LEU A 69 4.65 2.91 -10.80
C LEU A 69 3.54 2.63 -11.84
N LYS A 70 3.67 1.51 -12.56
CA LYS A 70 2.66 1.13 -13.58
C LYS A 70 1.27 0.92 -12.97
N LEU A 71 1.20 0.16 -11.87
CA LEU A 71 -0.08 -0.09 -11.19
C LEU A 71 -0.69 1.22 -10.68
N ALA A 72 0.13 2.03 -10.02
CA ALA A 72 -0.32 3.32 -9.50
C ALA A 72 -0.76 4.29 -10.62
N ARG A 73 -0.09 4.20 -11.77
CA ARG A 73 -0.45 5.02 -12.94
C ARG A 73 -1.88 4.73 -13.43
N GLN A 74 -2.18 3.46 -13.66
CA GLN A 74 -3.51 3.05 -14.15
C GLN A 74 -4.59 3.20 -13.05
N TRP A 75 -4.17 3.20 -11.80
CA TRP A 75 -5.09 3.45 -10.67
C TRP A 75 -5.17 4.94 -10.32
N GLY A 76 -4.20 5.72 -10.80
CA GLY A 76 -4.16 7.16 -10.50
C GLY A 76 -3.99 7.45 -9.01
N VAL A 77 -3.14 6.68 -8.33
CA VAL A 77 -2.95 6.81 -6.87
C VAL A 77 -1.49 7.08 -6.48
N GLY A 78 -0.69 6.03 -6.34
CA GLY A 78 0.68 6.18 -5.82
C GLY A 78 1.69 6.66 -6.88
N ASN A 79 1.46 7.84 -7.44
CA ASN A 79 2.38 8.42 -8.42
C ASN A 79 3.07 9.66 -7.85
N GLU A 80 4.39 9.73 -8.03
CA GLU A 80 5.23 10.83 -7.51
C GLU A 80 4.62 12.23 -7.77
N LYS A 81 3.82 12.35 -8.83
CA LYS A 81 3.25 13.65 -9.23
C LYS A 81 1.75 13.76 -8.90
N ASN A 82 1.14 12.67 -8.45
CA ASN A 82 -0.27 12.70 -8.00
C ASN A 82 -0.35 13.30 -6.60
N ASN A 83 -1.53 13.77 -6.19
CA ASN A 83 -1.66 14.40 -4.88
C ASN A 83 -1.69 13.36 -3.73
N ASN A 84 -2.85 13.17 -3.08
CA ASN A 84 -2.92 12.29 -1.92
C ASN A 84 -3.03 10.81 -2.34
N GLY A 85 -1.90 10.22 -2.71
CA GLY A 85 -1.88 8.81 -3.12
C GLY A 85 -0.71 8.04 -2.53
N LEU A 86 -0.97 6.78 -2.14
CA LEU A 86 0.05 5.90 -1.60
C LEU A 86 -0.26 4.43 -1.96
N LEU A 87 0.69 3.75 -2.60
CA LEU A 87 0.50 2.36 -2.99
C LEU A 87 1.47 1.42 -2.25
N LEU A 88 0.94 0.32 -1.72
CA LEU A 88 1.75 -0.71 -1.08
C LEU A 88 1.50 -2.06 -1.77
N VAL A 89 2.55 -2.70 -2.27
CA VAL A 89 2.43 -3.98 -2.97
C VAL A 89 3.30 -5.08 -2.36
N LEU A 90 2.69 -6.22 -2.01
CA LEU A 90 3.41 -7.41 -1.56
C LEU A 90 3.48 -8.46 -2.69
N VAL A 91 4.69 -8.89 -3.02
CA VAL A 91 4.89 -9.92 -4.04
C VAL A 91 5.37 -11.24 -3.42
N LEU A 92 4.44 -12.18 -3.22
CA LEU A 92 4.77 -13.51 -2.66
C LEU A 92 5.84 -14.22 -3.50
N ASP A 93 5.85 -13.94 -4.80
CA ASP A 93 6.82 -14.51 -5.75
C ASP A 93 8.27 -14.36 -5.25
N GLN A 94 8.63 -13.16 -4.80
CA GLN A 94 9.99 -12.84 -4.39
C GLN A 94 10.06 -12.27 -2.95
N ARG A 95 8.92 -12.27 -2.27
CA ARG A 95 8.81 -11.77 -0.87
C ARG A 95 9.28 -10.31 -0.72
N ARG A 96 9.11 -9.51 -1.76
CA ARG A 96 9.47 -8.09 -1.69
C ARG A 96 8.22 -7.20 -1.64
N VAL A 97 8.36 -6.04 -0.98
CA VAL A 97 7.26 -5.07 -0.86
C VAL A 97 7.79 -3.63 -1.00
N ARG A 98 6.89 -2.69 -1.30
CA ARG A 98 7.28 -1.27 -1.42
C ARG A 98 6.08 -0.32 -1.29
N PHE A 99 6.33 0.85 -0.68
CA PHE A 99 5.36 1.96 -0.66
C PHE A 99 5.69 2.97 -1.78
N GLU A 100 4.67 3.60 -2.36
CA GLU A 100 4.88 4.60 -3.40
C GLU A 100 3.99 5.84 -3.16
N THR A 101 4.61 6.99 -2.84
CA THR A 101 3.85 8.21 -2.48
C THR A 101 3.66 9.17 -3.66
N GLY A 102 2.68 10.05 -3.51
CA GLY A 102 2.52 11.18 -4.41
C GLY A 102 2.87 12.51 -3.74
N TYR A 103 2.70 13.60 -4.49
CA TYR A 103 3.04 14.94 -4.02
C TYR A 103 2.16 15.39 -2.83
N GLY A 104 1.10 14.63 -2.55
CA GLY A 104 0.21 14.98 -1.45
C GLY A 104 0.68 14.42 -0.10
N LEU A 105 1.71 13.59 -0.13
CA LEU A 105 2.21 12.93 1.09
C LEU A 105 3.72 13.12 1.30
N GLU A 106 4.44 13.62 0.30
CA GLU A 106 5.90 13.76 0.35
C GLU A 106 6.38 14.64 1.54
N GLY A 107 5.48 15.44 2.10
CA GLY A 107 5.80 16.21 3.30
C GLY A 107 5.87 15.35 4.57
N TYR A 108 5.15 14.23 4.57
CA TYR A 108 5.13 13.31 5.72
C TYR A 108 5.93 12.02 5.44
N LEU A 109 5.74 11.47 4.24
CA LEU A 109 6.27 10.14 3.90
C LEU A 109 7.26 10.19 2.71
N PRO A 110 8.54 10.47 2.97
CA PRO A 110 9.59 10.38 1.94
C PRO A 110 10.06 8.91 1.73
N ASP A 111 10.72 8.65 0.60
CA ASP A 111 11.16 7.29 0.25
C ASP A 111 12.04 6.67 1.36
N GLY A 112 12.85 7.51 2.02
CA GLY A 112 13.69 7.05 3.12
C GLY A 112 12.87 6.51 4.30
N LEU A 113 11.90 7.29 4.75
CA LEU A 113 10.99 6.87 5.83
C LEU A 113 10.24 5.58 5.43
N LEU A 114 9.72 5.55 4.22
CA LEU A 114 9.04 4.36 3.70
C LEU A 114 9.97 3.14 3.72
N SER A 115 11.22 3.34 3.29
CA SER A 115 12.23 2.27 3.31
C SER A 115 12.52 1.80 4.74
N ARG A 116 12.53 2.74 5.69
CA ARG A 116 12.68 2.40 7.11
C ARG A 116 11.55 1.46 7.57
N ILE A 117 10.30 1.87 7.31
CA ILE A 117 9.14 1.06 7.66
C ILE A 117 9.24 -0.35 7.05
N ILE A 118 9.54 -0.41 5.76
CA ILE A 118 9.68 -1.69 5.05
C ILE A 118 10.75 -2.58 5.68
N HIS A 119 11.98 -2.07 5.78
CA HIS A 119 13.11 -2.88 6.25
C HIS A 119 13.05 -3.18 7.75
N ASP A 120 12.68 -2.19 8.54
CA ASP A 120 12.75 -2.28 10.00
C ASP A 120 11.60 -3.11 10.61
N ARG A 121 10.38 -2.87 10.15
CA ARG A 121 9.19 -3.52 10.76
C ARG A 121 8.55 -4.58 9.85
N MET A 122 8.60 -4.39 8.54
CA MET A 122 7.86 -5.26 7.60
C MET A 122 8.68 -6.50 7.18
N ILE A 123 9.91 -6.31 6.71
CA ILE A 123 10.75 -7.41 6.21
C ILE A 123 10.86 -8.59 7.20
N PRO A 124 11.17 -8.31 8.51
CA PRO A 124 11.28 -9.38 9.53
C PRO A 124 10.09 -10.36 9.55
N HIS A 125 8.92 -9.89 9.14
CA HIS A 125 7.72 -10.73 9.08
C HIS A 125 7.66 -11.54 7.78
N PHE A 126 7.79 -10.87 6.64
CA PHE A 126 7.74 -11.54 5.33
C PHE A 126 8.79 -12.65 5.24
N ARG A 127 10.01 -12.36 5.68
CA ARG A 127 11.10 -13.32 5.63
C ARG A 127 10.90 -14.46 6.65
N SER A 128 9.92 -14.30 7.54
CA SER A 128 9.60 -15.33 8.55
C SER A 128 8.25 -16.01 8.27
N GLY A 129 7.55 -15.56 7.21
CA GLY A 129 6.29 -16.18 6.84
C GLY A 129 5.05 -15.34 7.14
N ASN A 130 5.20 -14.34 8.01
CA ASN A 130 4.07 -13.46 8.38
C ASN A 130 3.83 -12.38 7.32
N TYR A 131 3.13 -12.74 6.24
CA TYR A 131 2.85 -11.80 5.16
C TYR A 131 1.84 -10.72 5.60
N ALA A 132 0.68 -11.16 6.07
CA ALA A 132 -0.37 -10.23 6.54
C ALA A 132 0.10 -9.39 7.73
N GLU A 133 0.95 -9.98 8.57
CA GLU A 133 1.44 -9.31 9.78
C GLU A 133 2.49 -8.24 9.43
N GLY A 134 3.25 -8.48 8.36
CA GLY A 134 4.19 -7.47 7.86
C GLY A 134 3.47 -6.30 7.20
N LEU A 135 2.45 -6.59 6.40
CA LEU A 135 1.62 -5.57 5.76
C LEU A 135 0.89 -4.70 6.79
N SER A 136 0.26 -5.34 7.76
CA SER A 136 -0.46 -4.63 8.84
C SER A 136 0.47 -3.69 9.62
N GLU A 137 1.71 -4.12 9.85
CA GLU A 137 2.74 -3.25 10.45
C GLU A 137 2.98 -2.00 9.59
N GLY A 138 3.18 -2.21 8.28
CA GLY A 138 3.39 -1.08 7.36
C GLY A 138 2.23 -0.10 7.34
N VAL A 139 1.02 -0.62 7.17
CA VAL A 139 -0.20 0.20 7.17
C VAL A 139 -0.34 0.99 8.48
N LEU A 140 -0.19 0.29 9.60
CA LEU A 140 -0.28 0.91 10.93
C LEU A 140 0.80 1.99 11.11
N ALA A 141 2.01 1.71 10.63
CA ALA A 141 3.12 2.67 10.72
C ALA A 141 2.80 3.97 9.97
N VAL A 142 2.34 3.85 8.73
CA VAL A 142 1.92 5.00 7.93
C VAL A 142 0.74 5.73 8.58
N GLN A 143 -0.24 4.96 9.05
CA GLN A 143 -1.40 5.52 9.77
C GLN A 143 -0.95 6.39 10.95
N GLN A 144 0.06 5.93 11.69
CA GLN A 144 0.62 6.70 12.82
C GLN A 144 1.17 8.06 12.35
N VAL A 145 1.96 8.06 11.28
CA VAL A 145 2.56 9.28 10.76
C VAL A 145 1.49 10.30 10.30
N LEU A 146 0.55 9.83 9.49
CA LEU A 146 -0.50 10.72 8.95
C LEU A 146 -1.49 11.16 10.04
N ASP A 147 -2.11 10.19 10.70
CA ASP A 147 -3.14 10.47 11.71
C ASP A 147 -2.53 11.10 12.99
N GLY A 148 -1.23 10.91 13.17
CA GLY A 148 -0.53 11.54 14.28
C GLY A 148 -0.17 13.00 14.01
N SER A 149 -0.19 13.40 12.73
CA SER A 149 0.13 14.78 12.35
C SER A 149 -1.11 15.69 12.42
N LEU A 150 -2.12 15.42 11.57
CA LEU A 150 -3.41 16.14 11.58
C LEU A 150 -3.31 17.60 11.05
N GLU A 151 -2.41 18.38 11.63
CA GLU A 151 -2.37 19.85 11.46
C GLU A 151 -2.69 20.34 10.04
N HIS A 152 -2.21 19.62 9.03
CA HIS A 152 -2.21 20.13 7.67
C HIS A 152 -3.04 19.28 6.70
N HIS A 153 -4.13 18.67 7.20
CA HIS A 153 -5.02 17.89 6.32
C HIS A 153 -5.98 18.81 5.53
N HIS A 154 -5.70 19.00 4.24
CA HIS A 154 -6.55 19.85 3.39
C HIS A 154 -7.57 19.01 2.61
N HIS A 155 -8.84 19.45 2.64
CA HIS A 155 -9.92 18.74 1.97
C HIS A 155 -10.81 19.71 1.16
N HIS A 156 -10.32 20.12 -0.01
CA HIS A 156 -11.10 20.95 -0.93
C HIS A 156 -11.62 20.14 -2.11
N HIS A 157 -11.06 18.94 -2.31
CA HIS A 157 -11.48 18.03 -3.38
C HIS A 157 -12.60 17.09 -2.88
N MET A 1 4.64 -19.89 -7.52
CA MET A 1 4.97 -18.78 -8.45
C MET A 1 3.87 -18.60 -9.51
N ARG A 2 3.11 -17.52 -9.40
CA ARG A 2 2.09 -17.18 -10.42
C ARG A 2 2.26 -15.71 -10.84
N VAL A 3 2.55 -15.50 -12.12
CA VAL A 3 2.89 -14.16 -12.64
C VAL A 3 1.65 -13.28 -12.88
N TYR A 4 1.74 -12.02 -12.46
CA TYR A 4 0.69 -11.01 -12.69
C TYR A 4 1.27 -9.77 -13.38
N LYS A 5 0.42 -9.07 -14.14
CA LYS A 5 0.80 -7.80 -14.75
C LYS A 5 -0.03 -6.65 -14.16
N PRO A 6 0.34 -5.36 -14.45
CA PRO A 6 -0.49 -4.19 -14.09
C PRO A 6 -1.79 -4.12 -14.92
N GLU A 7 -2.52 -5.23 -14.94
CA GLU A 7 -3.80 -5.32 -15.65
C GLU A 7 -4.59 -6.56 -15.18
N ASP A 8 -3.86 -7.60 -14.75
CA ASP A 8 -4.49 -8.77 -14.11
C ASP A 8 -5.07 -8.38 -12.74
N VAL A 9 -4.46 -7.38 -12.12
CA VAL A 9 -4.89 -6.89 -10.81
C VAL A 9 -6.24 -6.14 -10.89
N PRO A 10 -7.25 -6.58 -10.13
CA PRO A 10 -8.55 -5.89 -10.07
C PRO A 10 -8.42 -4.45 -9.52
N ASN A 11 -8.80 -3.48 -10.34
CA ASN A 11 -8.66 -2.06 -10.00
C ASN A 11 -9.51 -1.64 -8.78
N VAL A 12 -8.95 -1.83 -7.58
CA VAL A 12 -9.65 -1.47 -6.33
C VAL A 12 -9.64 0.05 -6.06
N GLN A 13 -9.03 0.82 -6.98
CA GLN A 13 -9.02 2.29 -6.87
C GLN A 13 -9.63 2.95 -8.11
N LEU A 14 -10.19 2.15 -9.01
CA LEU A 14 -10.86 2.65 -10.21
C LEU A 14 -12.35 2.30 -10.15
N ALA A 15 -12.65 1.01 -9.97
CA ALA A 15 -14.02 0.56 -9.76
C ALA A 15 -14.62 1.19 -8.49
N ASP A 16 -13.94 1.00 -7.37
CA ASP A 16 -14.33 1.59 -6.09
C ASP A 16 -13.17 2.37 -5.45
N SER A 17 -13.41 2.95 -4.28
CA SER A 17 -12.37 3.66 -3.53
C SER A 17 -12.31 3.21 -2.07
N THR A 18 -13.31 2.45 -1.64
CA THR A 18 -13.44 2.02 -0.23
C THR A 18 -12.57 0.79 0.10
N ARG A 19 -12.58 -0.22 -0.77
CA ARG A 19 -11.82 -1.46 -0.55
C ARG A 19 -10.33 -1.18 -0.26
N LEU A 20 -9.63 -0.57 -1.23
CA LEU A 20 -8.20 -0.20 -1.06
C LEU A 20 -7.30 -1.43 -0.85
N VAL A 21 -7.87 -2.63 -1.00
CA VAL A 21 -7.13 -3.88 -0.75
C VAL A 21 -7.36 -4.91 -1.88
N THR A 22 -6.27 -5.32 -2.52
CA THR A 22 -6.34 -6.38 -3.54
C THR A 22 -5.65 -7.66 -3.06
N ASP A 23 -6.43 -8.65 -2.65
CA ASP A 23 -5.88 -9.91 -2.16
C ASP A 23 -5.90 -11.02 -3.23
N GLU A 24 -4.86 -11.03 -4.08
CA GLU A 24 -4.72 -12.06 -5.12
C GLU A 24 -3.80 -13.19 -4.65
N ALA A 25 -2.67 -12.82 -4.03
CA ALA A 25 -1.77 -13.80 -3.40
C ALA A 25 -2.50 -14.63 -2.32
N GLY A 26 -3.56 -14.06 -1.74
CA GLY A 26 -4.32 -14.76 -0.71
C GLY A 26 -3.59 -14.86 0.61
N LEU A 27 -2.97 -13.76 1.04
CA LEU A 27 -2.20 -13.73 2.30
C LEU A 27 -2.98 -13.05 3.43
N LEU A 28 -3.95 -12.22 3.08
CA LEU A 28 -4.75 -11.49 4.06
C LEU A 28 -6.03 -12.25 4.43
N SER A 29 -6.07 -12.80 5.64
CA SER A 29 -7.25 -13.53 6.13
C SER A 29 -8.35 -12.57 6.58
N ASN A 30 -9.58 -13.08 6.69
CA ASN A 30 -10.77 -12.25 6.98
C ASN A 30 -10.54 -11.22 8.10
N ALA A 31 -9.92 -11.66 9.20
CA ALA A 31 -9.63 -10.77 10.33
C ALA A 31 -8.63 -9.66 9.94
N GLN A 32 -7.50 -10.05 9.38
CA GLN A 32 -6.48 -9.09 8.93
C GLN A 32 -7.09 -8.09 7.93
N GLU A 33 -7.94 -8.59 7.04
CA GLU A 33 -8.68 -7.74 6.10
C GLU A 33 -9.56 -6.74 6.84
N GLU A 34 -10.38 -7.23 7.76
CA GLU A 34 -11.30 -6.38 8.53
C GLU A 34 -10.56 -5.23 9.24
N VAL A 35 -9.40 -5.55 9.80
CA VAL A 35 -8.57 -4.54 10.48
C VAL A 35 -7.92 -3.58 9.46
N MET A 36 -7.38 -4.12 8.37
CA MET A 36 -6.68 -3.31 7.36
C MET A 36 -7.65 -2.41 6.57
N ASN A 37 -8.71 -3.01 6.02
CA ASN A 37 -9.73 -2.28 5.26
C ASN A 37 -10.32 -1.11 6.08
N GLY A 38 -10.73 -1.39 7.30
CA GLY A 38 -11.31 -0.36 8.16
C GLY A 38 -10.38 0.83 8.40
N ARG A 39 -9.08 0.55 8.55
CA ARG A 39 -8.09 1.61 8.73
C ARG A 39 -7.85 2.40 7.43
N LEU A 40 -7.62 1.68 6.33
CA LEU A 40 -7.42 2.33 5.03
C LEU A 40 -8.62 3.21 4.65
N ARG A 41 -9.82 2.62 4.70
CA ARG A 41 -11.07 3.35 4.45
C ARG A 41 -11.19 4.58 5.35
N ALA A 42 -10.82 4.44 6.62
CA ALA A 42 -10.82 5.55 7.57
C ALA A 42 -9.86 6.67 7.12
N ILE A 43 -8.66 6.28 6.67
CA ILE A 43 -7.68 7.25 6.17
C ILE A 43 -8.18 7.94 4.89
N ARG A 44 -8.77 7.15 4.00
CA ARG A 44 -9.31 7.66 2.73
C ARG A 44 -10.42 8.69 2.96
N SER A 45 -11.25 8.44 3.97
CA SER A 45 -12.38 9.35 4.28
C SER A 45 -11.95 10.53 5.17
N SER A 46 -11.11 10.26 6.16
CA SER A 46 -10.64 11.28 7.11
C SER A 46 -9.48 12.11 6.55
N HIS A 47 -8.36 11.45 6.29
CA HIS A 47 -7.14 12.12 5.83
C HIS A 47 -7.17 12.37 4.31
N ALA A 48 -8.10 11.71 3.62
CA ALA A 48 -8.24 11.82 2.16
C ALA A 48 -7.01 11.27 1.42
N VAL A 49 -6.20 10.47 2.11
CA VAL A 49 -5.00 9.88 1.52
C VAL A 49 -5.32 8.54 0.83
N GLU A 50 -4.86 8.41 -0.40
CA GLU A 50 -5.08 7.19 -1.19
C GLU A 50 -4.03 6.13 -0.84
N PHE A 51 -4.38 5.22 0.05
CA PHE A 51 -3.45 4.19 0.54
C PHE A 51 -3.98 2.79 0.21
N ALA A 52 -3.43 2.18 -0.84
CA ALA A 52 -3.91 0.87 -1.33
C ALA A 52 -2.87 -0.24 -1.13
N VAL A 53 -3.32 -1.39 -0.61
CA VAL A 53 -2.45 -2.56 -0.41
C VAL A 53 -2.79 -3.68 -1.41
N VAL A 54 -1.86 -3.96 -2.32
CA VAL A 54 -2.03 -5.01 -3.33
C VAL A 54 -1.10 -6.21 -3.03
N THR A 55 -1.65 -7.42 -3.11
CA THR A 55 -0.86 -8.63 -2.85
C THR A 55 -0.83 -9.55 -4.08
N LEU A 56 0.36 -9.86 -4.56
CA LEU A 56 0.54 -10.74 -5.73
C LEU A 56 1.55 -11.86 -5.43
N PRO A 57 1.28 -13.10 -5.90
CA PRO A 57 2.23 -14.22 -5.75
C PRO A 57 3.58 -13.93 -6.44
N SER A 58 3.53 -13.45 -7.68
CA SER A 58 4.75 -13.08 -8.42
C SER A 58 4.44 -12.08 -9.54
N ILE A 59 5.37 -11.17 -9.79
CA ILE A 59 5.23 -10.20 -10.88
C ILE A 59 6.08 -10.59 -12.09
N GLY A 60 6.63 -11.80 -12.05
CA GLY A 60 7.47 -12.30 -13.13
C GLY A 60 8.85 -11.65 -13.16
N ASP A 61 9.28 -11.23 -14.35
CA ASP A 61 10.62 -10.63 -14.53
C ASP A 61 10.59 -9.10 -14.29
N ALA A 62 9.41 -8.51 -14.35
CA ALA A 62 9.26 -7.05 -14.22
C ALA A 62 9.77 -6.51 -12.87
N PRO A 63 10.37 -5.30 -12.86
CA PRO A 63 10.83 -4.67 -11.63
C PRO A 63 9.67 -4.07 -10.81
N LEU A 64 9.59 -4.42 -9.53
CA LEU A 64 8.45 -4.02 -8.68
C LEU A 64 8.32 -2.49 -8.55
N GLU A 65 9.47 -1.79 -8.57
CA GLU A 65 9.46 -0.31 -8.48
C GLU A 65 8.73 0.34 -9.66
N ASP A 66 8.99 -0.18 -10.85
CA ASP A 66 8.31 0.29 -12.07
C ASP A 66 6.88 -0.28 -12.15
N PHE A 67 6.70 -1.50 -11.64
CA PHE A 67 5.40 -2.17 -11.61
C PHE A 67 4.37 -1.33 -10.83
N THR A 68 4.72 -0.96 -9.60
CA THR A 68 3.85 -0.14 -8.74
C THR A 68 3.51 1.20 -9.39
N LEU A 69 4.50 1.84 -10.01
CA LEU A 69 4.29 3.10 -10.71
C LEU A 69 3.21 2.97 -11.80
N LYS A 70 3.34 1.93 -12.64
CA LYS A 70 2.36 1.67 -13.70
C LYS A 70 0.96 1.36 -13.13
N LEU A 71 0.91 0.50 -12.12
CA LEU A 71 -0.35 0.12 -11.47
C LEU A 71 -1.02 1.33 -10.81
N ALA A 72 -0.22 2.22 -10.24
CA ALA A 72 -0.74 3.43 -9.60
C ALA A 72 -1.26 4.46 -10.63
N ARG A 73 -0.56 4.59 -11.77
CA ARG A 73 -0.95 5.55 -12.81
C ARG A 73 -2.34 5.26 -13.38
N GLN A 74 -2.62 4.02 -13.74
CA GLN A 74 -3.93 3.64 -14.29
C GLN A 74 -5.07 3.95 -13.31
N TRP A 75 -4.83 3.73 -12.02
CA TRP A 75 -5.82 4.00 -10.98
C TRP A 75 -5.90 5.50 -10.65
N GLY A 76 -5.02 6.30 -11.25
CA GLY A 76 -4.99 7.73 -10.98
C GLY A 76 -4.15 8.07 -9.73
N VAL A 77 -4.20 7.18 -8.74
CA VAL A 77 -3.47 7.35 -7.48
C VAL A 77 -1.99 7.70 -7.69
N GLY A 78 -1.41 7.28 -8.81
CA GLY A 78 -0.01 7.58 -9.10
C GLY A 78 0.21 8.22 -10.47
N ASN A 79 -0.83 8.88 -11.00
CA ASN A 79 -0.73 9.52 -12.33
C ASN A 79 0.31 10.66 -12.31
N GLU A 80 1.55 10.31 -12.63
CA GLU A 80 2.70 11.23 -12.52
C GLU A 80 2.75 11.87 -11.12
N LYS A 81 2.81 11.02 -10.10
CA LYS A 81 2.91 11.46 -8.71
C LYS A 81 1.68 12.27 -8.26
N ASN A 82 0.53 11.61 -8.23
CA ASN A 82 -0.72 12.20 -7.76
C ASN A 82 -0.64 12.55 -6.26
N ASN A 83 -1.19 13.71 -5.88
CA ASN A 83 -0.96 14.30 -4.54
C ASN A 83 -1.02 13.28 -3.37
N ASN A 84 -2.20 12.79 -3.02
CA ASN A 84 -2.38 11.92 -1.84
C ASN A 84 -2.16 10.44 -2.18
N GLY A 85 -1.46 10.17 -3.27
CA GLY A 85 -1.28 8.79 -3.72
C GLY A 85 -0.18 8.02 -2.99
N LEU A 86 -0.53 6.84 -2.49
CA LEU A 86 0.43 5.91 -1.89
C LEU A 86 0.04 4.45 -2.19
N LEU A 87 0.92 3.73 -2.88
CA LEU A 87 0.63 2.33 -3.25
C LEU A 87 1.62 1.36 -2.59
N LEU A 88 1.08 0.35 -1.90
CA LEU A 88 1.87 -0.70 -1.25
C LEU A 88 1.58 -2.07 -1.89
N VAL A 89 2.57 -2.64 -2.58
CA VAL A 89 2.41 -3.94 -3.24
C VAL A 89 3.40 -4.98 -2.67
N LEU A 90 2.89 -6.15 -2.30
CA LEU A 90 3.71 -7.25 -1.78
C LEU A 90 3.79 -8.42 -2.79
N VAL A 91 5.02 -8.81 -3.13
CA VAL A 91 5.25 -9.99 -3.96
C VAL A 91 5.65 -11.19 -3.08
N LEU A 92 4.72 -12.12 -2.91
CA LEU A 92 4.90 -13.28 -2.00
C LEU A 92 6.13 -14.13 -2.36
N ASP A 93 6.13 -14.71 -3.55
CA ASP A 93 7.16 -15.69 -3.93
C ASP A 93 8.57 -15.09 -3.95
N GLN A 94 8.66 -13.78 -4.19
CA GLN A 94 9.95 -13.07 -4.20
C GLN A 94 10.24 -12.40 -2.86
N ARG A 95 9.21 -12.34 -2.00
CA ARG A 95 9.31 -11.74 -0.66
C ARG A 95 9.90 -10.33 -0.70
N ARG A 96 9.16 -9.39 -1.28
CA ARG A 96 9.57 -7.98 -1.34
C ARG A 96 8.37 -7.06 -1.60
N VAL A 97 8.43 -5.83 -1.11
CA VAL A 97 7.31 -4.88 -1.23
C VAL A 97 7.77 -3.53 -1.79
N ARG A 98 6.81 -2.66 -2.10
CA ARG A 98 7.11 -1.30 -2.60
C ARG A 98 6.15 -0.24 -2.04
N PHE A 99 6.65 0.98 -1.97
CA PHE A 99 5.85 2.15 -1.55
C PHE A 99 6.00 3.28 -2.57
N GLU A 100 4.93 3.58 -3.30
CA GLU A 100 4.96 4.65 -4.32
C GLU A 100 4.23 5.91 -3.82
N THR A 101 4.98 6.99 -3.59
CA THR A 101 4.38 8.25 -3.12
C THR A 101 4.09 9.24 -4.25
N GLY A 102 3.04 10.01 -4.06
CA GLY A 102 2.75 11.12 -4.96
C GLY A 102 3.29 12.45 -4.44
N TYR A 103 3.17 13.48 -5.25
CA TYR A 103 3.68 14.82 -4.93
C TYR A 103 3.12 15.38 -3.61
N GLY A 104 1.98 14.86 -3.17
CA GLY A 104 1.33 15.39 -1.98
C GLY A 104 1.94 14.86 -0.69
N LEU A 105 2.25 13.56 -0.69
CA LEU A 105 2.78 12.88 0.50
C LEU A 105 4.29 13.12 0.69
N GLU A 106 4.93 13.76 -0.28
CA GLU A 106 6.38 14.08 -0.18
C GLU A 106 6.70 14.98 1.04
N GLY A 107 5.66 15.54 1.66
CA GLY A 107 5.85 16.33 2.88
C GLY A 107 5.79 15.50 4.15
N TYR A 108 5.31 14.26 4.05
CA TYR A 108 5.17 13.37 5.20
C TYR A 108 6.06 12.12 5.08
N LEU A 109 6.01 11.49 3.91
CA LEU A 109 6.60 10.16 3.70
C LEU A 109 7.64 10.15 2.57
N PRO A 110 8.93 10.34 2.90
CA PRO A 110 10.03 10.15 1.93
C PRO A 110 10.36 8.67 1.70
N ASP A 111 11.03 8.34 0.60
CA ASP A 111 11.35 6.94 0.28
C ASP A 111 12.12 6.25 1.41
N GLY A 112 13.01 7.00 2.07
CA GLY A 112 13.76 6.47 3.21
C GLY A 112 12.86 6.01 4.36
N LEU A 113 11.92 6.86 4.76
CA LEU A 113 10.98 6.54 5.84
C LEU A 113 10.13 5.31 5.48
N LEU A 114 9.64 5.27 4.24
CA LEU A 114 8.87 4.13 3.75
C LEU A 114 9.71 2.85 3.75
N SER A 115 10.96 2.96 3.30
CA SER A 115 11.90 1.82 3.29
C SER A 115 12.22 1.37 4.73
N ARG A 116 12.25 2.33 5.65
CA ARG A 116 12.48 2.04 7.06
C ARG A 116 11.38 1.09 7.59
N ILE A 117 10.12 1.47 7.36
CA ILE A 117 8.97 0.65 7.76
C ILE A 117 9.11 -0.79 7.21
N ILE A 118 9.48 -0.89 5.93
CA ILE A 118 9.69 -2.18 5.28
C ILE A 118 10.74 -3.03 6.02
N HIS A 119 11.94 -2.48 6.21
CA HIS A 119 13.05 -3.26 6.73
C HIS A 119 13.01 -3.39 8.27
N ASP A 120 12.26 -2.52 8.93
CA ASP A 120 12.18 -2.53 10.40
C ASP A 120 11.21 -3.63 10.90
N ARG A 121 9.95 -3.57 10.48
CA ARG A 121 8.93 -4.51 11.00
C ARG A 121 8.38 -5.47 9.92
N MET A 122 8.28 -4.99 8.68
CA MET A 122 7.67 -5.80 7.62
C MET A 122 8.55 -7.01 7.23
N ILE A 123 9.85 -6.79 7.03
CA ILE A 123 10.79 -7.86 6.62
C ILE A 123 10.77 -9.07 7.60
N PRO A 124 11.01 -8.86 8.92
CA PRO A 124 11.02 -9.96 9.90
C PRO A 124 9.71 -10.78 9.87
N HIS A 125 8.56 -10.09 9.78
CA HIS A 125 7.27 -10.76 9.68
C HIS A 125 7.19 -11.65 8.42
N PHE A 126 7.58 -11.09 7.27
CA PHE A 126 7.56 -11.83 6.01
C PHE A 126 8.40 -13.11 6.10
N ARG A 127 9.62 -12.98 6.64
CA ARG A 127 10.52 -14.13 6.81
C ARG A 127 9.94 -15.15 7.80
N SER A 128 9.22 -14.66 8.81
CA SER A 128 8.59 -15.53 9.81
C SER A 128 7.25 -16.11 9.32
N GLY A 129 6.85 -15.74 8.09
CA GLY A 129 5.61 -16.25 7.52
C GLY A 129 4.42 -15.31 7.67
N ASN A 130 4.54 -14.33 8.58
CA ASN A 130 3.45 -13.37 8.83
C ASN A 130 3.39 -12.26 7.77
N TYR A 131 3.10 -12.64 6.53
CA TYR A 131 2.97 -11.65 5.44
C TYR A 131 1.79 -10.69 5.70
N ALA A 132 0.74 -11.20 6.35
CA ALA A 132 -0.42 -10.39 6.71
C ALA A 132 -0.09 -9.39 7.83
N GLU A 133 0.51 -9.92 8.92
CA GLU A 133 0.92 -9.10 10.06
C GLU A 133 1.89 -7.98 9.63
N GLY A 134 2.84 -8.32 8.76
CA GLY A 134 3.80 -7.35 8.25
C GLY A 134 3.12 -6.17 7.55
N LEU A 135 2.24 -6.47 6.59
CA LEU A 135 1.50 -5.43 5.87
C LEU A 135 0.60 -4.62 6.81
N SER A 136 -0.05 -5.31 7.76
CA SER A 136 -0.97 -4.66 8.70
C SER A 136 -0.26 -3.59 9.55
N GLU A 137 0.93 -3.91 10.06
CA GLU A 137 1.71 -2.94 10.85
C GLU A 137 2.36 -1.88 9.94
N GLY A 138 2.65 -2.25 8.69
CA GLY A 138 3.11 -1.26 7.71
C GLY A 138 2.08 -0.16 7.49
N VAL A 139 0.83 -0.57 7.24
CA VAL A 139 -0.30 0.37 7.16
C VAL A 139 -0.41 1.22 8.42
N LEU A 140 -0.37 0.57 9.58
CA LEU A 140 -0.47 1.26 10.87
C LEU A 140 0.67 2.29 11.04
N ALA A 141 1.87 1.93 10.61
CA ALA A 141 3.04 2.82 10.69
C ALA A 141 2.80 4.13 9.93
N VAL A 142 2.29 4.02 8.70
CA VAL A 142 1.94 5.19 7.89
C VAL A 142 0.79 5.98 8.54
N GLN A 143 -0.25 5.26 8.96
CA GLN A 143 -1.39 5.88 9.66
C GLN A 143 -0.94 6.74 10.85
N GLN A 144 -0.03 6.20 11.66
CA GLN A 144 0.53 6.93 12.81
C GLN A 144 1.21 8.24 12.37
N VAL A 145 1.96 8.18 11.28
CA VAL A 145 2.63 9.37 10.73
C VAL A 145 1.60 10.45 10.34
N LEU A 146 0.60 10.06 9.57
CA LEU A 146 -0.42 11.01 9.10
C LEU A 146 -1.20 11.65 10.27
N ASP A 147 -1.79 10.81 11.13
CA ASP A 147 -2.63 11.29 12.23
C ASP A 147 -1.84 12.21 13.19
N GLY A 148 -0.56 11.94 13.36
CA GLY A 148 0.28 12.76 14.24
C GLY A 148 0.90 13.97 13.53
N SER A 149 0.68 14.09 12.21
CA SER A 149 1.26 15.20 11.43
C SER A 149 0.18 16.04 10.74
N LEU A 150 -1.03 16.02 11.28
CA LEU A 150 -2.18 16.76 10.71
C LEU A 150 -2.08 18.29 10.95
N GLU A 151 -0.89 18.86 10.74
CA GLU A 151 -0.69 20.31 10.92
C GLU A 151 -0.38 20.98 9.58
N HIS A 152 -0.34 20.18 8.51
CA HIS A 152 -0.01 20.68 7.17
C HIS A 152 -1.23 20.62 6.24
N HIS A 153 -1.58 21.77 5.66
CA HIS A 153 -2.68 21.86 4.72
C HIS A 153 -2.41 22.93 3.65
N HIS A 154 -2.25 22.50 2.40
CA HIS A 154 -1.90 23.41 1.30
C HIS A 154 -3.09 24.34 0.96
N HIS A 155 -4.29 23.96 1.42
CA HIS A 155 -5.50 24.78 1.27
C HIS A 155 -6.19 24.99 2.62
N HIS A 156 -7.15 25.91 2.68
CA HIS A 156 -7.94 26.12 3.91
C HIS A 156 -9.21 25.26 3.86
N HIS A 157 -10.05 25.51 2.85
CA HIS A 157 -11.25 24.71 2.61
C HIS A 157 -11.49 24.54 1.09
N MET A 1 -0.51 -20.28 -9.40
CA MET A 1 0.50 -19.18 -9.37
C MET A 1 0.56 -18.46 -10.72
N ARG A 2 0.06 -17.23 -10.77
CA ARG A 2 0.03 -16.45 -12.01
C ARG A 2 1.04 -15.30 -11.99
N VAL A 3 1.76 -15.12 -13.09
CA VAL A 3 2.62 -13.95 -13.27
C VAL A 3 1.77 -12.69 -13.50
N TYR A 4 1.44 -12.00 -12.41
CA TYR A 4 0.58 -10.81 -12.47
C TYR A 4 1.32 -9.58 -13.01
N LYS A 5 0.58 -8.71 -13.69
CA LYS A 5 1.12 -7.49 -14.26
C LYS A 5 0.21 -6.29 -13.88
N PRO A 6 0.73 -5.03 -13.90
CA PRO A 6 -0.07 -3.84 -13.51
C PRO A 6 -1.41 -3.75 -14.25
N GLU A 7 -1.48 -4.33 -15.44
CA GLU A 7 -2.71 -4.31 -16.25
C GLU A 7 -3.65 -5.48 -15.91
N ASP A 8 -3.12 -6.51 -15.24
CA ASP A 8 -3.89 -7.70 -14.90
C ASP A 8 -4.48 -7.59 -13.48
N VAL A 9 -3.85 -6.78 -12.64
CA VAL A 9 -4.31 -6.56 -11.26
C VAL A 9 -5.72 -5.94 -11.21
N PRO A 10 -6.65 -6.53 -10.42
CA PRO A 10 -8.02 -6.00 -10.28
C PRO A 10 -8.05 -4.51 -9.87
N ASN A 11 -8.56 -3.67 -10.77
CA ASN A 11 -8.61 -2.22 -10.53
C ASN A 11 -9.65 -1.87 -9.46
N VAL A 12 -9.32 -2.10 -8.18
CA VAL A 12 -10.24 -1.79 -7.10
C VAL A 12 -10.54 -0.29 -7.02
N GLN A 13 -9.50 0.55 -7.14
CA GLN A 13 -9.67 2.00 -7.10
C GLN A 13 -10.50 2.52 -8.28
N LEU A 14 -10.69 1.67 -9.29
CA LEU A 14 -11.53 1.99 -10.45
C LEU A 14 -12.99 1.59 -10.16
N ALA A 15 -13.18 0.36 -9.69
CA ALA A 15 -14.52 -0.19 -9.44
C ALA A 15 -14.98 0.07 -7.99
N ASP A 16 -14.43 -0.68 -7.04
CA ASP A 16 -14.77 -0.56 -5.62
C ASP A 16 -13.61 0.07 -4.82
N SER A 17 -13.51 1.39 -4.87
CA SER A 17 -12.36 2.12 -4.29
C SER A 17 -12.42 2.15 -2.76
N THR A 18 -13.63 2.12 -2.20
CA THR A 18 -13.82 2.17 -0.74
C THR A 18 -13.24 0.92 -0.05
N ARG A 19 -12.98 -0.13 -0.83
CA ARG A 19 -12.39 -1.36 -0.30
C ARG A 19 -10.88 -1.18 0.00
N LEU A 20 -10.13 -0.75 -1.03
CA LEU A 20 -8.69 -0.42 -0.90
C LEU A 20 -7.80 -1.67 -0.73
N VAL A 21 -8.38 -2.73 -0.18
CA VAL A 21 -7.69 -4.01 -0.01
C VAL A 21 -7.82 -4.88 -1.27
N THR A 22 -6.74 -5.58 -1.63
CA THR A 22 -6.76 -6.50 -2.78
C THR A 22 -5.84 -7.70 -2.54
N ASP A 23 -6.42 -8.87 -2.24
CA ASP A 23 -5.64 -10.08 -1.99
C ASP A 23 -5.74 -11.07 -3.16
N GLU A 24 -4.64 -11.24 -3.89
CA GLU A 24 -4.54 -12.26 -4.95
C GLU A 24 -3.59 -13.39 -4.51
N ALA A 25 -2.50 -13.01 -3.86
CA ALA A 25 -1.51 -13.97 -3.32
C ALA A 25 -2.15 -15.02 -2.40
N GLY A 26 -3.31 -14.69 -1.82
CA GLY A 26 -3.99 -15.62 -0.92
C GLY A 26 -3.40 -15.62 0.49
N LEU A 27 -3.17 -14.43 1.02
CA LEU A 27 -2.53 -14.26 2.34
C LEU A 27 -3.46 -13.56 3.34
N LEU A 28 -4.16 -12.52 2.87
CA LEU A 28 -5.07 -11.76 3.71
C LEU A 28 -6.46 -12.43 3.80
N SER A 29 -6.74 -13.06 4.93
CA SER A 29 -8.07 -13.67 5.17
C SER A 29 -9.12 -12.58 5.46
N ASN A 30 -10.40 -12.95 5.39
CA ASN A 30 -11.50 -11.98 5.53
C ASN A 30 -11.37 -11.08 6.77
N ALA A 31 -11.26 -11.70 7.95
CA ALA A 31 -11.09 -10.96 9.20
C ALA A 31 -9.82 -10.08 9.19
N GLN A 32 -8.79 -10.53 8.47
CA GLN A 32 -7.56 -9.73 8.32
C GLN A 32 -7.79 -8.56 7.36
N GLU A 33 -8.64 -8.77 6.36
CA GLU A 33 -8.99 -7.72 5.40
C GLU A 33 -9.83 -6.62 6.05
N GLU A 34 -10.79 -7.00 6.89
CA GLU A 34 -11.69 -6.03 7.54
C GLU A 34 -10.93 -5.08 8.49
N VAL A 35 -9.95 -5.61 9.22
CA VAL A 35 -9.10 -4.79 10.09
C VAL A 35 -8.32 -3.76 9.24
N MET A 36 -7.68 -4.23 8.17
CA MET A 36 -6.96 -3.35 7.25
C MET A 36 -7.93 -2.47 6.46
N ASN A 37 -9.15 -2.97 6.25
CA ASN A 37 -10.20 -2.25 5.52
C ASN A 37 -10.64 -1.00 6.27
N GLY A 38 -11.05 -1.18 7.52
CA GLY A 38 -11.39 -0.04 8.37
C GLY A 38 -10.21 0.91 8.56
N ARG A 39 -9.02 0.33 8.68
CA ARG A 39 -7.77 1.08 8.80
C ARG A 39 -7.59 2.04 7.61
N LEU A 40 -7.66 1.50 6.39
CA LEU A 40 -7.47 2.29 5.16
C LEU A 40 -8.64 3.25 4.91
N ARG A 41 -9.87 2.75 5.05
CA ARG A 41 -11.06 3.57 4.83
C ARG A 41 -11.08 4.79 5.77
N ALA A 42 -10.64 4.57 7.02
CA ALA A 42 -10.51 5.66 8.00
C ALA A 42 -9.53 6.73 7.48
N ILE A 43 -8.45 6.30 6.84
CA ILE A 43 -7.45 7.23 6.30
C ILE A 43 -8.04 8.10 5.18
N ARG A 44 -8.78 7.49 4.24
CA ARG A 44 -9.35 8.22 3.11
C ARG A 44 -10.44 9.21 3.55
N SER A 45 -11.11 8.92 4.67
CA SER A 45 -12.16 9.81 5.19
C SER A 45 -11.58 10.86 6.15
N SER A 46 -10.82 10.40 7.13
CA SER A 46 -10.23 11.28 8.15
C SER A 46 -9.07 12.13 7.59
N HIS A 47 -8.19 11.51 6.81
CA HIS A 47 -6.99 12.19 6.28
C HIS A 47 -7.12 12.54 4.78
N ALA A 48 -8.10 11.92 4.10
CA ALA A 48 -8.31 12.11 2.65
C ALA A 48 -7.16 11.52 1.82
N VAL A 49 -6.40 10.59 2.41
CA VAL A 49 -5.30 9.93 1.71
C VAL A 49 -5.74 8.57 1.14
N GLU A 50 -5.56 8.39 -0.16
CA GLU A 50 -5.90 7.14 -0.82
C GLU A 50 -4.76 6.12 -0.71
N PHE A 51 -4.89 5.23 0.27
CA PHE A 51 -3.86 4.22 0.58
C PHE A 51 -4.37 2.81 0.23
N ALA A 52 -3.83 2.22 -0.83
CA ALA A 52 -4.28 0.91 -1.31
C ALA A 52 -3.21 -0.19 -1.09
N VAL A 53 -3.66 -1.40 -0.79
CA VAL A 53 -2.76 -2.54 -0.55
C VAL A 53 -3.10 -3.73 -1.45
N VAL A 54 -2.13 -4.15 -2.27
CA VAL A 54 -2.33 -5.26 -3.22
C VAL A 54 -1.32 -6.40 -2.98
N THR A 55 -1.81 -7.63 -2.86
CA THR A 55 -0.93 -8.80 -2.69
C THR A 55 -0.96 -9.70 -3.93
N LEU A 56 0.22 -9.95 -4.51
CA LEU A 56 0.32 -10.80 -5.70
C LEU A 56 1.25 -11.99 -5.46
N PRO A 57 0.90 -13.19 -5.97
CA PRO A 57 1.73 -14.40 -5.79
C PRO A 57 3.09 -14.30 -6.50
N SER A 58 3.08 -13.90 -7.77
CA SER A 58 4.31 -13.81 -8.57
C SER A 58 4.20 -12.73 -9.64
N ILE A 59 5.31 -12.05 -9.92
CA ILE A 59 5.36 -11.05 -10.99
C ILE A 59 6.44 -11.42 -12.04
N GLY A 60 6.95 -12.65 -11.95
CA GLY A 60 7.96 -13.12 -12.89
C GLY A 60 9.29 -12.36 -12.77
N ASP A 61 9.73 -11.79 -13.89
CA ASP A 61 11.00 -11.05 -13.93
C ASP A 61 10.76 -9.53 -13.85
N ALA A 62 9.56 -9.13 -13.44
CA ALA A 62 9.19 -7.72 -13.35
C ALA A 62 9.79 -7.04 -12.11
N PRO A 63 10.30 -5.80 -12.25
CA PRO A 63 10.81 -5.02 -11.12
C PRO A 63 9.67 -4.40 -10.29
N LEU A 64 9.62 -4.73 -9.00
CA LEU A 64 8.57 -4.24 -8.11
C LEU A 64 8.50 -2.70 -8.13
N GLU A 65 9.67 -2.06 -8.16
CA GLU A 65 9.79 -0.60 -8.27
C GLU A 65 9.08 -0.06 -9.53
N ASP A 66 9.30 -0.72 -10.67
CA ASP A 66 8.68 -0.30 -11.93
C ASP A 66 7.23 -0.81 -12.03
N PHE A 67 6.90 -1.79 -11.20
CA PHE A 67 5.55 -2.36 -11.14
C PHE A 67 4.57 -1.43 -10.40
N THR A 68 4.91 -1.09 -9.15
CA THR A 68 4.05 -0.27 -8.28
C THR A 68 3.62 1.04 -8.95
N LEU A 69 4.59 1.79 -9.45
CA LEU A 69 4.33 3.10 -10.06
C LEU A 69 3.26 3.00 -11.18
N LYS A 70 3.47 2.13 -12.15
CA LYS A 70 2.55 2.00 -13.29
C LYS A 70 1.14 1.58 -12.86
N LEU A 71 1.03 0.66 -11.90
CA LEU A 71 -0.26 0.23 -11.37
C LEU A 71 -1.00 1.41 -10.70
N ALA A 72 -0.27 2.16 -9.89
CA ALA A 72 -0.83 3.33 -9.21
C ALA A 72 -1.11 4.49 -10.18
N ARG A 73 -0.31 4.58 -11.25
CA ARG A 73 -0.51 5.62 -12.27
C ARG A 73 -1.85 5.46 -13.01
N GLN A 74 -2.14 4.24 -13.47
CA GLN A 74 -3.38 3.98 -14.20
C GLN A 74 -4.62 4.16 -13.30
N TRP A 75 -4.47 3.86 -12.01
CA TRP A 75 -5.54 4.11 -11.02
C TRP A 75 -5.62 5.61 -10.68
N GLY A 76 -4.58 6.36 -11.05
CA GLY A 76 -4.56 7.79 -10.81
C GLY A 76 -4.39 8.14 -9.32
N VAL A 77 -3.77 7.26 -8.56
CA VAL A 77 -3.62 7.45 -7.12
C VAL A 77 -2.14 7.60 -6.69
N GLY A 78 -1.45 6.46 -6.51
CA GLY A 78 -0.08 6.50 -6.03
C GLY A 78 0.94 6.87 -7.10
N ASN A 79 0.59 7.84 -7.94
CA ASN A 79 1.50 8.35 -8.96
C ASN A 79 2.49 9.32 -8.29
N GLU A 80 3.77 9.16 -8.59
CA GLU A 80 4.85 9.94 -7.97
C GLU A 80 4.57 11.46 -7.99
N LYS A 81 3.87 11.93 -9.02
CA LYS A 81 3.57 13.37 -9.16
C LYS A 81 2.12 13.72 -8.78
N ASN A 82 1.35 12.71 -8.34
CA ASN A 82 -0.04 12.92 -7.91
C ASN A 82 -0.09 13.34 -6.44
N ASN A 83 -1.27 13.71 -5.96
CA ASN A 83 -1.43 14.08 -4.56
C ASN A 83 -2.25 13.05 -3.75
N ASN A 84 -1.93 12.92 -2.47
CA ASN A 84 -2.68 12.05 -1.54
C ASN A 84 -2.72 10.58 -1.98
N GLY A 85 -1.81 10.19 -2.86
CA GLY A 85 -1.79 8.83 -3.37
C GLY A 85 -0.67 7.98 -2.80
N LEU A 86 -1.01 6.77 -2.35
CA LEU A 86 -0.02 5.82 -1.84
C LEU A 86 -0.43 4.37 -2.14
N LEU A 87 0.47 3.61 -2.77
CA LEU A 87 0.20 2.21 -3.10
C LEU A 87 1.23 1.27 -2.43
N LEU A 88 0.73 0.19 -1.83
CA LEU A 88 1.58 -0.84 -1.21
C LEU A 88 1.36 -2.20 -1.88
N VAL A 89 2.37 -2.70 -2.60
CA VAL A 89 2.27 -3.99 -3.28
C VAL A 89 3.21 -5.03 -2.65
N LEU A 90 2.66 -6.21 -2.34
CA LEU A 90 3.44 -7.32 -1.79
C LEU A 90 3.58 -8.46 -2.82
N VAL A 91 4.82 -8.85 -3.10
CA VAL A 91 5.07 -9.97 -4.01
C VAL A 91 5.51 -11.22 -3.23
N LEU A 92 4.61 -12.19 -3.12
CA LEU A 92 4.87 -13.42 -2.36
C LEU A 92 6.11 -14.18 -2.87
N ASP A 93 6.26 -14.23 -4.19
CA ASP A 93 7.41 -14.90 -4.83
C ASP A 93 8.75 -14.26 -4.42
N GLN A 94 8.75 -12.94 -4.18
CA GLN A 94 9.97 -12.22 -3.82
C GLN A 94 10.01 -11.87 -2.31
N ARG A 95 8.90 -12.11 -1.62
CA ARG A 95 8.79 -11.87 -0.17
C ARG A 95 9.14 -10.43 0.22
N ARG A 96 8.84 -9.48 -0.67
CA ARG A 96 9.14 -8.06 -0.43
C ARG A 96 7.97 -7.16 -0.86
N VAL A 97 7.98 -5.91 -0.35
CA VAL A 97 6.93 -4.94 -0.67
C VAL A 97 7.52 -3.58 -1.06
N ARG A 98 6.67 -2.67 -1.53
CA ARG A 98 7.10 -1.30 -1.84
C ARG A 98 5.94 -0.30 -1.69
N PHE A 99 6.22 0.82 -1.02
CA PHE A 99 5.30 1.95 -0.95
C PHE A 99 5.63 2.99 -2.03
N GLU A 100 4.66 3.30 -2.90
CA GLU A 100 4.86 4.35 -3.92
C GLU A 100 4.03 5.60 -3.55
N THR A 101 4.71 6.68 -3.21
CA THR A 101 4.05 7.93 -2.78
C THR A 101 3.94 8.95 -3.91
N GLY A 102 2.86 9.73 -3.86
CA GLY A 102 2.72 10.88 -4.74
C GLY A 102 3.23 12.16 -4.10
N TYR A 103 3.27 13.22 -4.90
CA TYR A 103 3.74 14.52 -4.46
C TYR A 103 2.99 15.01 -3.22
N GLY A 104 1.72 14.63 -3.11
CA GLY A 104 0.88 15.08 -2.01
C GLY A 104 1.31 14.53 -0.65
N LEU A 105 2.09 13.46 -0.67
CA LEU A 105 2.55 12.81 0.57
C LEU A 105 4.07 12.84 0.71
N GLU A 106 4.75 13.34 -0.32
CA GLU A 106 6.23 13.33 -0.38
C GLU A 106 6.86 13.90 0.92
N GLY A 107 6.31 15.01 1.41
CA GLY A 107 6.86 15.67 2.60
C GLY A 107 6.63 14.90 3.91
N TYR A 108 5.59 14.08 3.96
CA TYR A 108 5.25 13.34 5.19
C TYR A 108 5.79 11.91 5.13
N LEU A 109 5.78 11.34 3.93
CA LEU A 109 6.22 9.96 3.68
C LEU A 109 7.28 9.92 2.57
N PRO A 110 8.51 10.36 2.87
CA PRO A 110 9.60 10.35 1.89
C PRO A 110 10.13 8.92 1.61
N ASP A 111 10.73 8.74 0.44
CA ASP A 111 11.25 7.43 0.00
C ASP A 111 12.07 6.72 1.09
N GLY A 112 12.97 7.46 1.74
CA GLY A 112 13.79 6.90 2.82
C GLY A 112 12.97 6.39 4.01
N LEU A 113 11.92 7.13 4.37
CA LEU A 113 11.04 6.73 5.47
C LEU A 113 10.26 5.45 5.13
N LEU A 114 9.67 5.42 3.93
CA LEU A 114 8.94 4.25 3.44
C LEU A 114 9.85 3.01 3.43
N SER A 115 11.08 3.18 2.94
CA SER A 115 12.07 2.11 2.91
C SER A 115 12.38 1.61 4.34
N ARG A 116 12.49 2.54 5.28
CA ARG A 116 12.68 2.21 6.70
C ARG A 116 11.52 1.32 7.23
N ILE A 117 10.29 1.79 7.05
CA ILE A 117 9.10 1.04 7.47
C ILE A 117 9.13 -0.40 6.94
N ILE A 118 9.42 -0.53 5.64
CA ILE A 118 9.51 -1.85 5.01
C ILE A 118 10.54 -2.74 5.72
N HIS A 119 11.73 -2.21 5.95
CA HIS A 119 12.84 -3.03 6.47
C HIS A 119 12.76 -3.25 7.99
N ASP A 120 12.01 -2.40 8.70
CA ASP A 120 11.92 -2.50 10.16
C ASP A 120 10.61 -3.14 10.65
N ARG A 121 9.46 -2.72 10.12
CA ARG A 121 8.17 -3.22 10.60
C ARG A 121 7.49 -4.22 9.64
N MET A 122 8.16 -4.57 8.54
CA MET A 122 7.59 -5.52 7.57
C MET A 122 8.52 -6.73 7.30
N ILE A 123 9.79 -6.45 6.96
CA ILE A 123 10.77 -7.52 6.64
C ILE A 123 10.86 -8.61 7.74
N PRO A 124 11.02 -8.25 9.04
CA PRO A 124 11.08 -9.24 10.13
C PRO A 124 9.87 -10.18 10.15
N HIS A 125 8.73 -9.70 9.68
CA HIS A 125 7.52 -10.52 9.58
C HIS A 125 7.62 -11.48 8.39
N PHE A 126 7.94 -10.96 7.22
CA PHE A 126 8.05 -11.76 6.00
C PHE A 126 9.06 -12.92 6.17
N ARG A 127 10.20 -12.62 6.78
CA ARG A 127 11.21 -13.65 7.08
C ARG A 127 10.65 -14.72 8.03
N SER A 128 9.80 -14.30 8.96
CA SER A 128 9.18 -15.22 9.93
C SER A 128 7.93 -15.91 9.34
N GLY A 129 7.58 -15.56 8.09
CA GLY A 129 6.40 -16.14 7.44
C GLY A 129 5.13 -15.33 7.65
N ASN A 130 5.22 -14.28 8.46
CA ASN A 130 4.08 -13.42 8.78
C ASN A 130 3.83 -12.40 7.66
N TYR A 131 3.42 -12.87 6.49
CA TYR A 131 3.19 -11.98 5.33
C TYR A 131 2.09 -10.95 5.61
N ALA A 132 0.97 -11.43 6.14
CA ALA A 132 -0.16 -10.55 6.46
C ALA A 132 0.18 -9.56 7.59
N GLU A 133 0.95 -10.03 8.57
CA GLU A 133 1.33 -9.20 9.72
C GLU A 133 2.26 -8.06 9.30
N GLY A 134 3.20 -8.34 8.40
CA GLY A 134 4.07 -7.31 7.86
C GLY A 134 3.29 -6.18 7.18
N LEU A 135 2.30 -6.55 6.38
CA LEU A 135 1.43 -5.56 5.73
C LEU A 135 0.67 -4.72 6.77
N SER A 136 0.12 -5.39 7.79
CA SER A 136 -0.59 -4.70 8.87
C SER A 136 0.28 -3.62 9.54
N GLU A 137 1.51 -3.99 9.90
CA GLU A 137 2.44 -3.05 10.54
C GLU A 137 2.85 -1.91 9.59
N GLY A 138 3.10 -2.24 8.32
CA GLY A 138 3.42 -1.23 7.33
C GLY A 138 2.31 -0.17 7.18
N VAL A 139 1.08 -0.63 7.00
CA VAL A 139 -0.08 0.25 6.89
C VAL A 139 -0.26 1.11 8.15
N LEU A 140 -0.24 0.45 9.32
CA LEU A 140 -0.39 1.14 10.59
C LEU A 140 0.69 2.21 10.78
N ALA A 141 1.93 1.86 10.47
CA ALA A 141 3.07 2.78 10.61
C ALA A 141 2.86 4.06 9.79
N VAL A 142 2.48 3.89 8.53
CA VAL A 142 2.20 5.02 7.64
C VAL A 142 1.09 5.92 8.21
N GLN A 143 -0.04 5.33 8.56
CA GLN A 143 -1.16 6.06 9.16
C GLN A 143 -0.71 6.87 10.39
N GLN A 144 0.13 6.24 11.23
CA GLN A 144 0.69 6.92 12.41
C GLN A 144 1.48 8.17 12.01
N VAL A 145 2.34 8.05 11.00
CA VAL A 145 3.11 9.19 10.47
C VAL A 145 2.17 10.31 10.01
N LEU A 146 1.18 9.96 9.19
CA LEU A 146 0.20 10.93 8.68
C LEU A 146 -0.53 11.66 9.83
N ASP A 147 -1.02 10.88 10.80
CA ASP A 147 -1.76 11.43 11.94
C ASP A 147 -0.91 12.46 12.70
N GLY A 148 0.40 12.24 12.75
CA GLY A 148 1.31 13.17 13.42
C GLY A 148 1.93 14.19 12.46
N SER A 149 1.50 14.18 11.20
CA SER A 149 2.01 15.09 10.17
C SER A 149 0.89 15.86 9.48
N LEU A 150 -0.27 15.97 10.15
CA LEU A 150 -1.44 16.66 9.58
C LEU A 150 -1.27 18.20 9.57
N GLU A 151 -0.05 18.66 9.80
CA GLU A 151 0.26 20.09 9.75
C GLU A 151 0.00 20.66 8.35
N HIS A 152 0.54 19.98 7.33
CA HIS A 152 0.28 20.34 5.92
C HIS A 152 0.60 21.82 5.65
N HIS A 153 1.59 22.36 6.36
CA HIS A 153 1.92 23.79 6.28
C HIS A 153 2.71 24.13 4.99
N HIS A 154 3.05 23.10 4.23
CA HIS A 154 3.75 23.29 2.95
C HIS A 154 2.78 23.33 1.76
N HIS A 155 2.78 24.45 1.03
CA HIS A 155 1.89 24.64 -0.12
C HIS A 155 2.62 25.36 -1.27
N HIS A 156 2.51 24.82 -2.49
CA HIS A 156 3.20 25.39 -3.65
C HIS A 156 2.28 26.26 -4.51
N HIS A 157 2.79 27.41 -4.94
CA HIS A 157 2.09 28.30 -5.86
C HIS A 157 2.72 28.25 -7.27
N MET A 1 3.71 -21.20 -9.49
CA MET A 1 4.15 -19.78 -9.66
C MET A 1 3.39 -19.11 -10.81
N ARG A 2 2.41 -18.28 -10.48
CA ARG A 2 1.61 -17.55 -11.48
C ARG A 2 2.05 -16.09 -11.59
N VAL A 3 2.42 -15.66 -12.80
CA VAL A 3 2.91 -14.31 -13.02
C VAL A 3 1.76 -13.29 -13.17
N TYR A 4 1.67 -12.37 -12.21
CA TYR A 4 0.69 -11.28 -12.26
C TYR A 4 1.31 -9.99 -12.80
N LYS A 5 0.65 -9.39 -13.78
CA LYS A 5 1.07 -8.09 -14.33
C LYS A 5 0.11 -6.99 -13.85
N PRO A 6 0.48 -5.68 -13.97
CA PRO A 6 -0.39 -4.57 -13.52
C PRO A 6 -1.71 -4.53 -14.30
N GLU A 7 -1.77 -5.25 -15.42
CA GLU A 7 -2.98 -5.33 -16.23
C GLU A 7 -3.82 -6.57 -15.88
N ASP A 8 -3.34 -7.37 -14.92
CA ASP A 8 -4.12 -8.49 -14.37
C ASP A 8 -4.80 -8.08 -13.05
N VAL A 9 -4.13 -7.23 -12.29
CA VAL A 9 -4.65 -6.76 -11.00
C VAL A 9 -5.98 -6.01 -11.17
N PRO A 10 -7.06 -6.48 -10.50
CA PRO A 10 -8.38 -5.81 -10.54
C PRO A 10 -8.35 -4.38 -9.96
N ASN A 11 -8.83 -3.41 -10.73
CA ASN A 11 -8.85 -2.01 -10.29
C ASN A 11 -9.98 -1.76 -9.26
N VAL A 12 -9.69 -2.08 -7.99
CA VAL A 12 -10.71 -2.00 -6.92
C VAL A 12 -11.20 -0.56 -6.67
N GLN A 13 -10.37 0.44 -6.98
CA GLN A 13 -10.74 1.85 -6.79
C GLN A 13 -11.96 2.24 -7.64
N LEU A 14 -12.30 1.41 -8.63
CA LEU A 14 -13.48 1.63 -9.46
C LEU A 14 -14.76 1.25 -8.69
N ALA A 15 -14.77 0.05 -8.12
CA ALA A 15 -15.93 -0.45 -7.36
C ALA A 15 -15.71 -0.33 -5.85
N ASP A 16 -14.80 -1.13 -5.31
CA ASP A 16 -14.47 -1.09 -3.88
C ASP A 16 -13.50 0.06 -3.54
N SER A 17 -13.91 1.28 -3.87
CA SER A 17 -13.11 2.47 -3.54
C SER A 17 -13.03 2.68 -2.03
N THR A 18 -13.93 2.02 -1.29
CA THR A 18 -13.93 2.06 0.18
C THR A 18 -13.17 0.86 0.79
N ARG A 19 -12.57 0.03 -0.07
CA ARG A 19 -11.77 -1.11 0.39
C ARG A 19 -10.27 -0.83 0.20
N LEU A 20 -9.89 -0.45 -1.03
CA LEU A 20 -8.49 -0.12 -1.39
C LEU A 20 -7.55 -1.35 -1.31
N VAL A 21 -8.09 -2.51 -0.96
CA VAL A 21 -7.30 -3.74 -0.84
C VAL A 21 -7.58 -4.72 -2.00
N THR A 22 -6.53 -5.37 -2.49
CA THR A 22 -6.66 -6.39 -3.55
C THR A 22 -5.90 -7.66 -3.16
N ASP A 23 -6.62 -8.70 -2.74
CA ASP A 23 -5.98 -9.95 -2.32
C ASP A 23 -6.05 -11.04 -3.41
N GLU A 24 -4.96 -11.15 -4.16
CA GLU A 24 -4.83 -12.19 -5.20
C GLU A 24 -3.97 -13.36 -4.70
N ALA A 25 -2.85 -13.04 -4.05
CA ALA A 25 -1.97 -14.06 -3.45
C ALA A 25 -2.67 -14.82 -2.31
N GLY A 26 -3.68 -14.20 -1.71
CA GLY A 26 -4.40 -14.83 -0.60
C GLY A 26 -3.58 -14.92 0.68
N LEU A 27 -2.65 -13.98 0.87
CA LEU A 27 -1.78 -13.95 2.06
C LEU A 27 -2.45 -13.21 3.23
N LEU A 28 -3.72 -12.83 3.05
CA LEU A 28 -4.47 -12.10 4.08
C LEU A 28 -5.66 -12.93 4.60
N SER A 29 -5.71 -13.18 5.90
CA SER A 29 -6.87 -13.81 6.52
C SER A 29 -8.09 -12.89 6.44
N ASN A 30 -9.29 -13.47 6.28
CA ASN A 30 -10.51 -12.68 6.05
C ASN A 30 -10.67 -11.52 7.04
N ALA A 31 -10.45 -11.77 8.33
CA ALA A 31 -10.49 -10.71 9.33
C ALA A 31 -9.41 -9.64 9.06
N GLN A 32 -8.18 -10.08 8.77
CA GLN A 32 -7.07 -9.16 8.46
C GLN A 32 -7.41 -8.27 7.26
N GLU A 33 -8.09 -8.83 6.27
CA GLU A 33 -8.58 -8.07 5.11
C GLU A 33 -9.42 -6.87 5.58
N GLU A 34 -10.44 -7.16 6.38
CA GLU A 34 -11.36 -6.14 6.87
C GLU A 34 -10.66 -5.15 7.82
N VAL A 35 -9.82 -5.66 8.70
CA VAL A 35 -9.03 -4.81 9.61
C VAL A 35 -8.13 -3.84 8.81
N MET A 36 -7.61 -4.31 7.68
CA MET A 36 -6.81 -3.46 6.79
C MET A 36 -7.69 -2.46 6.06
N ASN A 37 -8.84 -2.92 5.55
CA ASN A 37 -9.82 -2.05 4.90
C ASN A 37 -10.21 -0.87 5.80
N GLY A 38 -10.65 -1.18 7.02
CA GLY A 38 -11.07 -0.15 7.97
C GLY A 38 -10.00 0.91 8.22
N ARG A 39 -8.73 0.52 8.19
CA ARG A 39 -7.62 1.44 8.41
C ARG A 39 -7.38 2.34 7.17
N LEU A 40 -7.31 1.73 5.98
CA LEU A 40 -7.12 2.49 4.73
C LEU A 40 -8.31 3.43 4.49
N ARG A 41 -9.52 2.86 4.60
CA ARG A 41 -10.77 3.60 4.43
C ARG A 41 -10.85 4.81 5.38
N ALA A 42 -10.43 4.62 6.63
CA ALA A 42 -10.40 5.71 7.61
C ALA A 42 -9.45 6.84 7.17
N ILE A 43 -8.23 6.47 6.79
CA ILE A 43 -7.23 7.45 6.31
C ILE A 43 -7.74 8.18 5.05
N ARG A 44 -8.28 7.40 4.12
CA ARG A 44 -8.81 7.93 2.85
C ARG A 44 -9.96 8.92 3.12
N SER A 45 -10.73 8.67 4.17
CA SER A 45 -11.86 9.53 4.55
C SER A 45 -11.39 10.80 5.29
N SER A 46 -10.52 10.62 6.28
CA SER A 46 -10.03 11.76 7.09
C SER A 46 -8.85 12.47 6.44
N HIS A 47 -7.71 11.79 6.37
CA HIS A 47 -6.48 12.38 5.79
C HIS A 47 -6.59 12.57 4.27
N ALA A 48 -7.62 11.95 3.67
CA ALA A 48 -7.85 12.03 2.22
C ALA A 48 -6.73 11.35 1.42
N VAL A 49 -5.91 10.56 2.10
CA VAL A 49 -4.81 9.84 1.45
C VAL A 49 -5.30 8.52 0.85
N GLU A 50 -5.22 8.40 -0.48
CA GLU A 50 -5.61 7.17 -1.14
C GLU A 50 -4.51 6.10 -0.97
N PHE A 51 -4.70 5.25 0.04
CA PHE A 51 -3.70 4.25 0.44
C PHE A 51 -4.19 2.83 0.08
N ALA A 52 -3.63 2.25 -0.98
CA ALA A 52 -4.08 0.95 -1.49
C ALA A 52 -3.06 -0.17 -1.21
N VAL A 53 -3.55 -1.36 -0.89
CA VAL A 53 -2.68 -2.53 -0.62
C VAL A 53 -3.04 -3.71 -1.56
N VAL A 54 -2.04 -4.22 -2.26
CA VAL A 54 -2.22 -5.34 -3.20
C VAL A 54 -1.28 -6.51 -2.85
N THR A 55 -1.79 -7.74 -2.95
CA THR A 55 -0.97 -8.93 -2.68
C THR A 55 -0.92 -9.86 -3.90
N LEU A 56 0.29 -10.15 -4.37
CA LEU A 56 0.50 -11.02 -5.55
C LEU A 56 1.52 -12.12 -5.25
N PRO A 57 1.30 -13.35 -5.78
CA PRO A 57 2.23 -14.47 -5.59
C PRO A 57 3.60 -14.22 -6.27
N SER A 58 3.58 -13.95 -7.58
CA SER A 58 4.82 -13.68 -8.32
C SER A 58 4.56 -12.75 -9.50
N ILE A 59 5.55 -11.91 -9.83
CA ILE A 59 5.42 -10.97 -10.97
C ILE A 59 6.45 -11.26 -12.07
N GLY A 60 7.14 -12.39 -11.94
CA GLY A 60 8.20 -12.75 -12.90
C GLY A 60 9.41 -11.83 -12.81
N ASP A 61 9.96 -11.44 -13.96
CA ASP A 61 11.14 -10.57 -14.01
C ASP A 61 10.75 -9.08 -14.11
N ALA A 62 9.49 -8.77 -13.83
CA ALA A 62 9.02 -7.38 -13.83
C ALA A 62 9.49 -6.62 -12.57
N PRO A 63 10.06 -5.42 -12.74
CA PRO A 63 10.52 -4.61 -11.59
C PRO A 63 9.35 -4.01 -10.78
N LEU A 64 9.35 -4.27 -9.48
CA LEU A 64 8.23 -3.86 -8.59
C LEU A 64 8.05 -2.34 -8.53
N GLU A 65 9.15 -1.59 -8.53
CA GLU A 65 9.11 -0.13 -8.47
C GLU A 65 8.37 0.45 -9.69
N ASP A 66 8.61 -0.17 -10.83
CA ASP A 66 7.96 0.20 -12.09
C ASP A 66 6.51 -0.34 -12.13
N PHE A 67 6.33 -1.54 -11.58
CA PHE A 67 5.00 -2.17 -11.47
C PHE A 67 4.02 -1.24 -10.75
N THR A 68 4.42 -0.77 -9.56
CA THR A 68 3.58 0.12 -8.76
C THR A 68 3.30 1.44 -9.48
N LEU A 69 4.29 1.94 -10.21
CA LEU A 69 4.09 3.15 -11.04
C LEU A 69 2.93 2.95 -12.03
N LYS A 70 2.97 1.84 -12.76
CA LYS A 70 1.90 1.48 -13.71
C LYS A 70 0.54 1.35 -13.00
N LEU A 71 0.50 0.58 -11.91
CA LEU A 71 -0.73 0.31 -11.19
C LEU A 71 -1.32 1.59 -10.56
N ALA A 72 -0.46 2.42 -9.98
CA ALA A 72 -0.88 3.69 -9.39
C ALA A 72 -1.43 4.66 -10.46
N ARG A 73 -0.78 4.68 -11.63
CA ARG A 73 -1.22 5.53 -12.74
C ARG A 73 -2.62 5.14 -13.24
N GLN A 74 -2.83 3.86 -13.54
CA GLN A 74 -4.12 3.39 -14.05
C GLN A 74 -5.26 3.59 -13.01
N TRP A 75 -4.90 3.57 -11.73
CA TRP A 75 -5.88 3.78 -10.65
C TRP A 75 -6.09 5.26 -10.32
N GLY A 76 -5.35 6.15 -10.99
CA GLY A 76 -5.46 7.58 -10.73
C GLY A 76 -4.90 8.00 -9.37
N VAL A 77 -4.17 7.09 -8.73
CA VAL A 77 -3.57 7.35 -7.42
C VAL A 77 -2.11 7.83 -7.58
N GLY A 78 -1.54 7.60 -8.76
CA GLY A 78 -0.17 8.03 -9.06
C GLY A 78 0.01 8.55 -10.48
N ASN A 79 -1.05 9.13 -11.04
CA ASN A 79 -1.05 9.64 -12.41
C ASN A 79 0.01 10.75 -12.62
N GLU A 80 1.20 10.35 -13.06
CA GLU A 80 2.33 11.28 -13.20
C GLU A 80 2.53 12.09 -11.91
N LYS A 81 2.70 11.37 -10.80
CA LYS A 81 2.88 11.97 -9.47
C LYS A 81 1.58 12.67 -8.99
N ASN A 82 0.83 11.95 -8.15
CA ASN A 82 -0.44 12.43 -7.60
C ASN A 82 -0.25 13.01 -6.18
N ASN A 83 -1.18 13.83 -5.71
CA ASN A 83 -1.07 14.46 -4.39
C ASN A 83 -1.20 13.42 -3.24
N ASN A 84 -2.39 13.30 -2.65
CA ASN A 84 -2.63 12.32 -1.59
C ASN A 84 -2.78 10.90 -2.15
N GLY A 85 -1.68 10.26 -2.51
CA GLY A 85 -1.72 8.93 -3.08
C GLY A 85 -0.56 8.04 -2.63
N LEU A 86 -0.87 6.83 -2.18
CA LEU A 86 0.13 5.86 -1.73
C LEU A 86 -0.27 4.42 -2.09
N LEU A 87 0.59 3.73 -2.83
CA LEU A 87 0.31 2.35 -3.24
C LEU A 87 1.29 1.35 -2.57
N LEU A 88 0.77 0.25 -2.07
CA LEU A 88 1.58 -0.80 -1.44
C LEU A 88 1.32 -2.15 -2.10
N VAL A 89 2.37 -2.78 -2.64
CA VAL A 89 2.25 -4.09 -3.29
C VAL A 89 3.24 -5.10 -2.68
N LEU A 90 2.71 -6.26 -2.26
CA LEU A 90 3.52 -7.34 -1.70
C LEU A 90 3.75 -8.46 -2.73
N VAL A 91 5.03 -8.73 -3.05
CA VAL A 91 5.39 -9.82 -3.97
C VAL A 91 5.96 -11.01 -3.19
N LEU A 92 5.14 -12.05 -3.01
CA LEU A 92 5.53 -13.26 -2.27
C LEU A 92 6.80 -13.92 -2.88
N ASP A 93 6.90 -13.85 -4.20
CA ASP A 93 8.03 -14.41 -4.95
C ASP A 93 9.40 -13.96 -4.40
N GLN A 94 9.48 -12.71 -3.94
CA GLN A 94 10.74 -12.13 -3.46
C GLN A 94 10.59 -11.48 -2.07
N ARG A 95 9.39 -11.60 -1.48
CA ARG A 95 9.09 -10.97 -0.18
C ARG A 95 9.33 -9.45 -0.19
N ARG A 96 9.34 -8.86 -1.38
CA ARG A 96 9.55 -7.43 -1.53
C ARG A 96 8.23 -6.66 -1.60
N VAL A 97 8.21 -5.50 -0.97
CA VAL A 97 7.05 -4.62 -0.99
C VAL A 97 7.45 -3.19 -1.37
N ARG A 98 6.59 -2.50 -2.11
CA ARG A 98 6.87 -1.13 -2.57
C ARG A 98 5.81 -0.14 -2.07
N PHE A 99 6.27 0.95 -1.46
CA PHE A 99 5.40 2.08 -1.08
C PHE A 99 5.56 3.21 -2.10
N GLU A 100 4.60 3.34 -3.02
CA GLU A 100 4.70 4.32 -4.09
C GLU A 100 3.92 5.61 -3.80
N THR A 101 4.65 6.70 -3.62
CA THR A 101 4.05 8.03 -3.40
C THR A 101 4.09 8.88 -4.67
N GLY A 102 3.14 9.79 -4.80
CA GLY A 102 3.18 10.78 -5.87
C GLY A 102 4.07 11.98 -5.52
N TYR A 103 3.45 13.05 -5.01
CA TYR A 103 4.21 14.20 -4.50
C TYR A 103 3.55 14.80 -3.26
N GLY A 104 2.23 14.58 -3.10
CA GLY A 104 1.51 15.19 -1.98
C GLY A 104 1.96 14.67 -0.62
N LEU A 105 2.43 13.43 -0.59
CA LEU A 105 2.87 12.80 0.66
C LEU A 105 4.37 12.97 0.93
N GLU A 106 5.07 13.66 0.03
CA GLU A 106 6.52 13.89 0.20
C GLU A 106 6.81 14.71 1.47
N GLY A 107 5.79 15.42 1.97
CA GLY A 107 5.93 16.19 3.21
C GLY A 107 5.44 15.44 4.44
N TYR A 108 5.18 14.13 4.28
CA TYR A 108 4.70 13.28 5.39
C TYR A 108 5.43 11.94 5.39
N LEU A 109 5.34 11.24 4.26
CA LEU A 109 5.91 9.90 4.08
C LEU A 109 6.96 9.89 2.95
N PRO A 110 8.19 10.35 3.23
CA PRO A 110 9.29 10.32 2.24
C PRO A 110 9.66 8.88 1.82
N ASP A 111 10.05 8.72 0.56
CA ASP A 111 10.47 7.42 0.02
C ASP A 111 11.52 6.74 0.91
N GLY A 112 12.37 7.56 1.55
CA GLY A 112 13.34 7.04 2.52
C GLY A 112 12.70 6.49 3.79
N LEU A 113 11.74 7.22 4.34
CA LEU A 113 11.01 6.79 5.53
C LEU A 113 10.27 5.46 5.27
N LEU A 114 9.53 5.43 4.16
CA LEU A 114 8.81 4.22 3.73
C LEU A 114 9.76 3.03 3.58
N SER A 115 10.97 3.31 3.07
CA SER A 115 12.02 2.29 2.93
C SER A 115 12.33 1.62 4.27
N ARG A 116 12.51 2.43 5.33
CA ARG A 116 12.77 1.88 6.67
C ARG A 116 11.55 1.07 7.18
N ILE A 117 10.35 1.60 6.95
CA ILE A 117 9.11 0.92 7.40
C ILE A 117 9.09 -0.56 6.96
N ILE A 118 9.56 -0.81 5.74
CA ILE A 118 9.69 -2.17 5.22
C ILE A 118 10.64 -3.02 6.09
N HIS A 119 11.83 -2.49 6.35
CA HIS A 119 12.88 -3.24 7.08
C HIS A 119 12.67 -3.21 8.61
N ASP A 120 11.89 -2.25 9.10
CA ASP A 120 11.73 -2.03 10.54
C ASP A 120 10.68 -2.97 11.15
N ARG A 121 9.50 -3.04 10.53
CA ARG A 121 8.39 -3.86 11.07
C ARG A 121 7.93 -4.98 10.10
N MET A 122 8.04 -4.75 8.80
CA MET A 122 7.57 -5.73 7.81
C MET A 122 8.48 -6.97 7.70
N ILE A 123 9.77 -6.75 7.41
CA ILE A 123 10.74 -7.85 7.20
C ILE A 123 10.72 -8.89 8.34
N PRO A 124 10.84 -8.48 9.63
CA PRO A 124 10.83 -9.42 10.77
C PRO A 124 9.61 -10.36 10.76
N HIS A 125 8.50 -9.90 10.21
CA HIS A 125 7.27 -10.70 10.12
C HIS A 125 7.28 -11.62 8.89
N PHE A 126 7.60 -11.07 7.71
CA PHE A 126 7.64 -11.86 6.48
C PHE A 126 8.56 -13.07 6.62
N ARG A 127 9.76 -12.83 7.15
CA ARG A 127 10.75 -13.88 7.35
C ARG A 127 10.28 -14.92 8.39
N SER A 128 9.27 -14.55 9.17
CA SER A 128 8.64 -15.46 10.14
C SER A 128 7.47 -16.23 9.50
N GLY A 129 7.04 -15.77 8.32
CA GLY A 129 5.84 -16.31 7.69
C GLY A 129 4.61 -15.47 7.98
N ASN A 130 4.80 -14.41 8.77
CA ASN A 130 3.73 -13.49 9.14
C ASN A 130 3.52 -12.41 8.07
N TYR A 131 3.03 -12.80 6.90
CA TYR A 131 2.83 -11.86 5.79
C TYR A 131 1.65 -10.90 6.06
N ALA A 132 0.51 -11.45 6.49
CA ALA A 132 -0.65 -10.63 6.86
C ALA A 132 -0.34 -9.71 8.05
N GLU A 133 0.38 -10.25 9.02
CA GLU A 133 0.83 -9.50 10.19
C GLU A 133 1.76 -8.34 9.77
N GLY A 134 2.77 -8.65 8.96
CA GLY A 134 3.72 -7.65 8.47
C GLY A 134 3.07 -6.50 7.71
N LEU A 135 2.18 -6.85 6.77
CA LEU A 135 1.44 -5.83 6.01
C LEU A 135 0.63 -4.90 6.95
N SER A 136 -0.04 -5.50 7.92
CA SER A 136 -0.81 -4.73 8.91
C SER A 136 0.09 -3.77 9.70
N GLU A 137 1.26 -4.26 10.13
CA GLU A 137 2.23 -3.42 10.83
C GLU A 137 2.71 -2.25 9.94
N GLY A 138 2.92 -2.53 8.66
CA GLY A 138 3.31 -1.48 7.71
C GLY A 138 2.26 -0.39 7.57
N VAL A 139 1.01 -0.80 7.32
CA VAL A 139 -0.11 0.13 7.22
C VAL A 139 -0.28 0.94 8.53
N LEU A 140 -0.24 0.23 9.65
CA LEU A 140 -0.35 0.86 10.98
C LEU A 140 0.77 1.89 11.21
N ALA A 141 1.98 1.56 10.76
CA ALA A 141 3.12 2.47 10.87
C ALA A 141 2.88 3.77 10.08
N VAL A 142 2.49 3.62 8.82
CA VAL A 142 2.14 4.78 7.97
C VAL A 142 1.03 5.62 8.61
N GLN A 143 -0.02 4.95 9.06
CA GLN A 143 -1.14 5.60 9.78
C GLN A 143 -0.62 6.46 10.95
N GLN A 144 0.38 5.96 11.67
CA GLN A 144 0.96 6.68 12.81
C GLN A 144 1.77 7.91 12.36
N VAL A 145 2.55 7.77 11.29
CA VAL A 145 3.36 8.89 10.78
C VAL A 145 2.48 10.09 10.39
N LEU A 146 1.43 9.84 9.59
CA LEU A 146 0.51 10.89 9.17
C LEU A 146 -0.06 11.68 10.35
N ASP A 147 -0.52 10.97 11.38
CA ASP A 147 -1.10 11.59 12.58
C ASP A 147 -0.12 12.59 13.24
N GLY A 148 1.17 12.28 13.19
CA GLY A 148 2.18 13.14 13.80
C GLY A 148 2.92 14.04 12.82
N SER A 149 2.56 13.96 11.53
CA SER A 149 3.24 14.77 10.49
C SER A 149 2.29 15.77 9.83
N LEU A 150 1.15 16.03 10.46
CA LEU A 150 0.16 16.97 9.91
C LEU A 150 0.68 18.42 9.90
N GLU A 151 1.90 18.63 10.38
CA GLU A 151 2.58 19.94 10.32
C GLU A 151 2.46 20.62 8.94
N HIS A 152 2.44 19.80 7.89
CA HIS A 152 2.45 20.29 6.51
C HIS A 152 1.03 20.61 5.97
N HIS A 153 -0.01 20.45 6.80
CA HIS A 153 -1.41 20.57 6.33
C HIS A 153 -1.82 22.02 5.98
N HIS A 154 -1.29 22.55 4.87
CA HIS A 154 -1.66 23.90 4.39
C HIS A 154 -0.82 24.32 3.16
N HIS A 155 -0.03 23.40 2.62
CA HIS A 155 0.88 23.73 1.51
C HIS A 155 0.53 22.97 0.22
N HIS A 156 0.63 23.68 -0.90
CA HIS A 156 0.43 23.11 -2.23
C HIS A 156 1.50 23.63 -3.20
N HIS A 157 1.33 23.37 -4.51
CA HIS A 157 2.25 23.91 -5.52
C HIS A 157 1.62 25.09 -6.29
N MET A 1 3.44 -21.38 -10.62
CA MET A 1 3.94 -19.99 -10.46
C MET A 1 3.22 -19.04 -11.44
N ARG A 2 2.13 -18.41 -10.99
CA ARG A 2 1.40 -17.46 -11.82
C ARG A 2 1.96 -16.04 -11.69
N VAL A 3 2.46 -15.50 -12.80
CA VAL A 3 3.04 -14.15 -12.85
C VAL A 3 1.97 -13.08 -13.19
N TYR A 4 1.71 -12.17 -12.25
CA TYR A 4 0.73 -11.10 -12.46
C TYR A 4 1.39 -9.81 -12.96
N LYS A 5 0.71 -9.15 -13.90
CA LYS A 5 1.13 -7.84 -14.39
C LYS A 5 0.12 -6.76 -13.95
N PRO A 6 0.50 -5.46 -14.00
CA PRO A 6 -0.39 -4.36 -13.57
C PRO A 6 -1.75 -4.38 -14.28
N GLU A 7 -1.80 -4.98 -15.46
CA GLU A 7 -3.03 -5.09 -16.25
C GLU A 7 -3.92 -6.25 -15.76
N ASP A 8 -3.32 -7.24 -15.10
CA ASP A 8 -4.05 -8.41 -14.60
C ASP A 8 -4.55 -8.20 -13.15
N VAL A 9 -3.95 -7.25 -12.45
CA VAL A 9 -4.35 -6.92 -11.08
C VAL A 9 -5.73 -6.23 -11.06
N PRO A 10 -6.72 -6.81 -10.35
CA PRO A 10 -8.06 -6.22 -10.23
C PRO A 10 -8.04 -4.78 -9.67
N ASN A 11 -8.38 -3.81 -10.52
CA ASN A 11 -8.41 -2.40 -10.12
C ASN A 11 -9.58 -2.13 -9.16
N VAL A 12 -9.37 -2.42 -7.88
CA VAL A 12 -10.42 -2.25 -6.87
C VAL A 12 -10.81 -0.78 -6.67
N GLN A 13 -9.87 0.14 -6.90
CA GLN A 13 -10.12 1.57 -6.74
C GLN A 13 -11.04 2.12 -7.85
N LEU A 14 -11.04 1.45 -9.00
CA LEU A 14 -12.00 1.75 -10.07
C LEU A 14 -13.37 1.19 -9.68
N ALA A 15 -13.38 0.01 -9.09
CA ALA A 15 -14.61 -0.65 -8.66
C ALA A 15 -15.19 -0.01 -7.38
N ASP A 16 -14.64 -0.37 -6.22
CA ASP A 16 -15.17 0.10 -4.93
C ASP A 16 -14.09 0.85 -4.12
N SER A 17 -14.25 2.16 -4.00
CA SER A 17 -13.33 2.99 -3.20
C SER A 17 -13.29 2.54 -1.72
N THR A 18 -14.37 1.90 -1.28
CA THR A 18 -14.45 1.37 0.09
C THR A 18 -13.37 0.29 0.35
N ARG A 19 -12.93 -0.38 -0.72
CA ARG A 19 -11.86 -1.38 -0.63
C ARG A 19 -10.62 -0.92 -1.39
N LEU A 20 -9.55 -0.65 -0.64
CA LEU A 20 -8.28 -0.22 -1.25
C LEU A 20 -7.28 -1.40 -1.30
N VAL A 21 -7.76 -2.60 -0.97
CA VAL A 21 -6.91 -3.78 -0.82
C VAL A 21 -7.28 -4.91 -1.80
N THR A 22 -6.36 -5.23 -2.71
CA THR A 22 -6.55 -6.35 -3.66
C THR A 22 -5.72 -7.57 -3.25
N ASP A 23 -6.37 -8.61 -2.71
CA ASP A 23 -5.69 -9.84 -2.30
C ASP A 23 -5.76 -10.92 -3.40
N GLU A 24 -4.67 -11.07 -4.15
CA GLU A 24 -4.59 -12.11 -5.20
C GLU A 24 -3.73 -13.29 -4.73
N ALA A 25 -2.64 -12.99 -4.03
CA ALA A 25 -1.74 -14.02 -3.48
C ALA A 25 -2.45 -14.98 -2.52
N GLY A 26 -3.58 -14.57 -1.96
CA GLY A 26 -4.29 -15.40 -0.99
C GLY A 26 -3.61 -15.42 0.37
N LEU A 27 -3.41 -14.24 0.94
CA LEU A 27 -2.70 -14.10 2.22
C LEU A 27 -3.58 -13.38 3.26
N LEU A 28 -4.18 -12.27 2.87
CA LEU A 28 -5.00 -11.46 3.77
C LEU A 28 -6.36 -12.12 4.06
N SER A 29 -6.58 -12.49 5.32
CA SER A 29 -7.84 -13.09 5.76
C SER A 29 -8.97 -12.05 5.77
N ASN A 30 -10.22 -12.51 5.80
CA ASN A 30 -11.39 -11.60 5.86
C ASN A 30 -11.26 -10.64 7.05
N ALA A 31 -10.70 -11.14 8.15
CA ALA A 31 -10.43 -10.33 9.33
C ALA A 31 -9.36 -9.26 9.04
N GLN A 32 -8.25 -9.66 8.43
CA GLN A 32 -7.17 -8.73 8.07
C GLN A 32 -7.67 -7.66 7.09
N GLU A 33 -8.45 -8.07 6.10
CA GLU A 33 -9.06 -7.13 5.14
C GLU A 33 -9.99 -6.14 5.86
N GLU A 34 -10.82 -6.66 6.76
CA GLU A 34 -11.73 -5.84 7.56
C GLU A 34 -10.97 -4.73 8.31
N VAL A 35 -9.97 -5.14 9.09
CA VAL A 35 -9.15 -4.22 9.87
C VAL A 35 -8.37 -3.25 8.97
N MET A 36 -7.74 -3.78 7.92
CA MET A 36 -6.90 -2.97 7.02
C MET A 36 -7.74 -1.96 6.23
N ASN A 37 -8.80 -2.42 5.57
CA ASN A 37 -9.66 -1.53 4.78
C ASN A 37 -10.36 -0.50 5.68
N GLY A 38 -10.75 -0.91 6.89
CA GLY A 38 -11.32 0.02 7.86
C GLY A 38 -10.36 1.16 8.21
N ARG A 39 -9.12 0.82 8.50
CA ARG A 39 -8.07 1.81 8.82
C ARG A 39 -7.77 2.71 7.60
N LEU A 40 -7.59 2.09 6.43
CA LEU A 40 -7.31 2.84 5.18
C LEU A 40 -8.45 3.83 4.87
N ARG A 41 -9.68 3.32 4.84
CA ARG A 41 -10.86 4.14 4.57
C ARG A 41 -11.01 5.25 5.62
N ALA A 42 -10.64 4.95 6.87
CA ALA A 42 -10.62 5.96 7.95
C ALA A 42 -9.60 7.07 7.66
N ILE A 43 -8.42 6.68 7.17
CA ILE A 43 -7.39 7.65 6.77
C ILE A 43 -7.89 8.53 5.62
N ARG A 44 -8.56 7.93 4.64
CA ARG A 44 -9.21 8.68 3.55
C ARG A 44 -10.29 9.63 4.11
N SER A 45 -11.02 9.18 5.13
CA SER A 45 -12.07 10.00 5.74
C SER A 45 -11.50 11.18 6.54
N SER A 46 -10.31 11.00 7.12
CA SER A 46 -9.68 12.08 7.92
C SER A 46 -8.64 12.87 7.11
N HIS A 47 -7.57 12.19 6.71
CA HIS A 47 -6.44 12.85 6.02
C HIS A 47 -6.65 12.92 4.50
N ALA A 48 -7.65 12.21 4.00
CA ALA A 48 -7.93 12.11 2.56
C ALA A 48 -6.85 11.31 1.81
N VAL A 49 -5.88 10.76 2.55
CA VAL A 49 -4.80 9.97 1.96
C VAL A 49 -5.34 8.69 1.29
N GLU A 50 -5.06 8.54 0.00
CA GLU A 50 -5.48 7.36 -0.75
C GLU A 50 -4.42 6.27 -0.66
N PHE A 51 -4.61 5.36 0.28
CA PHE A 51 -3.60 4.34 0.62
C PHE A 51 -4.09 2.93 0.25
N ALA A 52 -3.58 2.40 -0.86
CA ALA A 52 -4.02 1.09 -1.38
C ALA A 52 -2.98 -0.02 -1.13
N VAL A 53 -3.47 -1.24 -0.88
CA VAL A 53 -2.61 -2.40 -0.63
C VAL A 53 -2.92 -3.54 -1.62
N VAL A 54 -1.88 -4.20 -2.13
CA VAL A 54 -2.05 -5.30 -3.10
C VAL A 54 -1.18 -6.51 -2.71
N THR A 55 -1.69 -7.73 -2.94
CA THR A 55 -0.89 -8.95 -2.70
C THR A 55 -0.87 -9.83 -3.96
N LEU A 56 0.32 -10.13 -4.46
CA LEU A 56 0.46 -10.98 -5.66
C LEU A 56 1.42 -12.16 -5.41
N PRO A 57 1.11 -13.34 -5.99
CA PRO A 57 1.97 -14.53 -5.89
C PRO A 57 3.40 -14.26 -6.41
N SER A 58 3.51 -13.93 -7.69
CA SER A 58 4.83 -13.68 -8.30
C SER A 58 4.75 -12.64 -9.44
N ILE A 59 5.82 -11.85 -9.58
CA ILE A 59 5.95 -10.91 -10.70
C ILE A 59 7.06 -11.37 -11.66
N GLY A 60 7.62 -12.55 -11.39
CA GLY A 60 8.68 -13.10 -12.24
C GLY A 60 9.93 -12.24 -12.28
N ASP A 61 10.31 -11.79 -13.48
CA ASP A 61 11.52 -11.00 -13.67
C ASP A 61 11.21 -9.48 -13.73
N ALA A 62 9.95 -9.12 -13.50
CA ALA A 62 9.52 -7.72 -13.54
C ALA A 62 10.12 -6.91 -12.38
N PRO A 63 10.54 -5.65 -12.64
CA PRO A 63 11.10 -4.78 -11.61
C PRO A 63 10.03 -4.20 -10.66
N LEU A 64 10.20 -4.40 -9.35
CA LEU A 64 9.21 -3.96 -8.36
C LEU A 64 8.98 -2.43 -8.43
N GLU A 65 10.06 -1.68 -8.59
CA GLU A 65 10.00 -0.21 -8.71
C GLU A 65 9.01 0.22 -9.80
N ASP A 66 9.27 -0.23 -11.03
CA ASP A 66 8.43 0.09 -12.18
C ASP A 66 7.00 -0.49 -12.01
N PHE A 67 6.92 -1.71 -11.51
CA PHE A 67 5.64 -2.40 -11.34
C PHE A 67 4.63 -1.56 -10.54
N THR A 68 5.07 -1.05 -9.39
CA THR A 68 4.22 -0.22 -8.53
C THR A 68 3.70 1.02 -9.27
N LEU A 69 4.59 1.74 -9.94
CA LEU A 69 4.21 2.92 -10.72
C LEU A 69 3.18 2.59 -11.81
N LYS A 70 3.41 1.49 -12.54
CA LYS A 70 2.50 1.04 -13.60
C LYS A 70 1.07 0.82 -13.07
N LEU A 71 0.96 0.15 -11.91
CA LEU A 71 -0.34 -0.12 -11.28
C LEU A 71 -0.93 1.17 -10.66
N ALA A 72 -0.08 1.99 -10.07
CA ALA A 72 -0.49 3.24 -9.42
C ALA A 72 -1.22 4.18 -10.40
N ARG A 73 -0.77 4.19 -11.66
CA ARG A 73 -1.35 5.05 -12.70
C ARG A 73 -2.84 4.73 -12.95
N GLN A 74 -3.15 3.47 -13.23
CA GLN A 74 -4.53 3.06 -13.53
C GLN A 74 -5.46 3.18 -12.30
N TRP A 75 -4.89 3.07 -11.10
CA TRP A 75 -5.67 3.21 -9.86
C TRP A 75 -5.91 4.68 -9.49
N GLY A 76 -5.20 5.59 -10.16
CA GLY A 76 -5.42 7.02 -9.95
C GLY A 76 -4.48 7.65 -8.94
N VAL A 77 -3.61 6.84 -8.32
CA VAL A 77 -2.70 7.33 -7.28
C VAL A 77 -1.27 7.57 -7.81
N GLY A 78 -1.03 7.22 -9.07
CA GLY A 78 0.32 7.36 -9.65
C GLY A 78 0.37 8.22 -10.91
N ASN A 79 -0.72 8.24 -11.67
CA ASN A 79 -0.80 9.03 -12.91
C ASN A 79 -0.60 10.53 -12.62
N GLU A 80 0.35 11.14 -13.36
CA GLU A 80 0.76 12.54 -13.17
C GLU A 80 0.94 12.93 -11.69
N LYS A 81 1.28 11.93 -10.87
CA LYS A 81 1.59 12.14 -9.44
C LYS A 81 0.38 12.64 -8.62
N ASN A 82 -0.35 11.71 -8.03
CA ASN A 82 -1.49 12.05 -7.16
C ASN A 82 -1.02 12.59 -5.81
N ASN A 83 -1.61 13.69 -5.38
CA ASN A 83 -1.31 14.30 -4.07
C ASN A 83 -1.41 13.27 -2.91
N ASN A 84 -2.60 12.75 -2.64
CA ASN A 84 -2.78 11.81 -1.53
C ASN A 84 -2.51 10.34 -1.95
N GLY A 85 -2.00 10.15 -3.16
CA GLY A 85 -1.81 8.81 -3.70
C GLY A 85 -0.66 8.02 -3.07
N LEU A 86 -0.98 6.83 -2.54
CA LEU A 86 0.03 5.91 -2.00
C LEU A 86 -0.35 4.45 -2.31
N LEU A 87 0.51 3.74 -3.04
CA LEU A 87 0.27 2.34 -3.38
C LEU A 87 1.25 1.39 -2.66
N LEU A 88 0.73 0.30 -2.11
CA LEU A 88 1.55 -0.71 -1.44
C LEU A 88 1.40 -2.09 -2.12
N VAL A 89 2.44 -2.53 -2.83
CA VAL A 89 2.39 -3.82 -3.52
C VAL A 89 3.29 -4.87 -2.85
N LEU A 90 2.68 -5.97 -2.41
CA LEU A 90 3.41 -7.11 -1.84
C LEU A 90 3.56 -8.23 -2.87
N VAL A 91 4.79 -8.71 -3.04
CA VAL A 91 5.07 -9.84 -3.94
C VAL A 91 5.61 -11.03 -3.14
N LEU A 92 4.79 -12.07 -2.99
CA LEU A 92 5.17 -13.28 -2.24
C LEU A 92 6.49 -13.87 -2.75
N ASP A 93 6.63 -13.95 -4.07
CA ASP A 93 7.85 -14.43 -4.72
C ASP A 93 9.09 -13.60 -4.32
N GLN A 94 8.90 -12.31 -4.09
CA GLN A 94 10.00 -11.41 -3.70
C GLN A 94 10.14 -11.30 -2.17
N ARG A 95 9.13 -11.80 -1.45
CA ARG A 95 9.07 -11.71 0.03
C ARG A 95 9.21 -10.26 0.52
N ARG A 96 8.77 -9.31 -0.30
CA ARG A 96 8.94 -7.89 0.02
C ARG A 96 7.81 -7.03 -0.57
N VAL A 97 7.81 -5.74 -0.23
CA VAL A 97 6.80 -4.79 -0.71
C VAL A 97 7.45 -3.47 -1.15
N ARG A 98 6.66 -2.59 -1.77
CA ARG A 98 7.09 -1.21 -2.02
C ARG A 98 5.91 -0.23 -1.91
N PHE A 99 6.18 0.95 -1.34
CA PHE A 99 5.22 2.06 -1.31
C PHE A 99 5.52 3.07 -2.44
N GLU A 100 4.54 3.36 -3.29
CA GLU A 100 4.69 4.37 -4.35
C GLU A 100 3.88 5.64 -4.02
N THR A 101 4.57 6.77 -3.88
CA THR A 101 3.90 8.05 -3.60
C THR A 101 3.71 8.88 -4.87
N GLY A 102 2.55 9.51 -4.99
CA GLY A 102 2.31 10.43 -6.08
C GLY A 102 3.16 11.70 -5.96
N TYR A 103 2.71 12.63 -5.14
CA TYR A 103 3.40 13.92 -4.96
C TYR A 103 3.08 14.56 -3.60
N GLY A 104 1.81 14.54 -3.22
CA GLY A 104 1.36 15.23 -2.01
C GLY A 104 2.01 14.72 -0.73
N LEU A 105 2.13 13.40 -0.61
CA LEU A 105 2.68 12.77 0.59
C LEU A 105 4.19 12.99 0.78
N GLU A 106 4.84 13.66 -0.17
CA GLU A 106 6.28 13.96 -0.05
C GLU A 106 6.59 14.83 1.18
N GLY A 107 5.55 15.45 1.75
CA GLY A 107 5.72 16.24 2.96
C GLY A 107 5.55 15.43 4.25
N TYR A 108 5.31 14.13 4.11
CA TYR A 108 5.13 13.23 5.27
C TYR A 108 5.86 11.90 5.07
N LEU A 109 5.57 11.24 3.95
CA LEU A 109 6.09 9.90 3.65
C LEU A 109 6.97 9.91 2.38
N PRO A 110 8.28 10.20 2.52
CA PRO A 110 9.22 10.11 1.39
C PRO A 110 9.69 8.68 1.11
N ASP A 111 10.17 8.43 -0.11
CA ASP A 111 10.64 7.09 -0.53
C ASP A 111 11.54 6.44 0.54
N GLY A 112 12.41 7.25 1.16
CA GLY A 112 13.28 6.75 2.22
C GLY A 112 12.52 6.18 3.41
N LEU A 113 11.55 6.95 3.93
CA LEU A 113 10.72 6.50 5.05
C LEU A 113 9.89 5.27 4.66
N LEU A 114 9.37 5.28 3.44
CA LEU A 114 8.60 4.15 2.91
C LEU A 114 9.43 2.86 2.93
N SER A 115 10.66 2.94 2.43
CA SER A 115 11.57 1.78 2.44
C SER A 115 12.01 1.44 3.87
N ARG A 116 12.16 2.47 4.70
CA ARG A 116 12.50 2.30 6.11
C ARG A 116 11.47 1.40 6.81
N ILE A 117 10.18 1.76 6.71
CA ILE A 117 9.09 0.97 7.30
C ILE A 117 9.19 -0.51 6.91
N ILE A 118 9.51 -0.76 5.64
CA ILE A 118 9.71 -2.13 5.14
C ILE A 118 10.83 -2.84 5.92
N HIS A 119 12.01 -2.21 5.97
CA HIS A 119 13.16 -2.78 6.66
C HIS A 119 13.04 -2.65 8.19
N ASP A 120 12.11 -1.82 8.64
CA ASP A 120 11.92 -1.55 10.07
C ASP A 120 11.14 -2.67 10.77
N ARG A 121 9.96 -3.02 10.25
CA ARG A 121 9.10 -4.02 10.89
C ARG A 121 8.54 -5.07 9.91
N MET A 122 8.46 -4.74 8.62
CA MET A 122 7.93 -5.69 7.62
C MET A 122 8.86 -6.90 7.42
N ILE A 123 10.14 -6.64 7.13
CA ILE A 123 11.11 -7.72 6.82
C ILE A 123 11.13 -8.83 7.89
N PRO A 124 11.31 -8.50 9.20
CA PRO A 124 11.29 -9.51 10.27
C PRO A 124 10.01 -10.37 10.26
N HIS A 125 8.86 -9.73 10.03
CA HIS A 125 7.59 -10.47 9.93
C HIS A 125 7.58 -11.40 8.70
N PHE A 126 7.92 -10.88 7.53
CA PHE A 126 7.96 -11.69 6.30
C PHE A 126 8.88 -12.91 6.46
N ARG A 127 10.07 -12.70 7.02
CA ARG A 127 11.01 -13.78 7.28
C ARG A 127 10.41 -14.79 8.29
N SER A 128 9.63 -14.29 9.23
CA SER A 128 8.94 -15.13 10.23
C SER A 128 7.66 -15.75 9.67
N GLY A 129 7.30 -15.38 8.44
CA GLY A 129 6.11 -15.93 7.79
C GLY A 129 4.88 -15.03 7.90
N ASN A 130 4.99 -13.97 8.69
CA ASN A 130 3.86 -13.04 8.89
C ASN A 130 3.69 -12.06 7.71
N TYR A 131 3.21 -12.56 6.58
CA TYR A 131 2.94 -11.72 5.41
C TYR A 131 1.72 -10.83 5.65
N ALA A 132 0.58 -11.45 5.97
CA ALA A 132 -0.67 -10.72 6.24
C ALA A 132 -0.50 -9.75 7.42
N GLU A 133 0.20 -10.19 8.46
CA GLU A 133 0.49 -9.34 9.61
C GLU A 133 1.48 -8.22 9.21
N GLY A 134 2.55 -8.59 8.50
CA GLY A 134 3.54 -7.61 8.05
C GLY A 134 2.93 -6.43 7.28
N LEU A 135 1.97 -6.74 6.40
CA LEU A 135 1.24 -5.70 5.66
C LEU A 135 0.49 -4.77 6.64
N SER A 136 -0.25 -5.36 7.57
CA SER A 136 -0.99 -4.58 8.58
C SER A 136 -0.05 -3.73 9.42
N GLU A 137 1.12 -4.29 9.76
CA GLU A 137 2.18 -3.57 10.47
C GLU A 137 2.64 -2.32 9.69
N GLY A 138 2.97 -2.50 8.41
CA GLY A 138 3.34 -1.38 7.57
C GLY A 138 2.24 -0.32 7.48
N VAL A 139 1.01 -0.78 7.22
CA VAL A 139 -0.16 0.10 7.22
C VAL A 139 -0.31 0.83 8.56
N LEU A 140 -0.04 0.12 9.65
CA LEU A 140 -0.14 0.70 11.01
C LEU A 140 0.99 1.70 11.25
N ALA A 141 2.16 1.44 10.67
CA ALA A 141 3.31 2.35 10.78
C ALA A 141 3.03 3.66 10.03
N VAL A 142 2.60 3.55 8.77
CA VAL A 142 2.19 4.72 7.98
C VAL A 142 1.06 5.47 8.69
N GLN A 143 0.05 4.72 9.14
CA GLN A 143 -1.03 5.29 9.94
C GLN A 143 -0.51 6.06 11.17
N GLN A 144 0.42 5.46 11.91
CA GLN A 144 1.04 6.13 13.07
C GLN A 144 1.70 7.45 12.67
N VAL A 145 2.32 7.49 11.49
CA VAL A 145 2.91 8.72 10.97
C VAL A 145 1.83 9.79 10.69
N LEU A 146 0.77 9.39 9.98
CA LEU A 146 -0.30 10.31 9.60
C LEU A 146 -1.13 10.76 10.83
N ASP A 147 -1.73 9.79 11.54
CA ASP A 147 -2.51 10.08 12.75
C ASP A 147 -1.65 10.70 13.87
N GLY A 148 -0.34 10.45 13.81
CA GLY A 148 0.59 11.06 14.75
C GLY A 148 1.06 12.44 14.30
N SER A 149 0.91 12.74 13.00
CA SER A 149 1.36 14.02 12.44
C SER A 149 0.43 15.18 12.84
N LEU A 150 -0.84 15.09 12.49
CA LEU A 150 -1.80 16.16 12.77
C LEU A 150 -2.03 16.33 14.29
N GLU A 151 -1.81 15.24 15.04
CA GLU A 151 -1.93 15.23 16.51
C GLU A 151 -3.38 15.42 17.00
N HIS A 152 -4.28 15.74 16.06
CA HIS A 152 -5.71 15.77 16.35
C HIS A 152 -6.27 14.35 16.37
N HIS A 153 -6.80 13.94 17.52
CA HIS A 153 -7.29 12.57 17.73
C HIS A 153 -8.22 12.11 16.58
N HIS A 154 -7.80 11.07 15.86
CA HIS A 154 -8.59 10.51 14.76
C HIS A 154 -9.99 10.07 15.25
N HIS A 155 -11.02 10.82 14.88
CA HIS A 155 -12.39 10.50 15.30
C HIS A 155 -12.98 9.34 14.49
N HIS A 156 -13.60 8.39 15.19
CA HIS A 156 -14.29 7.28 14.53
C HIS A 156 -15.78 7.61 14.34
N HIS A 157 -16.34 7.19 13.21
CA HIS A 157 -17.74 7.51 12.83
C HIS A 157 -17.91 9.02 12.57
N MET A 1 1.31 -19.97 -7.20
CA MET A 1 2.30 -19.23 -8.03
C MET A 1 1.73 -18.87 -9.41
N ARG A 2 1.05 -17.74 -9.48
CA ARG A 2 0.60 -17.20 -10.77
C ARG A 2 1.23 -15.84 -11.05
N VAL A 3 1.92 -15.72 -12.17
CA VAL A 3 2.54 -14.46 -12.58
C VAL A 3 1.47 -13.41 -12.96
N TYR A 4 1.22 -12.47 -12.05
CA TYR A 4 0.31 -11.34 -12.33
C TYR A 4 1.09 -10.13 -12.86
N LYS A 5 0.48 -9.43 -13.83
CA LYS A 5 1.06 -8.19 -14.37
C LYS A 5 0.22 -6.97 -13.97
N PRO A 6 0.80 -5.75 -13.98
CA PRO A 6 0.12 -4.53 -13.49
C PRO A 6 -1.03 -4.03 -14.37
N GLU A 7 -1.56 -4.90 -15.23
CA GLU A 7 -2.75 -4.59 -16.03
C GLU A 7 -3.84 -5.66 -15.86
N ASP A 8 -3.48 -6.79 -15.25
CA ASP A 8 -4.43 -7.89 -15.01
C ASP A 8 -5.00 -7.84 -13.59
N VAL A 9 -4.31 -7.12 -12.69
CA VAL A 9 -4.77 -6.94 -11.31
C VAL A 9 -6.17 -6.28 -11.26
N PRO A 10 -7.11 -6.86 -10.48
CA PRO A 10 -8.47 -6.30 -10.32
C PRO A 10 -8.47 -4.80 -9.99
N ASN A 11 -8.91 -3.98 -10.94
CA ASN A 11 -8.95 -2.52 -10.75
C ASN A 11 -10.05 -2.12 -9.75
N VAL A 12 -9.65 -1.89 -8.50
CA VAL A 12 -10.63 -1.53 -7.45
C VAL A 12 -10.80 -0.01 -7.26
N GLN A 13 -9.69 0.72 -7.12
CA GLN A 13 -9.72 2.14 -6.70
C GLN A 13 -10.63 3.04 -7.56
N LEU A 14 -10.73 2.76 -8.87
CA LEU A 14 -11.49 3.64 -9.78
C LEU A 14 -13.02 3.44 -9.66
N ALA A 15 -13.45 2.62 -8.70
CA ALA A 15 -14.88 2.40 -8.45
C ALA A 15 -15.13 1.85 -7.03
N ASP A 16 -14.43 0.79 -6.67
CA ASP A 16 -14.51 0.20 -5.34
C ASP A 16 -13.61 0.95 -4.33
N SER A 17 -13.70 2.27 -4.33
CA SER A 17 -12.84 3.12 -3.49
C SER A 17 -13.02 2.84 -1.98
N THR A 18 -14.07 2.10 -1.63
CA THR A 18 -14.29 1.68 -0.24
C THR A 18 -13.37 0.52 0.14
N ARG A 19 -13.03 -0.31 -0.85
CA ARG A 19 -12.08 -1.40 -0.66
C ARG A 19 -10.75 -1.09 -1.38
N LEU A 20 -9.80 -0.56 -0.62
CA LEU A 20 -8.50 -0.17 -1.18
C LEU A 20 -7.50 -1.34 -1.11
N VAL A 21 -8.02 -2.54 -0.85
CA VAL A 21 -7.19 -3.74 -0.70
C VAL A 21 -7.50 -4.78 -1.78
N THR A 22 -6.47 -5.24 -2.47
CA THR A 22 -6.62 -6.31 -3.47
C THR A 22 -5.73 -7.51 -3.12
N ASP A 23 -6.34 -8.57 -2.58
CA ASP A 23 -5.60 -9.77 -2.17
C ASP A 23 -5.69 -10.89 -3.23
N GLU A 24 -4.62 -11.04 -4.01
CA GLU A 24 -4.54 -12.12 -5.01
C GLU A 24 -3.64 -13.25 -4.51
N ALA A 25 -2.60 -12.89 -3.75
CA ALA A 25 -1.70 -13.87 -3.13
C ALA A 25 -2.42 -14.81 -2.16
N GLY A 26 -3.50 -14.33 -1.55
CA GLY A 26 -4.22 -15.12 -0.55
C GLY A 26 -3.54 -15.09 0.81
N LEU A 27 -2.84 -13.99 1.09
CA LEU A 27 -2.08 -13.85 2.34
C LEU A 27 -2.90 -13.11 3.40
N LEU A 28 -3.95 -12.42 2.97
CA LEU A 28 -4.88 -11.73 3.88
C LEU A 28 -6.22 -12.48 3.96
N SER A 29 -6.55 -13.01 5.13
CA SER A 29 -7.85 -13.65 5.34
C SER A 29 -8.98 -12.61 5.27
N ASN A 30 -10.17 -13.04 4.89
CA ASN A 30 -11.31 -12.12 4.65
C ASN A 30 -11.46 -11.06 5.76
N ALA A 31 -11.50 -11.49 7.02
CA ALA A 31 -11.59 -10.57 8.15
C ALA A 31 -10.39 -9.61 8.19
N GLN A 32 -9.19 -10.16 8.11
CA GLN A 32 -7.94 -9.38 8.12
C GLN A 32 -7.91 -8.35 6.98
N GLU A 33 -8.40 -8.78 5.81
CA GLU A 33 -8.47 -7.91 4.63
C GLU A 33 -9.39 -6.71 4.90
N GLU A 34 -10.60 -6.98 5.39
CA GLU A 34 -11.55 -5.92 5.75
C GLU A 34 -11.01 -5.05 6.90
N VAL A 35 -10.22 -5.66 7.80
CA VAL A 35 -9.53 -4.89 8.84
C VAL A 35 -8.55 -3.89 8.20
N MET A 36 -7.77 -4.35 7.23
CA MET A 36 -6.88 -3.46 6.48
C MET A 36 -7.69 -2.37 5.76
N ASN A 37 -8.81 -2.77 5.15
CA ASN A 37 -9.73 -1.79 4.55
C ASN A 37 -10.19 -0.78 5.59
N GLY A 38 -10.42 -1.24 6.82
CA GLY A 38 -10.76 -0.32 7.91
C GLY A 38 -9.65 0.68 8.17
N ARG A 39 -8.41 0.19 8.23
CA ARG A 39 -7.22 1.04 8.41
C ARG A 39 -7.12 2.10 7.30
N LEU A 40 -7.12 1.63 6.04
CA LEU A 40 -7.02 2.51 4.87
C LEU A 40 -8.25 3.46 4.76
N ARG A 41 -9.43 2.90 4.95
CA ARG A 41 -10.70 3.66 4.85
C ARG A 41 -10.76 4.77 5.90
N ALA A 42 -10.30 4.46 7.12
CA ALA A 42 -10.22 5.46 8.19
C ALA A 42 -9.27 6.60 7.81
N ILE A 43 -8.09 6.25 7.29
CA ILE A 43 -7.13 7.26 6.80
C ILE A 43 -7.74 8.11 5.68
N ARG A 44 -8.41 7.45 4.74
CA ARG A 44 -9.10 8.12 3.63
C ARG A 44 -10.22 9.05 4.13
N SER A 45 -10.79 8.74 5.30
CA SER A 45 -11.87 9.56 5.87
C SER A 45 -11.30 10.74 6.66
N SER A 46 -10.41 10.43 7.61
CA SER A 46 -9.79 11.44 8.48
C SER A 46 -8.77 12.30 7.74
N HIS A 47 -7.76 11.66 7.13
CA HIS A 47 -6.64 12.37 6.49
C HIS A 47 -6.86 12.55 4.97
N ALA A 48 -7.87 11.86 4.43
CA ALA A 48 -8.23 11.95 3.01
C ALA A 48 -7.18 11.28 2.09
N VAL A 49 -6.15 10.69 2.67
CA VAL A 49 -5.06 10.07 1.91
C VAL A 49 -5.54 8.83 1.12
N GLU A 50 -5.18 8.76 -0.16
CA GLU A 50 -5.46 7.58 -0.99
C GLU A 50 -4.40 6.49 -0.76
N PHE A 51 -4.72 5.54 0.11
CA PHE A 51 -3.77 4.49 0.52
C PHE A 51 -4.29 3.10 0.15
N ALA A 52 -3.67 2.47 -0.85
CA ALA A 52 -4.11 1.16 -1.35
C ALA A 52 -3.05 0.06 -1.12
N VAL A 53 -3.51 -1.17 -0.86
CA VAL A 53 -2.60 -2.30 -0.60
C VAL A 53 -2.95 -3.50 -1.49
N VAL A 54 -1.99 -3.96 -2.30
CA VAL A 54 -2.21 -5.09 -3.22
C VAL A 54 -1.21 -6.23 -2.95
N THR A 55 -1.71 -7.47 -2.86
CA THR A 55 -0.85 -8.64 -2.63
C THR A 55 -0.90 -9.60 -3.82
N LEU A 56 0.26 -9.90 -4.39
CA LEU A 56 0.34 -10.86 -5.51
C LEU A 56 1.21 -12.07 -5.14
N PRO A 57 0.86 -13.26 -5.65
CA PRO A 57 1.63 -14.50 -5.40
C PRO A 57 2.97 -14.50 -6.15
N SER A 58 2.95 -14.09 -7.42
CA SER A 58 4.15 -14.12 -8.26
C SER A 58 4.11 -13.05 -9.36
N ILE A 59 5.27 -12.47 -9.66
CA ILE A 59 5.41 -11.56 -10.81
C ILE A 59 6.60 -11.97 -11.69
N GLY A 60 7.46 -12.86 -11.15
CA GLY A 60 8.55 -13.43 -11.93
C GLY A 60 9.63 -12.42 -12.31
N ASP A 61 9.80 -12.20 -13.61
CA ASP A 61 10.83 -11.30 -14.12
C ASP A 61 10.33 -9.84 -14.18
N ALA A 62 9.11 -9.60 -13.72
CA ALA A 62 8.53 -8.26 -13.70
C ALA A 62 9.17 -7.39 -12.60
N PRO A 63 9.80 -6.25 -12.97
CA PRO A 63 10.39 -5.32 -11.99
C PRO A 63 9.35 -4.68 -11.06
N LEU A 64 9.68 -4.61 -9.76
CA LEU A 64 8.73 -4.13 -8.74
C LEU A 64 8.49 -2.61 -8.83
N GLU A 65 9.56 -1.83 -8.90
CA GLU A 65 9.45 -0.37 -8.98
C GLU A 65 8.71 0.08 -10.26
N ASP A 66 8.87 -0.68 -11.34
CA ASP A 66 8.11 -0.45 -12.57
C ASP A 66 6.66 -0.92 -12.42
N PHE A 67 6.46 -2.04 -11.72
CA PHE A 67 5.12 -2.58 -11.46
C PHE A 67 4.25 -1.54 -10.74
N THR A 68 4.75 -1.02 -9.62
CA THR A 68 4.06 0.00 -8.83
C THR A 68 3.64 1.20 -9.71
N LEU A 69 4.54 1.62 -10.59
CA LEU A 69 4.26 2.68 -11.55
C LEU A 69 3.06 2.33 -12.45
N LYS A 70 3.12 1.18 -13.11
CA LYS A 70 2.11 0.79 -14.10
C LYS A 70 0.73 0.53 -13.45
N LEU A 71 0.71 -0.15 -12.31
CA LEU A 71 -0.55 -0.45 -11.62
C LEU A 71 -1.20 0.83 -11.05
N ALA A 72 -0.40 1.65 -10.37
CA ALA A 72 -0.91 2.86 -9.74
C ALA A 72 -1.35 3.92 -10.77
N ARG A 73 -0.68 3.95 -11.92
CA ARG A 73 -1.02 4.93 -12.97
C ARG A 73 -2.38 4.60 -13.63
N GLN A 74 -2.66 3.31 -13.84
CA GLN A 74 -3.95 2.91 -14.42
C GLN A 74 -5.09 3.08 -13.40
N TRP A 75 -4.74 3.04 -12.11
CA TRP A 75 -5.71 3.33 -11.03
C TRP A 75 -5.74 4.84 -10.71
N GLY A 76 -4.71 5.57 -11.13
CA GLY A 76 -4.63 7.00 -10.88
C GLY A 76 -4.52 7.35 -9.40
N VAL A 77 -3.78 6.54 -8.63
CA VAL A 77 -3.66 6.75 -7.17
C VAL A 77 -2.27 7.26 -6.77
N GLY A 78 -1.33 6.34 -6.54
CA GLY A 78 0.00 6.71 -6.07
C GLY A 78 1.04 6.68 -7.16
N ASN A 79 1.41 7.83 -7.70
CA ASN A 79 2.42 7.93 -8.75
C ASN A 79 3.26 9.21 -8.58
N GLU A 80 4.47 9.19 -9.13
CA GLU A 80 5.45 10.29 -8.98
C GLU A 80 4.84 11.70 -9.14
N LYS A 81 3.83 11.83 -10.00
CA LYS A 81 3.25 13.14 -10.32
C LYS A 81 1.80 13.28 -9.84
N ASN A 82 1.41 12.45 -8.90
CA ASN A 82 0.04 12.47 -8.36
C ASN A 82 -0.06 13.32 -7.08
N ASN A 83 -1.18 13.17 -6.37
CA ASN A 83 -1.42 13.87 -5.10
C ASN A 83 -1.08 12.97 -3.91
N ASN A 84 -1.90 13.01 -2.85
CA ASN A 84 -1.71 12.16 -1.66
C ASN A 84 -1.98 10.66 -1.92
N GLY A 85 -1.47 10.13 -3.03
CA GLY A 85 -1.66 8.72 -3.36
C GLY A 85 -0.51 7.85 -2.86
N LEU A 86 -0.83 6.67 -2.35
CA LEU A 86 0.17 5.73 -1.85
C LEU A 86 -0.22 4.27 -2.16
N LEU A 87 0.62 3.58 -2.92
CA LEU A 87 0.37 2.18 -3.27
C LEU A 87 1.39 1.24 -2.59
N LEU A 88 0.88 0.30 -1.81
CA LEU A 88 1.72 -0.72 -1.16
C LEU A 88 1.50 -2.11 -1.78
N VAL A 89 2.47 -2.56 -2.57
CA VAL A 89 2.36 -3.86 -3.25
C VAL A 89 3.27 -4.93 -2.60
N LEU A 90 2.66 -5.98 -2.06
CA LEU A 90 3.40 -7.13 -1.52
C LEU A 90 3.49 -8.26 -2.56
N VAL A 91 4.70 -8.65 -2.90
CA VAL A 91 4.91 -9.75 -3.85
C VAL A 91 5.50 -10.99 -3.15
N LEU A 92 4.64 -11.99 -2.90
CA LEU A 92 5.05 -13.24 -2.25
C LEU A 92 6.28 -13.86 -2.94
N ASP A 93 6.26 -13.85 -4.27
CA ASP A 93 7.38 -14.33 -5.11
C ASP A 93 8.75 -13.84 -4.60
N GLN A 94 8.82 -12.56 -4.24
CA GLN A 94 10.08 -11.97 -3.74
C GLN A 94 10.03 -11.74 -2.22
N ARG A 95 8.86 -11.96 -1.61
CA ARG A 95 8.65 -11.65 -0.18
C ARG A 95 8.98 -10.18 0.12
N ARG A 96 8.86 -9.35 -0.92
CA ARG A 96 9.18 -7.92 -0.85
C ARG A 96 7.92 -7.05 -0.98
N VAL A 97 8.04 -5.77 -0.62
CA VAL A 97 6.97 -4.78 -0.83
C VAL A 97 7.57 -3.46 -1.33
N ARG A 98 6.70 -2.53 -1.72
CA ARG A 98 7.14 -1.17 -2.07
C ARG A 98 6.03 -0.14 -1.85
N PHE A 99 6.42 1.05 -1.39
CA PHE A 99 5.50 2.19 -1.26
C PHE A 99 5.70 3.18 -2.42
N GLU A 100 4.65 3.37 -3.22
CA GLU A 100 4.67 4.35 -4.32
C GLU A 100 3.84 5.58 -3.95
N THR A 101 4.50 6.73 -3.77
CA THR A 101 3.82 7.98 -3.36
C THR A 101 3.62 8.95 -4.51
N GLY A 102 2.66 9.86 -4.31
CA GLY A 102 2.52 11.03 -5.16
C GLY A 102 3.02 12.29 -4.46
N TYR A 103 2.87 13.44 -5.11
CA TYR A 103 3.38 14.71 -4.59
C TYR A 103 2.74 15.09 -3.24
N GLY A 104 1.55 14.57 -2.98
CA GLY A 104 0.79 14.98 -1.80
C GLY A 104 1.35 14.39 -0.50
N LEU A 105 2.12 13.33 -0.61
CA LEU A 105 2.65 12.64 0.57
C LEU A 105 4.17 12.84 0.72
N GLU A 106 4.80 13.46 -0.28
CA GLU A 106 6.25 13.76 -0.22
C GLU A 106 6.62 14.58 1.02
N GLY A 107 5.66 15.35 1.54
CA GLY A 107 5.90 16.16 2.73
C GLY A 107 5.74 15.37 4.05
N TYR A 108 5.03 14.25 4.00
CA TYR A 108 4.80 13.42 5.20
C TYR A 108 5.70 12.17 5.19
N LEU A 109 5.64 11.43 4.10
CA LEU A 109 6.32 10.14 3.97
C LEU A 109 7.42 10.19 2.90
N PRO A 110 8.66 10.58 3.27
CA PRO A 110 9.79 10.60 2.35
C PRO A 110 10.32 9.19 2.04
N ASP A 111 11.07 9.05 0.95
CA ASP A 111 11.61 7.75 0.51
C ASP A 111 12.35 7.03 1.66
N GLY A 112 13.18 7.76 2.40
CA GLY A 112 13.90 7.18 3.53
C GLY A 112 12.98 6.55 4.59
N LEU A 113 11.92 7.27 4.95
CA LEU A 113 10.93 6.77 5.90
C LEU A 113 10.22 5.53 5.37
N LEU A 114 9.85 5.55 4.09
CA LEU A 114 9.23 4.40 3.44
C LEU A 114 10.16 3.17 3.50
N SER A 115 11.44 3.40 3.20
CA SER A 115 12.46 2.34 3.29
C SER A 115 12.60 1.81 4.72
N ARG A 116 12.47 2.72 5.69
CA ARG A 116 12.50 2.35 7.11
C ARG A 116 11.36 1.38 7.47
N ILE A 117 10.12 1.78 7.20
CA ILE A 117 8.94 0.98 7.52
C ILE A 117 9.08 -0.47 7.01
N ILE A 118 9.56 -0.62 5.78
CA ILE A 118 9.79 -1.93 5.18
C ILE A 118 10.81 -2.77 5.98
N HIS A 119 11.97 -2.18 6.27
CA HIS A 119 13.05 -2.93 6.93
C HIS A 119 12.78 -3.16 8.44
N ASP A 120 12.39 -2.10 9.13
CA ASP A 120 12.22 -2.16 10.60
C ASP A 120 11.06 -3.06 11.02
N ARG A 121 9.86 -2.82 10.49
CA ARG A 121 8.66 -3.51 10.94
C ARG A 121 8.30 -4.72 10.04
N MET A 122 8.34 -4.52 8.73
CA MET A 122 7.89 -5.55 7.77
C MET A 122 8.84 -6.75 7.65
N ILE A 123 10.12 -6.49 7.37
CA ILE A 123 11.11 -7.57 7.13
C ILE A 123 11.07 -8.69 8.20
N PRO A 124 11.14 -8.36 9.51
CA PRO A 124 11.07 -9.38 10.58
C PRO A 124 9.87 -10.33 10.43
N HIS A 125 8.72 -9.79 10.03
CA HIS A 125 7.52 -10.59 9.81
C HIS A 125 7.62 -11.41 8.52
N PHE A 126 7.97 -10.76 7.41
CA PHE A 126 8.06 -11.44 6.11
C PHE A 126 9.03 -12.64 6.16
N ARG A 127 10.17 -12.45 6.83
CA ARG A 127 11.13 -13.54 7.04
C ARG A 127 10.49 -14.71 7.81
N SER A 128 9.71 -14.38 8.83
CA SER A 128 9.03 -15.40 9.65
C SER A 128 7.83 -16.02 8.92
N GLY A 129 7.41 -15.38 7.82
CA GLY A 129 6.25 -15.85 7.07
C GLY A 129 4.98 -15.08 7.43
N ASN A 130 5.10 -14.14 8.37
CA ASN A 130 3.98 -13.31 8.81
C ASN A 130 3.70 -12.16 7.82
N TYR A 131 3.25 -12.50 6.62
CA TYR A 131 3.03 -11.50 5.58
C TYR A 131 1.90 -10.52 5.96
N ALA A 132 0.77 -11.06 6.45
CA ALA A 132 -0.35 -10.24 6.93
C ALA A 132 0.09 -9.32 8.10
N GLU A 133 0.83 -9.90 9.05
CA GLU A 133 1.33 -9.15 10.21
C GLU A 133 2.23 -7.98 9.78
N GLY A 134 3.17 -8.25 8.88
CA GLY A 134 4.06 -7.20 8.37
C GLY A 134 3.31 -6.05 7.71
N LEU A 135 2.34 -6.38 6.85
CA LEU A 135 1.50 -5.36 6.21
C LEU A 135 0.72 -4.56 7.27
N SER A 136 0.17 -5.26 8.26
CA SER A 136 -0.61 -4.62 9.32
C SER A 136 0.18 -3.53 10.05
N GLU A 137 1.38 -3.87 10.54
CA GLU A 137 2.22 -2.91 11.24
C GLU A 137 2.76 -1.83 10.29
N GLY A 138 3.01 -2.21 9.04
CA GLY A 138 3.44 -1.24 8.03
C GLY A 138 2.41 -0.13 7.80
N VAL A 139 1.17 -0.53 7.52
CA VAL A 139 0.08 0.42 7.33
C VAL A 139 -0.18 1.23 8.61
N LEU A 140 -0.19 0.54 9.75
CA LEU A 140 -0.34 1.19 11.06
C LEU A 140 0.76 2.23 11.27
N ALA A 141 1.98 1.92 10.84
CA ALA A 141 3.11 2.84 10.95
C ALA A 141 2.84 4.13 10.17
N VAL A 142 2.47 3.98 8.89
CA VAL A 142 2.09 5.12 8.05
C VAL A 142 0.99 5.95 8.71
N GLN A 143 -0.07 5.27 9.16
CA GLN A 143 -1.17 5.92 9.87
C GLN A 143 -0.67 6.75 11.07
N GLN A 144 0.22 6.16 11.87
CA GLN A 144 0.80 6.85 13.04
C GLN A 144 1.66 8.05 12.64
N VAL A 145 2.34 7.95 11.50
CA VAL A 145 3.12 9.08 10.96
C VAL A 145 2.20 10.26 10.61
N LEU A 146 1.13 9.98 9.87
CA LEU A 146 0.17 11.01 9.47
C LEU A 146 -0.57 11.59 10.69
N ASP A 147 -1.23 10.71 11.44
CA ASP A 147 -2.04 11.13 12.60
C ASP A 147 -1.18 11.82 13.67
N GLY A 148 0.04 11.33 13.89
CA GLY A 148 0.94 11.93 14.86
C GLY A 148 1.22 13.41 14.62
N SER A 149 1.40 13.78 13.35
CA SER A 149 1.65 15.19 12.99
C SER A 149 0.34 15.99 12.92
N LEU A 150 -0.70 15.38 12.35
CA LEU A 150 -1.98 16.04 12.17
C LEU A 150 -2.83 16.04 13.45
N GLU A 151 -2.45 16.90 14.40
CA GLU A 151 -3.19 17.08 15.65
C GLU A 151 -4.34 18.08 15.44
N HIS A 152 -3.99 19.25 14.91
CA HIS A 152 -4.97 20.29 14.64
C HIS A 152 -4.90 20.78 13.20
N HIS A 153 -5.96 20.55 12.44
CA HIS A 153 -6.07 21.06 11.07
C HIS A 153 -6.47 22.54 11.10
N HIS A 154 -5.83 23.35 10.26
CA HIS A 154 -6.04 24.80 10.29
C HIS A 154 -7.43 25.22 9.80
N HIS A 155 -8.16 24.28 9.22
CA HIS A 155 -9.53 24.53 8.74
C HIS A 155 -10.53 24.61 9.91
N HIS A 156 -11.50 25.51 9.81
CA HIS A 156 -12.52 25.65 10.86
C HIS A 156 -13.66 24.64 10.69
N HIS A 157 -14.27 24.25 11.81
CA HIS A 157 -15.38 23.29 11.81
C HIS A 157 -16.74 24.02 11.95
N MET A 1 4.70 -20.51 -8.49
CA MET A 1 4.67 -19.10 -8.97
C MET A 1 3.44 -18.83 -9.85
N ARG A 2 2.86 -17.64 -9.70
CA ARG A 2 1.73 -17.20 -10.53
C ARG A 2 1.92 -15.74 -10.95
N VAL A 3 2.37 -15.53 -12.18
CA VAL A 3 2.77 -14.20 -12.66
C VAL A 3 1.58 -13.28 -12.97
N TYR A 4 1.49 -12.18 -12.22
CA TYR A 4 0.48 -11.14 -12.46
C TYR A 4 1.12 -9.86 -13.04
N LYS A 5 0.33 -9.10 -13.80
CA LYS A 5 0.75 -7.79 -14.30
C LYS A 5 -0.07 -6.67 -13.63
N PRO A 6 0.45 -5.42 -13.60
CA PRO A 6 -0.30 -4.29 -13.04
C PRO A 6 -1.60 -4.03 -13.82
N GLU A 7 -1.59 -4.42 -15.10
CA GLU A 7 -2.75 -4.29 -15.98
C GLU A 7 -3.78 -5.41 -15.72
N ASP A 8 -3.30 -6.49 -15.10
CA ASP A 8 -4.11 -7.70 -14.88
C ASP A 8 -4.79 -7.68 -13.49
N VAL A 9 -4.19 -6.94 -12.56
CA VAL A 9 -4.72 -6.81 -11.19
C VAL A 9 -6.06 -6.06 -11.19
N PRO A 10 -7.09 -6.59 -10.47
CA PRO A 10 -8.41 -5.93 -10.37
C PRO A 10 -8.35 -4.52 -9.75
N ASN A 11 -8.80 -3.53 -10.50
CA ASN A 11 -8.78 -2.13 -10.04
C ASN A 11 -9.80 -1.86 -8.90
N VAL A 12 -9.39 -2.13 -7.66
CA VAL A 12 -10.27 -1.90 -6.50
C VAL A 12 -10.53 -0.40 -6.25
N GLN A 13 -9.60 0.46 -6.66
CA GLN A 13 -9.80 1.92 -6.60
C GLN A 13 -10.50 2.44 -7.88
N LEU A 14 -11.34 1.60 -8.44
CA LEU A 14 -12.20 1.94 -9.58
C LEU A 14 -13.55 1.23 -9.41
N ALA A 15 -13.48 -0.09 -9.18
CA ALA A 15 -14.65 -0.88 -8.81
C ALA A 15 -14.55 -1.33 -7.34
N ASP A 16 -15.53 -0.92 -6.53
CA ASP A 16 -15.56 -1.20 -5.08
C ASP A 16 -14.51 -0.37 -4.32
N SER A 17 -14.47 0.93 -4.61
CA SER A 17 -13.49 1.86 -4.00
C SER A 17 -13.57 1.91 -2.46
N THR A 18 -14.64 1.34 -1.88
CA THR A 18 -14.75 1.22 -0.42
C THR A 18 -13.60 0.39 0.17
N ARG A 19 -13.16 -0.63 -0.58
CA ARG A 19 -12.01 -1.44 -0.17
C ARG A 19 -10.74 -0.94 -0.85
N LEU A 20 -9.67 -0.78 -0.09
CA LEU A 20 -8.39 -0.33 -0.65
C LEU A 20 -7.37 -1.49 -0.65
N VAL A 21 -7.86 -2.70 -0.41
CA VAL A 21 -7.01 -3.90 -0.39
C VAL A 21 -7.31 -4.82 -1.59
N THR A 22 -6.29 -5.51 -2.09
CA THR A 22 -6.44 -6.47 -3.19
C THR A 22 -5.74 -7.79 -2.84
N ASP A 23 -6.47 -8.91 -2.88
CA ASP A 23 -5.95 -10.21 -2.46
C ASP A 23 -5.84 -11.20 -3.63
N GLU A 24 -4.73 -11.15 -4.36
CA GLU A 24 -4.44 -12.12 -5.43
C GLU A 24 -3.49 -13.22 -4.92
N ALA A 25 -2.52 -12.82 -4.10
CA ALA A 25 -1.67 -13.79 -3.40
C ALA A 25 -2.46 -14.52 -2.30
N GLY A 26 -3.50 -13.86 -1.79
CA GLY A 26 -4.34 -14.47 -0.74
C GLY A 26 -3.62 -14.61 0.60
N LEU A 27 -2.64 -13.74 0.84
CA LEU A 27 -1.84 -13.79 2.07
C LEU A 27 -2.49 -13.01 3.22
N LEU A 28 -3.74 -12.60 3.03
CA LEU A 28 -4.48 -11.81 4.03
C LEU A 28 -5.75 -12.54 4.50
N SER A 29 -5.83 -12.83 5.79
CA SER A 29 -7.02 -13.47 6.36
C SER A 29 -8.12 -12.44 6.62
N ASN A 30 -9.37 -12.91 6.74
CA ASN A 30 -10.53 -12.02 6.84
C ASN A 30 -10.43 -11.00 7.98
N ALA A 31 -9.91 -11.42 9.14
CA ALA A 31 -9.69 -10.52 10.27
C ALA A 31 -8.74 -9.37 9.89
N GLN A 32 -7.66 -9.71 9.19
CA GLN A 32 -6.69 -8.71 8.73
C GLN A 32 -7.31 -7.79 7.67
N GLU A 33 -8.10 -8.36 6.76
CA GLU A 33 -8.82 -7.58 5.74
C GLU A 33 -9.76 -6.57 6.41
N GLU A 34 -10.47 -7.03 7.43
CA GLU A 34 -11.40 -6.18 8.20
C GLU A 34 -10.67 -4.96 8.80
N VAL A 35 -9.65 -5.23 9.61
CA VAL A 35 -8.88 -4.17 10.27
C VAL A 35 -8.17 -3.25 9.25
N MET A 36 -7.51 -3.86 8.27
CA MET A 36 -6.74 -3.11 7.27
C MET A 36 -7.64 -2.17 6.45
N ASN A 37 -8.73 -2.71 5.88
CA ASN A 37 -9.66 -1.88 5.10
C ASN A 37 -10.34 -0.82 5.98
N GLY A 38 -10.64 -1.18 7.23
CA GLY A 38 -11.23 -0.23 8.17
C GLY A 38 -10.38 1.02 8.35
N ARG A 39 -9.08 0.82 8.54
CA ARG A 39 -8.13 1.94 8.66
C ARG A 39 -7.98 2.69 7.33
N LEU A 40 -7.74 1.96 6.23
CA LEU A 40 -7.60 2.59 4.90
C LEU A 40 -8.83 3.44 4.55
N ARG A 41 -10.02 2.92 4.86
CA ARG A 41 -11.28 3.65 4.68
C ARG A 41 -11.28 4.92 5.54
N ALA A 42 -10.89 4.79 6.81
CA ALA A 42 -10.79 5.94 7.72
C ALA A 42 -9.82 7.00 7.18
N ILE A 43 -8.65 6.55 6.72
CA ILE A 43 -7.63 7.46 6.17
C ILE A 43 -8.19 8.26 4.98
N ARG A 44 -8.81 7.57 4.03
CA ARG A 44 -9.36 8.23 2.84
C ARG A 44 -10.58 9.11 3.18
N SER A 45 -11.28 8.79 4.27
CA SER A 45 -12.43 9.61 4.71
C SER A 45 -11.99 10.82 5.54
N SER A 46 -10.91 10.66 6.32
CA SER A 46 -10.40 11.73 7.19
C SER A 46 -9.25 12.52 6.53
N HIS A 47 -8.13 11.84 6.33
CA HIS A 47 -6.94 12.46 5.72
C HIS A 47 -7.12 12.64 4.20
N ALA A 48 -8.11 11.93 3.64
CA ALA A 48 -8.41 11.97 2.20
C ALA A 48 -7.34 11.26 1.36
N VAL A 49 -6.43 10.55 2.05
CA VAL A 49 -5.34 9.85 1.37
C VAL A 49 -5.79 8.49 0.81
N GLU A 50 -5.62 8.31 -0.50
CA GLU A 50 -5.92 7.04 -1.14
C GLU A 50 -4.75 6.05 -0.95
N PHE A 51 -4.86 5.19 0.05
CA PHE A 51 -3.79 4.26 0.44
C PHE A 51 -4.20 2.80 0.14
N ALA A 52 -3.62 2.24 -0.93
CA ALA A 52 -3.99 0.89 -1.38
C ALA A 52 -2.95 -0.17 -0.99
N VAL A 53 -3.43 -1.38 -0.69
CA VAL A 53 -2.55 -2.52 -0.36
C VAL A 53 -2.86 -3.73 -1.25
N VAL A 54 -1.97 -4.03 -2.18
CA VAL A 54 -2.15 -5.15 -3.12
C VAL A 54 -1.20 -6.31 -2.81
N THR A 55 -1.72 -7.54 -2.82
CA THR A 55 -0.89 -8.74 -2.59
C THR A 55 -0.81 -9.60 -3.86
N LEU A 56 0.40 -9.85 -4.35
CA LEU A 56 0.60 -10.64 -5.57
C LEU A 56 1.66 -11.74 -5.36
N PRO A 57 1.40 -12.97 -5.87
CA PRO A 57 2.31 -14.11 -5.71
C PRO A 57 3.64 -13.93 -6.47
N SER A 58 3.56 -13.65 -7.78
CA SER A 58 4.76 -13.53 -8.61
C SER A 58 4.63 -12.40 -9.64
N ILE A 59 5.69 -11.60 -9.79
CA ILE A 59 5.73 -10.57 -10.84
C ILE A 59 6.69 -10.97 -11.97
N GLY A 60 7.71 -11.76 -11.63
CA GLY A 60 8.61 -12.33 -12.63
C GLY A 60 9.52 -11.29 -13.30
N ASP A 61 9.34 -11.13 -14.61
CA ASP A 61 10.19 -10.22 -15.41
C ASP A 61 9.99 -8.74 -15.02
N ALA A 62 8.85 -8.43 -14.43
CA ALA A 62 8.52 -7.05 -14.06
C ALA A 62 9.32 -6.55 -12.83
N PRO A 63 9.99 -5.39 -12.93
CA PRO A 63 10.68 -4.77 -11.78
C PRO A 63 9.69 -4.15 -10.78
N LEU A 64 9.93 -4.37 -9.49
CA LEU A 64 9.01 -3.94 -8.42
C LEU A 64 8.66 -2.44 -8.51
N GLU A 65 9.66 -1.58 -8.69
CA GLU A 65 9.44 -0.13 -8.71
C GLU A 65 8.53 0.28 -9.89
N ASP A 66 8.96 -0.04 -11.11
CA ASP A 66 8.17 0.26 -12.31
C ASP A 66 6.79 -0.41 -12.26
N PHE A 67 6.72 -1.57 -11.59
CA PHE A 67 5.45 -2.29 -11.41
C PHE A 67 4.44 -1.43 -10.62
N THR A 68 4.85 -0.97 -9.43
CA THR A 68 4.00 -0.10 -8.60
C THR A 68 3.59 1.16 -9.36
N LEU A 69 4.53 1.73 -10.11
CA LEU A 69 4.26 2.93 -10.92
C LEU A 69 3.11 2.68 -11.92
N LYS A 70 3.22 1.63 -12.73
CA LYS A 70 2.17 1.26 -13.69
C LYS A 70 0.79 1.16 -13.01
N LEU A 71 0.72 0.38 -11.93
CA LEU A 71 -0.54 0.16 -11.21
C LEU A 71 -1.06 1.47 -10.60
N ALA A 72 -0.15 2.29 -10.09
CA ALA A 72 -0.50 3.59 -9.50
C ALA A 72 -1.12 4.54 -10.54
N ARG A 73 -0.51 4.60 -11.72
CA ARG A 73 -1.03 5.45 -12.81
C ARG A 73 -2.39 4.94 -13.32
N GLN A 74 -2.52 3.62 -13.43
CA GLN A 74 -3.79 2.99 -13.85
C GLN A 74 -4.93 3.36 -12.89
N TRP A 75 -4.65 3.35 -11.59
CA TRP A 75 -5.67 3.66 -10.58
C TRP A 75 -5.76 5.16 -10.28
N GLY A 76 -5.07 5.98 -11.07
CA GLY A 76 -5.15 7.44 -10.92
C GLY A 76 -4.23 8.01 -9.85
N VAL A 77 -4.16 7.34 -8.70
CA VAL A 77 -3.38 7.82 -7.54
C VAL A 77 -1.92 8.16 -7.89
N GLY A 78 -1.41 7.67 -9.02
CA GLY A 78 -0.03 7.95 -9.39
C GLY A 78 0.17 8.34 -10.86
N ASN A 79 -0.86 8.92 -11.51
CA ASN A 79 -0.76 9.37 -12.93
C ASN A 79 0.61 10.02 -13.21
N GLU A 80 0.87 11.12 -12.53
CA GLU A 80 2.21 11.71 -12.45
C GLU A 80 2.45 12.22 -11.04
N LYS A 81 2.19 11.33 -10.07
CA LYS A 81 2.17 11.67 -8.64
C LYS A 81 0.95 12.53 -8.29
N ASN A 82 -0.18 11.87 -8.01
CA ASN A 82 -1.39 12.55 -7.54
C ASN A 82 -1.20 13.00 -6.09
N ASN A 83 -1.93 14.03 -5.65
CA ASN A 83 -1.75 14.56 -4.29
C ASN A 83 -1.87 13.46 -3.19
N ASN A 84 -3.06 13.26 -2.64
CA ASN A 84 -3.25 12.24 -1.61
C ASN A 84 -3.35 10.82 -2.20
N GLY A 85 -2.21 10.28 -2.63
CA GLY A 85 -2.18 8.93 -3.18
C GLY A 85 -0.97 8.11 -2.71
N LEU A 86 -1.19 6.83 -2.40
CA LEU A 86 -0.12 5.94 -1.95
C LEU A 86 -0.44 4.47 -2.31
N LEU A 87 0.50 3.80 -2.97
CA LEU A 87 0.30 2.40 -3.37
C LEU A 87 1.32 1.46 -2.70
N LEU A 88 0.80 0.44 -2.01
CA LEU A 88 1.63 -0.61 -1.40
C LEU A 88 1.42 -1.96 -2.10
N VAL A 89 2.50 -2.54 -2.65
CA VAL A 89 2.41 -3.84 -3.34
C VAL A 89 3.36 -4.88 -2.71
N LEU A 90 2.79 -5.99 -2.25
CA LEU A 90 3.56 -7.10 -1.69
C LEU A 90 3.82 -8.19 -2.75
N VAL A 91 5.09 -8.44 -3.04
CA VAL A 91 5.47 -9.49 -3.99
C VAL A 91 6.01 -10.73 -3.26
N LEU A 92 5.15 -11.75 -3.11
CA LEU A 92 5.53 -12.99 -2.43
C LEU A 92 6.80 -13.62 -3.04
N ASP A 93 6.87 -13.56 -4.37
CA ASP A 93 8.03 -14.07 -5.14
C ASP A 93 9.38 -13.58 -4.59
N GLN A 94 9.40 -12.38 -4.00
CA GLN A 94 10.63 -11.79 -3.47
C GLN A 94 10.47 -11.40 -1.99
N ARG A 95 9.30 -11.67 -1.42
CA ARG A 95 8.91 -11.24 -0.07
C ARG A 95 9.24 -9.76 0.19
N ARG A 96 9.25 -8.95 -0.87
CA ARG A 96 9.56 -7.51 -0.76
C ARG A 96 8.36 -6.65 -1.20
N VAL A 97 8.32 -5.42 -0.68
CA VAL A 97 7.22 -4.49 -0.96
C VAL A 97 7.75 -3.08 -1.30
N ARG A 98 6.85 -2.21 -1.74
CA ARG A 98 7.19 -0.80 -1.97
C ARG A 98 5.96 0.12 -1.82
N PHE A 99 6.19 1.31 -1.27
CA PHE A 99 5.15 2.35 -1.19
C PHE A 99 5.40 3.45 -2.24
N GLU A 100 4.61 3.46 -3.31
CA GLU A 100 4.72 4.50 -4.34
C GLU A 100 3.95 5.76 -3.91
N THR A 101 4.69 6.85 -3.64
CA THR A 101 4.06 8.10 -3.15
C THR A 101 3.62 9.04 -4.28
N GLY A 102 2.50 9.70 -4.04
CA GLY A 102 2.07 10.79 -4.89
C GLY A 102 2.59 12.14 -4.40
N TYR A 103 2.22 13.19 -5.11
CA TYR A 103 2.70 14.54 -4.84
C TYR A 103 2.34 15.03 -3.41
N GLY A 104 1.28 14.49 -2.84
CA GLY A 104 0.79 14.97 -1.56
C GLY A 104 1.54 14.39 -0.37
N LEU A 105 2.17 13.23 -0.56
CA LEU A 105 2.83 12.52 0.54
C LEU A 105 4.35 12.56 0.43
N GLU A 106 4.88 13.31 -0.54
CA GLU A 106 6.34 13.42 -0.73
C GLU A 106 7.03 13.95 0.55
N GLY A 107 6.39 14.89 1.23
CA GLY A 107 6.95 15.47 2.45
C GLY A 107 6.73 14.58 3.69
N TYR A 108 5.54 14.01 3.81
CA TYR A 108 5.20 13.18 4.97
C TYR A 108 5.91 11.82 4.93
N LEU A 109 5.96 11.22 3.73
CA LEU A 109 6.42 9.84 3.55
C LEU A 109 7.44 9.73 2.41
N PRO A 110 8.74 10.00 2.68
CA PRO A 110 9.80 9.81 1.68
C PRO A 110 10.24 8.33 1.57
N ASP A 111 10.80 7.96 0.41
CA ASP A 111 11.25 6.58 0.16
C ASP A 111 12.09 6.01 1.32
N GLY A 112 12.91 6.85 1.96
CA GLY A 112 13.71 6.42 3.10
C GLY A 112 12.85 5.95 4.28
N LEU A 113 11.86 6.77 4.67
CA LEU A 113 10.94 6.41 5.75
C LEU A 113 10.14 5.15 5.39
N LEU A 114 9.69 5.08 4.15
CA LEU A 114 8.94 3.92 3.64
C LEU A 114 9.80 2.65 3.68
N SER A 115 11.07 2.79 3.31
CA SER A 115 12.01 1.66 3.31
C SER A 115 12.38 1.24 4.74
N ARG A 116 12.41 2.20 5.66
CA ARG A 116 12.64 1.91 7.08
C ARG A 116 11.62 0.89 7.61
N ILE A 117 10.33 1.21 7.46
CA ILE A 117 9.24 0.33 7.91
C ILE A 117 9.43 -1.10 7.37
N ILE A 118 9.72 -1.20 6.07
CA ILE A 118 9.98 -2.49 5.42
C ILE A 118 11.12 -3.26 6.12
N HIS A 119 12.26 -2.59 6.31
CA HIS A 119 13.45 -3.23 6.91
C HIS A 119 13.39 -3.30 8.44
N ASP A 120 12.44 -2.59 9.05
CA ASP A 120 12.33 -2.55 10.51
C ASP A 120 11.49 -3.72 11.06
N ARG A 121 10.27 -3.90 10.52
CA ARG A 121 9.36 -4.95 11.02
C ARG A 121 8.86 -5.90 9.92
N MET A 122 8.56 -5.35 8.74
CA MET A 122 8.06 -6.17 7.62
C MET A 122 8.95 -7.39 7.33
N ILE A 123 10.26 -7.16 7.14
CA ILE A 123 11.19 -8.27 6.84
C ILE A 123 11.09 -9.42 7.88
N PRO A 124 11.28 -9.15 9.20
CA PRO A 124 11.10 -10.18 10.25
C PRO A 124 9.78 -10.97 10.11
N HIS A 125 8.67 -10.25 9.90
CA HIS A 125 7.35 -10.90 9.74
C HIS A 125 7.32 -11.79 8.49
N PHE A 126 7.77 -11.25 7.35
CA PHE A 126 7.78 -11.99 6.08
C PHE A 126 8.60 -13.29 6.19
N ARG A 127 9.76 -13.22 6.84
CA ARG A 127 10.60 -14.41 7.04
C ARG A 127 9.91 -15.42 7.97
N SER A 128 9.10 -14.93 8.90
CA SER A 128 8.35 -15.80 9.82
C SER A 128 7.11 -16.42 9.14
N GLY A 129 6.74 -15.88 7.98
CA GLY A 129 5.53 -16.29 7.30
C GLY A 129 4.35 -15.36 7.57
N ASN A 130 4.56 -14.40 8.47
CA ASN A 130 3.52 -13.43 8.85
C ASN A 130 3.39 -12.30 7.82
N TYR A 131 3.13 -12.67 6.56
CA TYR A 131 2.96 -11.68 5.49
C TYR A 131 1.78 -10.74 5.77
N ALA A 132 0.71 -11.32 6.33
CA ALA A 132 -0.47 -10.54 6.73
C ALA A 132 -0.13 -9.55 7.86
N GLU A 133 0.51 -10.06 8.89
CA GLU A 133 0.90 -9.25 10.05
C GLU A 133 1.89 -8.15 9.67
N GLY A 134 2.78 -8.45 8.72
CA GLY A 134 3.73 -7.46 8.21
C GLY A 134 3.03 -6.28 7.55
N LEU A 135 2.17 -6.57 6.57
CA LEU A 135 1.39 -5.53 5.91
C LEU A 135 0.50 -4.78 6.93
N SER A 136 -0.04 -5.53 7.89
CA SER A 136 -0.91 -4.96 8.94
C SER A 136 -0.17 -3.90 9.77
N GLU A 137 1.04 -4.20 10.23
CA GLU A 137 1.80 -3.25 11.04
C GLU A 137 2.33 -2.08 10.18
N GLY A 138 2.72 -2.39 8.93
CA GLY A 138 3.16 -1.36 8.00
C GLY A 138 2.08 -0.32 7.71
N VAL A 139 0.87 -0.79 7.38
CA VAL A 139 -0.28 0.10 7.16
C VAL A 139 -0.50 1.03 8.37
N LEU A 140 -0.48 0.44 9.56
CA LEU A 140 -0.67 1.21 10.80
C LEU A 140 0.48 2.23 10.98
N ALA A 141 1.70 1.80 10.70
CA ALA A 141 2.89 2.66 10.84
C ALA A 141 2.79 3.90 9.93
N VAL A 142 2.44 3.68 8.66
CA VAL A 142 2.24 4.77 7.71
C VAL A 142 1.13 5.74 8.19
N GLN A 143 -0.01 5.17 8.60
CA GLN A 143 -1.12 5.97 9.13
C GLN A 143 -0.67 6.85 10.32
N GLN A 144 0.16 6.28 11.20
CA GLN A 144 0.67 7.01 12.38
C GLN A 144 1.33 8.35 11.99
N VAL A 145 2.01 8.37 10.84
CA VAL A 145 2.64 9.59 10.34
C VAL A 145 1.57 10.65 9.97
N LEU A 146 0.49 10.21 9.34
CA LEU A 146 -0.62 11.10 8.96
C LEU A 146 -1.42 11.55 10.19
N ASP A 147 -1.72 10.60 11.08
CA ASP A 147 -2.43 10.87 12.33
C ASP A 147 -1.60 11.77 13.27
N GLY A 148 -0.28 11.76 13.11
CA GLY A 148 0.59 12.67 13.84
C GLY A 148 0.56 14.09 13.27
N SER A 149 -0.13 14.25 12.14
CA SER A 149 -0.30 15.56 11.49
C SER A 149 -1.70 16.12 11.71
N LEU A 150 -2.71 15.45 11.13
CA LEU A 150 -4.11 15.89 11.22
C LEU A 150 -4.32 17.32 10.66
N GLU A 151 -3.35 17.80 9.88
CA GLU A 151 -3.43 19.15 9.29
C GLU A 151 -4.52 19.26 8.22
N HIS A 152 -4.91 18.11 7.65
CA HIS A 152 -5.95 18.08 6.60
C HIS A 152 -7.35 18.29 7.20
N HIS A 153 -7.81 19.53 7.23
CA HIS A 153 -9.15 19.87 7.74
C HIS A 153 -10.20 19.84 6.59
N HIS A 154 -11.47 20.00 6.95
CA HIS A 154 -12.58 20.07 5.99
C HIS A 154 -12.34 21.10 4.86
N HIS A 155 -11.68 20.65 3.79
CA HIS A 155 -11.51 21.46 2.58
C HIS A 155 -12.46 21.00 1.48
N HIS A 156 -12.45 19.70 1.16
CA HIS A 156 -13.36 19.13 0.17
C HIS A 156 -14.80 19.10 0.70
N HIS A 157 -15.74 19.64 -0.08
CA HIS A 157 -17.15 19.72 0.31
C HIS A 157 -18.08 19.15 -0.79
N MET A 1 0.98 -21.28 -10.49
CA MET A 1 1.72 -20.13 -11.06
C MET A 1 0.82 -19.27 -11.98
N ARG A 2 1.28 -18.05 -12.29
CA ARG A 2 0.51 -17.14 -13.15
C ARG A 2 1.37 -15.96 -13.61
N VAL A 3 2.07 -15.38 -12.65
CA VAL A 3 2.91 -14.18 -12.85
C VAL A 3 2.07 -12.95 -13.23
N TYR A 4 1.67 -12.20 -12.22
CA TYR A 4 0.82 -11.02 -12.39
C TYR A 4 1.58 -9.84 -13.01
N LYS A 5 0.81 -8.94 -13.62
CA LYS A 5 1.33 -7.68 -14.18
C LYS A 5 0.40 -6.52 -13.81
N PRO A 6 0.89 -5.27 -13.87
CA PRO A 6 0.05 -4.08 -13.59
C PRO A 6 -1.26 -4.07 -14.38
N GLU A 7 -1.19 -4.45 -15.66
CA GLU A 7 -2.38 -4.53 -16.52
C GLU A 7 -3.08 -5.90 -16.39
N ASP A 8 -2.63 -6.72 -15.45
CA ASP A 8 -3.27 -8.00 -15.14
C ASP A 8 -4.04 -7.91 -13.81
N VAL A 9 -3.49 -7.12 -12.89
CA VAL A 9 -4.12 -6.88 -11.58
C VAL A 9 -5.44 -6.12 -11.73
N PRO A 10 -6.54 -6.61 -11.10
CA PRO A 10 -7.84 -5.92 -11.12
C PRO A 10 -7.77 -4.53 -10.46
N ASN A 11 -8.18 -3.50 -11.21
CA ASN A 11 -8.15 -2.12 -10.71
C ASN A 11 -9.20 -1.88 -9.61
N VAL A 12 -8.80 -2.08 -8.36
CA VAL A 12 -9.69 -1.85 -7.21
C VAL A 12 -9.99 -0.37 -7.00
N GLN A 13 -9.00 0.50 -7.20
CA GLN A 13 -9.22 1.95 -7.10
C GLN A 13 -10.19 2.42 -8.19
N LEU A 14 -10.64 3.68 -8.10
CA LEU A 14 -11.68 4.22 -9.01
C LEU A 14 -13.07 3.67 -8.70
N ALA A 15 -13.17 2.38 -8.41
CA ALA A 15 -14.46 1.73 -8.17
C ALA A 15 -14.56 1.11 -6.77
N ASP A 16 -13.70 0.13 -6.48
CA ASP A 16 -13.69 -0.55 -5.17
C ASP A 16 -12.84 0.23 -4.13
N SER A 17 -12.82 1.55 -4.27
CA SER A 17 -12.01 2.42 -3.39
C SER A 17 -12.55 2.50 -1.96
N THR A 18 -13.49 1.62 -1.62
CA THR A 18 -14.01 1.50 -0.26
C THR A 18 -13.01 0.74 0.64
N ARG A 19 -12.43 -0.33 0.11
CA ARG A 19 -11.43 -1.12 0.83
C ARG A 19 -10.00 -0.75 0.42
N LEU A 20 -9.81 -0.38 -0.86
CA LEU A 20 -8.49 -0.07 -1.42
C LEU A 20 -7.54 -1.30 -1.38
N VAL A 21 -8.11 -2.48 -1.12
CA VAL A 21 -7.32 -3.72 -1.01
C VAL A 21 -7.55 -4.64 -2.22
N THR A 22 -6.46 -5.20 -2.75
CA THR A 22 -6.54 -6.18 -3.85
C THR A 22 -6.14 -7.58 -3.36
N ASP A 23 -7.12 -8.46 -3.21
CA ASP A 23 -6.88 -9.80 -2.66
C ASP A 23 -6.67 -10.86 -3.76
N GLU A 24 -5.47 -10.88 -4.34
CA GLU A 24 -5.11 -11.88 -5.36
C GLU A 24 -4.22 -12.98 -4.75
N ALA A 25 -3.21 -12.58 -3.99
CA ALA A 25 -2.34 -13.52 -3.26
C ALA A 25 -3.13 -14.30 -2.19
N GLY A 26 -4.25 -13.73 -1.74
CA GLY A 26 -5.08 -14.39 -0.73
C GLY A 26 -4.36 -14.60 0.61
N LEU A 27 -3.48 -13.66 0.97
CA LEU A 27 -2.68 -13.76 2.21
C LEU A 27 -3.37 -13.08 3.39
N LEU A 28 -4.65 -12.73 3.23
CA LEU A 28 -5.40 -12.05 4.29
C LEU A 28 -6.65 -12.85 4.70
N SER A 29 -6.76 -13.12 6.00
CA SER A 29 -7.95 -13.77 6.56
C SER A 29 -9.10 -12.77 6.69
N ASN A 30 -10.30 -13.24 7.03
CA ASN A 30 -11.49 -12.37 7.16
C ASN A 30 -11.22 -11.20 8.14
N ALA A 31 -10.66 -11.52 9.30
CA ALA A 31 -10.31 -10.49 10.29
C ALA A 31 -9.23 -9.54 9.77
N GLN A 32 -8.16 -10.11 9.20
CA GLN A 32 -7.04 -9.31 8.68
C GLN A 32 -7.51 -8.34 7.57
N GLU A 33 -8.36 -8.85 6.69
CA GLU A 33 -8.91 -8.06 5.58
C GLU A 33 -9.79 -6.93 6.12
N GLU A 34 -10.68 -7.26 7.06
CA GLU A 34 -11.55 -6.28 7.73
C GLU A 34 -10.73 -5.16 8.40
N VAL A 35 -9.79 -5.55 9.26
CA VAL A 35 -8.94 -4.58 9.97
C VAL A 35 -8.23 -3.64 8.97
N MET A 36 -7.64 -4.22 7.92
CA MET A 36 -6.96 -3.43 6.89
C MET A 36 -7.94 -2.49 6.17
N ASN A 37 -9.14 -3.01 5.84
CA ASN A 37 -10.18 -2.18 5.21
C ASN A 37 -10.54 -0.98 6.09
N GLY A 38 -10.77 -1.23 7.38
CA GLY A 38 -11.08 -0.17 8.32
C GLY A 38 -10.01 0.91 8.38
N ARG A 39 -8.74 0.48 8.49
CA ARG A 39 -7.61 1.42 8.54
C ARG A 39 -7.48 2.24 7.25
N LEU A 40 -7.40 1.57 6.10
CA LEU A 40 -7.27 2.26 4.81
C LEU A 40 -8.44 3.22 4.57
N ARG A 41 -9.66 2.74 4.78
CA ARG A 41 -10.86 3.56 4.63
C ARG A 41 -10.81 4.78 5.55
N ALA A 42 -10.46 4.54 6.82
CA ALA A 42 -10.35 5.63 7.82
C ALA A 42 -9.35 6.69 7.37
N ILE A 43 -8.19 6.27 6.89
CA ILE A 43 -7.17 7.20 6.38
C ILE A 43 -7.67 7.93 5.12
N ARG A 44 -8.24 7.18 4.19
CA ARG A 44 -8.69 7.73 2.91
C ARG A 44 -9.85 8.72 3.09
N SER A 45 -10.60 8.57 4.18
CA SER A 45 -11.70 9.50 4.51
C SER A 45 -11.21 10.64 5.43
N SER A 46 -10.61 10.26 6.56
CA SER A 46 -10.12 11.24 7.56
C SER A 46 -8.94 12.06 7.04
N HIS A 47 -7.86 11.39 6.67
CA HIS A 47 -6.65 12.06 6.18
C HIS A 47 -6.73 12.34 4.67
N ALA A 48 -7.72 11.74 4.01
CA ALA A 48 -7.93 11.90 2.56
C ALA A 48 -6.77 11.30 1.74
N VAL A 49 -6.07 10.35 2.34
CA VAL A 49 -4.93 9.69 1.68
C VAL A 49 -5.34 8.36 1.03
N GLU A 50 -5.22 8.28 -0.29
CA GLU A 50 -5.51 7.04 -1.02
C GLU A 50 -4.41 6.00 -0.76
N PHE A 51 -4.66 5.12 0.20
CA PHE A 51 -3.70 4.07 0.58
C PHE A 51 -4.16 2.71 0.03
N ALA A 52 -3.60 2.30 -1.09
CA ALA A 52 -4.03 1.07 -1.78
C ALA A 52 -3.06 -0.10 -1.53
N VAL A 53 -3.57 -1.18 -0.93
CA VAL A 53 -2.75 -2.37 -0.63
C VAL A 53 -3.06 -3.51 -1.61
N VAL A 54 -2.11 -3.82 -2.48
CA VAL A 54 -2.27 -4.89 -3.47
C VAL A 54 -1.42 -6.12 -3.09
N THR A 55 -2.07 -7.27 -2.93
CA THR A 55 -1.35 -8.53 -2.64
C THR A 55 -1.31 -9.43 -3.87
N LEU A 56 -0.10 -9.79 -4.30
CA LEU A 56 0.08 -10.65 -5.49
C LEU A 56 0.96 -11.88 -5.16
N PRO A 57 0.60 -13.06 -5.71
CA PRO A 57 1.38 -14.28 -5.48
C PRO A 57 2.78 -14.23 -6.10
N SER A 58 2.86 -13.98 -7.41
CA SER A 58 4.16 -13.95 -8.12
C SER A 58 4.17 -12.90 -9.23
N ILE A 59 5.28 -12.18 -9.37
CA ILE A 59 5.49 -11.28 -10.51
C ILE A 59 6.69 -11.73 -11.37
N GLY A 60 7.46 -12.67 -10.84
CA GLY A 60 8.61 -13.22 -11.56
C GLY A 60 9.73 -12.20 -11.80
N ASP A 61 10.16 -12.08 -13.05
CA ASP A 61 11.29 -11.21 -13.44
C ASP A 61 10.96 -9.71 -13.29
N ALA A 62 9.67 -9.39 -13.18
CA ALA A 62 9.22 -8.00 -13.11
C ALA A 62 9.92 -7.18 -12.02
N PRO A 63 10.44 -5.99 -12.36
CA PRO A 63 11.04 -5.06 -11.38
C PRO A 63 9.98 -4.40 -10.48
N LEU A 64 10.23 -4.40 -9.17
CA LEU A 64 9.23 -3.96 -8.19
C LEU A 64 8.80 -2.50 -8.38
N GLU A 65 9.77 -1.58 -8.53
CA GLU A 65 9.45 -0.14 -8.62
C GLU A 65 8.70 0.20 -9.92
N ASP A 66 9.19 -0.32 -11.04
CA ASP A 66 8.51 -0.12 -12.33
C ASP A 66 7.10 -0.72 -12.31
N PHE A 67 6.96 -1.87 -11.64
CA PHE A 67 5.66 -2.54 -11.48
C PHE A 67 4.65 -1.61 -10.77
N THR A 68 5.07 -1.04 -9.64
CA THR A 68 4.20 -0.15 -8.86
C THR A 68 3.82 1.10 -9.66
N LEU A 69 4.82 1.74 -10.26
CA LEU A 69 4.59 2.94 -11.09
C LEU A 69 3.57 2.65 -12.20
N LYS A 70 3.74 1.53 -12.89
CA LYS A 70 2.78 1.08 -13.92
C LYS A 70 1.36 0.98 -13.35
N LEU A 71 1.23 0.31 -12.21
CA LEU A 71 -0.07 0.08 -11.57
C LEU A 71 -0.69 1.39 -11.05
N ALA A 72 0.16 2.27 -10.54
CA ALA A 72 -0.29 3.56 -9.98
C ALA A 72 -0.84 4.48 -11.08
N ARG A 73 -0.18 4.50 -12.25
CA ARG A 73 -0.63 5.33 -13.38
C ARG A 73 -2.07 5.03 -13.81
N GLN A 74 -2.34 3.76 -14.08
CA GLN A 74 -3.67 3.33 -14.55
C GLN A 74 -4.76 3.56 -13.49
N TRP A 75 -4.36 3.63 -12.22
CA TRP A 75 -5.31 3.87 -11.12
C TRP A 75 -5.43 5.37 -10.80
N GLY A 76 -4.49 6.17 -11.30
CA GLY A 76 -4.49 7.61 -11.02
C GLY A 76 -4.06 7.95 -9.60
N VAL A 77 -3.18 7.11 -9.03
CA VAL A 77 -2.68 7.28 -7.65
C VAL A 77 -1.16 7.07 -7.62
N GLY A 78 -0.53 7.20 -6.45
CA GLY A 78 0.89 6.88 -6.30
C GLY A 78 1.81 7.73 -7.18
N ASN A 79 2.56 7.08 -8.07
CA ASN A 79 3.45 7.78 -9.02
C ASN A 79 4.45 8.69 -8.31
N GLU A 80 4.98 9.66 -9.04
CA GLU A 80 5.93 10.64 -8.50
C GLU A 80 5.32 12.06 -8.51
N LYS A 81 3.99 12.17 -8.69
CA LYS A 81 3.33 13.48 -8.77
C LYS A 81 1.86 13.46 -8.33
N ASN A 82 1.43 12.41 -7.64
CA ASN A 82 0.05 12.34 -7.14
C ASN A 82 -0.08 12.92 -5.72
N ASN A 83 -1.14 13.69 -5.50
CA ASN A 83 -1.42 14.25 -4.17
C ASN A 83 -2.19 13.24 -3.28
N ASN A 84 -1.77 13.12 -2.02
CA ASN A 84 -2.39 12.18 -1.06
C ASN A 84 -2.46 10.74 -1.61
N GLY A 85 -1.61 10.42 -2.58
CA GLY A 85 -1.62 9.08 -3.17
C GLY A 85 -0.50 8.19 -2.66
N LEU A 86 -0.85 6.98 -2.23
CA LEU A 86 0.12 6.00 -1.74
C LEU A 86 -0.24 4.57 -2.16
N LEU A 87 0.66 3.94 -2.92
CA LEU A 87 0.45 2.55 -3.38
C LEU A 87 1.37 1.58 -2.62
N LEU A 88 0.85 0.41 -2.27
CA LEU A 88 1.62 -0.63 -1.59
C LEU A 88 1.42 -2.00 -2.26
N VAL A 89 2.47 -2.54 -2.86
CA VAL A 89 2.37 -3.84 -3.56
C VAL A 89 3.23 -4.92 -2.87
N LEU A 90 2.56 -6.01 -2.45
CA LEU A 90 3.25 -7.17 -1.85
C LEU A 90 3.39 -8.31 -2.86
N VAL A 91 4.62 -8.84 -3.00
CA VAL A 91 4.86 -9.98 -3.88
C VAL A 91 5.30 -11.22 -3.07
N LEU A 92 4.36 -12.12 -2.81
CA LEU A 92 4.61 -13.34 -2.02
C LEU A 92 5.82 -14.14 -2.52
N ASP A 93 5.95 -14.24 -3.84
CA ASP A 93 7.02 -14.97 -4.51
C ASP A 93 8.42 -14.58 -3.98
N GLN A 94 8.64 -13.28 -3.79
CA GLN A 94 9.96 -12.75 -3.39
C GLN A 94 9.91 -12.03 -2.03
N ARG A 95 8.77 -12.15 -1.34
CA ARG A 95 8.62 -11.72 0.07
C ARG A 95 8.90 -10.22 0.29
N ARG A 96 8.84 -9.41 -0.77
CA ARG A 96 9.14 -7.98 -0.63
C ARG A 96 7.97 -7.09 -1.08
N VAL A 97 7.91 -5.87 -0.53
CA VAL A 97 6.86 -4.90 -0.86
C VAL A 97 7.46 -3.53 -1.23
N ARG A 98 6.61 -2.63 -1.72
CA ARG A 98 7.02 -1.25 -1.96
C ARG A 98 5.86 -0.26 -1.74
N PHE A 99 6.11 0.79 -0.97
CA PHE A 99 5.20 1.93 -0.86
C PHE A 99 5.58 2.98 -1.92
N GLU A 100 4.59 3.63 -2.52
CA GLU A 100 4.86 4.65 -3.55
C GLU A 100 4.04 5.93 -3.31
N THR A 101 4.74 7.02 -2.97
CA THR A 101 4.12 8.34 -2.82
C THR A 101 4.48 9.26 -3.97
N GLY A 102 3.53 10.07 -4.40
CA GLY A 102 3.76 10.99 -5.50
C GLY A 102 4.33 12.33 -5.06
N TYR A 103 3.45 13.23 -4.65
CA TYR A 103 3.82 14.60 -4.32
C TYR A 103 3.12 15.06 -3.04
N GLY A 104 1.83 14.73 -2.91
CA GLY A 104 1.03 15.20 -1.78
C GLY A 104 1.58 14.79 -0.41
N LEU A 105 2.09 13.57 -0.32
CA LEU A 105 2.54 13.03 0.97
C LEU A 105 4.03 13.28 1.23
N GLU A 106 4.74 13.89 0.28
CA GLU A 106 6.19 14.13 0.43
C GLU A 106 6.54 14.94 1.69
N GLY A 107 5.56 15.68 2.21
CA GLY A 107 5.74 16.40 3.46
C GLY A 107 5.64 15.49 4.70
N TYR A 108 4.86 14.42 4.58
CA TYR A 108 4.62 13.51 5.70
C TYR A 108 5.31 12.15 5.47
N LEU A 109 4.92 11.47 4.38
CA LEU A 109 5.45 10.15 4.02
C LEU A 109 6.32 10.21 2.75
N PRO A 110 7.63 10.46 2.88
CA PRO A 110 8.56 10.41 1.74
C PRO A 110 8.99 8.96 1.42
N ASP A 111 9.32 8.69 0.17
CA ASP A 111 9.78 7.35 -0.26
C ASP A 111 10.85 6.78 0.68
N GLY A 112 11.73 7.65 1.17
CA GLY A 112 12.76 7.24 2.13
C GLY A 112 12.18 6.65 3.42
N LEU A 113 11.23 7.36 4.02
CA LEU A 113 10.55 6.90 5.24
C LEU A 113 9.82 5.58 5.00
N LEU A 114 9.11 5.50 3.87
CA LEU A 114 8.40 4.30 3.47
C LEU A 114 9.36 3.12 3.29
N SER A 115 10.49 3.39 2.63
CA SER A 115 11.53 2.38 2.40
C SER A 115 12.07 1.84 3.72
N ARG A 116 12.21 2.73 4.71
CA ARG A 116 12.64 2.35 6.05
C ARG A 116 11.64 1.35 6.68
N ILE A 117 10.35 1.73 6.75
CA ILE A 117 9.32 0.87 7.33
C ILE A 117 9.33 -0.54 6.73
N ILE A 118 9.57 -0.63 5.41
CA ILE A 118 9.68 -1.92 4.74
C ILE A 118 10.75 -2.80 5.39
N HIS A 119 11.97 -2.28 5.46
CA HIS A 119 13.10 -3.04 6.02
C HIS A 119 13.08 -3.10 7.56
N ASP A 120 12.41 -2.12 8.17
CA ASP A 120 12.38 -2.00 9.63
C ASP A 120 11.39 -2.99 10.28
N ARG A 121 10.23 -3.17 9.64
CA ARG A 121 9.16 -3.99 10.22
C ARG A 121 8.66 -5.11 9.27
N MET A 122 8.27 -4.74 8.05
CA MET A 122 7.69 -5.71 7.11
C MET A 122 8.65 -6.88 6.78
N ILE A 123 9.87 -6.56 6.35
CA ILE A 123 10.85 -7.59 5.99
C ILE A 123 11.07 -8.60 7.14
N PRO A 124 11.39 -8.14 8.38
CA PRO A 124 11.49 -9.03 9.56
C PRO A 124 10.30 -10.00 9.70
N HIS A 125 9.07 -9.48 9.59
CA HIS A 125 7.88 -10.32 9.67
C HIS A 125 7.82 -11.35 8.53
N PHE A 126 8.07 -10.90 7.31
CA PHE A 126 8.06 -11.80 6.13
C PHE A 126 9.12 -12.90 6.28
N ARG A 127 10.30 -12.55 6.76
CA ARG A 127 11.38 -13.52 7.02
C ARG A 127 10.96 -14.53 8.10
N SER A 128 10.13 -14.09 9.04
CA SER A 128 9.61 -14.95 10.11
C SER A 128 8.39 -15.77 9.63
N GLY A 129 7.77 -15.32 8.53
CA GLY A 129 6.62 -16.03 7.96
C GLY A 129 5.30 -15.31 8.17
N ASN A 130 5.33 -14.14 8.80
CA ASN A 130 4.11 -13.36 9.09
C ASN A 130 3.82 -12.31 8.00
N TYR A 131 3.21 -12.75 6.90
CA TYR A 131 2.83 -11.82 5.82
C TYR A 131 1.66 -10.91 6.24
N ALA A 132 0.56 -11.52 6.70
CA ALA A 132 -0.61 -10.75 7.17
C ALA A 132 -0.24 -9.79 8.31
N GLU A 133 0.52 -10.29 9.28
CA GLU A 133 1.02 -9.48 10.40
C GLU A 133 1.81 -8.26 9.89
N GLY A 134 2.81 -8.51 9.04
CA GLY A 134 3.64 -7.44 8.49
C GLY A 134 2.84 -6.39 7.72
N LEU A 135 1.90 -6.85 6.89
CA LEU A 135 1.02 -5.94 6.14
C LEU A 135 0.21 -5.05 7.09
N SER A 136 -0.55 -5.69 7.99
CA SER A 136 -1.43 -4.98 8.91
C SER A 136 -0.68 -3.94 9.75
N GLU A 137 0.37 -4.37 10.44
CA GLU A 137 1.12 -3.48 11.34
C GLU A 137 2.00 -2.49 10.56
N GLY A 138 2.48 -2.90 9.39
CA GLY A 138 3.22 -1.99 8.50
C GLY A 138 2.37 -0.79 8.06
N VAL A 139 1.15 -1.07 7.60
CA VAL A 139 0.18 -0.03 7.25
C VAL A 139 -0.09 0.87 8.47
N LEU A 140 -0.29 0.24 9.62
CA LEU A 140 -0.48 0.97 10.88
C LEU A 140 0.72 1.88 11.20
N ALA A 141 1.93 1.41 10.89
CA ALA A 141 3.16 2.18 11.09
C ALA A 141 3.14 3.48 10.26
N VAL A 142 2.68 3.37 9.02
CA VAL A 142 2.50 4.53 8.14
C VAL A 142 1.41 5.47 8.69
N GLN A 143 0.29 4.88 9.09
CA GLN A 143 -0.83 5.63 9.70
C GLN A 143 -0.35 6.47 10.90
N GLN A 144 0.49 5.87 11.74
CA GLN A 144 1.09 6.57 12.89
C GLN A 144 1.77 7.89 12.49
N VAL A 145 2.47 7.89 11.36
CA VAL A 145 3.19 9.07 10.89
C VAL A 145 2.22 10.21 10.54
N LEU A 146 1.05 9.87 10.00
CA LEU A 146 0.05 10.87 9.65
C LEU A 146 -0.49 11.59 10.89
N ASP A 147 -0.98 10.82 11.86
CA ASP A 147 -1.48 11.38 13.13
C ASP A 147 -0.39 12.19 13.86
N GLY A 148 0.87 11.77 13.71
CA GLY A 148 1.98 12.49 14.33
C GLY A 148 2.38 13.76 13.61
N SER A 149 2.34 13.74 12.27
CA SER A 149 2.76 14.88 11.45
C SER A 149 1.70 16.00 11.44
N LEU A 150 0.43 15.62 11.30
CA LEU A 150 -0.68 16.59 11.24
C LEU A 150 -1.00 17.23 12.61
N GLU A 151 -0.03 17.22 13.52
CA GLU A 151 -0.20 17.83 14.84
C GLU A 151 0.69 19.08 14.96
N HIS A 152 1.56 19.28 13.98
CA HIS A 152 2.40 20.49 13.91
C HIS A 152 1.52 21.71 13.57
N HIS A 153 1.49 22.70 14.47
CA HIS A 153 0.57 23.84 14.37
C HIS A 153 0.69 24.61 13.04
N HIS A 154 0.02 24.10 12.01
CA HIS A 154 -0.11 24.77 10.71
C HIS A 154 -1.53 24.56 10.18
N HIS A 155 -2.31 25.64 10.09
CA HIS A 155 -3.73 25.55 9.76
C HIS A 155 -4.00 25.54 8.25
N HIS A 156 -2.99 25.90 7.45
CA HIS A 156 -3.14 25.89 5.99
C HIS A 156 -2.98 24.46 5.43
N HIS A 157 -4.05 23.96 4.80
CA HIS A 157 -4.01 22.64 4.15
C HIS A 157 -4.42 22.73 2.67
#